data_6UT5
#
_entry.id   6UT5
#
_cell.length_a   1.00
_cell.length_b   1.00
_cell.length_c   1.00
_cell.angle_alpha   90.00
_cell.angle_beta   90.00
_cell.angle_gamma   90.00
#
_symmetry.space_group_name_H-M   'P 1'
#
loop_
_entity.id
_entity.type
_entity.pdbx_description
1 polymer 'GTPase subunit of restriction endonuclease'
2 polymer 'McrBC 5-methylcytosine restriction system component'
3 non-polymer "5'-GUANOSINE-DIPHOSPHATE-MONOTHIOPHOSPHATE"
4 non-polymer 'MAGNESIUM ION'
5 non-polymer "GUANOSINE-5'-DIPHOSPHATE"
6 water water
#
loop_
_entity_poly.entity_id
_entity_poly.type
_entity_poly.pdbx_seq_one_letter_code
_entity_poly.pdbx_strand_id
1 'polypeptide(L)'
;MENQLFIIGIGTGTDEYENFEETILKGVKRNELEGQIGPDILDNCCSDVCYFWGRSKETIYEKKIDKGDMVLFYVGKRIS
RNKVDLNQETAVYLGIICETVEISENDVSFLNDFWRKGENFRFLMFFKKKPEKLHHSINEINSKLGYNPDYFPIAGYVKP
ERMSGVYDILKNILKKRGILKESDSMNESAGHNIKEDYFRVDMLLNKKGQVILYGPPGTGKTWIARKYVVEETNEKTPGN
KWEFITFHQSYSYEEFIEGFRPRTDNEEKIRYVVEDGIFKKIALRALVKGLFELEDATIGKDKIHRLYILLTKKEPLSPT
EYEEYLRLKRYLWELVGGLPKDKLKNLTPKFYLIIDEINRGNISKIFGELITLLEKDKRLGGENQLIVRLPYSGEPFAVP
PNLYIIGTMNTADRSIALLDVALRRRFAFIEVEPRPEFLEKENLKKIREKKLKTEDRKRLNEKLNELFSKLGNDNYFLKT
LLEKINVRITVVKDRDHRIGHSYFLNVETVEDLHHVWYYEVLPLLMEYFYNDWETIKWVLNEKGKEHGNVFFEKLRLTGP
NGEEAYQLKVLEGDAFIGALKRIISKNTPSQEGGATTNEENSPENTQSQTEGD
;
A,B,C,D,E,F
2 'polypeptide(L)'
;MPRLTTITLYEHDEKRYRDIAGDKKAIQDALIKLNKQFKKDFKKLDRSEDNSDTEDTIDESKGVVEVYANKIKARHYVGF
AAVDNVFLQILPKVFKPKKEQTQETQEDTWEPILAFIRMLDMAYGLKIKDHDLAYLQGRNLRPNLYEVFIYLFAKSLWSE
VQRGYHREYVEVHREEKFLRGKLLMSRQIRKLPHQLNTFSVEVHELIEDNLLNRIFYASVREALRRTTWGLNRKLLGELM
LAFDGITPIHLRTEHFERVHFTRLNERFRRPFELAKLLFMPASGKGRSREVSGFFVDMNKLFERFIERVLVRNLPPEYKL
FYQESYPFLKNQNGSSQKPDYVVRKGNTPVVVLDAKYRELKERIPSSDMLRQLYVYSRIWGYKTSHENDSKPPAVIVIPS
SSTYNQGLPDKPLEFEFFDERKLFIVAYNMDYVKTGAIFKADKNFRRSLNNIIGKLNT
;
G
#
loop_
_chem_comp.id
_chem_comp.type
_chem_comp.name
_chem_comp.formula
GDP RNA linking GUANOSINE-5'-DIPHOSPHATE 'C10 H15 N5 O11 P2'
GSP non-polymer 5'-GUANOSINE-DIPHOSPHATE-MONOTHIOPHOSPHATE 'C10 H16 N5 O13 P3 S'
MG non-polymer 'MAGNESIUM ION' 'Mg 2'
#
# COMPACT_ATOMS: atom_id res chain seq x y z
N GLY A 191 -12.84 -41.49 -25.59
CA GLY A 191 -11.89 -41.96 -24.59
C GLY A 191 -12.43 -41.94 -23.17
N HIS A 192 -11.64 -42.50 -22.25
CA HIS A 192 -12.02 -42.59 -20.84
C HIS A 192 -11.55 -41.40 -20.03
N ASN A 193 -11.33 -40.25 -20.66
CA ASN A 193 -10.98 -39.04 -19.91
C ASN A 193 -12.20 -38.47 -19.20
N ILE A 194 -13.35 -38.47 -19.88
CA ILE A 194 -14.55 -37.84 -19.38
C ILE A 194 -15.43 -38.85 -18.65
N LYS A 195 -14.86 -39.97 -18.23
CA LYS A 195 -15.42 -40.82 -17.18
C LYS A 195 -14.50 -40.94 -15.98
N GLU A 196 -13.19 -40.72 -16.15
CA GLU A 196 -12.24 -40.73 -15.05
C GLU A 196 -12.22 -39.39 -14.31
N ASP A 197 -12.23 -38.28 -15.04
CA ASP A 197 -12.36 -36.99 -14.37
C ASP A 197 -13.78 -36.74 -13.89
N TYR A 198 -14.78 -37.36 -14.54
CA TYR A 198 -16.15 -37.27 -14.06
C TYR A 198 -16.29 -37.95 -12.70
N PHE A 199 -15.67 -39.12 -12.54
CA PHE A 199 -15.77 -39.86 -11.28
C PHE A 199 -15.02 -39.14 -10.17
N ARG A 200 -13.87 -38.52 -10.49
CA ARG A 200 -13.09 -37.85 -9.48
C ARG A 200 -13.77 -36.58 -8.99
N VAL A 201 -14.46 -35.87 -9.88
CA VAL A 201 -15.25 -34.72 -9.44
C VAL A 201 -16.46 -35.19 -8.63
N ASP A 202 -17.16 -36.20 -9.12
CA ASP A 202 -18.39 -36.68 -8.47
C ASP A 202 -18.10 -37.33 -7.12
N MET A 203 -16.95 -37.99 -6.98
CA MET A 203 -16.57 -38.50 -5.68
C MET A 203 -16.25 -37.37 -4.72
N LEU A 204 -15.58 -36.33 -5.21
CA LEU A 204 -15.19 -35.21 -4.35
C LEU A 204 -16.30 -34.20 -4.15
N LEU A 205 -17.33 -34.19 -5.01
CA LEU A 205 -18.43 -33.28 -4.80
C LEU A 205 -19.39 -33.79 -3.73
N ASN A 206 -19.61 -35.10 -3.68
CA ASN A 206 -20.41 -35.65 -2.58
C ASN A 206 -19.59 -35.92 -1.33
N LYS A 207 -18.27 -35.70 -1.37
CA LYS A 207 -17.46 -35.75 -0.17
C LYS A 207 -17.27 -34.37 0.45
N LYS A 208 -16.71 -33.44 -0.31
CA LYS A 208 -16.37 -32.12 0.20
C LYS A 208 -17.50 -31.10 0.03
N GLY A 209 -18.34 -31.27 -0.97
CA GLY A 209 -19.37 -30.32 -1.30
C GLY A 209 -18.99 -29.37 -2.42
N GLN A 210 -17.69 -29.12 -2.58
CA GLN A 210 -17.19 -28.17 -3.56
C GLN A 210 -15.77 -28.57 -3.94
N VAL A 211 -15.39 -28.24 -5.17
CA VAL A 211 -14.14 -28.71 -5.74
C VAL A 211 -13.52 -27.59 -6.56
N ILE A 212 -12.19 -27.62 -6.67
CA ILE A 212 -11.44 -26.71 -7.54
C ILE A 212 -10.64 -27.55 -8.52
N LEU A 213 -10.87 -27.34 -9.81
CA LEU A 213 -10.07 -27.97 -10.84
C LEU A 213 -8.88 -27.06 -11.11
N TYR A 214 -7.72 -27.42 -10.60
CA TYR A 214 -6.52 -26.62 -10.77
C TYR A 214 -5.60 -27.27 -11.79
N GLY A 215 -4.73 -26.45 -12.38
CA GLY A 215 -3.80 -26.94 -13.37
C GLY A 215 -3.21 -25.83 -14.21
N PRO A 216 -2.25 -26.17 -15.07
CA PRO A 216 -1.70 -25.21 -16.02
C PRO A 216 -2.75 -24.76 -17.03
N PRO A 217 -2.55 -23.62 -17.69
CA PRO A 217 -3.59 -23.15 -18.63
C PRO A 217 -3.60 -23.97 -19.91
N GLY A 218 -4.80 -24.18 -20.43
CA GLY A 218 -4.96 -25.02 -21.59
C GLY A 218 -4.99 -26.50 -21.28
N THR A 219 -5.47 -26.87 -20.09
CA THR A 219 -5.59 -28.28 -19.74
C THR A 219 -7.03 -28.76 -19.77
N GLY A 220 -7.97 -27.90 -20.15
CA GLY A 220 -9.36 -28.31 -20.23
C GLY A 220 -10.10 -28.22 -18.92
N LYS A 221 -9.67 -27.35 -18.00
CA LYS A 221 -10.28 -27.26 -16.69
C LYS A 221 -11.70 -26.70 -16.78
N THR A 222 -11.87 -25.61 -17.52
CA THR A 222 -13.20 -25.03 -17.72
C THR A 222 -14.07 -25.93 -18.58
N TRP A 223 -13.46 -26.65 -19.52
CA TRP A 223 -14.21 -27.55 -20.38
C TRP A 223 -14.67 -28.78 -19.62
N ILE A 224 -13.84 -29.31 -18.72
CA ILE A 224 -14.26 -30.41 -17.86
C ILE A 224 -15.34 -29.94 -16.90
N ALA A 225 -15.20 -28.72 -16.37
CA ALA A 225 -16.17 -28.18 -15.44
C ALA A 225 -17.51 -27.92 -16.13
N ARG A 226 -17.48 -27.46 -17.37
CA ARG A 226 -18.74 -27.22 -18.08
C ARG A 226 -19.37 -28.51 -18.57
N LYS A 227 -18.57 -29.50 -18.99
CA LYS A 227 -19.13 -30.71 -19.56
C LYS A 227 -19.68 -31.64 -18.49
N TYR A 228 -19.04 -31.70 -17.32
CA TYR A 228 -19.54 -32.50 -16.22
C TYR A 228 -20.87 -31.97 -15.72
N VAL A 229 -21.01 -30.65 -15.69
CA VAL A 229 -22.21 -30.01 -15.15
C VAL A 229 -23.36 -30.14 -16.14
N VAL A 230 -23.08 -30.02 -17.43
CA VAL A 230 -24.10 -30.22 -18.47
C VAL A 230 -24.59 -31.67 -18.47
N GLU A 231 -23.68 -32.62 -18.26
CA GLU A 231 -24.07 -34.02 -18.17
C GLU A 231 -24.83 -34.34 -16.89
N GLU A 232 -24.56 -33.60 -15.82
CA GLU A 232 -25.20 -33.86 -14.53
C GLU A 232 -26.52 -33.11 -14.36
N THR A 233 -26.86 -32.19 -15.26
CA THR A 233 -28.11 -31.46 -15.18
C THR A 233 -29.01 -31.65 -16.39
N ASN A 234 -28.49 -32.19 -17.50
CA ASN A 234 -29.15 -32.25 -18.81
C ASN A 234 -29.64 -30.87 -19.25
N GLU A 235 -28.84 -29.85 -18.94
CA GLU A 235 -29.07 -28.48 -19.37
C GLU A 235 -27.80 -27.98 -20.01
N LYS A 236 -27.85 -27.65 -21.30
CA LYS A 236 -26.65 -27.24 -22.01
C LYS A 236 -26.27 -25.80 -21.71
N THR A 237 -27.24 -24.95 -21.41
CA THR A 237 -27.00 -23.55 -21.15
C THR A 237 -27.09 -23.26 -19.66
N PRO A 238 -26.36 -22.26 -19.16
CA PRO A 238 -26.56 -21.84 -17.77
C PRO A 238 -27.89 -21.15 -17.59
N GLY A 239 -28.24 -20.92 -16.34
CA GLY A 239 -29.62 -20.58 -16.04
C GLY A 239 -30.17 -21.38 -14.88
N ASN A 240 -31.12 -22.26 -15.18
CA ASN A 240 -31.90 -22.95 -14.16
C ASN A 240 -31.08 -23.85 -13.24
N LYS A 241 -30.56 -24.97 -13.73
CA LYS A 241 -29.92 -25.90 -12.81
C LYS A 241 -28.43 -25.63 -12.63
N TRP A 242 -27.87 -24.67 -13.36
CA TRP A 242 -26.49 -24.28 -13.10
C TRP A 242 -26.25 -22.86 -13.59
N GLU A 243 -25.20 -22.26 -13.03
CA GLU A 243 -24.77 -20.93 -13.38
C GLU A 243 -23.26 -20.93 -13.57
N PHE A 244 -22.78 -20.00 -14.39
CA PHE A 244 -21.38 -19.88 -14.71
C PHE A 244 -20.95 -18.45 -14.44
N ILE A 245 -19.88 -18.28 -13.68
CA ILE A 245 -19.34 -16.96 -13.37
C ILE A 245 -17.82 -16.98 -13.49
N THR A 246 -17.26 -15.78 -13.56
CA THR A 246 -15.82 -15.57 -13.56
C THR A 246 -15.47 -14.66 -12.39
N PHE A 247 -14.43 -15.03 -11.64
CA PHE A 247 -13.91 -14.18 -10.59
C PHE A 247 -12.79 -13.31 -11.15
N HIS A 248 -12.90 -12.01 -10.92
CA HIS A 248 -11.80 -11.08 -11.17
C HIS A 248 -11.42 -10.39 -9.86
N GLN A 249 -10.44 -9.50 -9.94
CA GLN A 249 -9.99 -8.82 -8.73
C GLN A 249 -10.99 -7.78 -8.25
N SER A 250 -11.83 -7.27 -9.15
CA SER A 250 -12.88 -6.32 -8.78
C SER A 250 -14.20 -7.01 -8.47
N TYR A 251 -14.21 -8.33 -8.40
CA TYR A 251 -15.43 -9.06 -8.06
C TYR A 251 -15.77 -8.84 -6.60
N SER A 252 -17.05 -8.65 -6.32
CA SER A 252 -17.48 -8.15 -5.02
C SER A 252 -18.48 -9.09 -4.37
N TYR A 253 -18.74 -8.82 -3.09
CA TYR A 253 -19.84 -9.43 -2.36
C TYR A 253 -21.18 -9.11 -3.00
N GLU A 254 -21.30 -7.91 -3.59
CA GLU A 254 -22.57 -7.42 -4.10
C GLU A 254 -22.95 -8.07 -5.42
N GLU A 255 -21.95 -8.37 -6.24
CA GLU A 255 -22.17 -9.15 -7.45
C GLU A 255 -22.46 -10.61 -7.13
N PHE A 256 -21.94 -11.12 -6.01
CA PHE A 256 -21.97 -12.53 -5.66
C PHE A 256 -23.14 -12.86 -4.76
N ILE A 257 -23.31 -12.12 -3.67
CA ILE A 257 -24.33 -12.40 -2.66
C ILE A 257 -25.48 -11.42 -2.75
N GLU A 258 -25.21 -10.14 -2.48
CA GLU A 258 -26.28 -9.22 -2.13
C GLU A 258 -25.78 -7.80 -2.17
N GLY A 259 -26.55 -6.90 -2.77
CA GLY A 259 -26.16 -5.51 -2.79
C GLY A 259 -27.27 -4.61 -3.26
N PHE A 260 -27.12 -3.33 -2.94
CA PHE A 260 -28.08 -2.32 -3.38
C PHE A 260 -27.82 -2.00 -4.85
N ARG A 261 -28.86 -2.10 -5.66
CA ARG A 261 -28.77 -1.72 -7.05
C ARG A 261 -29.63 -0.48 -7.30
N PRO A 262 -29.12 0.50 -8.05
CA PRO A 262 -29.97 1.63 -8.42
C PRO A 262 -31.00 1.23 -9.47
N ARG A 263 -32.24 1.60 -9.21
CA ARG A 263 -33.35 1.32 -10.11
C ARG A 263 -34.10 2.62 -10.36
N THR A 264 -35.00 2.59 -11.35
CA THR A 264 -35.79 3.75 -11.64
C THR A 264 -37.17 3.65 -11.00
N ASP A 265 -37.92 4.75 -11.06
CA ASP A 265 -39.27 4.83 -10.52
C ASP A 265 -40.26 4.84 -11.68
N ASN A 266 -41.53 5.03 -11.34
CA ASN A 266 -42.51 5.35 -12.37
C ASN A 266 -42.32 6.77 -12.88
N GLU A 267 -41.92 7.68 -11.99
CA GLU A 267 -41.52 9.03 -12.38
C GLU A 267 -40.02 9.13 -12.66
N GLU A 268 -39.34 7.99 -12.76
CA GLU A 268 -37.92 7.88 -13.12
C GLU A 268 -37.01 8.62 -12.15
N LYS A 269 -37.18 8.36 -10.87
CA LYS A 269 -36.23 8.77 -9.84
C LYS A 269 -35.41 7.55 -9.43
N ILE A 270 -34.21 7.79 -8.91
CA ILE A 270 -33.36 6.67 -8.52
C ILE A 270 -33.81 6.11 -7.19
N ARG A 271 -34.19 4.83 -7.20
CA ARG A 271 -34.48 4.09 -5.98
C ARG A 271 -33.41 3.01 -5.84
N TYR A 272 -33.23 2.50 -4.64
CA TYR A 272 -32.20 1.50 -4.39
C TYR A 272 -32.84 0.20 -3.96
N VAL A 273 -32.73 -0.81 -4.82
CA VAL A 273 -33.23 -2.14 -4.56
C VAL A 273 -32.08 -3.04 -4.16
N VAL A 274 -32.20 -3.67 -2.99
CA VAL A 274 -31.28 -4.73 -2.62
C VAL A 274 -31.64 -5.97 -3.44
N GLU A 275 -30.73 -6.35 -4.34
CA GLU A 275 -30.95 -7.49 -5.21
C GLU A 275 -29.98 -8.60 -4.87
N ASP A 276 -30.36 -9.81 -5.24
CA ASP A 276 -29.59 -10.99 -4.91
C ASP A 276 -28.50 -11.21 -5.95
N GLY A 277 -27.30 -11.54 -5.49
CA GLY A 277 -26.21 -11.86 -6.37
C GLY A 277 -26.37 -13.24 -6.98
N ILE A 278 -25.31 -13.67 -7.66
CA ILE A 278 -25.40 -14.92 -8.41
C ILE A 278 -25.33 -16.13 -7.46
N PHE A 279 -24.61 -16.03 -6.34
CA PHE A 279 -24.56 -17.14 -5.41
C PHE A 279 -25.83 -17.25 -4.59
N LYS A 280 -26.37 -16.11 -4.16
CA LYS A 280 -27.62 -16.13 -3.42
C LYS A 280 -28.78 -16.58 -4.30
N LYS A 281 -28.72 -16.29 -5.60
CA LYS A 281 -29.78 -16.75 -6.47
C LYS A 281 -29.67 -18.24 -6.75
N ILE A 282 -28.45 -18.76 -6.95
CA ILE A 282 -28.31 -20.19 -7.22
C ILE A 282 -28.53 -21.02 -5.95
N ALA A 283 -28.29 -20.44 -4.77
CA ALA A 283 -28.50 -21.19 -3.54
C ALA A 283 -29.98 -21.20 -3.15
N LEU A 284 -30.69 -20.09 -3.40
CA LEU A 284 -32.12 -20.08 -3.14
C LEU A 284 -32.87 -20.88 -4.19
N ARG A 285 -32.37 -20.92 -5.42
CA ARG A 285 -32.99 -21.74 -6.45
C ARG A 285 -32.78 -23.22 -6.16
N ALA A 286 -31.61 -23.57 -5.62
CA ALA A 286 -31.32 -24.95 -5.25
C ALA A 286 -32.17 -25.40 -4.08
N LEU A 287 -32.40 -24.51 -3.12
CA LEU A 287 -33.19 -24.85 -1.94
C LEU A 287 -34.67 -24.97 -2.29
N VAL A 288 -35.18 -24.06 -3.14
CA VAL A 288 -36.59 -24.06 -3.48
C VAL A 288 -36.93 -25.27 -4.36
N LYS A 289 -36.05 -25.60 -5.32
CA LYS A 289 -36.24 -26.83 -6.08
C LYS A 289 -36.01 -28.06 -5.23
N GLY A 290 -35.20 -27.95 -4.18
CA GLY A 290 -35.04 -29.05 -3.26
C GLY A 290 -36.29 -29.28 -2.41
N LEU A 291 -36.95 -28.19 -2.02
CA LEU A 291 -38.18 -28.30 -1.24
C LEU A 291 -39.40 -28.58 -2.10
N PHE A 292 -39.34 -28.30 -3.40
CA PHE A 292 -40.47 -28.59 -4.26
C PHE A 292 -40.57 -30.08 -4.56
N GLU A 293 -39.43 -30.74 -4.76
CA GLU A 293 -39.43 -32.18 -4.94
C GLU A 293 -39.54 -32.94 -3.64
N LEU A 294 -39.31 -32.29 -2.51
CA LEU A 294 -39.39 -32.93 -1.20
C LEU A 294 -40.85 -33.14 -0.82
N GLU A 295 -41.27 -34.40 -0.81
CA GLU A 295 -42.65 -34.74 -0.44
C GLU A 295 -42.82 -34.55 1.06
N ASP A 296 -43.41 -33.42 1.44
CA ASP A 296 -43.71 -33.15 2.84
C ASP A 296 -45.02 -32.38 2.91
N ALA A 297 -45.64 -32.40 4.08
CA ALA A 297 -46.94 -31.77 4.26
C ALA A 297 -46.84 -30.34 4.75
N THR A 298 -45.72 -29.95 5.36
CA THR A 298 -45.56 -28.58 5.83
C THR A 298 -45.27 -27.60 4.70
N ILE A 299 -44.90 -28.09 3.53
CA ILE A 299 -44.52 -27.25 2.40
C ILE A 299 -45.77 -26.93 1.59
N GLY A 300 -45.92 -25.66 1.21
CA GLY A 300 -47.13 -25.22 0.54
C GLY A 300 -47.24 -25.68 -0.90
N LYS A 301 -46.11 -25.77 -1.60
CA LYS A 301 -45.90 -26.24 -2.98
C LYS A 301 -46.48 -25.32 -4.04
N ASP A 302 -47.14 -24.23 -3.68
CA ASP A 302 -47.59 -23.21 -4.62
C ASP A 302 -46.91 -21.88 -4.39
N LYS A 303 -46.68 -21.51 -3.12
CA LYS A 303 -45.82 -20.39 -2.82
C LYS A 303 -44.35 -20.73 -3.05
N ILE A 304 -44.01 -22.01 -2.96
CA ILE A 304 -42.65 -22.46 -3.27
C ILE A 304 -42.42 -22.47 -4.76
N HIS A 305 -43.39 -22.96 -5.53
CA HIS A 305 -43.28 -22.97 -6.99
C HIS A 305 -43.33 -21.56 -7.57
N ARG A 306 -44.03 -20.65 -6.90
CA ARG A 306 -44.02 -19.25 -7.33
C ARG A 306 -42.67 -18.61 -7.05
N LEU A 307 -42.01 -18.99 -5.95
CA LEU A 307 -40.66 -18.53 -5.69
C LEU A 307 -39.67 -19.11 -6.70
N TYR A 308 -39.96 -20.30 -7.24
CA TYR A 308 -39.09 -20.87 -8.26
C TYR A 308 -39.20 -20.13 -9.58
N ILE A 309 -40.38 -19.58 -9.89
CA ILE A 309 -40.54 -18.79 -11.10
C ILE A 309 -39.76 -17.48 -10.99
N LEU A 310 -39.87 -16.82 -9.84
CA LEU A 310 -39.17 -15.56 -9.63
C LEU A 310 -37.67 -15.74 -9.46
N LEU A 311 -37.20 -16.95 -9.16
CA LEU A 311 -35.77 -17.21 -9.07
C LEU A 311 -35.15 -17.61 -10.39
N THR A 312 -35.93 -18.18 -11.31
CA THR A 312 -35.47 -18.51 -12.64
C THR A 312 -35.81 -17.43 -13.66
N LYS A 313 -36.47 -16.35 -13.25
CA LYS A 313 -36.93 -15.33 -14.17
C LYS A 313 -35.74 -14.53 -14.69
N LYS A 314 -35.45 -14.65 -15.98
CA LYS A 314 -34.32 -13.95 -16.56
C LYS A 314 -34.62 -12.47 -16.74
N GLU A 315 -35.89 -12.13 -16.97
CA GLU A 315 -36.30 -10.73 -16.94
C GLU A 315 -36.18 -10.18 -15.53
N PRO A 316 -35.72 -8.94 -15.36
CA PRO A 316 -35.67 -8.34 -14.03
C PRO A 316 -37.05 -8.14 -13.44
N LEU A 317 -37.15 -8.34 -12.14
CA LEU A 317 -38.43 -8.39 -11.48
C LEU A 317 -39.07 -7.02 -11.39
N SER A 318 -40.38 -6.97 -11.60
CA SER A 318 -41.15 -5.76 -11.43
C SER A 318 -41.21 -5.40 -9.95
N PRO A 319 -41.46 -4.12 -9.62
CA PRO A 319 -41.61 -3.75 -8.20
C PRO A 319 -42.81 -4.38 -7.52
N THR A 320 -43.79 -4.91 -8.26
CA THR A 320 -44.80 -5.76 -7.65
C THR A 320 -44.39 -7.23 -7.65
N GLU A 321 -43.44 -7.63 -8.50
CA GLU A 321 -42.88 -8.97 -8.42
C GLU A 321 -41.79 -9.06 -7.37
N TYR A 322 -40.96 -8.02 -7.28
CA TYR A 322 -39.87 -8.01 -6.30
C TYR A 322 -40.40 -7.93 -4.87
N GLU A 323 -41.53 -7.24 -4.66
CA GLU A 323 -42.15 -7.26 -3.35
C GLU A 323 -42.82 -8.59 -3.09
N GLU A 324 -43.30 -9.25 -4.13
CA GLU A 324 -43.76 -10.63 -4.02
C GLU A 324 -42.59 -11.58 -3.81
N TYR A 325 -41.46 -11.29 -4.46
CA TYR A 325 -40.25 -12.10 -4.30
C TYR A 325 -39.69 -12.01 -2.89
N LEU A 326 -39.91 -10.90 -2.20
CA LEU A 326 -39.44 -10.78 -0.82
C LEU A 326 -40.38 -11.46 0.17
N ARG A 327 -41.68 -11.49 -0.12
CA ARG A 327 -42.61 -12.13 0.80
C ARG A 327 -42.57 -13.65 0.69
N LEU A 328 -42.07 -14.19 -0.42
CA LEU A 328 -41.92 -15.63 -0.54
C LEU A 328 -40.62 -16.11 0.11
N LYS A 329 -39.58 -15.29 0.08
CA LYS A 329 -38.34 -15.64 0.76
C LYS A 329 -38.47 -15.48 2.27
N ARG A 330 -39.42 -14.66 2.74
CA ARG A 330 -39.77 -14.68 4.14
C ARG A 330 -40.49 -15.97 4.50
N TYR A 331 -41.44 -16.39 3.66
CA TYR A 331 -42.14 -17.66 3.87
C TYR A 331 -41.22 -18.86 3.72
N LEU A 332 -40.23 -18.76 2.84
CA LEU A 332 -39.29 -19.86 2.63
C LEU A 332 -38.44 -20.08 3.88
N TRP A 333 -37.76 -19.04 4.35
CA TRP A 333 -36.81 -19.22 5.45
C TRP A 333 -37.48 -19.44 6.80
N GLU A 334 -38.77 -19.12 6.94
CA GLU A 334 -39.48 -19.55 8.14
C GLU A 334 -39.97 -20.98 8.01
N LEU A 335 -39.99 -21.51 6.78
CA LEU A 335 -40.31 -22.92 6.57
C LEU A 335 -39.08 -23.80 6.70
N VAL A 336 -37.94 -23.35 6.16
CA VAL A 336 -36.70 -24.11 6.31
C VAL A 336 -36.23 -24.11 7.76
N GLY A 337 -36.45 -23.00 8.47
CA GLY A 337 -36.16 -22.98 9.89
C GLY A 337 -37.06 -23.87 10.71
N GLY A 338 -38.29 -24.11 10.24
CA GLY A 338 -39.20 -25.03 10.87
C GLY A 338 -39.10 -26.46 10.39
N LEU A 339 -38.44 -26.70 9.26
CA LEU A 339 -38.25 -28.05 8.76
C LEU A 339 -37.10 -28.73 9.50
N PRO A 340 -37.24 -30.02 9.84
CA PRO A 340 -36.18 -30.71 10.58
C PRO A 340 -34.98 -31.00 9.70
N LYS A 341 -33.90 -31.44 10.36
CA LYS A 341 -32.67 -31.79 9.66
C LYS A 341 -32.83 -33.02 8.79
N ASP A 342 -33.79 -33.90 9.09
CA ASP A 342 -33.91 -35.17 8.38
C ASP A 342 -34.40 -34.99 6.96
N LYS A 343 -35.17 -33.93 6.69
CA LYS A 343 -35.66 -33.66 5.35
C LYS A 343 -34.66 -32.86 4.52
N LEU A 344 -33.92 -31.97 5.16
CA LEU A 344 -32.93 -31.14 4.47
C LEU A 344 -31.59 -31.83 4.29
N LYS A 345 -31.47 -33.12 4.65
CA LYS A 345 -30.23 -33.84 4.39
C LYS A 345 -30.03 -34.06 2.90
N ASN A 346 -31.04 -34.61 2.22
CA ASN A 346 -30.91 -35.03 0.82
C ASN A 346 -32.06 -34.40 0.04
N LEU A 347 -31.83 -33.18 -0.43
CA LEU A 347 -32.73 -32.53 -1.37
C LEU A 347 -32.29 -32.91 -2.78
N THR A 348 -33.24 -33.37 -3.60
CA THR A 348 -32.89 -34.28 -4.70
C THR A 348 -32.15 -33.65 -5.88
N PRO A 349 -32.61 -32.54 -6.51
CA PRO A 349 -31.88 -32.10 -7.71
C PRO A 349 -30.60 -31.35 -7.35
N LYS A 350 -29.54 -31.60 -8.11
CA LYS A 350 -28.23 -31.06 -7.82
C LYS A 350 -27.97 -29.82 -8.66
N PHE A 351 -27.59 -28.73 -7.99
CA PHE A 351 -27.32 -27.47 -8.62
C PHE A 351 -25.82 -27.20 -8.56
N TYR A 352 -25.31 -26.48 -9.56
CA TYR A 352 -23.87 -26.30 -9.71
C TYR A 352 -23.55 -24.85 -9.99
N LEU A 353 -22.54 -24.32 -9.30
CA LEU A 353 -22.00 -23.01 -9.61
C LEU A 353 -20.55 -23.20 -10.05
N ILE A 354 -20.29 -23.07 -11.34
CA ILE A 354 -18.94 -23.10 -11.85
C ILE A 354 -18.33 -21.73 -11.69
N ILE A 355 -17.26 -21.63 -10.91
CA ILE A 355 -16.53 -20.39 -10.73
C ILE A 355 -15.26 -20.49 -11.56
N ASP A 356 -15.23 -19.78 -12.67
CA ASP A 356 -14.05 -19.75 -13.52
C ASP A 356 -13.06 -18.73 -12.99
N GLU A 357 -11.78 -19.11 -13.01
CA GLU A 357 -10.66 -18.34 -12.46
C GLU A 357 -10.92 -17.92 -11.01
N ILE A 358 -11.15 -18.93 -10.16
CA ILE A 358 -11.49 -18.70 -8.76
C ILE A 358 -10.31 -18.11 -7.98
N ASN A 359 -9.07 -18.31 -8.45
CA ASN A 359 -7.91 -17.76 -7.78
C ASN A 359 -7.71 -16.27 -8.04
N ARG A 360 -8.42 -15.69 -9.00
CA ARG A 360 -8.25 -14.26 -9.28
C ARG A 360 -9.03 -13.40 -8.29
N GLY A 361 -10.12 -13.90 -7.75
CA GLY A 361 -10.95 -13.12 -6.87
C GLY A 361 -10.49 -13.13 -5.43
N ASN A 362 -10.68 -12.00 -4.76
CA ASN A 362 -10.39 -11.87 -3.32
C ASN A 362 -11.53 -12.55 -2.57
N ILE A 363 -11.25 -13.75 -2.05
CA ILE A 363 -12.27 -14.62 -1.46
C ILE A 363 -12.87 -14.01 -0.20
N SER A 364 -12.08 -13.23 0.55
CA SER A 364 -12.59 -12.59 1.75
C SER A 364 -13.57 -11.46 1.42
N LYS A 365 -13.39 -10.79 0.28
CA LYS A 365 -14.35 -9.76 -0.11
C LYS A 365 -15.55 -10.34 -0.83
N ILE A 366 -15.37 -11.39 -1.61
CA ILE A 366 -16.46 -11.95 -2.41
C ILE A 366 -17.41 -12.76 -1.53
N PHE A 367 -16.89 -13.79 -0.86
CA PHE A 367 -17.72 -14.62 -0.02
C PHE A 367 -18.04 -13.94 1.31
N GLY A 368 -17.08 -13.21 1.87
CA GLY A 368 -17.29 -12.59 3.16
C GLY A 368 -17.26 -13.60 4.28
N GLU A 369 -18.23 -13.49 5.18
CA GLU A 369 -18.37 -14.45 6.28
C GLU A 369 -18.91 -15.79 5.78
N LEU A 370 -19.52 -15.83 4.59
CA LEU A 370 -20.26 -16.98 4.11
C LEU A 370 -19.39 -18.03 3.42
N ILE A 371 -18.07 -17.94 3.56
CA ILE A 371 -17.21 -19.02 3.08
C ILE A 371 -17.32 -20.24 3.98
N THR A 372 -17.81 -20.06 5.22
CA THR A 372 -17.93 -21.16 6.16
C THR A 372 -19.22 -21.94 5.97
N LEU A 373 -20.21 -21.36 5.29
CA LEU A 373 -21.43 -22.08 4.97
C LEU A 373 -21.22 -23.13 3.89
N LEU A 374 -20.07 -23.09 3.20
CA LEU A 374 -19.75 -24.08 2.19
C LEU A 374 -19.34 -25.42 2.78
N GLU A 375 -18.97 -25.47 4.05
CA GLU A 375 -18.59 -26.72 4.68
C GLU A 375 -19.78 -27.67 4.77
N LYS A 376 -19.50 -28.97 4.64
CA LYS A 376 -20.54 -29.97 4.46
C LYS A 376 -21.44 -30.10 5.68
N ASP A 377 -20.91 -29.89 6.88
CA ASP A 377 -21.74 -29.92 8.07
C ASP A 377 -22.47 -28.61 8.29
N LYS A 378 -21.90 -27.50 7.83
CA LYS A 378 -22.52 -26.19 7.97
C LYS A 378 -23.63 -25.95 6.96
N ARG A 379 -23.81 -26.84 5.99
CA ARG A 379 -24.81 -26.64 4.96
C ARG A 379 -26.20 -26.93 5.50
N LEU A 380 -27.19 -26.58 4.70
CA LEU A 380 -28.58 -26.50 5.16
C LEU A 380 -29.16 -27.90 5.30
N GLY A 381 -28.95 -28.49 6.48
CA GLY A 381 -29.35 -29.86 6.73
C GLY A 381 -28.27 -30.70 7.37
N GLY A 382 -27.06 -30.19 7.50
CA GLY A 382 -25.99 -30.90 8.17
C GLY A 382 -26.12 -30.82 9.68
N GLU A 383 -25.07 -31.30 10.35
CA GLU A 383 -25.09 -31.32 11.81
C GLU A 383 -24.92 -29.92 12.39
N ASN A 384 -23.84 -29.25 12.02
CA ASN A 384 -23.56 -27.90 12.52
C ASN A 384 -24.04 -26.83 11.55
N GLN A 385 -25.33 -26.84 11.18
CA GLN A 385 -25.81 -25.94 10.15
C GLN A 385 -25.93 -24.51 10.68
N LEU A 386 -25.89 -23.55 9.76
CA LEU A 386 -25.89 -22.13 10.10
C LEU A 386 -26.91 -21.39 9.26
N ILE A 387 -27.94 -20.85 9.92
CA ILE A 387 -28.82 -19.87 9.29
C ILE A 387 -28.24 -18.51 9.65
N VAL A 388 -27.46 -17.95 8.73
CA VAL A 388 -26.87 -16.64 8.94
C VAL A 388 -27.83 -15.57 8.42
N ARG A 389 -27.67 -14.34 8.89
CA ARG A 389 -28.42 -13.21 8.38
C ARG A 389 -27.51 -12.35 7.52
N LEU A 390 -28.03 -11.90 6.44
CA LEU A 390 -27.31 -11.13 5.44
C LEU A 390 -27.31 -9.65 5.81
N PRO A 391 -26.27 -8.90 5.43
CA PRO A 391 -26.17 -7.51 5.92
C PRO A 391 -27.16 -6.55 5.28
N TYR A 392 -27.42 -6.67 3.98
CA TYR A 392 -28.13 -5.62 3.26
C TYR A 392 -29.64 -5.68 3.49
N SER A 393 -30.23 -6.86 3.40
CA SER A 393 -31.67 -7.01 3.55
C SER A 393 -32.09 -7.73 4.82
N GLY A 394 -31.13 -8.15 5.66
CA GLY A 394 -31.46 -8.82 6.89
C GLY A 394 -32.05 -10.20 6.75
N GLU A 395 -31.98 -10.77 5.57
CA GLU A 395 -32.62 -12.01 5.20
C GLU A 395 -31.81 -13.20 5.71
N PRO A 396 -32.48 -14.26 6.18
CA PRO A 396 -31.77 -15.51 6.46
C PRO A 396 -31.15 -16.10 5.21
N PHE A 397 -29.98 -16.70 5.37
CA PHE A 397 -29.30 -17.32 4.25
C PHE A 397 -28.54 -18.54 4.72
N ALA A 398 -28.51 -19.56 3.87
CA ALA A 398 -27.79 -20.80 4.12
C ALA A 398 -27.56 -21.47 2.77
N VAL A 399 -26.51 -22.28 2.69
CA VAL A 399 -26.16 -22.99 1.48
C VAL A 399 -26.78 -24.37 1.54
N PRO A 400 -27.61 -24.77 0.58
CA PRO A 400 -28.24 -26.08 0.63
C PRO A 400 -27.26 -27.16 0.18
N PRO A 401 -27.54 -28.43 0.47
CA PRO A 401 -26.71 -29.51 -0.06
C PRO A 401 -26.90 -29.77 -1.54
N ASN A 402 -27.90 -29.17 -2.19
CA ASN A 402 -28.05 -29.26 -3.63
C ASN A 402 -26.91 -28.58 -4.36
N LEU A 403 -26.33 -27.55 -3.76
CA LEU A 403 -25.43 -26.65 -4.45
C LEU A 403 -24.00 -27.15 -4.37
N TYR A 404 -23.35 -27.28 -5.51
CA TYR A 404 -21.96 -27.69 -5.60
C TYR A 404 -21.16 -26.64 -6.34
N ILE A 405 -19.98 -26.33 -5.85
CA ILE A 405 -19.14 -25.29 -6.44
C ILE A 405 -17.96 -25.98 -7.12
N ILE A 406 -17.87 -25.83 -8.43
CA ILE A 406 -16.73 -26.35 -9.17
C ILE A 406 -15.87 -25.15 -9.54
N GLY A 407 -14.86 -24.89 -8.73
CA GLY A 407 -13.89 -23.87 -9.06
C GLY A 407 -12.98 -24.33 -10.18
N THR A 408 -12.54 -23.37 -10.97
CA THR A 408 -11.54 -23.59 -12.00
C THR A 408 -10.43 -22.60 -11.72
N MET A 409 -9.18 -23.06 -11.73
CA MET A 409 -8.08 -22.24 -11.25
C MET A 409 -6.84 -22.51 -12.07
N ASN A 410 -6.34 -21.48 -12.73
CA ASN A 410 -5.00 -21.55 -13.29
C ASN A 410 -3.98 -21.48 -12.15
N THR A 411 -2.96 -22.33 -12.22
CA THR A 411 -1.94 -22.35 -11.19
C THR A 411 -0.61 -21.79 -11.64
N ALA A 412 -0.46 -21.47 -12.92
CA ALA A 412 0.77 -20.84 -13.39
C ALA A 412 0.85 -19.39 -12.95
N ASP A 413 -0.29 -18.72 -12.77
CA ASP A 413 -0.29 -17.34 -12.31
C ASP A 413 -0.38 -17.24 -10.79
N ARG A 414 -1.07 -18.17 -10.14
CA ARG A 414 -1.19 -18.16 -8.68
C ARG A 414 -1.33 -19.59 -8.20
N SER A 415 -0.40 -20.02 -7.35
CA SER A 415 -0.35 -21.40 -6.89
C SER A 415 -1.44 -21.67 -5.85
N ILE A 416 -1.51 -22.92 -5.40
CA ILE A 416 -2.44 -23.30 -4.33
C ILE A 416 -1.96 -22.71 -3.01
N ALA A 417 -0.64 -22.66 -2.80
CA ALA A 417 -0.08 -22.08 -1.59
C ALA A 417 -0.32 -20.58 -1.52
N LEU A 418 -0.47 -19.92 -2.66
CA LEU A 418 -0.76 -18.49 -2.69
C LEU A 418 -2.24 -18.17 -2.58
N LEU A 419 -3.09 -19.18 -2.41
CA LEU A 419 -4.51 -18.94 -2.22
C LEU A 419 -4.80 -18.42 -0.83
N ASP A 420 -6.04 -17.95 -0.66
CA ASP A 420 -6.59 -17.73 0.66
C ASP A 420 -6.70 -19.08 1.39
N VAL A 421 -6.47 -19.03 2.71
CA VAL A 421 -6.48 -20.27 3.49
C VAL A 421 -7.89 -20.84 3.59
N ALA A 422 -8.92 -19.99 3.50
CA ALA A 422 -10.29 -20.48 3.51
C ALA A 422 -10.65 -21.21 2.22
N LEU A 423 -9.97 -20.91 1.12
CA LEU A 423 -10.22 -21.63 -0.12
C LEU A 423 -9.52 -22.97 -0.14
N ARG A 424 -8.39 -23.10 0.56
CA ARG A 424 -7.70 -24.37 0.66
C ARG A 424 -8.40 -25.35 1.60
N ARG A 425 -9.11 -24.84 2.60
CA ARG A 425 -9.71 -25.71 3.59
C ARG A 425 -11.07 -26.24 3.15
N ARG A 426 -11.88 -25.39 2.52
CA ARG A 426 -13.25 -25.76 2.18
C ARG A 426 -13.37 -26.50 0.86
N PHE A 427 -12.44 -26.31 -0.07
CA PHE A 427 -12.56 -26.84 -1.42
C PHE A 427 -11.64 -28.05 -1.60
N ALA A 428 -12.14 -29.06 -2.31
CA ALA A 428 -11.28 -30.12 -2.78
C ALA A 428 -10.55 -29.68 -4.04
N PHE A 429 -9.39 -30.28 -4.29
CA PHE A 429 -8.51 -29.83 -5.36
C PHE A 429 -8.17 -31.00 -6.27
N ILE A 430 -8.46 -30.84 -7.56
CA ILE A 430 -8.16 -31.84 -8.58
C ILE A 430 -7.13 -31.25 -9.53
N GLU A 431 -5.99 -31.92 -9.67
CA GLU A 431 -5.01 -31.51 -10.66
C GLU A 431 -5.49 -31.98 -12.02
N VAL A 432 -5.94 -31.05 -12.85
CA VAL A 432 -6.27 -31.35 -14.25
C VAL A 432 -4.93 -31.32 -14.98
N GLU A 433 -4.34 -32.50 -15.13
CA GLU A 433 -3.01 -32.65 -15.68
C GLU A 433 -3.03 -32.42 -17.18
N PRO A 434 -1.97 -31.82 -17.74
CA PRO A 434 -1.85 -31.76 -19.20
C PRO A 434 -1.62 -33.15 -19.76
N ARG A 435 -2.46 -33.54 -20.72
CA ARG A 435 -2.52 -34.91 -21.22
C ARG A 435 -2.00 -34.94 -22.65
N PRO A 436 -0.74 -35.29 -22.87
CA PRO A 436 -0.22 -35.37 -24.24
C PRO A 436 -0.74 -36.56 -25.01
N GLU A 437 -1.33 -37.55 -24.35
CA GLU A 437 -1.91 -38.71 -25.03
C GLU A 437 -3.12 -38.34 -25.87
N PHE A 438 -3.73 -37.18 -25.62
CA PHE A 438 -4.75 -36.65 -26.51
C PHE A 438 -4.17 -36.27 -27.87
N LEU A 439 -2.89 -35.91 -27.90
CA LEU A 439 -2.25 -35.42 -29.11
C LEU A 439 -1.66 -36.53 -29.95
N GLU A 440 -1.92 -37.79 -29.60
CA GLU A 440 -1.64 -38.90 -30.49
C GLU A 440 -2.52 -38.79 -31.73
N LYS A 441 -2.04 -39.37 -32.85
CA LYS A 441 -2.63 -39.12 -34.15
C LYS A 441 -4.06 -39.67 -34.25
N GLU A 442 -4.30 -40.82 -33.66
CA GLU A 442 -5.67 -41.34 -33.64
C GLU A 442 -6.51 -40.67 -32.55
N ASN A 443 -5.89 -40.30 -31.42
CA ASN A 443 -6.62 -39.56 -30.39
C ASN A 443 -6.97 -38.15 -30.84
N LEU A 444 -6.11 -37.54 -31.66
CA LEU A 444 -6.42 -36.22 -32.20
C LEU A 444 -7.52 -36.29 -33.24
N LYS A 445 -7.67 -37.45 -33.90
CA LYS A 445 -8.75 -37.62 -34.87
C LYS A 445 -10.10 -37.71 -34.17
N LYS A 446 -10.24 -38.59 -33.18
CA LYS A 446 -11.52 -38.82 -32.54
C LYS A 446 -11.95 -37.67 -31.63
N ILE A 447 -11.01 -36.81 -31.20
CA ILE A 447 -11.38 -35.66 -30.40
C ILE A 447 -12.11 -34.62 -31.26
N ARG A 448 -11.59 -34.36 -32.46
CA ARG A 448 -12.24 -33.39 -33.35
C ARG A 448 -13.43 -33.97 -34.07
N GLU A 449 -13.57 -35.29 -34.15
CA GLU A 449 -14.66 -35.93 -34.88
C GLU A 449 -15.91 -36.11 -34.01
N LYS A 450 -15.83 -35.75 -32.72
CA LYS A 450 -17.00 -35.81 -31.84
C LYS A 450 -18.11 -34.84 -32.26
N LYS A 451 -17.78 -33.79 -33.02
CA LYS A 451 -18.76 -32.86 -33.55
C LYS A 451 -18.62 -32.58 -35.04
N LEU A 452 -17.71 -33.25 -35.74
CA LEU A 452 -17.35 -32.86 -37.09
C LEU A 452 -18.30 -33.44 -38.14
N LYS A 453 -18.15 -32.94 -39.36
CA LYS A 453 -18.86 -33.45 -40.52
C LYS A 453 -18.34 -34.85 -40.86
N THR A 454 -19.26 -35.73 -41.28
CA THR A 454 -18.84 -37.09 -41.61
C THR A 454 -18.16 -37.18 -42.97
N GLU A 455 -18.19 -36.09 -43.75
CA GLU A 455 -17.34 -35.99 -44.93
C GLU A 455 -15.99 -35.39 -44.54
N ASP A 456 -15.93 -34.73 -43.39
CA ASP A 456 -14.68 -34.14 -42.92
C ASP A 456 -13.83 -35.11 -42.11
N ARG A 457 -14.26 -36.36 -41.94
CA ARG A 457 -13.39 -37.33 -41.28
C ARG A 457 -12.26 -37.75 -42.21
N LYS A 458 -12.57 -38.02 -43.47
CA LYS A 458 -11.53 -38.29 -44.46
C LYS A 458 -10.73 -37.03 -44.80
N ARG A 459 -11.32 -35.85 -44.61
CA ARG A 459 -10.56 -34.62 -44.84
C ARG A 459 -9.58 -34.35 -43.71
N LEU A 460 -9.95 -34.71 -42.49
CA LEU A 460 -8.95 -34.75 -41.42
C LEU A 460 -7.96 -35.87 -41.65
N ASN A 461 -8.43 -37.05 -42.06
CA ASN A 461 -7.52 -38.12 -42.47
C ASN A 461 -6.69 -37.76 -43.71
N GLU A 462 -7.14 -36.79 -44.50
CA GLU A 462 -6.25 -36.20 -45.50
C GLU A 462 -5.15 -35.39 -44.82
N LYS A 463 -5.53 -34.50 -43.90
CA LYS A 463 -4.57 -33.54 -43.37
C LYS A 463 -3.79 -34.09 -42.17
N LEU A 464 -4.44 -34.82 -41.27
CA LEU A 464 -3.73 -35.35 -40.10
C LEU A 464 -2.78 -36.48 -40.47
N ASN A 465 -2.98 -37.15 -41.60
CA ASN A 465 -1.98 -38.11 -42.06
C ASN A 465 -0.83 -37.41 -42.77
N GLU A 466 -1.11 -36.27 -43.42
CA GLU A 466 -0.03 -35.50 -44.02
C GLU A 466 0.69 -34.63 -42.99
N LEU A 467 0.03 -34.33 -41.86
CA LEU A 467 0.71 -33.63 -40.78
C LEU A 467 1.77 -34.50 -40.13
N PHE A 468 1.42 -35.73 -39.77
CA PHE A 468 2.35 -36.60 -39.09
C PHE A 468 3.33 -37.26 -40.04
N SER A 469 3.08 -37.21 -41.34
CA SER A 469 4.10 -37.64 -42.30
C SER A 469 5.25 -36.65 -42.35
N LYS A 470 4.96 -35.35 -42.23
CA LYS A 470 6.01 -34.35 -42.14
C LYS A 470 6.73 -34.38 -40.80
N LEU A 471 6.09 -34.94 -39.78
CA LEU A 471 6.72 -35.15 -38.48
C LEU A 471 7.57 -36.42 -38.45
N GLY A 472 7.61 -37.19 -39.53
CA GLY A 472 8.43 -38.38 -39.62
C GLY A 472 7.71 -39.69 -39.44
N ASN A 473 6.41 -39.75 -39.76
CA ASN A 473 5.54 -40.93 -39.62
C ASN A 473 5.50 -41.47 -38.19
N ASP A 474 5.69 -40.60 -37.21
CA ASP A 474 5.57 -40.95 -35.80
C ASP A 474 4.25 -40.41 -35.30
N ASN A 475 3.30 -41.30 -35.03
CA ASN A 475 1.98 -40.89 -34.56
C ASN A 475 2.03 -40.30 -33.16
N TYR A 476 3.03 -40.70 -32.37
CA TYR A 476 3.21 -40.22 -31.01
C TYR A 476 4.10 -38.99 -30.92
N PHE A 477 4.18 -38.20 -32.00
CA PHE A 477 5.10 -37.06 -32.03
C PHE A 477 4.67 -35.97 -31.06
N LEU A 478 3.43 -35.49 -31.21
CA LEU A 478 2.93 -34.45 -30.32
C LEU A 478 2.64 -34.97 -28.93
N LYS A 479 2.50 -36.30 -28.77
CA LYS A 479 2.49 -36.88 -27.44
C LYS A 479 3.86 -36.77 -26.80
N THR A 480 4.90 -37.16 -27.54
CA THR A 480 6.26 -37.14 -27.00
C THR A 480 6.74 -35.72 -26.81
N LEU A 481 6.37 -34.81 -27.73
CA LEU A 481 6.82 -33.43 -27.66
C LEU A 481 6.26 -32.71 -26.44
N LEU A 482 4.97 -32.89 -26.15
CA LEU A 482 4.40 -32.24 -24.97
C LEU A 482 4.89 -32.88 -23.68
N GLU A 483 5.14 -34.19 -23.67
CA GLU A 483 5.63 -34.80 -22.44
C GLU A 483 7.14 -34.62 -22.25
N LYS A 484 7.90 -34.41 -23.33
CA LYS A 484 9.29 -34.03 -23.14
C LYS A 484 9.40 -32.60 -22.65
N ILE A 485 8.48 -31.73 -23.07
CA ILE A 485 8.48 -30.35 -22.59
C ILE A 485 8.05 -30.32 -21.12
N ASN A 486 6.95 -31.01 -20.79
CA ASN A 486 6.35 -30.89 -19.47
C ASN A 486 7.18 -31.58 -18.39
N VAL A 487 7.97 -32.60 -18.75
CA VAL A 487 8.87 -33.21 -17.79
C VAL A 487 10.04 -32.27 -17.48
N ARG A 488 10.57 -31.62 -18.53
CA ARG A 488 11.65 -30.67 -18.34
C ARG A 488 11.20 -29.39 -17.66
N ILE A 489 9.93 -29.02 -17.77
CA ILE A 489 9.40 -27.93 -16.98
C ILE A 489 9.39 -28.29 -15.49
N THR A 490 8.97 -29.53 -15.19
CA THR A 490 8.71 -29.94 -13.81
C THR A 490 10.00 -30.05 -12.99
N VAL A 491 11.14 -30.30 -13.64
CA VAL A 491 12.37 -30.37 -12.87
C VAL A 491 13.00 -29.00 -12.67
N VAL A 492 12.73 -28.03 -13.55
CA VAL A 492 13.29 -26.69 -13.38
C VAL A 492 12.26 -25.70 -12.83
N LYS A 493 10.98 -26.06 -12.83
CA LYS A 493 9.96 -25.16 -12.23
C LYS A 493 8.93 -26.01 -11.48
N ASP A 494 7.67 -25.57 -11.46
CA ASP A 494 6.62 -26.32 -10.80
C ASP A 494 5.95 -27.28 -11.78
N ARG A 495 5.01 -28.08 -11.27
CA ARG A 495 4.01 -28.73 -12.11
C ARG A 495 3.00 -27.75 -12.64
N ASP A 496 2.90 -26.59 -12.00
CA ASP A 496 1.91 -25.57 -12.32
C ASP A 496 2.18 -24.89 -13.65
N HIS A 497 3.42 -24.95 -14.13
CA HIS A 497 3.85 -24.18 -15.29
C HIS A 497 4.06 -25.04 -16.53
N ARG A 498 3.43 -26.20 -16.58
CA ARG A 498 3.55 -27.06 -17.75
C ARG A 498 2.73 -26.50 -18.91
N ILE A 499 2.94 -27.06 -20.09
CA ILE A 499 2.22 -26.65 -21.29
C ILE A 499 1.03 -27.57 -21.46
N GLY A 500 -0.17 -26.99 -21.49
CA GLY A 500 -1.37 -27.77 -21.64
C GLY A 500 -1.54 -28.30 -23.06
N HIS A 501 -2.44 -29.28 -23.19
CA HIS A 501 -2.66 -29.98 -24.45
C HIS A 501 -3.69 -29.29 -25.34
N SER A 502 -4.43 -28.30 -24.84
CA SER A 502 -5.51 -27.70 -25.60
C SER A 502 -5.04 -26.87 -26.77
N TYR A 503 -3.80 -26.38 -26.73
CA TYR A 503 -3.28 -25.60 -27.84
C TYR A 503 -3.04 -26.48 -29.07
N PHE A 504 -2.65 -27.73 -28.87
CA PHE A 504 -2.30 -28.62 -29.95
C PHE A 504 -3.48 -29.42 -30.48
N LEU A 505 -4.69 -29.21 -29.95
CA LEU A 505 -5.82 -30.05 -30.32
C LEU A 505 -6.33 -29.74 -31.71
N ASN A 506 -6.31 -28.46 -32.10
CA ASN A 506 -6.79 -28.05 -33.42
C ASN A 506 -5.65 -27.93 -34.42
N VAL A 507 -4.60 -28.72 -34.26
CA VAL A 507 -3.49 -28.75 -35.19
C VAL A 507 -3.78 -29.82 -36.24
N GLU A 508 -3.96 -29.40 -37.48
CA GLU A 508 -4.17 -30.30 -38.60
C GLU A 508 -3.11 -30.19 -39.68
N THR A 509 -2.33 -29.12 -39.69
CA THR A 509 -1.26 -28.90 -40.65
C THR A 509 -0.07 -28.30 -39.92
N VAL A 510 1.08 -28.29 -40.61
CA VAL A 510 2.31 -27.88 -39.96
C VAL A 510 2.38 -26.36 -39.75
N GLU A 511 1.65 -25.57 -40.53
CA GLU A 511 1.54 -24.14 -40.22
C GLU A 511 0.54 -23.87 -39.12
N ASP A 512 -0.39 -24.79 -38.85
CA ASP A 512 -1.13 -24.72 -37.60
C ASP A 512 -0.25 -25.07 -36.41
N LEU A 513 0.64 -26.05 -36.59
CA LEU A 513 1.62 -26.37 -35.57
C LEU A 513 2.63 -25.25 -35.40
N HIS A 514 2.93 -24.53 -36.47
CA HIS A 514 3.84 -23.39 -36.38
C HIS A 514 3.22 -22.23 -35.63
N HIS A 515 1.92 -21.99 -35.84
CA HIS A 515 1.25 -20.89 -35.13
C HIS A 515 1.05 -21.22 -33.66
N VAL A 516 0.83 -22.49 -33.34
CA VAL A 516 0.61 -22.88 -31.95
C VAL A 516 1.92 -22.84 -31.18
N TRP A 517 3.01 -23.27 -31.83
CA TRP A 517 4.32 -23.28 -31.16
C TRP A 517 4.85 -21.87 -30.95
N TYR A 518 4.69 -20.99 -31.93
CA TYR A 518 5.35 -19.70 -31.89
C TYR A 518 4.50 -18.60 -31.25
N TYR A 519 3.20 -18.79 -31.14
CA TYR A 519 2.34 -17.75 -30.61
C TYR A 519 1.48 -18.20 -29.43
N GLU A 520 1.58 -19.45 -29.01
CA GLU A 520 0.95 -19.91 -27.78
C GLU A 520 1.92 -20.59 -26.83
N VAL A 521 2.86 -21.39 -27.33
CA VAL A 521 3.73 -22.19 -26.49
C VAL A 521 4.95 -21.42 -26.07
N LEU A 522 5.69 -20.89 -27.03
CA LEU A 522 6.87 -20.06 -26.74
C LEU A 522 6.53 -18.73 -26.06
N PRO A 523 5.39 -18.06 -26.32
CA PRO A 523 4.99 -16.99 -25.40
C PRO A 523 4.71 -17.45 -23.98
N LEU A 524 4.27 -18.70 -23.78
CA LEU A 524 4.07 -19.18 -22.42
C LEU A 524 5.41 -19.50 -21.76
N LEU A 525 6.39 -19.98 -22.52
CA LEU A 525 7.67 -20.36 -21.94
C LEU A 525 8.50 -19.14 -21.59
N MET A 526 8.42 -18.09 -22.42
CA MET A 526 9.16 -16.86 -22.11
C MET A 526 8.50 -16.10 -20.97
N GLU A 527 7.18 -16.26 -20.80
CA GLU A 527 6.49 -15.62 -19.68
C GLU A 527 6.83 -16.33 -18.37
N TYR A 528 7.00 -17.65 -18.40
CA TYR A 528 7.23 -18.40 -17.17
C TYR A 528 8.63 -18.20 -16.64
N PHE A 529 9.62 -18.11 -17.54
CA PHE A 529 11.01 -18.12 -17.11
C PHE A 529 11.64 -16.74 -17.01
N TYR A 530 10.87 -15.69 -17.33
CA TYR A 530 11.34 -14.28 -17.17
C TYR A 530 12.68 -14.09 -17.89
N ASN A 531 12.66 -14.30 -19.20
CA ASN A 531 13.81 -14.10 -20.10
C ASN A 531 15.08 -14.79 -19.62
N ASP A 532 14.96 -15.85 -18.83
CA ASP A 532 16.11 -16.72 -18.51
C ASP A 532 16.20 -17.75 -19.64
N TRP A 533 16.90 -17.37 -20.70
CA TRP A 533 16.85 -18.12 -21.95
C TRP A 533 17.57 -19.46 -21.84
N GLU A 534 18.55 -19.56 -20.94
CA GLU A 534 19.31 -20.80 -20.83
C GLU A 534 18.49 -21.89 -20.15
N THR A 535 17.44 -21.51 -19.41
CA THR A 535 16.50 -22.49 -18.91
C THR A 535 15.47 -22.84 -19.96
N ILE A 536 15.04 -21.86 -20.76
CA ILE A 536 14.13 -22.14 -21.87
C ILE A 536 14.82 -22.99 -22.93
N LYS A 537 16.11 -22.75 -23.16
CA LYS A 537 16.85 -23.55 -24.12
C LYS A 537 17.14 -24.96 -23.61
N TRP A 538 17.08 -25.18 -22.30
CA TRP A 538 17.22 -26.53 -21.79
C TRP A 538 15.90 -27.29 -21.82
N VAL A 539 14.78 -26.57 -21.72
CA VAL A 539 13.47 -27.18 -21.86
C VAL A 539 13.29 -27.72 -23.28
N LEU A 540 13.82 -27.00 -24.26
CA LEU A 540 13.89 -27.49 -25.63
C LEU A 540 15.16 -28.28 -25.90
N ASN A 541 15.97 -28.53 -24.86
CA ASN A 541 17.33 -29.12 -24.88
C ASN A 541 18.18 -28.63 -26.05
N GLU A 542 18.16 -27.31 -26.26
CA GLU A 542 19.03 -26.67 -27.22
C GLU A 542 20.07 -25.77 -26.55
N LYS A 543 20.37 -26.02 -25.27
CA LYS A 543 21.37 -25.23 -24.58
C LYS A 543 22.77 -25.62 -25.07
N GLY A 544 23.67 -24.64 -25.12
CA GLY A 544 24.95 -24.85 -25.76
C GLY A 544 24.88 -24.94 -27.27
N LYS A 545 23.75 -24.57 -27.86
CA LYS A 545 23.50 -24.70 -29.30
C LYS A 545 22.89 -23.37 -29.76
N GLU A 546 23.71 -22.51 -30.34
CA GLU A 546 23.28 -21.19 -30.77
C GLU A 546 23.76 -20.94 -32.20
N HIS A 547 23.15 -19.93 -32.82
CA HIS A 547 23.38 -19.51 -34.20
C HIS A 547 23.21 -20.67 -35.18
N GLY A 548 22.01 -21.21 -35.19
CA GLY A 548 21.65 -22.30 -36.08
C GLY A 548 20.15 -22.39 -36.18
N ASN A 549 19.66 -23.61 -36.42
CA ASN A 549 18.23 -23.87 -36.46
C ASN A 549 17.71 -24.12 -35.05
N VAL A 550 17.65 -23.04 -34.28
CA VAL A 550 17.17 -23.07 -32.91
C VAL A 550 16.00 -22.10 -32.79
N PHE A 551 15.23 -22.26 -31.72
CA PHE A 551 14.13 -21.34 -31.48
C PHE A 551 14.58 -20.06 -30.81
N PHE A 552 15.76 -20.07 -30.19
CA PHE A 552 16.30 -18.90 -29.49
C PHE A 552 17.75 -18.74 -29.90
N GLU A 553 17.99 -17.91 -30.91
CA GLU A 553 19.36 -17.62 -31.33
C GLU A 553 19.96 -16.54 -30.45
N LYS A 554 21.28 -16.61 -30.27
CA LYS A 554 21.96 -15.65 -29.43
C LYS A 554 22.25 -14.37 -30.19
N LEU A 555 22.00 -13.24 -29.54
CA LEU A 555 22.50 -11.97 -30.03
C LEU A 555 24.01 -11.90 -29.80
N ARG A 556 24.75 -11.49 -30.83
CA ARG A 556 26.20 -11.52 -30.79
C ARG A 556 26.81 -10.31 -30.09
N LEU A 557 26.03 -9.54 -29.35
CA LEU A 557 26.51 -8.37 -28.64
C LEU A 557 26.39 -8.62 -27.14
N THR A 558 27.51 -8.45 -26.43
CA THR A 558 27.54 -8.58 -24.98
C THR A 558 27.51 -7.20 -24.35
N GLY A 559 26.66 -7.04 -23.35
CA GLY A 559 26.45 -5.76 -22.70
C GLY A 559 27.64 -5.26 -21.92
N PRO A 560 27.54 -4.04 -21.38
CA PRO A 560 28.67 -3.46 -20.63
C PRO A 560 28.93 -4.16 -19.30
N ASN A 561 27.90 -4.76 -18.69
CA ASN A 561 28.06 -5.55 -17.47
C ASN A 561 28.05 -7.04 -17.79
N GLY A 562 28.41 -7.42 -19.00
CA GLY A 562 28.37 -8.81 -19.40
C GLY A 562 26.99 -9.36 -19.65
N GLU A 563 26.00 -8.49 -19.85
CA GLU A 563 24.63 -8.96 -20.11
C GLU A 563 24.55 -9.57 -21.50
N GLU A 564 23.86 -10.71 -21.58
CA GLU A 564 23.66 -11.45 -22.81
C GLU A 564 22.17 -11.58 -23.06
N ALA A 565 21.77 -11.49 -24.33
CA ALA A 565 20.37 -11.60 -24.70
C ALA A 565 20.24 -12.59 -25.84
N TYR A 566 19.02 -13.10 -26.00
CA TYR A 566 18.72 -14.09 -27.03
C TYR A 566 17.56 -13.59 -27.86
N GLN A 567 17.59 -13.92 -29.14
CA GLN A 567 16.58 -13.50 -30.10
C GLN A 567 15.70 -14.69 -30.44
N LEU A 568 14.38 -14.49 -30.41
CA LEU A 568 13.44 -15.54 -30.78
C LEU A 568 13.52 -15.74 -32.29
N LYS A 569 14.24 -16.77 -32.70
CA LYS A 569 14.32 -17.09 -34.12
C LYS A 569 13.05 -17.77 -34.58
N VAL A 570 12.53 -17.34 -35.71
CA VAL A 570 11.26 -17.85 -36.24
C VAL A 570 11.62 -18.79 -37.39
N LEU A 571 11.76 -20.08 -37.06
CA LEU A 571 12.04 -21.08 -38.06
C LEU A 571 10.77 -21.45 -38.82
N GLU A 572 10.93 -21.76 -40.10
CA GLU A 572 9.80 -22.09 -40.97
C GLU A 572 10.09 -23.38 -41.73
N GLY A 573 9.03 -24.12 -42.02
CA GLY A 573 9.14 -25.24 -42.94
C GLY A 573 9.75 -26.46 -42.29
N ASP A 574 10.66 -27.11 -43.00
CA ASP A 574 11.30 -28.31 -42.52
C ASP A 574 12.40 -28.03 -41.50
N ALA A 575 12.91 -26.80 -41.44
CA ALA A 575 13.82 -26.42 -40.38
C ALA A 575 13.10 -26.10 -39.08
N PHE A 576 11.77 -25.91 -39.14
CA PHE A 576 10.98 -25.81 -37.93
C PHE A 576 10.76 -27.18 -37.30
N ILE A 577 10.46 -28.18 -38.15
CA ILE A 577 10.32 -29.55 -37.66
C ILE A 577 11.68 -30.13 -37.28
N GLY A 578 12.74 -29.71 -37.99
CA GLY A 578 14.08 -30.18 -37.68
C GLY A 578 14.60 -29.73 -36.33
N ALA A 579 14.09 -28.61 -35.82
CA ALA A 579 14.35 -28.23 -34.44
C ALA A 579 13.29 -28.76 -33.48
N LEU A 580 12.11 -29.10 -34.00
CA LEU A 580 11.07 -29.66 -33.16
C LEU A 580 11.27 -31.15 -32.95
N LYS A 581 11.94 -31.82 -33.90
CA LYS A 581 12.36 -33.20 -33.71
C LYS A 581 13.51 -33.28 -32.72
N ARG A 582 14.32 -32.23 -32.61
CA ARG A 582 15.47 -32.22 -31.71
C ARG A 582 15.04 -32.13 -30.26
N ILE A 583 13.82 -31.66 -29.99
CA ILE A 583 13.33 -31.55 -28.62
C ILE A 583 13.08 -32.94 -28.03
N ILE A 584 12.53 -33.85 -28.84
CA ILE A 584 12.22 -35.19 -28.34
C ILE A 584 13.39 -36.14 -28.43
N SER A 585 14.48 -35.76 -29.08
CA SER A 585 15.63 -36.64 -29.24
C SER A 585 16.63 -36.44 -28.10
N GLY B 191 2.05 -3.19 -48.40
CA GLY B 191 2.86 -4.37 -48.64
C GLY B 191 3.40 -4.99 -47.37
N HIS B 192 4.67 -4.72 -47.08
CA HIS B 192 5.25 -5.23 -45.83
C HIS B 192 4.71 -4.48 -44.62
N ASN B 193 4.29 -3.23 -44.80
CA ASN B 193 3.70 -2.48 -43.71
C ASN B 193 2.20 -2.76 -43.57
N ILE B 194 1.49 -2.84 -44.70
CA ILE B 194 0.04 -3.00 -44.66
C ILE B 194 -0.34 -4.45 -44.91
N LYS B 195 -0.04 -4.94 -46.12
CA LYS B 195 -0.65 -6.18 -46.62
C LYS B 195 -0.14 -7.41 -45.87
N GLU B 196 1.12 -7.40 -45.43
CA GLU B 196 1.60 -8.52 -44.62
C GLU B 196 1.08 -8.41 -43.19
N ASP B 197 0.99 -7.20 -42.65
CA ASP B 197 0.55 -7.06 -41.27
C ASP B 197 -0.97 -7.18 -41.16
N TYR B 198 -1.72 -6.88 -42.22
CA TYR B 198 -3.17 -7.07 -42.17
C TYR B 198 -3.52 -8.55 -42.20
N PHE B 199 -2.70 -9.37 -42.85
CA PHE B 199 -2.93 -10.81 -42.90
C PHE B 199 -2.79 -11.45 -41.53
N ARG B 200 -1.88 -10.93 -40.70
CA ARG B 200 -1.81 -11.38 -39.32
C ARG B 200 -3.00 -10.91 -38.51
N VAL B 201 -3.52 -9.71 -38.81
CA VAL B 201 -4.73 -9.25 -38.14
C VAL B 201 -5.94 -10.02 -38.63
N ASP B 202 -6.06 -10.22 -39.96
CA ASP B 202 -7.17 -10.98 -40.52
C ASP B 202 -7.20 -12.42 -40.04
N MET B 203 -6.04 -13.03 -39.83
CA MET B 203 -6.00 -14.41 -39.36
C MET B 203 -6.51 -14.52 -37.92
N LEU B 204 -6.04 -13.63 -37.04
CA LEU B 204 -6.35 -13.75 -35.62
C LEU B 204 -7.66 -13.11 -35.23
N LEU B 205 -8.13 -12.09 -35.97
CA LEU B 205 -9.42 -11.50 -35.66
C LEU B 205 -10.56 -12.40 -36.11
N ASN B 206 -10.34 -13.19 -37.15
CA ASN B 206 -11.33 -14.17 -37.60
C ASN B 206 -11.17 -15.51 -36.90
N LYS B 207 -10.16 -15.64 -36.03
CA LYS B 207 -9.99 -16.82 -35.20
C LYS B 207 -10.41 -16.58 -33.76
N LYS B 208 -9.88 -15.52 -33.13
CA LYS B 208 -10.16 -15.21 -31.73
C LYS B 208 -11.32 -14.26 -31.54
N GLY B 209 -11.63 -13.43 -32.54
CA GLY B 209 -12.67 -12.44 -32.43
C GLY B 209 -12.19 -11.08 -31.95
N GLN B 210 -11.05 -11.04 -31.28
CA GLN B 210 -10.48 -9.79 -30.80
C GLN B 210 -8.97 -9.94 -30.74
N VAL B 211 -8.28 -8.84 -31.01
CA VAL B 211 -6.82 -8.83 -31.07
C VAL B 211 -6.31 -7.62 -30.30
N ILE B 212 -5.10 -7.73 -29.76
CA ILE B 212 -4.39 -6.62 -29.16
C ILE B 212 -3.07 -6.47 -29.91
N LEU B 213 -2.88 -5.32 -30.55
CA LEU B 213 -1.60 -4.99 -31.16
C LEU B 213 -0.69 -4.42 -30.09
N TYR B 214 0.34 -5.16 -29.71
CA TYR B 214 1.22 -4.72 -28.65
C TYR B 214 2.62 -4.46 -29.21
N GLY B 215 3.42 -3.80 -28.39
CA GLY B 215 4.78 -3.48 -28.76
C GLY B 215 5.26 -2.20 -28.11
N PRO B 216 6.50 -1.82 -28.41
CA PRO B 216 7.02 -0.55 -27.90
C PRO B 216 6.35 0.62 -28.60
N PRO B 217 6.45 1.84 -28.06
CA PRO B 217 5.80 2.98 -28.70
C PRO B 217 6.45 3.35 -30.02
N GLY B 218 5.62 3.86 -30.92
CA GLY B 218 6.10 4.33 -32.20
C GLY B 218 6.25 3.28 -33.27
N THR B 219 5.66 2.10 -33.07
CA THR B 219 5.71 1.06 -34.08
C THR B 219 4.51 1.08 -35.00
N GLY B 220 3.52 1.92 -34.73
CA GLY B 220 2.38 2.07 -35.59
C GLY B 220 1.17 1.26 -35.22
N LYS B 221 1.02 0.90 -33.93
CA LYS B 221 -0.10 0.06 -33.51
C LYS B 221 -1.44 0.75 -33.70
N THR B 222 -1.52 2.03 -33.34
CA THR B 222 -2.74 2.80 -33.58
C THR B 222 -2.94 3.07 -35.06
N TRP B 223 -1.86 3.26 -35.79
CA TRP B 223 -1.96 3.51 -37.23
C TRP B 223 -2.37 2.26 -37.99
N ILE B 224 -1.86 1.10 -37.60
CA ILE B 224 -2.26 -0.15 -38.23
C ILE B 224 -3.70 -0.49 -37.89
N ALA B 225 -4.10 -0.27 -36.63
CA ALA B 225 -5.46 -0.55 -36.21
C ALA B 225 -6.46 0.37 -36.91
N ARG B 226 -6.10 1.63 -37.13
CA ARG B 226 -7.00 2.55 -37.82
C ARG B 226 -7.11 2.22 -39.30
N LYS B 227 -5.96 2.02 -39.96
CA LYS B 227 -5.97 1.91 -41.42
C LYS B 227 -6.49 0.55 -41.88
N TYR B 228 -6.31 -0.50 -41.06
CA TYR B 228 -6.91 -1.79 -41.37
C TYR B 228 -8.43 -1.72 -41.32
N VAL B 229 -8.96 -1.01 -40.32
CA VAL B 229 -10.39 -0.96 -40.10
C VAL B 229 -11.07 -0.10 -41.16
N VAL B 230 -10.41 0.97 -41.60
CA VAL B 230 -10.87 1.71 -42.79
C VAL B 230 -10.77 0.84 -44.04
N GLU B 231 -9.77 -0.03 -44.12
CA GLU B 231 -9.65 -0.92 -45.25
C GLU B 231 -10.74 -1.99 -45.27
N GLU B 232 -11.27 -2.34 -44.11
CA GLU B 232 -12.31 -3.36 -44.05
C GLU B 232 -13.71 -2.77 -44.12
N THR B 233 -13.98 -1.69 -43.38
CA THR B 233 -15.31 -1.09 -43.36
C THR B 233 -15.58 -0.21 -44.58
N ASN B 234 -14.53 0.20 -45.30
CA ASN B 234 -14.58 1.22 -46.35
C ASN B 234 -15.21 2.51 -45.85
N GLU B 235 -14.88 2.88 -44.61
CA GLU B 235 -15.40 4.08 -43.97
C GLU B 235 -14.25 4.75 -43.25
N LYS B 236 -13.93 5.98 -43.64
CA LYS B 236 -12.75 6.66 -43.12
C LYS B 236 -13.03 7.28 -41.74
N THR B 237 -14.19 7.85 -41.56
CA THR B 237 -14.61 8.47 -40.32
C THR B 237 -15.43 7.48 -39.50
N PRO B 238 -15.16 7.32 -38.21
CA PRO B 238 -15.93 6.37 -37.40
C PRO B 238 -17.35 6.85 -37.15
N GLY B 239 -18.19 5.94 -36.69
CA GLY B 239 -19.54 6.30 -36.36
C GLY B 239 -20.60 5.30 -36.79
N ASN B 240 -20.37 4.60 -37.92
CA ASN B 240 -21.37 3.65 -38.40
C ASN B 240 -20.88 2.21 -38.32
N LYS B 241 -19.79 1.85 -38.98
CA LYS B 241 -19.33 0.48 -38.94
C LYS B 241 -18.16 0.28 -37.99
N TRP B 242 -17.61 1.35 -37.43
CA TRP B 242 -16.56 1.21 -36.44
C TRP B 242 -16.53 2.42 -35.53
N GLU B 243 -15.89 2.23 -34.38
CA GLU B 243 -15.76 3.26 -33.37
C GLU B 243 -14.33 3.25 -32.83
N PHE B 244 -13.90 4.42 -32.34
CA PHE B 244 -12.57 4.58 -31.75
C PHE B 244 -12.75 5.19 -30.37
N ILE B 245 -12.20 4.54 -29.36
CA ILE B 245 -12.09 5.11 -28.02
C ILE B 245 -10.70 4.84 -27.48
N THR B 246 -10.34 5.58 -26.43
CA THR B 246 -9.11 5.36 -25.69
C THR B 246 -9.48 5.03 -24.25
N PHE B 247 -8.96 3.92 -23.73
CA PHE B 247 -9.16 3.57 -22.34
C PHE B 247 -8.28 4.42 -21.43
N HIS B 248 -8.81 4.75 -20.27
CA HIS B 248 -8.03 5.39 -19.23
C HIS B 248 -8.60 4.97 -17.88
N GLN B 249 -8.04 5.53 -16.81
CA GLN B 249 -8.37 5.04 -15.47
C GLN B 249 -9.70 5.58 -14.95
N SER B 250 -10.27 6.60 -15.58
CA SER B 250 -11.61 7.07 -15.22
C SER B 250 -12.66 6.58 -16.20
N TYR B 251 -12.25 5.87 -17.24
CA TYR B 251 -13.18 5.11 -18.06
C TYR B 251 -13.74 3.98 -17.22
N SER B 252 -15.05 3.76 -17.30
CA SER B 252 -15.71 2.83 -16.40
C SER B 252 -16.78 2.07 -17.16
N TYR B 253 -17.63 1.36 -16.41
CA TYR B 253 -18.69 0.55 -16.99
C TYR B 253 -19.79 1.42 -17.57
N GLU B 254 -20.11 2.53 -16.91
CA GLU B 254 -21.28 3.31 -17.27
C GLU B 254 -21.08 4.13 -18.53
N GLU B 255 -19.84 4.36 -18.94
CA GLU B 255 -19.56 5.00 -20.20
C GLU B 255 -19.22 4.02 -21.31
N PHE B 256 -19.05 2.74 -20.97
CA PHE B 256 -18.70 1.71 -21.94
C PHE B 256 -19.89 0.86 -22.33
N ILE B 257 -20.67 0.37 -21.38
CA ILE B 257 -21.84 -0.43 -21.73
C ILE B 257 -23.10 0.38 -21.47
N GLU B 258 -23.39 0.68 -20.21
CA GLU B 258 -24.63 1.37 -19.89
C GLU B 258 -24.55 1.91 -18.47
N GLY B 259 -25.26 3.01 -18.24
CA GLY B 259 -25.33 3.62 -16.93
C GLY B 259 -26.43 4.64 -16.89
N PHE B 260 -26.82 5.00 -15.66
CA PHE B 260 -27.86 6.00 -15.48
C PHE B 260 -27.33 7.39 -15.77
N ARG B 261 -28.17 8.22 -16.37
CA ARG B 261 -27.83 9.60 -16.69
C ARG B 261 -29.06 10.46 -16.42
N PRO B 262 -28.88 11.65 -15.86
CA PRO B 262 -30.01 12.58 -15.74
C PRO B 262 -30.32 13.21 -17.08
N ARG B 263 -31.60 13.50 -17.30
CA ARG B 263 -32.04 13.94 -18.62
C ARG B 263 -33.35 14.71 -18.50
N THR B 264 -33.38 15.90 -19.09
CA THR B 264 -34.58 16.73 -19.14
C THR B 264 -35.49 16.18 -20.24
N ASP B 265 -36.57 15.50 -19.84
CA ASP B 265 -37.50 14.92 -20.79
C ASP B 265 -38.72 15.77 -21.04
N ASN B 266 -39.28 16.41 -20.02
CA ASN B 266 -40.50 17.21 -20.18
C ASN B 266 -40.54 18.26 -19.08
N GLU B 267 -40.55 19.55 -19.49
CA GLU B 267 -40.73 20.71 -18.61
C GLU B 267 -39.63 20.80 -17.55
N GLU B 268 -38.40 20.47 -17.95
CA GLU B 268 -37.18 20.57 -17.14
C GLU B 268 -37.21 19.71 -15.87
N LYS B 269 -38.07 18.69 -15.83
CA LYS B 269 -38.11 17.74 -14.72
C LYS B 269 -37.23 16.56 -15.11
N ILE B 270 -36.07 16.45 -14.47
CA ILE B 270 -35.04 15.53 -14.94
C ILE B 270 -35.42 14.09 -14.60
N ARG B 271 -35.15 13.19 -15.55
CA ARG B 271 -35.47 11.78 -15.43
C ARG B 271 -34.20 10.97 -15.63
N TYR B 272 -33.97 10.01 -14.75
CA TYR B 272 -32.78 9.18 -14.81
C TYR B 272 -33.02 8.05 -15.80
N VAL B 273 -32.29 8.07 -16.91
CA VAL B 273 -32.46 7.10 -17.97
C VAL B 273 -31.14 6.39 -18.21
N VAL B 274 -31.23 5.17 -18.71
CA VAL B 274 -30.03 4.40 -19.04
C VAL B 274 -29.54 4.85 -20.41
N GLU B 275 -28.36 5.43 -20.46
CA GLU B 275 -27.73 5.85 -21.71
C GLU B 275 -26.66 4.83 -22.05
N ASP B 276 -26.72 4.30 -23.27
CA ASP B 276 -25.84 3.21 -23.67
C ASP B 276 -24.44 3.73 -23.95
N GLY B 277 -23.44 2.97 -23.51
CA GLY B 277 -22.06 3.29 -23.76
C GLY B 277 -21.65 2.88 -25.17
N ILE B 278 -20.35 3.01 -25.43
CA ILE B 278 -19.88 2.80 -26.79
C ILE B 278 -19.77 1.31 -27.13
N PHE B 279 -19.64 0.42 -26.14
CA PHE B 279 -19.56 -0.99 -26.46
C PHE B 279 -20.95 -1.57 -26.70
N LYS B 280 -21.93 -1.17 -25.88
CA LYS B 280 -23.29 -1.61 -26.11
C LYS B 280 -23.87 -1.05 -27.39
N LYS B 281 -23.48 0.17 -27.76
CA LYS B 281 -23.98 0.75 -29.00
C LYS B 281 -23.36 0.08 -30.22
N ILE B 282 -22.06 -0.21 -30.18
CA ILE B 282 -21.42 -0.87 -31.30
C ILE B 282 -21.80 -2.35 -31.39
N ALA B 283 -22.23 -2.98 -30.29
CA ALA B 283 -22.65 -4.36 -30.35
C ALA B 283 -24.08 -4.48 -30.84
N LEU B 284 -24.93 -3.52 -30.48
CA LEU B 284 -26.28 -3.49 -31.02
C LEU B 284 -26.29 -3.04 -32.47
N ARG B 285 -25.35 -2.16 -32.86
CA ARG B 285 -25.25 -1.73 -34.24
C ARG B 285 -24.77 -2.87 -35.13
N ALA B 286 -23.87 -3.70 -34.61
CA ALA B 286 -23.39 -4.86 -35.36
C ALA B 286 -24.46 -5.94 -35.46
N LEU B 287 -25.26 -6.10 -34.40
CA LEU B 287 -26.32 -7.09 -34.42
C LEU B 287 -27.44 -6.69 -35.36
N VAL B 288 -27.85 -5.42 -35.33
CA VAL B 288 -28.96 -4.95 -36.13
C VAL B 288 -28.61 -4.97 -37.62
N LYS B 289 -27.41 -4.49 -37.97
CA LYS B 289 -26.97 -4.54 -39.36
C LYS B 289 -26.69 -5.97 -39.81
N GLY B 290 -26.34 -6.85 -38.87
CA GLY B 290 -26.21 -8.25 -39.22
C GLY B 290 -27.54 -8.93 -39.46
N LEU B 291 -28.58 -8.49 -38.76
CA LEU B 291 -29.93 -9.03 -38.97
C LEU B 291 -30.69 -8.32 -40.07
N PHE B 292 -30.32 -7.09 -40.40
CA PHE B 292 -30.98 -6.40 -41.52
C PHE B 292 -30.59 -7.02 -42.85
N GLU B 293 -29.40 -7.60 -42.95
CA GLU B 293 -28.93 -8.24 -44.17
C GLU B 293 -29.13 -9.75 -44.12
N LEU B 294 -29.92 -10.24 -43.19
CA LEU B 294 -30.26 -11.66 -43.06
C LEU B 294 -31.67 -11.87 -43.59
N GLU B 295 -31.91 -13.08 -44.10
CA GLU B 295 -33.10 -13.34 -44.91
C GLU B 295 -34.02 -14.37 -44.26
N ASP B 296 -34.20 -14.28 -42.95
CA ASP B 296 -35.01 -15.23 -42.20
C ASP B 296 -36.51 -15.05 -42.49
N ALA B 297 -36.93 -13.83 -42.82
CA ALA B 297 -38.28 -13.37 -43.14
C ALA B 297 -39.25 -13.39 -41.96
N THR B 298 -38.84 -13.88 -40.78
CA THR B 298 -39.53 -13.56 -39.55
C THR B 298 -39.00 -12.29 -38.92
N ILE B 299 -37.97 -11.68 -39.53
CA ILE B 299 -37.44 -10.41 -39.07
C ILE B 299 -38.37 -9.30 -39.49
N GLY B 300 -38.62 -8.36 -38.58
CA GLY B 300 -39.32 -7.15 -38.96
C GLY B 300 -38.32 -6.09 -39.40
N LYS B 301 -38.12 -5.99 -40.73
CA LYS B 301 -37.06 -5.13 -41.25
C LYS B 301 -37.36 -3.65 -41.06
N ASP B 302 -38.64 -3.28 -40.99
CA ASP B 302 -38.97 -1.88 -40.71
C ASP B 302 -38.64 -1.50 -39.28
N LYS B 303 -38.82 -2.43 -38.34
CA LYS B 303 -38.40 -2.20 -36.96
C LYS B 303 -36.89 -2.29 -36.81
N ILE B 304 -36.25 -3.14 -37.62
CA ILE B 304 -34.80 -3.33 -37.53
C ILE B 304 -34.08 -2.12 -38.11
N HIS B 305 -34.53 -1.63 -39.27
CA HIS B 305 -33.87 -0.48 -39.88
C HIS B 305 -34.11 0.80 -39.10
N ARG B 306 -35.26 0.92 -38.44
CA ARG B 306 -35.51 2.08 -37.60
C ARG B 306 -34.65 2.04 -36.34
N LEU B 307 -34.38 0.85 -35.81
CA LEU B 307 -33.45 0.72 -34.69
C LEU B 307 -32.03 1.05 -35.12
N TYR B 308 -31.68 0.79 -36.39
CA TYR B 308 -30.36 1.16 -36.89
C TYR B 308 -30.20 2.67 -37.00
N ILE B 309 -31.29 3.40 -37.28
CA ILE B 309 -31.23 4.85 -37.31
C ILE B 309 -31.02 5.40 -35.91
N LEU B 310 -31.70 4.82 -34.91
CA LEU B 310 -31.56 5.27 -33.53
C LEU B 310 -30.22 4.90 -32.92
N LEU B 311 -29.49 3.97 -33.52
CA LEU B 311 -28.16 3.60 -33.05
C LEU B 311 -27.04 4.34 -33.76
N THR B 312 -27.37 5.14 -34.78
CA THR B 312 -26.38 5.91 -35.53
C THR B 312 -26.63 7.41 -35.45
N LYS B 313 -27.49 7.87 -34.54
CA LYS B 313 -27.74 9.30 -34.41
C LYS B 313 -26.57 9.99 -33.73
N LYS B 314 -26.07 11.04 -34.37
CA LYS B 314 -24.91 11.75 -33.85
C LYS B 314 -25.23 12.58 -32.62
N GLU B 315 -26.49 12.90 -32.40
CA GLU B 315 -26.98 13.66 -31.27
C GLU B 315 -27.55 12.74 -30.21
N PRO B 316 -27.71 13.23 -28.97
CA PRO B 316 -28.54 12.52 -28.00
C PRO B 316 -29.97 12.39 -28.49
N LEU B 317 -30.61 11.28 -28.12
CA LEU B 317 -31.93 10.96 -28.63
C LEU B 317 -33.00 11.80 -27.94
N SER B 318 -34.08 12.04 -28.67
CA SER B 318 -35.25 12.68 -28.10
C SER B 318 -35.90 11.76 -27.06
N PRO B 319 -36.61 12.32 -26.07
CA PRO B 319 -37.39 11.47 -25.17
C PRO B 319 -38.50 10.70 -25.86
N THR B 320 -39.07 11.25 -26.93
CA THR B 320 -39.91 10.45 -27.82
C THR B 320 -39.10 9.34 -28.48
N GLU B 321 -37.91 9.66 -28.97
CA GLU B 321 -37.09 8.66 -29.63
C GLU B 321 -36.46 7.69 -28.65
N TYR B 322 -36.28 8.10 -27.39
CA TYR B 322 -35.74 7.18 -26.38
C TYR B 322 -36.73 6.09 -26.04
N GLU B 323 -38.04 6.39 -26.12
CA GLU B 323 -39.04 5.36 -25.88
C GLU B 323 -39.12 4.39 -27.05
N GLU B 324 -38.99 4.90 -28.27
CA GLU B 324 -38.98 4.03 -29.45
C GLU B 324 -37.72 3.17 -29.48
N TYR B 325 -36.59 3.73 -29.04
CA TYR B 325 -35.33 3.00 -29.00
C TYR B 325 -35.40 1.85 -28.00
N LEU B 326 -36.05 2.06 -26.85
CA LEU B 326 -36.28 0.97 -25.91
C LEU B 326 -37.33 -0.01 -26.41
N ARG B 327 -38.30 0.45 -27.21
CA ARG B 327 -39.28 -0.45 -27.80
C ARG B 327 -38.64 -1.37 -28.82
N LEU B 328 -37.75 -0.84 -29.65
CA LEU B 328 -37.12 -1.66 -30.68
C LEU B 328 -35.99 -2.52 -30.12
N LYS B 329 -35.33 -2.06 -29.05
CA LYS B 329 -34.38 -2.92 -28.35
C LYS B 329 -35.09 -4.08 -27.67
N ARG B 330 -36.32 -3.85 -27.19
CA ARG B 330 -37.13 -4.92 -26.65
C ARG B 330 -37.53 -5.91 -27.73
N TYR B 331 -37.89 -5.42 -28.92
CA TYR B 331 -38.28 -6.28 -30.02
C TYR B 331 -37.09 -7.06 -30.56
N LEU B 332 -35.90 -6.46 -30.54
CA LEU B 332 -34.70 -7.11 -31.07
C LEU B 332 -34.31 -8.34 -30.24
N TRP B 333 -34.48 -8.27 -28.93
CA TRP B 333 -34.03 -9.35 -28.07
C TRP B 333 -35.07 -10.44 -27.86
N GLU B 334 -36.35 -10.17 -28.19
CA GLU B 334 -37.27 -11.29 -28.40
C GLU B 334 -37.03 -11.96 -29.74
N LEU B 335 -36.57 -11.19 -30.73
CA LEU B 335 -36.28 -11.74 -32.04
C LEU B 335 -35.02 -12.60 -32.01
N VAL B 336 -33.97 -12.10 -31.36
CA VAL B 336 -32.72 -12.86 -31.22
C VAL B 336 -32.94 -14.10 -30.38
N GLY B 337 -33.72 -13.99 -29.31
CA GLY B 337 -34.09 -15.14 -28.50
C GLY B 337 -34.96 -16.16 -29.20
N GLY B 338 -35.57 -15.80 -30.34
CA GLY B 338 -36.36 -16.74 -31.10
C GLY B 338 -35.62 -17.31 -32.30
N LEU B 339 -34.60 -16.59 -32.77
CA LEU B 339 -33.83 -17.05 -33.91
C LEU B 339 -32.93 -18.22 -33.53
N PRO B 340 -32.64 -19.13 -34.46
CA PRO B 340 -31.72 -20.22 -34.17
C PRO B 340 -30.28 -19.72 -34.08
N LYS B 341 -29.41 -20.61 -33.58
CA LYS B 341 -28.01 -20.26 -33.38
C LYS B 341 -27.22 -20.23 -34.68
N ASP B 342 -27.58 -21.07 -35.65
CA ASP B 342 -26.77 -21.18 -36.86
C ASP B 342 -26.98 -20.01 -37.81
N LYS B 343 -28.15 -19.37 -37.77
CA LYS B 343 -28.37 -18.19 -38.59
C LYS B 343 -27.78 -16.93 -37.97
N LEU B 344 -27.59 -16.92 -36.66
CA LEU B 344 -26.87 -15.83 -35.99
C LEU B 344 -25.35 -15.96 -36.12
N LYS B 345 -24.86 -17.05 -36.71
CA LYS B 345 -23.42 -17.26 -36.83
C LYS B 345 -22.81 -16.32 -37.86
N ASN B 346 -23.30 -16.36 -39.09
CA ASN B 346 -22.71 -15.60 -40.19
C ASN B 346 -23.47 -14.30 -40.42
N LEU B 347 -23.30 -13.38 -39.48
CA LEU B 347 -23.78 -12.01 -39.69
C LEU B 347 -22.84 -11.31 -40.66
N THR B 348 -23.44 -10.63 -41.66
CA THR B 348 -22.66 -10.25 -42.85
C THR B 348 -21.71 -9.08 -42.62
N PRO B 349 -22.14 -7.89 -42.16
CA PRO B 349 -21.14 -6.80 -42.12
C PRO B 349 -20.31 -6.84 -40.85
N LYS B 350 -18.99 -6.80 -41.02
CA LYS B 350 -18.09 -6.82 -39.88
C LYS B 350 -17.99 -5.44 -39.25
N PHE B 351 -18.12 -5.39 -37.93
CA PHE B 351 -18.00 -4.15 -37.18
C PHE B 351 -16.76 -4.19 -36.31
N TYR B 352 -16.25 -3.01 -35.98
CA TYR B 352 -14.99 -2.90 -35.27
C TYR B 352 -15.10 -1.92 -34.13
N LEU B 353 -14.27 -2.13 -33.10
CA LEU B 353 -14.12 -1.18 -32.01
C LEU B 353 -12.63 -1.13 -31.69
N ILE B 354 -11.98 -0.05 -32.15
CA ILE B 354 -10.56 0.13 -31.87
C ILE B 354 -10.44 0.74 -30.47
N ILE B 355 -9.87 -0.03 -29.55
CA ILE B 355 -9.64 0.44 -28.19
C ILE B 355 -8.15 0.75 -28.08
N ASP B 356 -7.81 2.02 -28.22
CA ASP B 356 -6.43 2.44 -28.08
C ASP B 356 -6.08 2.54 -26.60
N GLU B 357 -4.84 2.14 -26.27
CA GLU B 357 -4.32 2.05 -24.90
C GLU B 357 -5.23 1.19 -24.04
N ILE B 358 -5.44 -0.05 -24.50
CA ILE B 358 -6.38 -0.97 -23.87
C ILE B 358 -5.89 -1.41 -22.48
N ASN B 359 -4.59 -1.35 -22.22
CA ASN B 359 -4.04 -1.68 -20.92
C ASN B 359 -4.10 -0.52 -19.93
N ARG B 360 -4.60 0.65 -20.34
CA ARG B 360 -4.64 1.80 -19.47
C ARG B 360 -5.91 1.91 -18.64
N GLY B 361 -6.96 1.21 -19.04
CA GLY B 361 -8.16 1.12 -18.25
C GLY B 361 -8.26 -0.21 -17.55
N ASN B 362 -8.88 -0.21 -16.37
CA ASN B 362 -9.07 -1.44 -15.61
C ASN B 362 -10.21 -2.23 -16.27
N ILE B 363 -9.87 -3.38 -16.85
CA ILE B 363 -10.81 -4.16 -17.66
C ILE B 363 -11.91 -4.75 -16.79
N SER B 364 -11.64 -4.98 -15.50
CA SER B 364 -12.64 -5.55 -14.61
C SER B 364 -13.76 -4.56 -14.31
N LYS B 365 -13.43 -3.27 -14.21
CA LYS B 365 -14.46 -2.27 -13.95
C LYS B 365 -15.01 -1.64 -15.21
N ILE B 366 -14.36 -1.81 -16.35
CA ILE B 366 -14.83 -1.21 -17.60
C ILE B 366 -15.77 -2.18 -18.27
N PHE B 367 -15.31 -3.40 -18.53
CA PHE B 367 -16.17 -4.41 -19.15
C PHE B 367 -17.16 -4.99 -18.16
N GLY B 368 -16.83 -4.98 -16.87
CA GLY B 368 -17.70 -5.61 -15.89
C GLY B 368 -17.55 -7.12 -15.99
N GLU B 369 -18.68 -7.81 -16.01
CA GLU B 369 -18.70 -9.25 -16.20
C GLU B 369 -18.80 -9.65 -17.67
N LEU B 370 -18.78 -8.68 -18.58
CA LEU B 370 -19.06 -8.92 -19.99
C LEU B 370 -17.79 -9.18 -20.80
N ILE B 371 -16.66 -9.38 -20.14
CA ILE B 371 -15.45 -9.77 -20.86
C ILE B 371 -15.51 -11.24 -21.29
N THR B 372 -16.38 -12.03 -20.67
CA THR B 372 -16.51 -13.43 -21.05
C THR B 372 -17.36 -13.57 -22.31
N LEU B 373 -18.18 -12.56 -22.63
CA LEU B 373 -18.97 -12.57 -23.85
C LEU B 373 -18.14 -12.35 -25.11
N LEU B 374 -16.89 -11.93 -24.97
CA LEU B 374 -16.02 -11.72 -26.12
C LEU B 374 -15.43 -13.02 -26.65
N GLU B 375 -15.62 -14.14 -25.96
CA GLU B 375 -15.16 -15.42 -26.47
C GLU B 375 -15.92 -15.83 -27.73
N LYS B 376 -15.24 -16.59 -28.58
CA LYS B 376 -15.78 -16.98 -29.88
C LYS B 376 -17.01 -17.89 -29.71
N ASP B 377 -16.96 -18.80 -28.75
CA ASP B 377 -18.12 -19.66 -28.50
C ASP B 377 -19.22 -18.94 -27.74
N LYS B 378 -18.86 -17.95 -26.92
CA LYS B 378 -19.85 -17.24 -26.11
C LYS B 378 -20.48 -16.08 -26.84
N ARG B 379 -20.18 -15.86 -28.11
CA ARG B 379 -20.80 -14.79 -28.86
C ARG B 379 -22.17 -15.24 -29.37
N LEU B 380 -22.89 -14.31 -30.00
CA LEU B 380 -24.29 -14.51 -30.36
C LEU B 380 -24.37 -15.40 -31.59
N GLY B 381 -24.31 -16.70 -31.35
CA GLY B 381 -24.38 -17.68 -32.42
C GLY B 381 -23.46 -18.86 -32.20
N GLY B 382 -22.51 -18.71 -31.28
CA GLY B 382 -21.53 -19.75 -31.02
C GLY B 382 -22.11 -20.93 -30.27
N GLU B 383 -21.19 -21.79 -29.83
CA GLU B 383 -21.59 -23.02 -29.14
C GLU B 383 -22.14 -22.73 -27.75
N ASN B 384 -21.35 -22.05 -26.93
CA ASN B 384 -21.79 -21.66 -25.59
C ASN B 384 -22.35 -20.24 -25.57
N GLN B 385 -23.34 -19.97 -26.43
CA GLN B 385 -23.86 -18.62 -26.62
C GLN B 385 -24.57 -18.13 -25.37
N LEU B 386 -24.11 -17.01 -24.84
CA LEU B 386 -24.61 -16.45 -23.59
C LEU B 386 -25.24 -15.10 -23.85
N ILE B 387 -26.48 -14.92 -23.39
CA ILE B 387 -27.18 -13.65 -23.48
C ILE B 387 -27.42 -13.19 -22.05
N VAL B 388 -26.58 -12.29 -21.57
CA VAL B 388 -26.65 -11.81 -20.20
C VAL B 388 -27.70 -10.72 -20.09
N ARG B 389 -28.04 -10.34 -18.86
CA ARG B 389 -28.85 -9.18 -18.58
C ARG B 389 -27.97 -8.08 -18.02
N LEU B 390 -28.36 -6.88 -18.25
CA LEU B 390 -27.58 -5.73 -17.88
C LEU B 390 -28.09 -5.14 -16.56
N PRO B 391 -27.21 -4.65 -15.70
CA PRO B 391 -27.62 -4.37 -14.31
C PRO B 391 -28.50 -3.15 -14.14
N TYR B 392 -28.42 -2.15 -15.02
CA TYR B 392 -29.15 -0.91 -14.81
C TYR B 392 -30.44 -0.84 -15.61
N SER B 393 -30.43 -1.29 -16.85
CA SER B 393 -31.63 -1.25 -17.68
C SER B 393 -32.37 -2.58 -17.73
N GLY B 394 -31.65 -3.69 -17.60
CA GLY B 394 -32.29 -4.98 -17.67
C GLY B 394 -32.61 -5.46 -19.06
N GLU B 395 -32.07 -4.78 -20.15
CA GLU B 395 -32.29 -5.46 -21.41
C GLU B 395 -31.31 -6.62 -21.56
N PRO B 396 -31.62 -7.60 -22.40
CA PRO B 396 -30.61 -8.61 -22.74
C PRO B 396 -29.46 -7.99 -23.51
N PHE B 397 -28.31 -8.64 -23.41
CA PHE B 397 -27.12 -8.19 -24.13
C PHE B 397 -26.26 -9.37 -24.47
N ALA B 398 -25.75 -9.38 -25.70
CA ALA B 398 -24.81 -10.40 -26.16
C ALA B 398 -23.93 -9.77 -27.21
N VAL B 399 -22.66 -10.17 -27.22
CA VAL B 399 -21.72 -9.67 -28.23
C VAL B 399 -21.98 -10.44 -29.52
N PRO B 400 -22.27 -9.77 -30.63
CA PRO B 400 -22.48 -10.45 -31.90
C PRO B 400 -21.17 -10.96 -32.45
N PRO B 401 -21.21 -11.94 -33.38
CA PRO B 401 -19.96 -12.47 -33.93
C PRO B 401 -19.31 -11.57 -34.97
N ASN B 402 -20.02 -10.58 -35.50
CA ASN B 402 -19.45 -9.68 -36.48
C ASN B 402 -18.95 -8.38 -35.87
N LEU B 403 -18.76 -8.36 -34.56
CA LEU B 403 -18.16 -7.24 -33.85
C LEU B 403 -16.76 -7.66 -33.42
N TYR B 404 -15.76 -6.88 -33.81
CA TYR B 404 -14.36 -7.20 -33.54
C TYR B 404 -13.73 -6.10 -32.73
N ILE B 405 -12.79 -6.47 -31.86
CA ILE B 405 -12.08 -5.52 -31.02
C ILE B 405 -10.62 -5.56 -31.39
N ILE B 406 -10.05 -4.39 -31.69
CA ILE B 406 -8.63 -4.28 -31.97
C ILE B 406 -8.05 -3.35 -30.92
N GLY B 407 -7.35 -3.93 -29.95
CA GLY B 407 -6.65 -3.14 -28.96
C GLY B 407 -5.25 -2.77 -29.43
N THR B 408 -4.80 -1.61 -29.00
CA THR B 408 -3.40 -1.23 -29.13
C THR B 408 -2.85 -1.02 -27.73
N MET B 409 -1.64 -1.51 -27.49
CA MET B 409 -1.12 -1.53 -26.13
C MET B 409 0.38 -1.27 -26.15
N ASN B 410 0.82 -0.35 -25.30
CA ASN B 410 2.24 -0.18 -25.04
C ASN B 410 2.75 -1.27 -24.10
N THR B 411 3.91 -1.83 -24.43
CA THR B 411 4.55 -2.82 -23.57
C THR B 411 5.87 -2.34 -23.00
N ALA B 412 6.23 -1.07 -23.23
CA ALA B 412 7.44 -0.55 -22.60
C ALA B 412 7.24 -0.32 -21.11
N ASP B 413 6.05 0.13 -20.72
CA ASP B 413 5.78 0.35 -19.30
C ASP B 413 5.57 -0.98 -18.56
N ARG B 414 4.55 -1.74 -18.97
CA ARG B 414 4.27 -3.04 -18.41
C ARG B 414 4.06 -4.03 -19.55
N SER B 415 4.64 -5.21 -19.40
CA SER B 415 4.74 -6.18 -20.48
C SER B 415 3.43 -6.97 -20.60
N ILE B 416 3.44 -7.97 -21.49
CA ILE B 416 2.28 -8.84 -21.65
C ILE B 416 2.09 -9.72 -20.41
N ALA B 417 3.20 -10.11 -19.77
CA ALA B 417 3.14 -10.99 -18.61
C ALA B 417 2.54 -10.32 -17.38
N LEU B 418 2.45 -9.00 -17.36
CA LEU B 418 1.83 -8.28 -16.25
C LEU B 418 0.52 -7.62 -16.66
N LEU B 419 -0.09 -8.08 -17.75
CA LEU B 419 -1.38 -7.58 -18.18
C LEU B 419 -2.49 -8.13 -17.29
N ASP B 420 -3.68 -7.55 -17.42
CA ASP B 420 -4.89 -8.12 -16.84
C ASP B 420 -5.12 -9.51 -17.40
N VAL B 421 -5.54 -10.43 -16.52
CA VAL B 421 -5.73 -11.83 -16.90
C VAL B 421 -6.95 -11.99 -17.81
N ALA B 422 -7.86 -11.01 -17.83
CA ALA B 422 -8.98 -11.06 -18.75
C ALA B 422 -8.54 -10.72 -20.18
N LEU B 423 -7.44 -9.99 -20.33
CA LEU B 423 -6.97 -9.63 -21.67
C LEU B 423 -6.06 -10.70 -22.27
N ARG B 424 -5.32 -11.43 -21.43
CA ARG B 424 -4.29 -12.32 -21.95
C ARG B 424 -4.85 -13.59 -22.56
N ARG B 425 -6.10 -13.94 -22.25
CA ARG B 425 -6.68 -15.16 -22.78
C ARG B 425 -7.84 -14.92 -23.76
N ARG B 426 -8.63 -13.88 -23.55
CA ARG B 426 -9.71 -13.57 -24.48
C ARG B 426 -9.21 -12.96 -25.79
N PHE B 427 -8.07 -12.29 -25.78
CA PHE B 427 -7.60 -11.50 -26.90
C PHE B 427 -6.40 -12.18 -27.55
N ALA B 428 -6.33 -12.09 -28.88
CA ALA B 428 -5.13 -12.47 -29.60
C ALA B 428 -4.10 -11.34 -29.51
N PHE B 429 -2.83 -11.69 -29.70
CA PHE B 429 -1.75 -10.74 -29.48
C PHE B 429 -0.82 -10.75 -30.68
N ILE B 430 -0.66 -9.58 -31.30
CA ILE B 430 0.26 -9.38 -32.40
C ILE B 430 1.31 -8.37 -31.96
N GLU B 431 2.57 -8.77 -31.97
CA GLU B 431 3.65 -7.84 -31.66
C GLU B 431 3.90 -6.96 -32.87
N VAL B 432 3.61 -5.67 -32.72
CA VAL B 432 4.04 -4.67 -33.69
C VAL B 432 5.42 -4.21 -33.23
N GLU B 433 6.44 -4.70 -33.89
CA GLU B 433 7.82 -4.44 -33.55
C GLU B 433 8.31 -3.19 -34.28
N PRO B 434 9.40 -2.58 -33.82
CA PRO B 434 10.01 -1.49 -34.61
C PRO B 434 10.56 -2.02 -35.91
N ARG B 435 10.23 -1.34 -37.00
CA ARG B 435 10.70 -1.72 -38.32
C ARG B 435 11.61 -0.61 -38.83
N PRO B 436 12.93 -0.73 -38.64
CA PRO B 436 13.84 0.30 -39.15
C PRO B 436 13.97 0.33 -40.67
N GLU B 437 13.46 -0.68 -41.38
CA GLU B 437 13.48 -0.67 -42.82
C GLU B 437 12.55 0.37 -43.43
N PHE B 438 11.65 0.95 -42.65
CA PHE B 438 10.89 2.10 -43.11
C PHE B 438 11.78 3.33 -43.27
N LEU B 439 12.86 3.41 -42.49
CA LEU B 439 13.75 4.55 -42.47
C LEU B 439 14.81 4.49 -43.56
N GLU B 440 14.74 3.53 -44.47
CA GLU B 440 15.54 3.61 -45.69
C GLU B 440 15.00 4.75 -46.55
N LYS B 441 15.88 5.27 -47.41
CA LYS B 441 15.58 6.50 -48.16
C LYS B 441 14.44 6.29 -49.14
N GLU B 442 14.43 5.14 -49.83
CA GLU B 442 13.33 4.85 -50.75
C GLU B 442 12.04 4.56 -49.99
N ASN B 443 12.12 3.91 -48.84
CA ASN B 443 10.94 3.63 -48.04
C ASN B 443 10.50 4.83 -47.20
N LEU B 444 11.37 5.80 -46.99
CA LEU B 444 10.95 7.05 -46.35
C LEU B 444 10.24 7.97 -47.33
N LYS B 445 10.54 7.84 -48.62
CA LYS B 445 9.78 8.58 -49.63
C LYS B 445 8.37 8.03 -49.76
N LYS B 446 8.25 6.71 -49.91
CA LYS B 446 6.96 6.08 -50.19
C LYS B 446 5.97 6.22 -49.04
N ILE B 447 6.48 6.36 -47.81
CA ILE B 447 5.60 6.64 -46.68
C ILE B 447 5.09 8.08 -46.76
N ARG B 448 5.96 9.02 -47.08
CA ARG B 448 5.62 10.43 -47.03
C ARG B 448 5.14 11.00 -48.35
N GLU B 449 5.33 10.29 -49.47
CA GLU B 449 4.77 10.75 -50.74
C GLU B 449 3.28 10.50 -50.83
N LYS B 450 2.74 9.56 -50.05
CA LYS B 450 1.31 9.32 -50.07
C LYS B 450 0.53 10.42 -49.37
N LYS B 451 1.13 11.04 -48.36
CA LYS B 451 0.45 12.07 -47.56
C LYS B 451 0.58 13.46 -48.18
N LEU B 452 1.17 13.58 -49.36
CA LEU B 452 1.36 14.87 -50.00
C LEU B 452 0.82 14.83 -51.42
N LYS B 453 0.61 16.03 -51.97
CA LYS B 453 0.33 16.17 -53.38
C LYS B 453 1.63 16.17 -54.18
N THR B 454 1.51 16.03 -55.49
CA THR B 454 2.69 15.97 -56.34
C THR B 454 3.38 17.33 -56.50
N GLU B 455 2.72 18.42 -56.11
CA GLU B 455 3.40 19.71 -56.05
C GLU B 455 4.41 19.77 -54.93
N ASP B 456 4.19 19.00 -53.86
CA ASP B 456 5.10 18.96 -52.71
C ASP B 456 5.81 17.63 -52.59
N ARG B 457 5.60 16.71 -53.54
CA ARG B 457 6.34 15.46 -53.54
C ARG B 457 7.79 15.69 -53.92
N LYS B 458 8.02 16.41 -55.02
CA LYS B 458 9.36 16.68 -55.50
C LYS B 458 10.15 17.64 -54.61
N ARG B 459 9.46 18.44 -53.79
CA ARG B 459 10.17 19.27 -52.82
C ARG B 459 10.71 18.43 -51.67
N LEU B 460 10.08 17.29 -51.39
CA LEU B 460 10.58 16.40 -50.35
C LEU B 460 11.68 15.47 -50.86
N ASN B 461 11.68 15.12 -52.14
CA ASN B 461 12.79 14.32 -52.67
C ASN B 461 14.06 15.14 -52.82
N GLU B 462 13.95 16.45 -52.98
CA GLU B 462 15.14 17.30 -52.90
C GLU B 462 15.43 17.75 -51.48
N LYS B 463 14.72 17.21 -50.49
CA LYS B 463 15.14 17.38 -49.10
C LYS B 463 15.73 16.09 -48.54
N LEU B 464 15.26 14.94 -49.02
CA LEU B 464 15.79 13.64 -48.60
C LEU B 464 17.02 13.22 -49.39
N ASN B 465 17.19 13.68 -50.63
CA ASN B 465 18.45 13.49 -51.31
C ASN B 465 19.54 14.33 -50.64
N GLU B 466 19.19 15.52 -50.17
CA GLU B 466 20.08 16.36 -49.40
C GLU B 466 19.97 16.14 -47.90
N LEU B 467 19.35 15.03 -47.48
CA LEU B 467 19.50 14.50 -46.13
C LEU B 467 20.45 13.32 -46.08
N PHE B 468 20.35 12.41 -47.06
CA PHE B 468 21.24 11.28 -47.16
C PHE B 468 22.50 11.60 -47.93
N SER B 469 22.71 12.86 -48.31
CA SER B 469 24.01 13.30 -48.81
C SER B 469 24.89 13.83 -47.69
N LYS B 470 24.28 14.35 -46.62
CA LYS B 470 25.02 14.65 -45.40
C LYS B 470 25.24 13.40 -44.55
N LEU B 471 24.39 12.39 -44.72
CA LEU B 471 24.47 11.12 -44.01
C LEU B 471 25.36 10.13 -44.76
N GLY B 472 26.56 10.58 -45.13
CA GLY B 472 27.35 9.83 -46.10
C GLY B 472 26.64 9.87 -47.44
N ASN B 473 26.58 8.71 -48.10
CA ASN B 473 25.66 8.51 -49.22
C ASN B 473 24.86 7.23 -49.01
N ASP B 474 24.78 6.75 -47.77
CA ASP B 474 24.13 5.50 -47.45
C ASP B 474 22.64 5.73 -47.26
N ASN B 475 21.83 5.09 -48.09
CA ASN B 475 20.38 5.17 -47.96
C ASN B 475 19.85 4.37 -46.77
N TYR B 476 20.68 3.53 -46.15
CA TYR B 476 20.29 2.70 -45.02
C TYR B 476 20.87 3.23 -43.72
N PHE B 477 21.11 4.55 -43.65
CA PHE B 477 21.70 5.15 -42.45
C PHE B 477 20.74 5.10 -41.27
N LEU B 478 19.56 5.70 -41.42
CA LEU B 478 18.58 5.71 -40.33
C LEU B 478 18.00 4.32 -40.06
N LYS B 479 18.02 3.44 -41.05
CA LYS B 479 17.71 2.04 -40.80
C LYS B 479 18.74 1.41 -39.87
N THR B 480 20.03 1.58 -40.19
CA THR B 480 21.08 1.02 -39.36
C THR B 480 21.22 1.76 -38.04
N LEU B 481 20.90 3.06 -38.02
CA LEU B 481 20.94 3.82 -36.78
C LEU B 481 19.89 3.33 -35.79
N LEU B 482 18.69 3.02 -36.27
CA LEU B 482 17.66 2.51 -35.38
C LEU B 482 17.94 1.08 -34.96
N GLU B 483 18.39 0.23 -35.90
CA GLU B 483 18.52 -1.18 -35.57
C GLU B 483 19.78 -1.48 -34.76
N LYS B 484 20.85 -0.69 -34.90
CA LYS B 484 22.01 -0.90 -34.05
C LYS B 484 21.72 -0.44 -32.63
N ILE B 485 20.92 0.61 -32.48
CA ILE B 485 20.51 1.05 -31.16
C ILE B 485 19.53 0.05 -30.55
N ASN B 486 18.56 -0.40 -31.34
CA ASN B 486 17.47 -1.22 -30.80
C ASN B 486 17.94 -2.62 -30.41
N VAL B 487 18.92 -3.18 -31.12
CA VAL B 487 19.55 -4.42 -30.68
C VAL B 487 20.25 -4.21 -29.34
N ARG B 488 20.92 -3.06 -29.19
CA ARG B 488 21.60 -2.76 -27.94
C ARG B 488 20.63 -2.45 -26.80
N ILE B 489 19.38 -2.08 -27.09
CA ILE B 489 18.38 -1.96 -26.03
C ILE B 489 17.96 -3.34 -25.55
N THR B 490 17.81 -4.30 -26.47
CA THR B 490 17.40 -5.67 -26.11
C THR B 490 18.45 -6.36 -25.25
N VAL B 491 19.73 -6.01 -25.42
CA VAL B 491 20.78 -6.65 -24.65
C VAL B 491 20.72 -6.24 -23.18
N VAL B 492 20.50 -4.94 -22.92
CA VAL B 492 20.50 -4.45 -21.54
C VAL B 492 19.11 -4.44 -20.94
N LYS B 493 18.09 -3.92 -21.62
CA LYS B 493 16.78 -3.89 -20.98
C LYS B 493 15.89 -5.06 -21.35
N ASP B 494 15.38 -5.06 -22.59
CA ASP B 494 14.48 -6.06 -23.17
C ASP B 494 14.12 -5.61 -24.57
N ARG B 495 13.40 -6.47 -25.29
CA ARG B 495 12.82 -6.09 -26.58
C ARG B 495 11.66 -5.11 -26.44
N ASP B 496 11.01 -5.06 -25.28
CA ASP B 496 9.82 -4.23 -25.12
C ASP B 496 10.15 -2.74 -25.02
N HIS B 497 11.40 -2.40 -24.72
CA HIS B 497 11.80 -1.01 -24.56
C HIS B 497 12.51 -0.47 -25.79
N ARG B 498 12.34 -1.10 -26.94
CA ARG B 498 12.99 -0.65 -28.16
C ARG B 498 12.40 0.67 -28.64
N ILE B 499 13.17 1.38 -29.46
CA ILE B 499 12.75 2.66 -30.01
C ILE B 499 11.97 2.39 -31.29
N GLY B 500 10.74 2.91 -31.36
CA GLY B 500 9.95 2.78 -32.57
C GLY B 500 10.48 3.62 -33.71
N HIS B 501 10.06 3.27 -34.91
CA HIS B 501 10.51 3.97 -36.11
C HIS B 501 9.81 5.29 -36.33
N SER B 502 8.75 5.59 -35.57
CA SER B 502 7.98 6.82 -35.79
C SER B 502 8.71 8.06 -35.30
N TYR B 503 9.80 7.91 -34.55
CA TYR B 503 10.61 9.06 -34.16
C TYR B 503 11.33 9.63 -35.37
N PHE B 504 11.95 8.77 -36.18
CA PHE B 504 12.76 9.17 -37.31
C PHE B 504 11.97 9.17 -38.62
N LEU B 505 10.65 9.24 -38.54
CA LEU B 505 9.83 9.00 -39.71
C LEU B 505 9.41 10.28 -40.41
N ASN B 506 9.37 11.40 -39.69
CA ASN B 506 9.12 12.72 -40.29
C ASN B 506 10.41 13.52 -40.45
N VAL B 507 11.56 12.84 -40.50
CA VAL B 507 12.84 13.52 -40.59
C VAL B 507 13.14 13.84 -42.04
N GLU B 508 13.33 15.13 -42.35
CA GLU B 508 13.67 15.57 -43.68
C GLU B 508 15.06 16.15 -43.80
N THR B 509 15.63 16.65 -42.70
CA THR B 509 16.94 17.28 -42.70
C THR B 509 17.78 16.69 -41.58
N VAL B 510 19.04 17.13 -41.52
CA VAL B 510 19.90 16.77 -40.40
C VAL B 510 19.45 17.48 -39.14
N GLU B 511 18.95 18.72 -39.28
CA GLU B 511 18.39 19.44 -38.15
C GLU B 511 17.10 18.79 -37.67
N ASP B 512 16.37 18.11 -38.55
CA ASP B 512 15.24 17.29 -38.12
C ASP B 512 15.72 16.06 -37.36
N LEU B 513 16.80 15.44 -37.85
CA LEU B 513 17.40 14.30 -37.17
C LEU B 513 18.07 14.72 -35.86
N HIS B 514 18.60 15.94 -35.82
CA HIS B 514 19.18 16.48 -34.61
C HIS B 514 18.13 16.72 -33.54
N HIS B 515 16.96 17.24 -33.95
CA HIS B 515 15.91 17.53 -32.99
C HIS B 515 15.21 16.27 -32.52
N VAL B 516 15.19 15.22 -33.34
CA VAL B 516 14.67 13.93 -32.89
C VAL B 516 15.62 13.32 -31.86
N TRP B 517 16.92 13.48 -32.09
CA TRP B 517 17.93 12.87 -31.25
C TRP B 517 17.96 13.49 -29.85
N TYR B 518 18.16 14.80 -29.76
CA TYR B 518 18.41 15.43 -28.48
C TYR B 518 17.14 15.76 -27.70
N TYR B 519 15.96 15.61 -28.30
CA TYR B 519 14.73 15.96 -27.61
C TYR B 519 13.71 14.84 -27.54
N GLU B 520 13.91 13.75 -28.28
CA GLU B 520 13.11 12.54 -28.12
C GLU B 520 13.94 11.33 -27.73
N VAL B 521 15.04 11.06 -28.44
CA VAL B 521 15.73 9.78 -28.29
C VAL B 521 16.56 9.74 -27.02
N LEU B 522 17.53 10.64 -26.90
CA LEU B 522 18.35 10.75 -25.70
C LEU B 522 17.62 11.16 -24.43
N PRO B 523 16.55 11.97 -24.45
CA PRO B 523 15.70 12.04 -23.24
C PRO B 523 15.06 10.71 -22.88
N LEU B 524 14.74 9.87 -23.86
CA LEU B 524 14.19 8.55 -23.57
C LEU B 524 15.27 7.60 -23.08
N LEU B 525 16.46 7.65 -23.69
CA LEU B 525 17.54 6.76 -23.28
C LEU B 525 18.11 7.13 -21.92
N MET B 526 18.04 8.41 -21.55
CA MET B 526 18.47 8.81 -20.21
C MET B 526 17.41 8.51 -19.16
N GLU B 527 16.17 8.27 -19.55
CA GLU B 527 15.17 7.73 -18.64
C GLU B 527 15.16 6.22 -18.63
N TYR B 528 15.64 5.58 -19.70
CA TYR B 528 15.85 4.13 -19.68
C TYR B 528 16.96 3.77 -18.71
N PHE B 529 18.13 4.36 -18.91
CA PHE B 529 19.30 4.12 -18.07
C PHE B 529 19.54 5.42 -17.31
N TYR B 530 18.84 5.57 -16.19
CA TYR B 530 18.92 6.76 -15.37
C TYR B 530 20.08 6.63 -14.40
N ASN B 531 20.99 7.62 -14.42
CA ASN B 531 22.21 7.65 -13.62
C ASN B 531 23.08 6.42 -13.85
N ASP B 532 23.06 5.90 -15.07
CA ASP B 532 23.72 4.65 -15.43
C ASP B 532 24.45 4.95 -16.74
N TRP B 533 25.69 5.42 -16.61
CA TRP B 533 26.36 6.10 -17.71
C TRP B 533 27.04 5.14 -18.67
N GLU B 534 27.64 4.06 -18.16
CA GLU B 534 28.36 3.17 -19.05
C GLU B 534 27.43 2.28 -19.87
N THR B 535 26.18 2.10 -19.43
CA THR B 535 25.21 1.39 -20.25
C THR B 535 24.78 2.25 -21.43
N ILE B 536 24.43 3.51 -21.18
CA ILE B 536 23.95 4.38 -22.24
C ILE B 536 25.09 4.78 -23.18
N LYS B 537 26.33 4.77 -22.71
CA LYS B 537 27.45 4.93 -23.63
C LYS B 537 27.73 3.67 -24.43
N TRP B 538 27.34 2.50 -23.91
CA TRP B 538 27.46 1.28 -24.69
C TRP B 538 26.35 1.18 -25.74
N VAL B 539 25.16 1.67 -25.39
CA VAL B 539 24.05 1.70 -26.34
C VAL B 539 24.37 2.64 -27.50
N LEU B 540 25.01 3.77 -27.21
CA LEU B 540 25.42 4.71 -28.24
C LEU B 540 26.79 4.39 -28.83
N ASN B 541 27.32 3.19 -28.55
CA ASN B 541 28.58 2.66 -29.11
C ASN B 541 29.77 3.57 -28.80
N GLU B 542 29.75 4.26 -27.66
CA GLU B 542 30.81 5.18 -27.30
C GLU B 542 31.40 4.85 -25.94
N LYS B 543 31.20 3.64 -25.44
CA LYS B 543 31.79 3.24 -24.17
C LYS B 543 33.29 3.05 -24.33
N GLY B 544 34.07 3.85 -23.62
CA GLY B 544 35.51 3.85 -23.77
C GLY B 544 36.00 5.15 -24.34
N LYS B 545 35.23 5.72 -25.27
CA LYS B 545 35.54 7.02 -25.86
C LYS B 545 34.94 8.09 -24.96
N GLU B 546 35.79 8.81 -24.24
CA GLU B 546 35.35 9.66 -23.13
C GLU B 546 35.29 11.13 -23.47
N HIS B 547 36.03 11.60 -24.48
CA HIS B 547 36.15 13.02 -24.75
C HIS B 547 36.19 13.24 -26.25
N GLY B 548 35.41 14.20 -26.73
CA GLY B 548 35.46 14.59 -28.13
C GLY B 548 34.54 13.74 -28.98
N ASN B 549 33.65 14.40 -29.73
CA ASN B 549 32.73 13.80 -30.71
C ASN B 549 31.75 12.81 -30.07
N VAL B 550 31.52 12.91 -28.77
CA VAL B 550 30.62 11.99 -28.08
C VAL B 550 29.40 12.75 -27.61
N PHE B 551 28.31 11.99 -27.42
CA PHE B 551 27.12 12.57 -26.81
C PHE B 551 27.27 12.73 -25.30
N PHE B 552 28.20 12.01 -24.68
CA PHE B 552 28.42 12.08 -23.24
C PHE B 552 29.91 12.26 -22.99
N GLU B 553 30.30 13.49 -22.67
CA GLU B 553 31.70 13.80 -22.36
C GLU B 553 31.97 13.49 -20.89
N LYS B 554 33.13 12.90 -20.63
CA LYS B 554 33.51 12.54 -19.27
C LYS B 554 33.86 13.78 -18.47
N LEU B 555 33.24 13.92 -17.30
CA LEU B 555 33.65 14.96 -16.38
C LEU B 555 35.04 14.66 -15.84
N ARG B 556 35.85 15.71 -15.67
CA ARG B 556 37.24 15.54 -15.31
C ARG B 556 37.47 15.33 -13.82
N LEU B 557 36.44 14.93 -13.07
CA LEU B 557 36.52 14.84 -11.62
C LEU B 557 36.02 13.47 -11.17
N THR B 558 36.87 12.73 -10.48
CA THR B 558 36.52 11.44 -9.90
C THR B 558 36.06 11.65 -8.47
N GLY B 559 34.99 10.94 -8.08
CA GLY B 559 34.41 11.10 -6.77
C GLY B 559 35.24 10.52 -5.66
N PRO B 560 34.73 10.65 -4.43
CA PRO B 560 35.46 10.12 -3.28
C PRO B 560 35.46 8.60 -3.22
N ASN B 561 34.39 7.96 -3.69
CA ASN B 561 34.33 6.51 -3.77
C ASN B 561 34.57 6.01 -5.19
N GLY B 562 35.27 6.79 -6.00
CA GLY B 562 35.51 6.42 -7.38
C GLY B 562 34.32 6.59 -8.29
N GLU B 563 33.33 7.38 -7.89
CA GLU B 563 32.18 7.65 -8.74
C GLU B 563 32.59 8.50 -9.93
N GLU B 564 32.01 8.21 -11.08
CA GLU B 564 32.38 8.89 -12.32
C GLU B 564 31.11 9.29 -13.06
N ALA B 565 30.95 10.59 -13.30
CA ALA B 565 29.79 11.13 -13.98
C ALA B 565 30.18 11.63 -15.36
N TYR B 566 29.15 11.85 -16.18
CA TYR B 566 29.32 12.30 -17.55
C TYR B 566 28.46 13.53 -17.78
N GLN B 567 28.64 14.14 -18.95
CA GLN B 567 27.97 15.39 -19.28
C GLN B 567 27.44 15.30 -20.70
N LEU B 568 26.17 15.64 -20.88
CA LEU B 568 25.53 15.58 -22.18
C LEU B 568 26.11 16.66 -23.10
N LYS B 569 26.80 16.23 -24.15
CA LYS B 569 27.46 17.13 -25.09
C LYS B 569 26.61 17.23 -26.35
N VAL B 570 26.16 18.45 -26.65
CA VAL B 570 25.32 18.70 -27.81
C VAL B 570 26.23 18.94 -29.01
N LEU B 571 26.20 18.02 -29.96
CA LEU B 571 26.99 18.10 -31.18
C LEU B 571 26.10 18.58 -32.32
N GLU B 572 26.58 19.58 -33.07
CA GLU B 572 25.82 20.17 -34.16
C GLU B 572 26.69 20.26 -35.40
N GLY B 573 26.27 19.58 -36.47
CA GLY B 573 26.99 19.63 -37.72
C GLY B 573 27.55 18.29 -38.12
N ASP B 574 28.75 18.29 -38.71
CA ASP B 574 29.39 17.05 -39.12
C ASP B 574 29.94 16.26 -37.95
N ALA B 575 30.13 16.90 -36.79
CA ALA B 575 30.43 16.16 -35.57
C ALA B 575 29.24 15.34 -35.10
N PHE B 576 28.03 15.83 -35.35
CA PHE B 576 26.83 15.08 -34.99
C PHE B 576 26.64 13.87 -35.90
N ILE B 577 26.98 14.02 -37.18
CA ILE B 577 26.82 12.93 -38.13
C ILE B 577 27.86 11.85 -37.89
N GLY B 578 29.11 12.26 -37.65
CA GLY B 578 30.16 11.29 -37.34
C GLY B 578 29.95 10.58 -36.02
N ALA B 579 29.26 11.21 -35.08
CA ALA B 579 28.90 10.54 -33.85
C ALA B 579 27.76 9.55 -34.06
N LEU B 580 26.85 9.84 -34.98
CA LEU B 580 25.80 8.89 -35.31
C LEU B 580 26.34 7.73 -36.14
N LYS B 581 27.28 8.01 -37.05
CA LYS B 581 27.82 6.94 -37.88
C LYS B 581 28.86 6.11 -37.16
N ARG B 582 29.26 6.51 -35.95
CA ARG B 582 30.01 5.62 -35.08
C ARG B 582 29.10 4.58 -34.45
N ILE B 583 27.84 4.93 -34.21
CA ILE B 583 26.86 3.97 -33.69
C ILE B 583 26.57 2.89 -34.72
N ILE B 584 26.44 3.28 -35.99
CA ILE B 584 26.13 2.31 -37.05
C ILE B 584 27.32 1.49 -37.48
N SER B 585 28.53 1.82 -37.00
CA SER B 585 29.72 1.08 -37.35
C SER B 585 30.22 0.26 -36.16
N ASN C 193 21.88 32.74 -25.03
CA ASN C 193 21.05 31.59 -25.33
C ASN C 193 19.61 31.81 -24.85
N ILE C 194 19.17 33.07 -24.91
CA ILE C 194 17.78 33.37 -24.61
C ILE C 194 16.94 33.44 -25.89
N LYS C 195 17.56 33.80 -27.02
CA LYS C 195 16.89 33.73 -28.31
C LYS C 195 16.89 32.32 -28.86
N GLU C 196 17.97 31.56 -28.63
CA GLU C 196 18.06 30.21 -29.14
C GLU C 196 17.13 29.26 -28.39
N ASP C 197 17.05 29.38 -27.06
CA ASP C 197 16.12 28.58 -26.30
C ASP C 197 14.67 29.01 -26.56
N TYR C 198 14.45 30.27 -26.95
CA TYR C 198 13.15 30.67 -27.46
C TYR C 198 12.87 29.98 -28.79
N PHE C 199 13.87 29.93 -29.67
CA PHE C 199 13.71 29.30 -30.98
C PHE C 199 13.61 27.78 -30.88
N ARG C 200 14.12 27.20 -29.79
CA ARG C 200 14.09 25.76 -29.62
C ARG C 200 12.72 25.29 -29.14
N VAL C 201 12.09 26.05 -28.23
CA VAL C 201 10.70 25.78 -27.89
C VAL C 201 9.80 26.05 -29.08
N ASP C 202 10.15 27.04 -29.90
CA ASP C 202 9.35 27.37 -31.08
C ASP C 202 9.44 26.30 -32.16
N MET C 203 10.64 25.76 -32.39
CA MET C 203 10.81 24.75 -33.42
C MET C 203 10.19 23.42 -33.03
N LEU C 204 10.18 23.10 -31.74
CA LEU C 204 9.67 21.81 -31.29
C LEU C 204 8.20 21.85 -30.91
N LEU C 205 7.62 23.03 -30.69
CA LEU C 205 6.18 23.13 -30.61
C LEU C 205 5.54 22.99 -31.97
N ASN C 206 6.12 23.62 -32.99
CA ASN C 206 5.60 23.52 -34.34
C ASN C 206 5.91 22.17 -34.99
N LYS C 207 6.69 21.32 -34.34
CA LYS C 207 7.01 19.98 -34.82
C LYS C 207 6.22 18.89 -34.10
N LYS C 208 6.03 19.02 -32.79
CA LYS C 208 5.35 18.01 -32.01
C LYS C 208 3.96 18.41 -31.52
N GLY C 209 3.67 19.71 -31.46
CA GLY C 209 2.44 20.18 -30.87
C GLY C 209 2.50 20.38 -29.38
N GLN C 210 3.44 19.74 -28.69
CA GLN C 210 3.55 19.80 -27.24
C GLN C 210 4.99 19.54 -26.85
N VAL C 211 5.47 20.27 -25.85
CA VAL C 211 6.83 20.14 -25.35
C VAL C 211 6.82 20.06 -23.84
N ILE C 212 7.82 19.39 -23.28
CA ILE C 212 8.06 19.39 -21.84
C ILE C 212 9.45 19.95 -21.60
N LEU C 213 9.51 21.06 -20.86
CA LEU C 213 10.78 21.60 -20.40
C LEU C 213 11.17 20.90 -19.11
N TYR C 214 12.28 20.17 -19.12
CA TYR C 214 12.68 19.40 -17.95
C TYR C 214 14.07 19.83 -17.52
N GLY C 215 14.37 19.56 -16.25
CA GLY C 215 15.67 19.88 -15.70
C GLY C 215 15.64 20.00 -14.20
N PRO C 216 16.76 20.43 -13.63
CA PRO C 216 16.82 20.65 -12.17
C PRO C 216 15.96 21.84 -11.77
N PRO C 217 15.59 21.94 -10.49
CA PRO C 217 14.86 23.12 -10.02
C PRO C 217 15.69 24.38 -10.12
N GLY C 218 15.05 25.46 -10.56
CA GLY C 218 15.69 26.76 -10.61
C GLY C 218 16.46 27.05 -11.87
N THR C 219 16.10 26.42 -12.98
CA THR C 219 16.83 26.60 -14.21
C THR C 219 16.11 27.52 -15.19
N GLY C 220 14.83 27.80 -14.97
CA GLY C 220 14.11 28.70 -15.82
C GLY C 220 13.09 28.02 -16.69
N LYS C 221 12.57 26.87 -16.25
CA LYS C 221 11.57 26.14 -17.02
C LYS C 221 10.24 26.88 -17.05
N THR C 222 9.72 27.25 -15.87
CA THR C 222 8.51 28.04 -15.79
C THR C 222 8.71 29.44 -16.35
N TRP C 223 9.92 29.98 -16.23
CA TRP C 223 10.19 31.32 -16.72
C TRP C 223 10.15 31.37 -18.25
N ILE C 224 10.86 30.45 -18.92
CA ILE C 224 10.86 30.44 -20.38
C ILE C 224 9.54 29.94 -20.93
N ALA C 225 8.76 29.20 -20.14
CA ALA C 225 7.42 28.80 -20.59
C ALA C 225 6.49 30.00 -20.61
N ARG C 226 6.54 30.83 -19.57
CA ARG C 226 5.70 32.01 -19.53
C ARG C 226 6.20 33.08 -20.49
N LYS C 227 7.53 33.22 -20.63
CA LYS C 227 8.09 34.26 -21.48
C LYS C 227 7.86 33.96 -22.95
N TYR C 228 7.84 32.69 -23.33
CA TYR C 228 7.51 32.32 -24.70
C TYR C 228 6.07 32.66 -25.03
N VAL C 229 5.17 32.44 -24.09
CA VAL C 229 3.75 32.49 -24.38
C VAL C 229 3.18 33.91 -24.26
N VAL C 230 3.68 34.72 -23.32
CA VAL C 230 3.29 36.12 -23.29
C VAL C 230 3.88 36.93 -24.45
N GLU C 231 4.83 36.37 -25.19
CA GLU C 231 5.40 37.03 -26.35
C GLU C 231 4.80 36.54 -27.66
N GLU C 232 4.45 35.24 -27.74
CA GLU C 232 3.75 34.73 -28.90
C GLU C 232 2.33 35.27 -28.97
N THR C 233 1.58 35.16 -27.88
CA THR C 233 0.21 35.63 -27.84
C THR C 233 0.12 37.14 -27.66
N ASN C 234 1.20 37.78 -27.21
CA ASN C 234 1.26 39.20 -26.83
C ASN C 234 0.22 39.54 -25.76
N GLU C 235 0.01 38.61 -24.82
CA GLU C 235 -0.95 38.78 -23.73
C GLU C 235 -0.23 38.50 -22.41
N LYS C 236 -0.25 39.49 -21.51
CA LYS C 236 0.45 39.34 -20.24
C LYS C 236 -0.31 38.45 -19.27
N THR C 237 -1.63 38.43 -19.38
CA THR C 237 -2.55 37.72 -18.51
C THR C 237 -3.11 36.49 -19.22
N PRO C 238 -3.16 35.33 -18.58
CA PRO C 238 -3.83 34.18 -19.19
C PRO C 238 -5.33 34.37 -19.23
N GLY C 239 -5.98 33.55 -20.04
CA GLY C 239 -7.42 33.55 -20.08
C GLY C 239 -8.03 33.61 -21.47
N ASN C 240 -7.44 34.40 -22.37
CA ASN C 240 -8.00 34.52 -23.72
C ASN C 240 -7.34 33.57 -24.69
N LYS C 241 -6.05 33.78 -24.98
CA LYS C 241 -5.34 32.95 -25.93
C LYS C 241 -4.38 32.00 -25.26
N TRP C 242 -4.26 32.07 -23.94
CA TRP C 242 -3.49 31.06 -23.24
C TRP C 242 -4.04 30.89 -21.83
N GLU C 243 -3.74 29.73 -21.26
CA GLU C 243 -4.09 29.41 -19.90
C GLU C 243 -2.83 28.90 -19.18
N PHE C 244 -2.78 29.17 -17.89
CA PHE C 244 -1.74 28.63 -17.03
C PHE C 244 -2.41 27.74 -16.00
N ILE C 245 -2.05 26.47 -15.99
CA ILE C 245 -2.50 25.53 -14.96
C ILE C 245 -1.27 24.85 -14.38
N THR C 246 -1.44 24.29 -13.18
CA THR C 246 -0.39 23.54 -12.52
C THR C 246 -0.94 22.18 -12.11
N PHE C 247 -0.28 21.12 -12.53
CA PHE C 247 -0.69 19.78 -12.15
C PHE C 247 -0.27 19.46 -10.72
N HIS C 248 -1.09 18.68 -10.04
CA HIS C 248 -0.75 18.08 -8.76
C HIS C 248 -1.49 16.76 -8.67
N GLN C 249 -1.35 16.06 -7.54
CA GLN C 249 -1.97 14.75 -7.43
C GLN C 249 -3.46 14.80 -7.13
N SER C 250 -3.99 15.97 -6.78
CA SER C 250 -5.43 16.16 -6.64
C SER C 250 -6.07 16.62 -7.95
N TYR C 251 -5.31 16.60 -9.04
CA TYR C 251 -5.80 16.97 -10.35
C TYR C 251 -6.22 15.70 -11.07
N SER C 252 -7.37 15.73 -11.75
CA SER C 252 -7.92 14.50 -12.30
C SER C 252 -8.40 14.75 -13.73
N TYR C 253 -9.03 13.71 -14.29
CA TYR C 253 -9.61 13.78 -15.63
C TYR C 253 -10.83 14.69 -15.67
N GLU C 254 -11.59 14.73 -14.58
CA GLU C 254 -12.86 15.44 -14.57
C GLU C 254 -12.70 16.95 -14.53
N GLU C 255 -11.53 17.44 -14.14
CA GLU C 255 -11.24 18.86 -14.12
C GLU C 255 -10.36 19.28 -15.28
N PHE C 256 -9.96 18.34 -16.12
CA PHE C 256 -9.13 18.61 -17.28
C PHE C 256 -9.86 18.42 -18.59
N ILE C 257 -10.67 17.37 -18.73
CA ILE C 257 -11.36 17.12 -19.98
C ILE C 257 -12.85 17.36 -19.80
N GLU C 258 -13.50 16.54 -18.98
CA GLU C 258 -14.93 16.64 -18.71
C GLU C 258 -15.28 15.77 -17.52
N GLY C 259 -16.28 16.20 -16.78
CA GLY C 259 -16.78 15.44 -15.66
C GLY C 259 -18.15 15.95 -15.25
N PHE C 260 -18.87 15.12 -14.53
CA PHE C 260 -20.18 15.50 -14.03
C PHE C 260 -20.04 16.40 -12.81
N ARG C 261 -20.90 17.42 -12.74
CA ARG C 261 -20.84 18.39 -11.68
C ARG C 261 -22.28 18.79 -11.34
N PRO C 262 -22.64 18.82 -10.06
CA PRO C 262 -23.96 19.32 -9.68
C PRO C 262 -24.04 20.83 -9.87
N ARG C 263 -25.22 21.29 -10.26
CA ARG C 263 -25.41 22.71 -10.55
C ARG C 263 -26.84 23.10 -10.19
N THR C 264 -27.01 23.62 -8.97
CA THR C 264 -28.26 24.23 -8.54
C THR C 264 -28.09 25.75 -8.66
N ASP C 265 -28.85 26.37 -9.57
CA ASP C 265 -28.55 27.74 -9.96
C ASP C 265 -29.08 28.74 -8.94
N ASN C 266 -30.40 28.86 -8.83
CA ASN C 266 -30.93 29.74 -7.79
C ASN C 266 -32.04 29.10 -6.96
N GLU C 267 -32.97 28.38 -7.60
CA GLU C 267 -34.11 27.85 -6.88
C GLU C 267 -34.44 26.42 -7.31
N GLU C 268 -34.05 26.06 -8.53
CA GLU C 268 -34.48 24.81 -9.15
C GLU C 268 -33.71 23.62 -8.57
N LYS C 269 -33.96 22.43 -9.13
CA LYS C 269 -33.33 21.22 -8.64
C LYS C 269 -31.86 21.18 -9.05
N ILE C 270 -31.13 20.26 -8.42
CA ILE C 270 -29.69 20.12 -8.67
C ILE C 270 -29.48 19.36 -9.96
N ARG C 271 -29.39 20.08 -11.06
CA ARG C 271 -29.06 19.46 -12.35
C ARG C 271 -27.62 18.97 -12.33
N TYR C 272 -27.39 17.82 -12.94
CA TYR C 272 -26.06 17.22 -13.01
C TYR C 272 -25.57 17.35 -14.45
N VAL C 273 -24.85 18.43 -14.71
CA VAL C 273 -24.36 18.74 -16.04
C VAL C 273 -22.93 18.25 -16.17
N VAL C 274 -22.48 18.07 -17.41
CA VAL C 274 -21.10 17.71 -17.69
C VAL C 274 -20.30 19.00 -17.81
N GLU C 275 -19.47 19.28 -16.82
CA GLU C 275 -18.65 20.49 -16.82
C GLU C 275 -17.37 20.22 -17.61
N ASP C 276 -17.06 21.14 -18.51
CA ASP C 276 -15.87 20.97 -19.34
C ASP C 276 -14.63 21.36 -18.58
N GLY C 277 -13.58 20.55 -18.71
CA GLY C 277 -12.30 20.86 -18.11
C GLY C 277 -11.56 21.94 -18.87
N ILE C 278 -10.39 22.32 -18.34
CA ILE C 278 -9.66 23.45 -18.90
C ILE C 278 -9.05 23.08 -20.25
N PHE C 279 -8.71 21.81 -20.48
CA PHE C 279 -8.17 21.44 -21.79
C PHE C 279 -9.26 21.50 -22.85
N LYS C 280 -10.46 20.98 -22.55
CA LYS C 280 -11.53 21.06 -23.53
C LYS C 280 -11.98 22.49 -23.73
N LYS C 281 -12.01 23.29 -22.65
CA LYS C 281 -12.36 24.71 -22.79
C LYS C 281 -11.30 25.49 -23.57
N ILE C 282 -10.04 25.04 -23.56
CA ILE C 282 -9.03 25.72 -24.37
C ILE C 282 -8.90 25.09 -25.75
N ALA C 283 -9.23 23.80 -25.91
CA ALA C 283 -9.20 23.20 -27.24
C ALA C 283 -10.38 23.66 -28.08
N LEU C 284 -11.55 23.79 -27.47
CA LEU C 284 -12.69 24.34 -28.19
C LEU C 284 -12.53 25.82 -28.42
N ARG C 285 -11.85 26.54 -27.51
CA ARG C 285 -11.53 27.94 -27.77
C ARG C 285 -10.53 28.09 -28.89
N ALA C 286 -9.55 27.18 -28.96
CA ALA C 286 -8.56 27.22 -30.03
C ALA C 286 -9.18 26.89 -31.38
N LEU C 287 -10.14 25.95 -31.40
CA LEU C 287 -10.75 25.55 -32.65
C LEU C 287 -11.75 26.57 -33.15
N VAL C 288 -12.64 27.06 -32.27
CA VAL C 288 -13.73 27.93 -32.69
C VAL C 288 -13.21 29.30 -33.11
N LYS C 289 -12.21 29.81 -32.39
CA LYS C 289 -11.55 31.03 -32.83
C LYS C 289 -10.76 30.80 -34.12
N GLY C 290 -10.18 29.61 -34.28
CA GLY C 290 -9.53 29.28 -35.54
C GLY C 290 -10.51 29.18 -36.70
N LEU C 291 -11.70 28.65 -36.45
CA LEU C 291 -12.74 28.60 -37.47
C LEU C 291 -13.37 29.95 -37.74
N PHE C 292 -13.22 30.92 -36.84
CA PHE C 292 -13.82 32.23 -37.05
C PHE C 292 -13.06 33.04 -38.10
N GLU C 293 -11.76 32.78 -38.26
CA GLU C 293 -10.99 33.40 -39.33
C GLU C 293 -10.78 32.46 -40.52
N LEU C 294 -11.36 31.28 -40.49
CA LEU C 294 -11.33 30.41 -41.65
C LEU C 294 -12.38 30.86 -42.66
N GLU C 295 -12.13 30.59 -43.93
CA GLU C 295 -12.91 31.18 -45.02
C GLU C 295 -13.85 30.18 -45.69
N ASP C 296 -14.16 29.07 -45.03
CA ASP C 296 -15.06 28.09 -45.63
C ASP C 296 -16.50 28.59 -45.59
N ALA C 297 -17.19 28.46 -46.73
CA ALA C 297 -18.55 28.94 -46.84
C ALA C 297 -19.55 28.10 -46.05
N THR C 298 -19.21 26.85 -45.74
CA THR C 298 -20.06 26.01 -44.91
C THR C 298 -19.98 26.39 -43.43
N ILE C 299 -19.02 27.22 -43.04
CA ILE C 299 -18.89 27.66 -41.65
C ILE C 299 -19.89 28.80 -41.42
N GLY C 300 -20.91 28.53 -40.62
CA GLY C 300 -21.82 29.59 -40.22
C GLY C 300 -21.23 30.37 -39.07
N LYS C 301 -20.73 31.57 -39.36
CA LYS C 301 -19.96 32.34 -38.38
C LYS C 301 -20.82 32.99 -37.32
N ASP C 302 -22.15 33.04 -37.49
CA ASP C 302 -23.02 33.50 -36.42
C ASP C 302 -23.15 32.46 -35.32
N LYS C 303 -23.16 31.18 -35.69
CA LYS C 303 -23.17 30.11 -34.70
C LYS C 303 -21.78 29.87 -34.12
N ILE C 304 -20.74 30.18 -34.88
CA ILE C 304 -19.37 30.04 -34.38
C ILE C 304 -19.06 31.13 -33.37
N HIS C 305 -19.49 32.36 -33.64
CA HIS C 305 -19.27 33.45 -32.69
C HIS C 305 -20.12 33.29 -31.43
N ARG C 306 -21.31 32.70 -31.58
CA ARG C 306 -22.14 32.43 -30.42
C ARG C 306 -21.53 31.34 -29.54
N LEU C 307 -20.88 30.35 -30.16
CA LEU C 307 -20.16 29.34 -29.41
C LEU C 307 -18.90 29.92 -28.77
N TYR C 308 -18.30 30.94 -29.39
CA TYR C 308 -17.06 31.49 -28.85
C TYR C 308 -17.32 32.31 -27.59
N ILE C 309 -18.40 33.10 -27.58
CA ILE C 309 -18.69 33.90 -26.40
C ILE C 309 -19.29 33.05 -25.28
N LEU C 310 -19.80 31.86 -25.59
CA LEU C 310 -20.19 30.92 -24.56
C LEU C 310 -19.00 30.15 -24.01
N LEU C 311 -17.90 30.07 -24.77
CA LEU C 311 -16.68 29.47 -24.26
C LEU C 311 -15.83 30.47 -23.49
N THR C 312 -16.02 31.77 -23.71
CA THR C 312 -15.26 32.81 -23.02
C THR C 312 -16.07 33.50 -21.94
N LYS C 313 -17.11 32.85 -21.42
CA LYS C 313 -17.89 33.43 -20.34
C LYS C 313 -17.18 33.17 -19.01
N LYS C 314 -16.91 34.24 -18.27
CA LYS C 314 -16.33 34.09 -16.94
C LYS C 314 -17.37 33.55 -15.96
N GLU C 315 -18.62 33.93 -16.15
CA GLU C 315 -19.72 33.46 -15.32
C GLU C 315 -20.06 32.02 -15.70
N PRO C 316 -20.63 31.25 -14.77
CA PRO C 316 -21.16 29.93 -15.13
C PRO C 316 -22.36 30.06 -16.06
N LEU C 317 -22.58 29.00 -16.83
CA LEU C 317 -23.61 29.03 -17.86
C LEU C 317 -24.99 28.85 -17.25
N SER C 318 -25.98 29.52 -17.84
CA SER C 318 -27.37 29.32 -17.48
C SER C 318 -27.80 27.93 -17.91
N PRO C 319 -28.83 27.36 -17.26
CA PRO C 319 -29.36 26.06 -17.74
C PRO C 319 -29.98 26.13 -19.12
N THR C 320 -30.46 27.30 -19.56
CA THR C 320 -30.86 27.47 -20.94
C THR C 320 -29.66 27.73 -21.85
N GLU C 321 -28.64 28.42 -21.34
CA GLU C 321 -27.40 28.61 -22.09
C GLU C 321 -26.56 27.36 -22.15
N TYR C 322 -26.75 26.42 -21.22
CA TYR C 322 -25.99 25.17 -21.27
C TYR C 322 -26.48 24.27 -22.41
N GLU C 323 -27.79 24.30 -22.67
CA GLU C 323 -28.32 23.54 -23.80
C GLU C 323 -27.97 24.20 -25.13
N GLU C 324 -27.83 25.52 -25.14
CA GLU C 324 -27.38 26.22 -26.34
C GLU C 324 -25.92 25.94 -26.61
N TYR C 325 -25.11 25.90 -25.55
CA TYR C 325 -23.69 25.57 -25.68
C TYR C 325 -23.48 24.12 -26.12
N LEU C 326 -24.42 23.24 -25.78
CA LEU C 326 -24.34 21.84 -26.23
C LEU C 326 -24.84 21.67 -27.66
N ARG C 327 -25.79 22.50 -28.10
CA ARG C 327 -26.21 22.46 -29.50
C ARG C 327 -25.11 22.95 -30.42
N LEU C 328 -24.43 24.04 -30.03
CA LEU C 328 -23.35 24.58 -30.85
C LEU C 328 -22.14 23.67 -30.85
N LYS C 329 -21.92 22.93 -29.76
CA LYS C 329 -20.84 21.95 -29.74
C LYS C 329 -21.12 20.79 -30.67
N ARG C 330 -22.39 20.39 -30.79
CA ARG C 330 -22.76 19.38 -31.78
C ARG C 330 -22.74 19.95 -33.20
N TYR C 331 -23.04 21.24 -33.35
CA TYR C 331 -22.94 21.87 -34.66
C TYR C 331 -21.49 22.00 -35.09
N LEU C 332 -20.60 22.29 -34.13
CA LEU C 332 -19.18 22.50 -34.40
C LEU C 332 -18.53 21.25 -34.98
N TRP C 333 -18.72 20.11 -34.33
CA TRP C 333 -18.01 18.91 -34.72
C TRP C 333 -18.63 18.21 -35.93
N GLU C 334 -19.90 18.49 -36.23
CA GLU C 334 -20.46 18.07 -37.51
C GLU C 334 -20.06 19.03 -38.62
N LEU C 335 -19.61 20.23 -38.28
CA LEU C 335 -19.00 21.12 -39.26
C LEU C 335 -17.52 20.83 -39.44
N VAL C 336 -16.82 20.56 -38.33
CA VAL C 336 -15.41 20.21 -38.36
C VAL C 336 -15.20 18.87 -39.07
N GLY C 337 -16.08 17.89 -38.80
CA GLY C 337 -16.02 16.60 -39.46
C GLY C 337 -16.29 16.64 -40.96
N GLY C 338 -16.96 17.69 -41.43
CA GLY C 338 -17.16 17.92 -42.84
C GLY C 338 -16.20 18.89 -43.48
N LEU C 339 -15.31 19.51 -42.70
CA LEU C 339 -14.34 20.43 -43.23
C LEU C 339 -13.17 19.67 -43.87
N PRO C 340 -12.55 20.23 -44.90
CA PRO C 340 -11.37 19.58 -45.49
C PRO C 340 -10.17 19.65 -44.56
N LYS C 341 -9.20 18.78 -44.84
CA LYS C 341 -8.04 18.68 -43.96
C LYS C 341 -7.01 19.77 -44.21
N ASP C 342 -6.97 20.34 -45.42
CA ASP C 342 -6.03 21.42 -45.69
C ASP C 342 -6.49 22.74 -45.06
N LYS C 343 -7.80 22.93 -44.91
CA LYS C 343 -8.31 24.14 -44.26
C LYS C 343 -8.14 24.05 -42.74
N LEU C 344 -8.38 22.88 -42.17
CA LEU C 344 -8.18 22.66 -40.74
C LEU C 344 -6.72 22.61 -40.33
N LYS C 345 -5.80 22.44 -41.29
CA LYS C 345 -4.39 22.33 -40.96
C LYS C 345 -3.81 23.68 -40.55
N ASN C 346 -4.30 24.76 -41.16
CA ASN C 346 -3.79 26.11 -40.90
C ASN C 346 -4.93 26.94 -40.33
N LEU C 347 -5.10 26.87 -39.02
CA LEU C 347 -6.02 27.74 -38.30
C LEU C 347 -5.23 28.89 -37.68
N THR C 348 -5.84 30.08 -37.68
CA THR C 348 -5.06 31.32 -37.62
C THR C 348 -4.44 31.63 -36.25
N PRO C 349 -5.19 31.73 -35.11
CA PRO C 349 -4.51 32.11 -33.87
C PRO C 349 -3.98 30.93 -33.06
N LYS C 350 -2.71 30.98 -32.67
CA LYS C 350 -2.13 29.91 -31.86
C LYS C 350 -2.55 30.10 -30.40
N PHE C 351 -3.01 29.00 -29.79
CA PHE C 351 -3.37 28.97 -28.39
C PHE C 351 -2.37 28.11 -27.64
N TYR C 352 -2.16 28.42 -26.37
CA TYR C 352 -1.11 27.78 -25.59
C TYR C 352 -1.64 27.35 -24.24
N LEU C 353 -1.30 26.14 -23.83
CA LEU C 353 -1.62 25.68 -22.47
C LEU C 353 -0.31 25.38 -21.77
N ILE C 354 0.04 26.19 -20.78
CA ILE C 354 1.22 25.93 -19.98
C ILE C 354 0.79 25.10 -18.78
N ILE C 355 1.31 23.87 -18.71
CA ILE C 355 1.08 22.99 -17.58
C ILE C 355 2.35 22.99 -16.75
N ASP C 356 2.40 23.83 -15.73
CA ASP C 356 3.53 23.82 -14.82
C ASP C 356 3.47 22.60 -13.92
N GLU C 357 4.64 22.05 -13.60
CA GLU C 357 4.79 20.89 -12.72
C GLU C 357 3.96 19.71 -13.22
N ILE C 358 4.14 19.39 -14.49
CA ILE C 358 3.26 18.45 -15.19
C ILE C 358 3.43 17.04 -14.64
N ASN C 359 4.62 16.70 -14.16
CA ASN C 359 4.88 15.38 -13.61
C ASN C 359 4.32 15.21 -12.20
N ARG C 360 3.85 16.28 -11.56
CA ARG C 360 3.24 16.14 -10.24
C ARG C 360 1.83 15.59 -10.32
N GLY C 361 1.21 15.61 -11.48
CA GLY C 361 -0.06 14.96 -11.69
C GLY C 361 0.10 13.60 -12.33
N ASN C 362 -0.90 12.75 -12.11
CA ASN C 362 -0.99 11.46 -12.81
C ASN C 362 -1.44 11.77 -14.22
N ILE C 363 -0.47 11.91 -15.12
CA ILE C 363 -0.73 12.47 -16.46
C ILE C 363 -1.59 11.53 -17.29
N SER C 364 -1.29 10.23 -17.25
CA SER C 364 -2.06 9.25 -18.02
C SER C 364 -3.50 9.14 -17.52
N LYS C 365 -3.73 9.39 -16.23
CA LYS C 365 -5.10 9.47 -15.74
C LYS C 365 -5.73 10.80 -16.13
N ILE C 366 -4.96 11.89 -16.10
CA ILE C 366 -5.48 13.20 -16.43
C ILE C 366 -5.66 13.32 -17.95
N PHE C 367 -4.67 12.90 -18.73
CA PHE C 367 -4.78 12.86 -20.19
C PHE C 367 -5.47 11.54 -20.51
N GLY C 368 -6.80 11.53 -20.53
CA GLY C 368 -7.49 10.29 -20.78
C GLY C 368 -7.39 9.82 -22.22
N GLU C 369 -8.06 10.53 -23.12
CA GLU C 369 -7.96 10.27 -24.55
C GLU C 369 -6.85 11.06 -25.21
N LEU C 370 -6.22 11.96 -24.46
CA LEU C 370 -5.18 12.82 -25.00
C LEU C 370 -3.85 12.11 -25.21
N ILE C 371 -3.69 10.89 -24.71
CA ILE C 371 -2.55 10.07 -25.11
C ILE C 371 -2.62 9.81 -26.60
N THR C 372 -3.80 9.45 -27.10
CA THR C 372 -3.98 9.26 -28.53
C THR C 372 -4.08 10.58 -29.26
N LEU C 373 -4.85 11.53 -28.71
CA LEU C 373 -5.26 12.71 -29.44
C LEU C 373 -4.16 13.74 -29.63
N LEU C 374 -3.25 13.87 -28.67
CA LEU C 374 -2.28 14.97 -28.72
C LEU C 374 -1.14 14.74 -29.71
N GLU C 375 -1.06 13.56 -30.32
CA GLU C 375 -0.03 13.34 -31.34
C GLU C 375 -0.30 14.22 -32.55
N LYS C 376 0.78 14.70 -33.17
CA LYS C 376 0.70 15.79 -34.15
C LYS C 376 -0.03 15.36 -35.41
N ASP C 377 0.16 14.12 -35.84
CA ASP C 377 -0.59 13.60 -36.98
C ASP C 377 -2.06 13.37 -36.61
N LYS C 378 -2.34 13.00 -35.36
CA LYS C 378 -3.70 12.80 -34.91
C LYS C 378 -4.36 14.08 -34.42
N ARG C 379 -3.66 15.21 -34.49
CA ARG C 379 -4.31 16.50 -34.31
C ARG C 379 -5.28 16.76 -35.45
N LEU C 380 -6.14 17.75 -35.22
CA LEU C 380 -7.19 18.06 -36.16
C LEU C 380 -6.60 18.69 -37.42
N GLY C 381 -7.08 18.26 -38.59
CA GLY C 381 -6.44 18.65 -39.82
C GLY C 381 -5.12 17.99 -40.08
N GLY C 382 -4.76 16.95 -39.32
CA GLY C 382 -3.52 16.24 -39.52
C GLY C 382 -3.65 15.13 -40.55
N GLU C 383 -2.51 14.51 -40.86
CA GLU C 383 -2.49 13.47 -41.87
C GLU C 383 -3.17 12.19 -41.41
N ASN C 384 -3.26 11.98 -40.09
CA ASN C 384 -3.99 10.86 -39.50
C ASN C 384 -4.98 11.40 -38.46
N GLN C 385 -5.76 12.40 -38.87
CA GLN C 385 -6.64 13.13 -37.97
C GLN C 385 -7.73 12.22 -37.40
N LEU C 386 -7.91 12.30 -36.08
CA LEU C 386 -8.79 11.40 -35.35
C LEU C 386 -9.67 12.22 -34.41
N ILE C 387 -10.98 12.05 -34.55
CA ILE C 387 -11.95 12.71 -33.69
C ILE C 387 -12.57 11.63 -32.80
N VAL C 388 -12.17 11.63 -31.54
CA VAL C 388 -12.61 10.63 -30.57
C VAL C 388 -13.80 11.19 -29.78
N ARG C 389 -14.81 10.36 -29.56
CA ARG C 389 -15.92 10.78 -28.72
C ARG C 389 -15.59 10.58 -27.25
N LEU C 390 -16.13 11.47 -26.43
CA LEU C 390 -15.82 11.60 -25.02
C LEU C 390 -16.81 10.81 -24.16
N PRO C 391 -16.36 10.23 -23.02
CA PRO C 391 -17.19 9.29 -22.28
C PRO C 391 -18.40 9.90 -21.58
N TYR C 392 -18.17 10.97 -20.80
CA TYR C 392 -19.23 11.49 -19.95
C TYR C 392 -20.28 12.29 -20.72
N SER C 393 -19.98 12.72 -21.93
CA SER C 393 -20.91 13.50 -22.72
C SER C 393 -21.37 12.81 -24.00
N GLY C 394 -20.65 11.80 -24.48
CA GLY C 394 -20.97 11.21 -25.76
C GLY C 394 -20.71 12.12 -26.94
N GLU C 395 -19.84 13.10 -26.77
CA GLU C 395 -19.60 14.19 -27.69
C GLU C 395 -18.21 14.05 -28.31
N PRO C 396 -18.09 14.24 -29.63
CA PRO C 396 -16.79 14.06 -30.28
C PRO C 396 -15.82 15.16 -29.92
N PHE C 397 -14.53 14.81 -29.93
CA PHE C 397 -13.50 15.73 -29.48
C PHE C 397 -12.17 15.34 -30.10
N ALA C 398 -11.64 16.22 -30.92
CA ALA C 398 -10.26 16.19 -31.39
C ALA C 398 -9.54 17.41 -30.84
N VAL C 399 -8.22 17.43 -30.97
CA VAL C 399 -7.40 18.54 -30.52
C VAL C 399 -7.02 19.36 -31.74
N PRO C 400 -7.32 20.66 -31.77
CA PRO C 400 -6.99 21.48 -32.94
C PRO C 400 -5.49 21.73 -33.01
N PRO C 401 -4.96 22.07 -34.19
CA PRO C 401 -3.53 22.39 -34.28
C PRO C 401 -3.17 23.77 -33.76
N ASN C 402 -4.17 24.60 -33.44
CA ASN C 402 -3.91 25.86 -32.74
C ASN C 402 -3.31 25.63 -31.37
N LEU C 403 -3.73 24.56 -30.70
CA LEU C 403 -3.28 24.33 -29.32
C LEU C 403 -1.84 23.86 -29.29
N TYR C 404 -1.10 24.39 -28.33
CA TYR C 404 0.24 23.93 -28.02
C TYR C 404 0.35 23.79 -26.51
N ILE C 405 0.99 22.72 -26.06
CA ILE C 405 1.16 22.44 -24.65
C ILE C 405 2.63 22.67 -24.30
N ILE C 406 2.87 23.41 -23.23
CA ILE C 406 4.22 23.57 -22.71
C ILE C 406 4.20 23.06 -21.28
N GLY C 407 4.84 21.92 -21.06
CA GLY C 407 4.99 21.37 -19.72
C GLY C 407 6.33 21.77 -19.14
N THR C 408 6.34 22.03 -17.84
CA THR C 408 7.58 22.18 -17.09
C THR C 408 7.63 21.08 -16.06
N MET C 409 8.80 20.48 -15.89
CA MET C 409 8.91 19.27 -15.09
C MET C 409 10.22 19.28 -14.32
N ASN C 410 10.12 19.12 -13.00
CA ASN C 410 11.29 18.88 -12.16
C ASN C 410 11.73 17.43 -12.32
N THR C 411 13.01 17.24 -12.57
CA THR C 411 13.57 15.90 -12.74
C THR C 411 14.34 15.42 -11.51
N ALA C 412 14.45 16.25 -10.47
CA ALA C 412 15.13 15.84 -9.26
C ALA C 412 14.26 14.99 -8.34
N ASP C 413 12.97 14.88 -8.63
CA ASP C 413 12.06 14.03 -7.89
C ASP C 413 11.80 12.79 -8.75
N ARG C 414 12.43 11.68 -8.41
CA ARG C 414 12.31 10.45 -9.18
C ARG C 414 11.03 9.67 -8.84
N SER C 415 10.35 10.03 -7.76
CA SER C 415 9.08 9.39 -7.44
C SER C 415 7.99 9.82 -8.41
N ILE C 416 8.11 11.01 -8.99
CA ILE C 416 7.17 11.49 -9.98
C ILE C 416 7.86 11.61 -11.32
N ALA C 417 8.90 10.79 -11.53
CA ALA C 417 9.63 10.81 -12.79
C ALA C 417 8.75 10.27 -13.91
N LEU C 418 8.80 10.94 -15.05
CA LEU C 418 7.88 10.66 -16.16
C LEU C 418 8.44 9.47 -16.91
N LEU C 419 7.99 8.27 -16.56
CA LEU C 419 8.54 7.04 -17.10
C LEU C 419 7.61 6.36 -18.10
N ASP C 420 6.43 6.93 -18.35
CA ASP C 420 5.54 6.46 -19.39
C ASP C 420 6.19 6.74 -20.74
N VAL C 421 6.70 5.69 -21.39
CA VAL C 421 7.42 5.83 -22.65
C VAL C 421 6.46 6.25 -23.77
N ALA C 422 5.22 5.75 -23.73
CA ALA C 422 4.23 6.13 -24.75
C ALA C 422 3.81 7.58 -24.61
N LEU C 423 3.72 8.06 -23.37
CA LEU C 423 3.42 9.47 -23.13
C LEU C 423 4.60 10.36 -23.50
N ARG C 424 5.83 9.83 -23.41
CA ARG C 424 7.00 10.60 -23.80
C ARG C 424 7.08 10.83 -25.30
N ARG C 425 6.45 9.94 -26.08
CA ARG C 425 6.48 10.07 -27.53
C ARG C 425 5.64 11.24 -28.01
N ARG C 426 4.66 11.69 -27.22
CA ARG C 426 3.84 12.83 -27.61
C ARG C 426 4.64 14.12 -27.52
N PHE C 427 5.50 14.23 -26.54
CA PHE C 427 6.19 15.47 -26.22
C PHE C 427 7.60 15.49 -26.76
N ALA C 428 8.08 16.68 -27.08
CA ALA C 428 9.50 16.93 -27.21
C ALA C 428 10.02 17.34 -25.85
N PHE C 429 11.18 16.81 -25.47
CA PHE C 429 11.71 17.03 -24.13
C PHE C 429 12.91 17.95 -24.24
N ILE C 430 12.73 19.18 -23.78
CA ILE C 430 13.77 20.21 -23.83
C ILE C 430 14.42 20.27 -22.46
N GLU C 431 15.72 20.01 -22.41
CA GLU C 431 16.43 20.11 -21.14
C GLU C 431 16.82 21.55 -20.89
N VAL C 432 16.39 22.07 -19.74
CA VAL C 432 16.83 23.38 -19.27
C VAL C 432 17.83 23.08 -18.17
N GLU C 433 19.10 23.05 -18.54
CA GLU C 433 20.17 22.78 -17.59
C GLU C 433 20.48 24.05 -16.78
N PRO C 434 21.15 23.90 -15.63
CA PRO C 434 21.67 25.08 -14.95
C PRO C 434 22.70 25.80 -15.81
N ARG C 435 22.59 27.13 -15.85
CA ARG C 435 23.49 27.99 -16.59
C ARG C 435 24.28 28.82 -15.59
N PRO C 436 25.46 28.35 -15.17
CA PRO C 436 26.30 29.18 -14.30
C PRO C 436 26.86 30.42 -14.99
N GLU C 437 26.92 30.42 -16.32
CA GLU C 437 27.38 31.60 -17.07
C GLU C 437 26.40 32.77 -16.97
N PHE C 438 25.19 32.56 -16.47
CA PHE C 438 24.31 33.66 -16.13
C PHE C 438 24.79 34.40 -14.88
N LEU C 439 25.57 33.74 -14.03
CA LEU C 439 26.03 34.32 -12.78
C LEU C 439 27.37 35.04 -12.92
N GLU C 440 27.87 35.20 -14.14
CA GLU C 440 28.99 36.11 -14.37
C GLU C 440 28.54 37.54 -14.11
N LYS C 441 29.51 38.41 -13.83
CA LYS C 441 29.20 39.77 -13.36
C LYS C 441 28.47 40.60 -14.42
N GLU C 442 28.88 40.47 -15.68
CA GLU C 442 28.22 41.22 -16.74
C GLU C 442 26.94 40.53 -17.20
N ASN C 443 26.83 39.22 -17.02
CA ASN C 443 25.58 38.53 -17.31
C ASN C 443 24.57 38.68 -16.19
N LEU C 444 25.04 38.73 -14.93
CA LEU C 444 24.14 39.08 -13.83
C LEU C 444 23.69 40.53 -13.92
N LYS C 445 24.52 41.38 -14.52
CA LYS C 445 24.12 42.76 -14.76
C LYS C 445 23.04 42.84 -15.82
N LYS C 446 23.24 42.18 -16.96
CA LYS C 446 22.34 42.32 -18.10
C LYS C 446 21.01 41.61 -17.87
N ILE C 447 20.98 40.59 -17.03
CA ILE C 447 19.72 39.92 -16.70
C ILE C 447 18.86 40.81 -15.83
N ARG C 448 19.47 41.47 -14.85
CA ARG C 448 18.72 42.20 -13.84
C ARG C 448 18.47 43.68 -14.18
N GLU C 449 18.85 44.13 -15.38
CA GLU C 449 18.62 45.52 -15.75
C GLU C 449 17.51 45.67 -16.79
N LYS C 450 16.75 44.61 -17.06
CA LYS C 450 15.72 44.71 -18.09
C LYS C 450 14.38 45.15 -17.52
N LYS C 451 13.99 44.63 -16.37
CA LYS C 451 12.75 45.03 -15.70
C LYS C 451 12.95 46.18 -14.73
N LEU C 452 14.05 46.93 -14.86
CA LEU C 452 14.38 48.01 -13.93
C LEU C 452 14.50 49.34 -14.66
N LYS C 453 14.29 50.41 -13.90
CA LYS C 453 14.32 51.77 -14.42
C LYS C 453 15.75 52.17 -14.79
N THR C 454 15.86 53.20 -15.63
CA THR C 454 17.16 53.63 -16.16
C THR C 454 18.07 54.19 -15.07
N GLU C 455 17.54 55.02 -14.17
CA GLU C 455 18.32 55.52 -13.04
C GLU C 455 18.15 54.67 -11.80
N ASP C 456 17.53 53.49 -11.92
CA ASP C 456 17.63 52.45 -10.91
C ASP C 456 18.71 51.43 -11.25
N ARG C 457 19.33 51.54 -12.42
CA ARG C 457 20.41 50.65 -12.79
C ARG C 457 21.68 50.94 -12.01
N LYS C 458 21.93 52.21 -11.69
CA LYS C 458 23.14 52.56 -10.94
C LYS C 458 23.03 52.23 -9.46
N ARG C 459 21.82 51.95 -8.97
CA ARG C 459 21.68 51.33 -7.66
C ARG C 459 21.95 49.84 -7.70
N LEU C 460 22.00 49.26 -8.90
CA LEU C 460 22.32 47.85 -9.12
C LEU C 460 23.74 47.63 -9.61
N ASN C 461 24.24 48.48 -10.51
CA ASN C 461 25.60 48.31 -11.01
C ASN C 461 26.63 48.62 -9.94
N GLU C 462 26.38 49.65 -9.13
CA GLU C 462 27.25 49.93 -7.99
C GLU C 462 27.10 48.89 -6.88
N LYS C 463 26.01 48.13 -6.87
CA LYS C 463 25.88 47.03 -5.93
C LYS C 463 26.58 45.78 -6.43
N LEU C 464 26.62 45.56 -7.74
CA LEU C 464 27.34 44.42 -8.31
C LEU C 464 28.82 44.71 -8.48
N ASN C 465 29.22 45.98 -8.61
CA ASN C 465 30.64 46.31 -8.61
C ASN C 465 31.24 46.16 -7.22
N GLU C 466 30.41 46.30 -6.19
CA GLU C 466 30.86 46.14 -4.81
C GLU C 466 30.78 44.70 -4.36
N LEU C 467 29.88 43.91 -4.95
CA LEU C 467 29.82 42.47 -4.70
C LEU C 467 31.07 41.77 -5.21
N PHE C 468 31.34 41.89 -6.51
CA PHE C 468 32.41 41.12 -7.13
C PHE C 468 33.79 41.64 -6.78
N SER C 469 33.89 42.86 -6.24
CA SER C 469 35.16 43.32 -5.68
C SER C 469 35.47 42.60 -4.37
N LYS C 470 34.45 42.34 -3.56
CA LYS C 470 34.63 41.56 -2.33
C LYS C 470 34.85 40.08 -2.59
N LEU C 471 34.66 39.61 -3.82
CA LEU C 471 34.94 38.24 -4.21
C LEU C 471 36.33 38.10 -4.82
N GLY C 472 37.19 39.09 -4.64
CA GLY C 472 38.54 39.05 -5.15
C GLY C 472 38.73 39.63 -6.53
N ASN C 473 37.82 40.52 -6.96
CA ASN C 473 37.76 41.09 -8.32
C ASN C 473 37.73 40.01 -9.39
N ASP C 474 36.99 38.94 -9.10
CA ASP C 474 36.73 37.89 -10.06
C ASP C 474 35.29 38.07 -10.57
N ASN C 475 35.16 38.35 -11.86
CA ASN C 475 33.84 38.53 -12.43
C ASN C 475 33.11 37.21 -12.62
N TYR C 476 33.83 36.09 -12.59
CA TYR C 476 33.25 34.77 -12.81
C TYR C 476 33.17 33.96 -11.53
N PHE C 477 33.11 34.63 -10.37
CA PHE C 477 33.13 33.92 -9.08
C PHE C 477 31.89 33.06 -8.90
N LEU C 478 30.70 33.67 -9.02
CA LEU C 478 29.46 32.92 -8.87
C LEU C 478 29.23 31.96 -10.03
N LYS C 479 29.84 32.21 -11.19
CA LYS C 479 29.80 31.26 -12.28
C LYS C 479 30.56 29.99 -11.92
N THR C 480 31.83 30.13 -11.55
CA THR C 480 32.62 28.95 -11.21
C THR C 480 32.29 28.40 -9.83
N LEU C 481 31.53 29.13 -9.01
CA LEU C 481 30.98 28.53 -7.80
C LEU C 481 29.88 27.55 -8.14
N LEU C 482 28.99 27.93 -9.05
CA LEU C 482 27.86 27.06 -9.39
C LEU C 482 28.32 25.86 -10.21
N GLU C 483 29.23 26.06 -11.17
CA GLU C 483 29.61 24.95 -12.04
C GLU C 483 30.53 23.96 -11.33
N LYS C 484 31.25 24.37 -10.29
CA LYS C 484 32.06 23.40 -9.55
C LYS C 484 31.20 22.60 -8.58
N ILE C 485 30.19 23.23 -7.98
CA ILE C 485 29.27 22.50 -7.10
C ILE C 485 28.39 21.56 -7.92
N ASN C 486 27.94 22.01 -9.10
CA ASN C 486 27.05 21.19 -9.91
C ASN C 486 27.77 20.02 -10.55
N VAL C 487 29.07 20.15 -10.82
CA VAL C 487 29.86 19.01 -11.25
C VAL C 487 30.03 18.03 -10.11
N ARG C 488 30.30 18.54 -8.90
CA ARG C 488 30.45 17.67 -7.73
C ARG C 488 29.14 17.04 -7.31
N ILE C 489 28.01 17.69 -7.59
CA ILE C 489 26.71 17.07 -7.34
C ILE C 489 26.43 16.00 -8.37
N THR C 490 26.81 16.24 -9.63
CA THR C 490 26.63 15.27 -10.71
C THR C 490 27.40 13.98 -10.45
N VAL C 491 28.52 14.05 -9.74
CA VAL C 491 29.32 12.85 -9.49
C VAL C 491 28.71 11.99 -8.39
N VAL C 492 28.48 12.57 -7.21
CA VAL C 492 27.99 11.79 -6.07
C VAL C 492 26.48 11.67 -6.04
N LYS C 493 25.79 12.18 -7.03
CA LYS C 493 24.33 12.10 -7.14
C LYS C 493 24.02 12.05 -8.63
N ASP C 494 22.81 12.37 -9.01
CA ASP C 494 22.49 12.51 -10.41
C ASP C 494 22.79 13.92 -10.90
N ARG C 495 22.68 14.12 -12.21
CA ARG C 495 22.76 15.44 -12.79
C ARG C 495 21.47 16.23 -12.65
N ASP C 496 20.37 15.56 -12.30
CA ASP C 496 19.09 16.23 -12.14
C ASP C 496 18.95 16.95 -10.81
N HIS C 497 19.86 16.69 -9.87
CA HIS C 497 19.86 17.35 -8.58
C HIS C 497 20.84 18.52 -8.52
N ARG C 498 21.26 19.02 -9.68
CA ARG C 498 22.15 20.17 -9.73
C ARG C 498 21.45 21.42 -9.22
N ILE C 499 22.26 22.35 -8.69
CA ILE C 499 21.71 23.61 -8.21
C ILE C 499 21.34 24.47 -9.40
N GLY C 500 20.13 25.03 -9.38
CA GLY C 500 19.75 25.97 -10.41
C GLY C 500 20.39 27.32 -10.19
N HIS C 501 20.55 28.07 -11.28
CA HIS C 501 21.14 29.39 -11.22
C HIS C 501 20.20 30.43 -10.61
N SER C 502 18.93 30.09 -10.38
CA SER C 502 17.98 31.03 -9.80
C SER C 502 18.24 31.28 -8.31
N TYR C 503 19.00 30.40 -7.66
CA TYR C 503 19.37 30.63 -6.27
C TYR C 503 20.27 31.85 -6.14
N PHE C 504 21.25 31.99 -7.02
CA PHE C 504 22.22 33.07 -6.97
C PHE C 504 21.91 34.18 -7.96
N LEU C 505 20.73 34.18 -8.57
CA LEU C 505 20.46 35.16 -9.61
C LEU C 505 20.14 36.52 -9.02
N ASN C 506 19.53 36.57 -7.83
CA ASN C 506 19.21 37.82 -7.16
C ASN C 506 20.24 38.21 -6.11
N VAL C 507 21.41 37.57 -6.12
CA VAL C 507 22.48 37.95 -5.19
C VAL C 507 23.04 39.29 -5.63
N GLU C 508 22.96 40.28 -4.74
CA GLU C 508 23.47 41.63 -5.01
C GLU C 508 24.64 42.02 -4.13
N THR C 509 24.68 41.52 -2.89
CA THR C 509 25.75 41.80 -1.96
C THR C 509 26.31 40.48 -1.45
N VAL C 510 27.37 40.56 -0.65
CA VAL C 510 27.94 39.36 -0.03
C VAL C 510 27.11 38.87 1.14
N GLU C 511 26.25 39.72 1.70
CA GLU C 511 25.30 39.26 2.70
C GLU C 511 24.09 38.59 2.06
N ASP C 512 23.72 39.01 0.86
CA ASP C 512 22.75 38.26 0.08
C ASP C 512 23.30 36.90 -0.32
N LEU C 513 24.58 36.85 -0.68
CA LEU C 513 25.24 35.58 -0.98
C LEU C 513 25.35 34.70 0.25
N HIS C 514 25.53 35.31 1.42
CA HIS C 514 25.56 34.56 2.67
C HIS C 514 24.19 33.98 2.99
N HIS C 515 23.12 34.70 2.68
CA HIS C 515 21.78 34.24 3.01
C HIS C 515 21.28 33.21 2.00
N VAL C 516 21.73 33.27 0.76
CA VAL C 516 21.45 32.19 -0.19
C VAL C 516 22.21 30.94 0.20
N TRP C 517 23.44 31.11 0.70
CA TRP C 517 24.26 29.94 0.99
C TRP C 517 23.79 29.19 2.23
N TYR C 518 23.40 29.91 3.27
CA TYR C 518 23.12 29.28 4.55
C TYR C 518 21.66 28.94 4.76
N TYR C 519 20.75 29.52 3.99
CA TYR C 519 19.33 29.24 4.15
C TYR C 519 18.68 28.63 2.92
N GLU C 520 19.38 28.55 1.80
CA GLU C 520 18.87 27.85 0.63
C GLU C 520 19.77 26.70 0.22
N VAL C 521 21.07 26.92 0.10
CA VAL C 521 21.96 25.97 -0.55
C VAL C 521 22.46 24.91 0.42
N LEU C 522 22.97 25.32 1.58
CA LEU C 522 23.39 24.38 2.61
C LEU C 522 22.25 23.57 3.24
N PRO C 523 21.03 24.10 3.44
CA PRO C 523 19.93 23.20 3.77
C PRO C 523 19.56 22.24 2.64
N LEU C 524 19.82 22.62 1.39
CA LEU C 524 19.54 21.72 0.27
C LEU C 524 20.57 20.60 0.20
N LEU C 525 21.84 20.92 0.39
CA LEU C 525 22.88 19.89 0.35
C LEU C 525 22.81 18.99 1.58
N MET C 526 22.34 19.51 2.71
CA MET C 526 22.17 18.68 3.90
C MET C 526 20.96 17.76 3.76
N GLU C 527 20.07 18.03 2.81
CA GLU C 527 18.97 17.13 2.49
C GLU C 527 19.31 16.21 1.32
N TYR C 528 20.21 16.65 0.44
CA TYR C 528 20.73 15.77 -0.61
C TYR C 528 21.50 14.60 -0.01
N PHE C 529 22.41 14.90 0.91
CA PHE C 529 23.25 13.92 1.57
C PHE C 529 22.96 14.05 3.06
N TYR C 530 21.92 13.36 3.51
CA TYR C 530 21.50 13.45 4.91
C TYR C 530 22.35 12.52 5.77
N ASN C 531 23.08 13.10 6.71
CA ASN C 531 24.09 12.42 7.54
C ASN C 531 25.16 11.71 6.71
N ASP C 532 25.45 12.22 5.53
CA ASP C 532 26.56 11.77 4.73
C ASP C 532 27.54 12.94 4.71
N TRP C 533 28.36 13.00 5.77
CA TRP C 533 29.22 14.15 5.97
C TRP C 533 30.43 14.14 5.05
N GLU C 534 30.93 12.95 4.70
CA GLU C 534 32.08 12.89 3.80
C GLU C 534 31.69 13.23 2.37
N THR C 535 30.42 13.03 2.02
CA THR C 535 29.94 13.43 0.70
C THR C 535 29.70 14.93 0.64
N ILE C 536 29.07 15.49 1.68
CA ILE C 536 28.78 16.93 1.67
C ILE C 536 30.05 17.76 1.86
N LYS C 537 31.10 17.19 2.45
CA LYS C 537 32.36 17.91 2.51
C LYS C 537 33.15 17.77 1.22
N TRP C 538 32.91 16.69 0.47
CA TRP C 538 33.54 16.54 -0.83
C TRP C 538 32.91 17.47 -1.85
N VAL C 539 31.60 17.69 -1.76
CA VAL C 539 30.91 18.61 -2.65
C VAL C 539 31.36 20.05 -2.38
N LEU C 540 31.61 20.38 -1.10
CA LEU C 540 32.12 21.69 -0.75
C LEU C 540 33.64 21.75 -0.72
N ASN C 541 34.32 20.70 -1.22
CA ASN C 541 35.78 20.62 -1.37
C ASN C 541 36.50 20.79 -0.03
N GLU C 542 35.94 20.20 1.02
CA GLU C 542 36.48 20.25 2.37
C GLU C 542 36.63 18.84 2.94
N LYS C 543 37.17 17.93 2.12
CA LYS C 543 37.16 16.51 2.48
C LYS C 543 38.10 16.21 3.65
N GLY C 544 39.33 16.69 3.60
CA GLY C 544 40.23 16.49 4.71
C GLY C 544 40.24 17.58 5.74
N LYS C 545 39.64 18.73 5.44
CA LYS C 545 39.66 19.90 6.33
C LYS C 545 38.59 19.73 7.39
N GLU C 546 39.01 19.26 8.57
CA GLU C 546 38.07 18.98 9.65
C GLU C 546 37.73 20.22 10.45
N HIS C 547 38.68 21.14 10.61
CA HIS C 547 38.50 22.34 11.41
C HIS C 547 39.03 23.54 10.63
N GLY C 548 38.71 24.72 11.13
CA GLY C 548 39.14 25.95 10.48
C GLY C 548 37.98 26.73 9.89
N ASN C 549 38.23 27.43 8.78
CA ASN C 549 37.17 28.16 8.08
C ASN C 549 36.47 27.23 7.10
N VAL C 550 35.77 26.26 7.66
CA VAL C 550 35.00 25.29 6.90
C VAL C 550 33.53 25.45 7.28
N PHE C 551 32.66 24.99 6.38
CA PHE C 551 31.23 25.04 6.68
C PHE C 551 30.81 23.97 7.67
N PHE C 552 31.61 22.92 7.83
CA PHE C 552 31.30 21.81 8.73
C PHE C 552 32.49 21.57 9.65
N GLU C 553 32.44 22.17 10.83
CA GLU C 553 33.43 21.91 11.86
C GLU C 553 33.25 20.50 12.41
N LYS C 554 34.37 19.79 12.57
CA LYS C 554 34.31 18.45 13.11
C LYS C 554 34.09 18.49 14.62
N LEU C 555 33.31 17.54 15.10
CA LEU C 555 33.12 17.37 16.54
C LEU C 555 34.28 16.56 17.10
N ARG C 556 34.83 17.03 18.23
CA ARG C 556 36.03 16.44 18.79
C ARG C 556 35.77 15.05 19.40
N LEU C 557 34.51 14.72 19.68
CA LEU C 557 34.17 13.47 20.32
C LEU C 557 33.86 12.40 19.28
N THR C 558 34.39 11.20 19.51
CA THR C 558 34.19 10.05 18.64
C THR C 558 33.31 9.04 19.36
N GLY C 559 32.46 8.33 18.61
CA GLY C 559 31.54 7.38 19.18
C GLY C 559 32.22 6.11 19.63
N PRO C 560 31.43 5.21 20.21
CA PRO C 560 31.99 3.91 20.63
C PRO C 560 32.34 3.01 19.46
N ASN C 561 31.59 3.06 18.37
CA ASN C 561 31.89 2.32 17.16
C ASN C 561 32.61 3.19 16.12
N GLY C 562 33.28 4.24 16.56
CA GLY C 562 34.01 5.09 15.64
C GLY C 562 33.16 6.06 14.86
N GLU C 563 31.97 6.40 15.35
CA GLU C 563 31.12 7.37 14.67
C GLU C 563 31.71 8.77 14.78
N GLU C 564 31.67 9.50 13.67
CA GLU C 564 32.14 10.88 13.64
C GLU C 564 31.02 11.77 13.11
N ALA C 565 30.83 12.91 13.75
CA ALA C 565 29.77 13.84 13.38
C ALA C 565 30.33 15.23 13.21
N TYR C 566 29.54 16.09 12.58
CA TYR C 566 29.93 17.44 12.25
C TYR C 566 28.84 18.40 12.69
N GLN C 567 29.25 19.64 12.97
CA GLN C 567 28.31 20.71 13.26
C GLN C 567 28.40 21.75 12.16
N LEU C 568 27.27 22.38 11.84
CA LEU C 568 27.26 23.44 10.86
C LEU C 568 27.93 24.68 11.43
N LYS C 569 28.94 25.18 10.73
CA LYS C 569 29.68 26.36 11.14
C LYS C 569 29.24 27.52 10.25
N VAL C 570 28.79 28.60 10.89
CA VAL C 570 28.32 29.78 10.16
C VAL C 570 29.49 30.75 10.07
N LEU C 571 30.05 30.88 8.87
CA LEU C 571 31.16 31.78 8.62
C LEU C 571 30.65 33.14 8.16
N GLU C 572 31.42 34.18 8.46
CA GLU C 572 31.02 35.55 8.18
C GLU C 572 32.18 36.30 7.55
N GLY C 573 31.85 37.22 6.65
CA GLY C 573 32.87 38.09 6.07
C GLY C 573 33.76 37.35 5.09
N ASP C 574 35.05 37.70 5.11
CA ASP C 574 36.03 37.05 4.25
C ASP C 574 36.31 35.61 4.66
N ALA C 575 35.96 35.21 5.88
CA ALA C 575 36.01 33.80 6.24
C ALA C 575 34.95 33.01 5.49
N PHE C 576 33.82 33.64 5.18
CA PHE C 576 32.81 33.02 4.34
C PHE C 576 33.21 33.07 2.87
N ILE C 577 33.81 34.18 2.44
CA ILE C 577 34.25 34.31 1.05
C ILE C 577 35.45 33.43 0.78
N GLY C 578 36.35 33.31 1.77
CA GLY C 578 37.49 32.41 1.63
C GLY C 578 37.10 30.95 1.60
N ALA C 579 36.03 30.59 2.29
CA ALA C 579 35.53 29.23 2.22
C ALA C 579 34.78 28.94 0.92
N LEU C 580 34.29 29.99 0.24
CA LEU C 580 33.74 29.80 -1.09
C LEU C 580 34.83 29.79 -2.15
N LYS C 581 35.97 30.42 -1.88
CA LYS C 581 37.12 30.36 -2.78
C LYS C 581 37.75 28.98 -2.80
N ARG C 582 37.53 28.18 -1.77
CA ARG C 582 38.06 26.82 -1.75
C ARG C 582 37.27 25.91 -2.68
N ILE C 583 35.95 26.13 -2.79
CA ILE C 583 35.12 25.31 -3.66
C ILE C 583 35.38 25.64 -5.13
N ILE C 584 35.81 26.87 -5.43
CA ILE C 584 36.12 27.24 -6.80
C ILE C 584 37.56 26.96 -7.17
N SER C 585 38.40 26.55 -6.22
CA SER C 585 39.78 26.23 -6.51
C SER C 585 40.02 24.72 -6.39
N GLY D 191 22.80 38.23 20.54
CA GLY D 191 21.63 38.41 19.70
C GLY D 191 20.61 37.30 19.88
N HIS D 192 19.60 37.55 20.71
CA HIS D 192 18.58 36.55 20.99
C HIS D 192 17.42 36.67 19.99
N ASN D 193 16.43 35.81 20.25
CA ASN D 193 15.32 35.49 19.31
C ASN D 193 14.63 36.80 18.90
N ILE D 194 14.22 37.60 19.88
CA ILE D 194 13.41 38.79 19.61
C ILE D 194 14.22 39.84 18.87
N LYS D 195 15.55 39.70 18.84
CA LYS D 195 16.42 40.65 18.15
C LYS D 195 17.05 40.07 16.90
N GLU D 196 17.72 38.92 17.01
CA GLU D 196 18.52 38.38 15.91
C GLU D 196 17.76 37.35 15.08
N ASP D 197 17.11 36.37 15.72
CA ASP D 197 16.31 35.41 14.96
C ASP D 197 15.04 36.06 14.43
N TYR D 198 14.55 37.10 15.10
CA TYR D 198 13.52 37.96 14.52
C TYR D 198 14.00 38.62 13.24
N PHE D 199 15.25 39.09 13.23
CA PHE D 199 15.83 39.70 12.05
C PHE D 199 16.04 38.68 10.94
N ARG D 200 16.29 37.43 11.30
CA ARG D 200 16.49 36.37 10.30
C ARG D 200 15.17 36.02 9.61
N VAL D 201 14.09 35.91 10.39
CA VAL D 201 12.77 35.64 9.81
C VAL D 201 12.30 36.83 8.98
N ASP D 202 12.58 38.05 9.44
CA ASP D 202 12.12 39.24 8.74
C ASP D 202 12.84 39.44 7.42
N MET D 203 14.16 39.23 7.40
CA MET D 203 14.94 39.44 6.18
C MET D 203 14.62 38.40 5.11
N LEU D 204 14.45 37.14 5.52
CA LEU D 204 14.23 36.07 4.56
C LEU D 204 12.78 35.98 4.11
N LEU D 205 11.84 36.54 4.88
CA LEU D 205 10.47 36.64 4.38
C LEU D 205 10.34 37.71 3.30
N ASN D 206 11.12 38.79 3.40
CA ASN D 206 11.08 39.79 2.35
C ASN D 206 11.82 39.31 1.11
N LYS D 207 12.77 38.41 1.29
CA LYS D 207 13.54 37.90 0.15
C LYS D 207 12.80 36.79 -0.58
N LYS D 208 12.09 35.93 0.16
CA LYS D 208 11.49 34.74 -0.41
C LYS D 208 9.98 34.71 -0.40
N GLY D 209 9.33 35.45 0.50
CA GLY D 209 7.90 35.36 0.67
C GLY D 209 7.47 34.29 1.64
N GLN D 210 8.22 33.20 1.73
CA GLN D 210 7.88 32.09 2.60
C GLN D 210 9.15 31.49 3.19
N VAL D 211 9.05 31.07 4.45
CA VAL D 211 10.18 30.62 5.25
C VAL D 211 9.76 29.37 6.01
N ILE D 212 10.63 28.37 6.06
CA ILE D 212 10.44 27.21 6.91
C ILE D 212 11.48 27.24 8.01
N LEU D 213 11.02 27.25 9.27
CA LEU D 213 11.87 27.10 10.43
C LEU D 213 12.00 25.61 10.74
N TYR D 214 13.19 25.06 10.57
CA TYR D 214 13.41 23.65 10.83
C TYR D 214 14.41 23.48 11.97
N GLY D 215 14.48 22.25 12.48
CA GLY D 215 15.33 21.94 13.61
C GLY D 215 14.76 20.81 14.44
N PRO D 216 15.43 20.47 15.52
CA PRO D 216 14.93 19.42 16.43
C PRO D 216 13.68 19.89 17.17
N PRO D 217 12.92 18.98 17.77
CA PRO D 217 11.73 19.40 18.53
C PRO D 217 12.07 20.20 19.78
N GLY D 218 11.26 21.22 20.03
CA GLY D 218 11.41 22.02 21.22
C GLY D 218 12.51 23.05 21.19
N THR D 219 12.86 23.55 20.02
CA THR D 219 13.89 24.58 19.89
C THR D 219 13.31 25.96 19.76
N GLY D 220 11.99 26.10 19.71
CA GLY D 220 11.36 27.38 19.59
C GLY D 220 11.00 27.80 18.18
N LYS D 221 10.63 26.86 17.31
CA LYS D 221 10.23 27.22 15.95
C LYS D 221 8.80 27.75 15.92
N THR D 222 7.88 27.06 16.60
CA THR D 222 6.51 27.58 16.71
C THR D 222 6.47 28.82 17.59
N TRP D 223 7.39 28.90 18.56
CA TRP D 223 7.47 30.07 19.42
C TRP D 223 7.89 31.31 18.65
N ILE D 224 8.95 31.22 17.83
CA ILE D 224 9.43 32.39 17.12
C ILE D 224 8.60 32.68 15.88
N ALA D 225 7.84 31.69 15.38
CA ALA D 225 6.85 32.00 14.34
C ALA D 225 5.71 32.82 14.93
N ARG D 226 5.32 32.50 16.15
CA ARG D 226 4.22 33.22 16.78
C ARG D 226 4.66 34.57 17.32
N LYS D 227 5.89 34.67 17.84
CA LYS D 227 6.40 35.96 18.32
C LYS D 227 6.61 36.93 17.17
N TYR D 228 7.05 36.44 16.01
CA TYR D 228 7.26 37.31 14.86
C TYR D 228 5.94 37.87 14.34
N VAL D 229 4.95 37.01 14.16
CA VAL D 229 3.73 37.40 13.48
C VAL D 229 2.83 38.24 14.38
N VAL D 230 2.84 37.98 15.69
CA VAL D 230 2.11 38.83 16.63
C VAL D 230 2.75 40.22 16.71
N GLU D 231 4.07 40.29 16.70
CA GLU D 231 4.74 41.59 16.75
C GLU D 231 4.60 42.34 15.44
N GLU D 232 4.54 41.63 14.31
CA GLU D 232 4.41 42.29 13.02
C GLU D 232 2.99 42.82 12.80
N THR D 233 1.98 42.03 13.14
CA THR D 233 0.59 42.42 12.89
C THR D 233 -0.03 43.24 14.01
N ASN D 234 0.61 43.29 15.18
CA ASN D 234 0.04 43.81 16.43
C ASN D 234 -1.31 43.15 16.73
N GLU D 235 -1.34 41.83 16.57
CA GLU D 235 -2.57 41.05 16.74
C GLU D 235 -2.20 39.76 17.48
N LYS D 236 -2.69 39.62 18.71
CA LYS D 236 -2.38 38.44 19.51
C LYS D 236 -3.10 37.20 18.98
N THR D 237 -4.28 37.37 18.43
CA THR D 237 -5.21 36.35 17.99
C THR D 237 -5.23 36.27 16.47
N PRO D 238 -5.28 35.07 15.88
CA PRO D 238 -5.49 34.97 14.43
C PRO D 238 -6.88 35.43 14.05
N GLY D 239 -7.06 35.68 12.75
CA GLY D 239 -8.17 36.49 12.33
C GLY D 239 -7.90 37.18 11.01
N ASN D 240 -7.98 38.51 10.99
CA ASN D 240 -7.85 39.24 9.75
C ASN D 240 -6.43 39.19 9.19
N LYS D 241 -5.47 39.74 9.92
CA LYS D 241 -4.16 39.93 9.32
C LYS D 241 -3.26 38.71 9.42
N TRP D 242 -3.63 37.70 10.20
CA TRP D 242 -2.87 36.46 10.17
C TRP D 242 -3.74 35.27 10.54
N GLU D 243 -3.30 34.10 10.10
CA GLU D 243 -3.94 32.83 10.39
C GLU D 243 -2.89 31.83 10.83
N PHE D 244 -3.20 31.08 11.87
CA PHE D 244 -2.39 29.96 12.33
C PHE D 244 -3.08 28.68 11.91
N ILE D 245 -2.38 27.82 11.18
CA ILE D 245 -2.86 26.48 10.86
C ILE D 245 -1.75 25.49 11.16
N THR D 246 -2.15 24.24 11.35
CA THR D 246 -1.23 23.12 11.53
C THR D 246 -1.50 22.08 10.45
N PHE D 247 -0.49 21.79 9.62
CA PHE D 247 -0.65 20.71 8.65
C PHE D 247 -0.67 19.35 9.32
N HIS D 248 -1.45 18.46 8.74
CA HIS D 248 -1.41 17.04 9.03
C HIS D 248 -1.84 16.34 7.74
N GLN D 249 -1.97 15.03 7.81
CA GLN D 249 -2.29 14.28 6.61
C GLN D 249 -3.78 14.34 6.25
N SER D 250 -4.59 15.05 7.01
CA SER D 250 -5.99 15.26 6.66
C SER D 250 -6.27 16.67 6.14
N TYR D 251 -5.24 17.50 5.94
CA TYR D 251 -5.41 18.58 4.98
C TYR D 251 -5.21 18.03 3.58
N SER D 252 -6.09 18.40 2.68
CA SER D 252 -5.94 18.11 1.28
C SER D 252 -5.87 19.42 0.52
N TYR D 253 -5.91 19.32 -0.81
CA TYR D 253 -6.05 20.50 -1.66
C TYR D 253 -7.38 21.21 -1.42
N GLU D 254 -8.40 20.48 -0.99
CA GLU D 254 -9.75 21.01 -0.94
C GLU D 254 -9.98 21.92 0.25
N GLU D 255 -9.27 21.71 1.35
CA GLU D 255 -9.42 22.53 2.54
C GLU D 255 -8.41 23.67 2.58
N PHE D 256 -7.44 23.68 1.68
CA PHE D 256 -6.42 24.71 1.61
C PHE D 256 -6.65 25.69 0.47
N ILE D 257 -6.96 25.19 -0.73
CA ILE D 257 -7.14 26.08 -1.87
C ILE D 257 -8.63 26.19 -2.19
N GLU D 258 -9.24 25.10 -2.62
CA GLU D 258 -10.64 25.11 -3.05
C GLU D 258 -11.13 23.68 -3.19
N GLY D 259 -12.40 23.49 -2.87
CA GLY D 259 -13.03 22.19 -3.04
C GLY D 259 -14.52 22.31 -3.00
N PHE D 260 -15.19 21.25 -3.45
CA PHE D 260 -16.64 21.19 -3.44
C PHE D 260 -17.15 20.95 -2.03
N ARG D 261 -18.13 21.74 -1.62
CA ARG D 261 -18.65 21.68 -0.27
C ARG D 261 -20.17 21.82 -0.30
N PRO D 262 -20.87 21.19 0.65
CA PRO D 262 -22.31 21.43 0.76
C PRO D 262 -22.60 22.78 1.39
N ARG D 263 -23.62 23.46 0.90
CA ARG D 263 -23.99 24.79 1.37
C ARG D 263 -25.50 24.87 1.49
N THR D 264 -26.00 24.86 2.72
CA THR D 264 -27.43 24.79 2.98
C THR D 264 -27.95 26.18 3.33
N ASP D 265 -28.76 26.75 2.42
CA ASP D 265 -29.47 27.98 2.74
C ASP D 265 -30.63 27.70 3.69
N ASN D 266 -31.35 26.61 3.47
CA ASN D 266 -32.44 26.18 4.34
C ASN D 266 -32.36 24.67 4.51
N GLU D 267 -33.32 24.13 5.25
CA GLU D 267 -33.37 22.69 5.47
C GLU D 267 -33.77 21.95 4.19
N GLU D 268 -34.54 22.62 3.32
CA GLU D 268 -34.92 22.01 2.06
C GLU D 268 -33.83 22.16 1.00
N LYS D 269 -33.31 23.37 0.84
CA LYS D 269 -32.38 23.70 -0.23
C LYS D 269 -30.95 23.48 0.22
N ILE D 270 -30.24 22.62 -0.50
CA ILE D 270 -28.79 22.44 -0.35
C ILE D 270 -28.14 22.83 -1.65
N ARG D 271 -27.01 23.53 -1.57
CA ARG D 271 -26.25 23.95 -2.72
C ARG D 271 -24.85 23.36 -2.66
N TYR D 272 -24.35 22.91 -3.80
CA TYR D 272 -23.04 22.30 -3.89
C TYR D 272 -22.11 23.27 -4.61
N VAL D 273 -21.35 24.03 -3.84
CA VAL D 273 -20.52 25.10 -4.37
C VAL D 273 -19.06 24.76 -4.16
N VAL D 274 -18.18 25.52 -4.82
CA VAL D 274 -16.76 25.46 -4.55
C VAL D 274 -16.43 26.52 -3.50
N GLU D 275 -15.97 26.07 -2.34
CA GLU D 275 -15.59 26.98 -1.27
C GLU D 275 -14.08 27.16 -1.25
N ASP D 276 -13.66 28.39 -0.96
CA ASP D 276 -12.23 28.69 -0.89
C ASP D 276 -11.64 28.12 0.39
N GLY D 277 -10.46 27.53 0.27
CA GLY D 277 -9.74 27.04 1.42
C GLY D 277 -9.11 28.17 2.21
N ILE D 278 -8.34 27.79 3.24
CA ILE D 278 -7.82 28.77 4.18
C ILE D 278 -6.71 29.62 3.53
N PHE D 279 -5.96 29.05 2.60
CA PHE D 279 -4.98 29.86 1.88
C PHE D 279 -5.67 30.83 0.92
N LYS D 280 -6.61 30.33 0.13
CA LYS D 280 -7.33 31.18 -0.82
C LYS D 280 -8.20 32.20 -0.11
N LYS D 281 -8.68 31.89 1.09
CA LYS D 281 -9.40 32.90 1.86
C LYS D 281 -8.47 33.98 2.38
N ILE D 282 -7.21 33.64 2.67
CA ILE D 282 -6.27 34.64 3.17
C ILE D 282 -5.42 35.25 2.05
N ALA D 283 -5.28 34.57 0.91
CA ALA D 283 -4.61 35.21 -0.23
C ALA D 283 -5.52 36.23 -0.89
N LEU D 284 -6.82 35.96 -0.93
CA LEU D 284 -7.76 36.97 -1.41
C LEU D 284 -7.97 38.06 -0.38
N ARG D 285 -7.85 37.73 0.91
CA ARG D 285 -7.92 38.76 1.94
C ARG D 285 -6.72 39.69 1.88
N ALA D 286 -5.53 39.14 1.62
CA ALA D 286 -4.33 39.96 1.53
C ALA D 286 -4.34 40.82 0.27
N LEU D 287 -4.92 40.32 -0.82
CA LEU D 287 -4.95 41.08 -2.06
C LEU D 287 -6.00 42.18 -2.02
N VAL D 288 -7.19 41.88 -1.47
CA VAL D 288 -8.26 42.86 -1.46
C VAL D 288 -7.96 43.98 -0.47
N LYS D 289 -7.43 43.65 0.71
CA LYS D 289 -6.95 44.66 1.64
C LYS D 289 -5.76 45.43 1.08
N GLY D 290 -4.93 44.77 0.27
CA GLY D 290 -3.85 45.47 -0.40
C GLY D 290 -4.32 46.44 -1.45
N LEU D 291 -5.50 46.18 -2.02
CA LEU D 291 -6.09 47.09 -3.00
C LEU D 291 -6.94 48.19 -2.36
N PHE D 292 -7.02 48.21 -1.02
CA PHE D 292 -7.66 49.34 -0.34
C PHE D 292 -6.86 50.62 -0.50
N GLU D 293 -5.54 50.52 -0.40
CA GLU D 293 -4.69 51.68 -0.21
C GLU D 293 -4.00 52.16 -1.49
N LEU D 294 -4.13 51.42 -2.58
CA LEU D 294 -3.64 51.92 -3.86
C LEU D 294 -4.54 53.07 -4.33
N GLU D 295 -3.92 54.14 -4.81
CA GLU D 295 -4.65 55.30 -5.30
C GLU D 295 -4.91 55.24 -6.80
N ASP D 296 -4.98 54.04 -7.37
CA ASP D 296 -5.22 53.89 -8.79
C ASP D 296 -6.64 54.27 -9.16
N ALA D 297 -6.81 54.73 -10.40
CA ALA D 297 -8.12 55.17 -10.87
C ALA D 297 -9.01 53.99 -11.24
N THR D 298 -8.43 52.94 -11.83
CA THR D 298 -9.21 51.81 -12.31
C THR D 298 -9.71 50.89 -11.19
N ILE D 299 -9.20 51.05 -9.97
CA ILE D 299 -9.65 50.24 -8.85
C ILE D 299 -10.94 50.84 -8.31
N GLY D 300 -12.06 50.15 -8.52
CA GLY D 300 -13.31 50.54 -7.92
C GLY D 300 -13.31 50.24 -6.44
N LYS D 301 -13.29 51.29 -5.61
CA LYS D 301 -13.04 51.11 -4.19
C LYS D 301 -14.24 50.50 -3.47
N ASP D 302 -15.46 50.83 -3.90
CA ASP D 302 -16.64 50.27 -3.23
C ASP D 302 -16.82 48.79 -3.55
N LYS D 303 -16.42 48.37 -4.75
CA LYS D 303 -16.44 46.94 -5.08
C LYS D 303 -15.34 46.19 -4.34
N ILE D 304 -14.21 46.84 -4.09
CA ILE D 304 -13.13 46.21 -3.34
C ILE D 304 -13.48 46.14 -1.87
N HIS D 305 -14.10 47.21 -1.34
CA HIS D 305 -14.49 47.23 0.07
C HIS D 305 -15.63 46.27 0.36
N ARG D 306 -16.53 46.05 -0.61
CA ARG D 306 -17.60 45.09 -0.41
C ARG D 306 -17.07 43.66 -0.46
N LEU D 307 -16.05 43.40 -1.29
CA LEU D 307 -15.44 42.08 -1.32
C LEU D 307 -14.67 41.79 -0.04
N TYR D 308 -14.17 42.83 0.65
CA TYR D 308 -13.48 42.61 1.90
C TYR D 308 -14.44 42.27 3.03
N ILE D 309 -15.66 42.79 2.99
CA ILE D 309 -16.65 42.44 4.01
C ILE D 309 -17.11 41.00 3.82
N LEU D 310 -17.27 40.58 2.56
CA LEU D 310 -17.66 39.20 2.27
C LEU D 310 -16.54 38.20 2.50
N LEU D 311 -15.29 38.68 2.57
CA LEU D 311 -14.17 37.81 2.88
C LEU D 311 -13.89 37.71 4.38
N THR D 312 -14.19 38.77 5.13
CA THR D 312 -13.96 38.79 6.56
C THR D 312 -15.22 38.55 7.37
N LYS D 313 -16.29 38.08 6.73
CA LYS D 313 -17.52 37.79 7.44
C LYS D 313 -17.36 36.55 8.31
N LYS D 314 -17.73 36.67 9.59
CA LYS D 314 -17.53 35.56 10.52
C LYS D 314 -18.51 34.43 10.26
N GLU D 315 -19.76 34.76 9.98
CA GLU D 315 -20.77 33.78 9.66
C GLU D 315 -20.61 33.32 8.21
N PRO D 316 -21.16 32.16 7.86
CA PRO D 316 -21.29 31.81 6.44
C PRO D 316 -22.20 32.80 5.72
N LEU D 317 -21.89 33.03 4.45
CA LEU D 317 -22.55 34.08 3.70
C LEU D 317 -23.96 33.65 3.29
N SER D 318 -24.83 34.65 3.14
CA SER D 318 -26.16 34.42 2.62
C SER D 318 -26.07 33.95 1.16
N PRO D 319 -27.06 33.19 0.68
CA PRO D 319 -27.04 32.79 -0.74
C PRO D 319 -27.17 33.95 -1.71
N THR D 320 -27.87 35.02 -1.34
CA THR D 320 -27.95 36.18 -2.23
C THR D 320 -26.66 36.98 -2.26
N GLU D 321 -25.76 36.76 -1.31
CA GLU D 321 -24.46 37.43 -1.30
C GLU D 321 -23.31 36.48 -1.59
N TYR D 322 -23.56 35.18 -1.70
CA TYR D 322 -22.52 34.28 -2.16
C TYR D 322 -22.23 34.46 -3.64
N GLU D 323 -23.26 34.63 -4.47
CA GLU D 323 -22.99 34.94 -5.88
C GLU D 323 -22.52 36.38 -6.05
N GLU D 324 -22.85 37.27 -5.10
CA GLU D 324 -22.19 38.57 -5.07
C GLU D 324 -20.71 38.43 -4.76
N TYR D 325 -20.35 37.50 -3.86
CA TYR D 325 -18.96 37.22 -3.55
C TYR D 325 -18.24 36.62 -4.76
N LEU D 326 -18.95 35.84 -5.57
CA LEU D 326 -18.39 35.34 -6.83
C LEU D 326 -18.42 36.40 -7.92
N ARG D 327 -19.35 37.33 -7.86
CA ARG D 327 -19.38 38.45 -8.80
C ARG D 327 -18.21 39.38 -8.58
N LEU D 328 -17.86 39.61 -7.31
CA LEU D 328 -16.77 40.52 -7.00
C LEU D 328 -15.40 39.85 -7.13
N LYS D 329 -15.35 38.53 -6.98
CA LYS D 329 -14.10 37.83 -7.22
C LYS D 329 -13.77 37.76 -8.71
N ARG D 330 -14.79 37.71 -9.56
CA ARG D 330 -14.54 37.77 -10.99
C ARG D 330 -14.14 39.18 -11.41
N TYR D 331 -14.69 40.20 -10.73
CA TYR D 331 -14.27 41.57 -10.97
C TYR D 331 -12.83 41.80 -10.51
N LEU D 332 -12.46 41.16 -9.39
CA LEU D 332 -11.14 41.34 -8.81
C LEU D 332 -10.05 40.79 -9.72
N TRP D 333 -10.31 39.70 -10.42
CA TRP D 333 -9.33 39.15 -11.34
C TRP D 333 -9.45 39.70 -12.74
N GLU D 334 -10.41 40.60 -12.99
CA GLU D 334 -10.39 41.44 -14.18
C GLU D 334 -9.69 42.76 -13.89
N LEU D 335 -9.78 43.22 -12.64
CA LEU D 335 -9.01 44.38 -12.21
C LEU D 335 -7.54 44.03 -12.08
N VAL D 336 -7.19 43.23 -11.09
CA VAL D 336 -5.83 42.61 -11.06
C VAL D 336 -5.70 41.93 -12.41
N GLY D 337 -4.54 41.93 -13.04
CA GLY D 337 -4.55 41.31 -14.37
C GLY D 337 -4.59 42.38 -15.43
N GLY D 338 -5.16 43.52 -15.09
CA GLY D 338 -5.14 44.68 -15.99
C GLY D 338 -4.50 45.83 -15.24
N LEU D 339 -4.10 45.57 -14.01
CA LEU D 339 -3.50 46.63 -13.15
C LEU D 339 -2.01 46.46 -13.35
N PRO D 340 -1.21 47.57 -13.50
CA PRO D 340 0.23 47.51 -13.77
C PRO D 340 1.00 46.88 -12.62
N LYS D 341 2.19 46.37 -12.95
CA LYS D 341 2.97 45.60 -11.99
C LYS D 341 3.63 46.47 -10.94
N ASP D 342 3.83 47.76 -11.20
CA ASP D 342 4.49 48.62 -10.21
C ASP D 342 3.53 48.97 -9.07
N LYS D 343 2.25 49.17 -9.39
CA LYS D 343 1.26 49.42 -8.34
C LYS D 343 0.97 48.16 -7.55
N LEU D 344 1.02 47.00 -8.20
CA LEU D 344 0.60 45.74 -7.61
C LEU D 344 1.63 45.13 -6.67
N LYS D 345 2.89 45.55 -6.74
CA LYS D 345 3.95 44.86 -6.00
C LYS D 345 4.17 45.44 -4.61
N ASN D 346 3.62 46.60 -4.28
CA ASN D 346 3.71 47.14 -2.93
C ASN D 346 2.32 47.28 -2.34
N LEU D 347 1.84 46.19 -1.75
CA LEU D 347 0.61 46.19 -0.97
C LEU D 347 1.00 46.30 0.50
N THR D 348 0.52 47.36 1.16
CA THR D 348 1.07 47.71 2.46
C THR D 348 0.67 46.86 3.68
N PRO D 349 -0.54 46.30 3.84
CA PRO D 349 -0.73 45.47 5.03
C PRO D 349 -0.17 44.06 4.78
N LYS D 350 0.84 43.70 5.56
CA LYS D 350 1.45 42.38 5.41
C LYS D 350 0.60 41.33 6.12
N PHE D 351 0.26 40.28 5.39
CA PHE D 351 -0.53 39.18 5.93
C PHE D 351 0.37 37.97 6.12
N TYR D 352 0.05 37.14 7.10
CA TYR D 352 0.92 36.04 7.48
C TYR D 352 0.10 34.76 7.60
N LEU D 353 0.62 33.67 7.07
CA LEU D 353 0.07 32.34 7.32
C LEU D 353 1.14 31.50 8.00
N ILE D 354 0.99 31.28 9.29
CA ILE D 354 1.87 30.34 9.99
C ILE D 354 1.31 28.95 9.75
N ILE D 355 2.11 28.12 9.10
CA ILE D 355 1.79 26.71 8.92
C ILE D 355 2.69 25.95 9.88
N ASP D 356 2.18 25.65 11.07
CA ASP D 356 2.90 24.79 11.98
C ASP D 356 2.89 23.37 11.45
N GLU D 357 3.98 22.64 11.72
CA GLU D 357 4.14 21.21 11.33
C GLU D 357 3.94 21.05 9.83
N ILE D 358 4.67 21.84 9.04
CA ILE D 358 4.34 21.96 7.61
C ILE D 358 4.68 20.66 6.88
N ASN D 359 5.65 19.91 7.38
CA ASN D 359 6.04 18.67 6.72
C ASN D 359 5.14 17.51 7.13
N ARG D 360 4.23 17.72 8.07
CA ARG D 360 3.32 16.66 8.49
C ARG D 360 2.19 16.43 7.50
N GLY D 361 1.95 17.38 6.60
CA GLY D 361 1.02 17.18 5.51
C GLY D 361 1.76 16.90 4.22
N ASN D 362 1.04 16.28 3.28
CA ASN D 362 1.58 16.07 1.93
C ASN D 362 1.53 17.42 1.24
N ILE D 363 2.67 18.13 1.27
CA ILE D 363 2.69 19.54 0.87
C ILE D 363 2.44 19.69 -0.61
N SER D 364 3.00 18.79 -1.43
CA SER D 364 2.77 18.84 -2.87
C SER D 364 1.31 18.55 -3.20
N LYS D 365 0.64 17.76 -2.37
CA LYS D 365 -0.80 17.55 -2.52
C LYS D 365 -1.57 18.76 -2.04
N ILE D 366 -1.15 19.35 -0.92
CA ILE D 366 -1.87 20.49 -0.35
C ILE D 366 -1.57 21.77 -1.14
N PHE D 367 -0.31 21.99 -1.51
CA PHE D 367 0.06 23.18 -2.27
C PHE D 367 -0.14 22.95 -3.77
N GLY D 368 -1.33 22.51 -4.18
CA GLY D 368 -1.62 22.45 -5.59
C GLY D 368 -1.75 23.85 -6.13
N GLU D 369 -1.02 24.13 -7.21
CA GLU D 369 -0.82 25.41 -7.90
C GLU D 369 0.03 26.39 -7.09
N LEU D 370 0.38 26.05 -5.87
CA LEU D 370 1.22 26.90 -5.04
C LEU D 370 2.69 26.52 -5.13
N ILE D 371 3.02 25.46 -5.85
CA ILE D 371 4.41 25.24 -6.22
C ILE D 371 4.87 26.34 -7.17
N THR D 372 3.98 26.78 -8.05
CA THR D 372 4.33 27.81 -9.02
C THR D 372 4.23 29.21 -8.41
N LEU D 373 3.09 29.52 -7.80
CA LEU D 373 2.75 30.89 -7.46
C LEU D 373 3.46 31.43 -6.23
N LEU D 374 4.09 30.57 -5.43
CA LEU D 374 4.63 31.05 -4.16
C LEU D 374 5.96 31.75 -4.30
N GLU D 375 6.68 31.57 -5.40
CA GLU D 375 7.93 32.27 -5.62
C GLU D 375 7.69 33.77 -5.73
N LYS D 376 8.64 34.56 -5.23
CA LYS D 376 8.42 35.99 -4.99
C LYS D 376 8.21 36.76 -6.28
N ASP D 377 8.85 36.34 -7.37
CA ASP D 377 8.66 36.96 -8.66
C ASP D 377 7.46 36.40 -9.42
N LYS D 378 6.97 35.23 -9.03
CA LYS D 378 5.76 34.67 -9.61
C LYS D 378 4.50 35.18 -8.93
N ARG D 379 4.64 35.99 -7.90
CA ARG D 379 3.51 36.58 -7.21
C ARG D 379 3.02 37.82 -7.96
N LEU D 380 2.00 38.46 -7.40
CA LEU D 380 1.41 39.62 -8.05
C LEU D 380 2.35 40.81 -7.95
N GLY D 381 2.55 41.51 -9.05
CA GLY D 381 3.54 42.56 -9.12
C GLY D 381 4.95 42.09 -9.37
N GLY D 382 5.23 40.80 -9.26
CA GLY D 382 6.53 40.27 -9.58
C GLY D 382 6.80 40.32 -11.07
N GLU D 383 8.08 40.14 -11.42
CA GLU D 383 8.50 40.27 -12.81
C GLU D 383 7.98 39.12 -13.67
N ASN D 384 7.76 37.96 -13.08
CA ASN D 384 7.22 36.81 -13.79
C ASN D 384 5.86 36.46 -13.21
N GLN D 385 5.03 37.47 -13.01
CA GLN D 385 3.73 37.34 -12.34
C GLN D 385 2.83 36.37 -13.09
N LEU D 386 2.38 35.33 -12.39
CA LEU D 386 1.55 34.29 -12.95
C LEU D 386 0.20 34.28 -12.25
N ILE D 387 -0.85 34.15 -13.04
CA ILE D 387 -2.21 34.02 -12.52
C ILE D 387 -2.71 32.66 -13.02
N VAL D 388 -2.68 31.66 -12.13
CA VAL D 388 -3.02 30.31 -12.53
C VAL D 388 -4.55 30.19 -12.63
N ARG D 389 -5.00 29.15 -13.33
CA ARG D 389 -6.40 28.78 -13.31
C ARG D 389 -6.58 27.58 -12.39
N LEU D 390 -7.58 27.65 -11.53
CA LEU D 390 -7.89 26.65 -10.52
C LEU D 390 -8.85 25.59 -11.09
N PRO D 391 -8.66 24.32 -10.74
CA PRO D 391 -9.41 23.26 -11.43
C PRO D 391 -10.88 23.18 -11.06
N TYR D 392 -11.23 23.31 -9.77
CA TYR D 392 -12.60 23.04 -9.36
C TYR D 392 -13.55 24.18 -9.71
N SER D 393 -13.11 25.43 -9.50
CA SER D 393 -13.95 26.58 -9.76
C SER D 393 -13.74 27.20 -11.12
N GLY D 394 -12.59 26.98 -11.76
CA GLY D 394 -12.27 27.62 -13.00
C GLY D 394 -11.80 29.05 -12.88
N GLU D 395 -11.69 29.57 -11.66
CA GLU D 395 -11.34 30.97 -11.45
C GLU D 395 -9.84 31.19 -11.60
N PRO D 396 -9.44 32.38 -12.03
CA PRO D 396 -8.03 32.75 -11.93
C PRO D 396 -7.61 32.95 -10.49
N PHE D 397 -6.34 32.65 -10.21
CA PHE D 397 -5.82 32.78 -8.86
C PHE D 397 -4.33 33.11 -8.92
N ALA D 398 -3.90 33.94 -7.96
CA ALA D 398 -2.52 34.34 -7.83
C ALA D 398 -2.28 34.79 -6.40
N VAL D 399 -1.09 34.51 -5.90
CA VAL D 399 -0.73 34.89 -4.53
C VAL D 399 -0.28 36.35 -4.53
N PRO D 400 -0.84 37.19 -3.66
CA PRO D 400 -0.42 38.59 -3.58
C PRO D 400 0.96 38.70 -2.95
N PRO D 401 1.67 39.81 -3.16
CA PRO D 401 3.01 39.93 -2.58
C PRO D 401 3.03 40.19 -1.07
N ASN D 402 1.92 40.66 -0.50
CA ASN D 402 1.90 41.03 0.91
C ASN D 402 1.47 39.88 1.82
N LEU D 403 1.30 38.68 1.28
CA LEU D 403 1.00 37.50 2.08
C LEU D 403 2.27 36.70 2.28
N TYR D 404 2.56 36.35 3.52
CA TYR D 404 3.79 35.64 3.86
C TYR D 404 3.45 34.33 4.56
N ILE D 405 4.30 33.33 4.36
CA ILE D 405 4.13 32.02 4.98
C ILE D 405 5.31 31.76 5.90
N ILE D 406 5.04 31.35 7.13
CA ILE D 406 6.08 30.83 8.01
C ILE D 406 5.74 29.40 8.34
N GLY D 407 6.63 28.49 7.96
CA GLY D 407 6.47 27.08 8.26
C GLY D 407 7.38 26.68 9.40
N THR D 408 6.90 25.76 10.23
CA THR D 408 7.75 25.08 11.18
C THR D 408 7.73 23.60 10.85
N MET D 409 8.84 22.91 11.11
CA MET D 409 8.91 21.47 10.90
C MET D 409 10.02 20.91 11.79
N ASN D 410 9.77 19.76 12.42
CA ASN D 410 10.86 19.10 13.19
C ASN D 410 11.64 18.15 12.27
N THR D 411 12.97 18.21 12.34
CA THR D 411 13.83 17.48 11.38
C THR D 411 14.05 16.05 11.85
N ALA D 412 13.71 15.79 13.12
CA ALA D 412 13.91 14.47 13.76
C ALA D 412 13.13 13.43 12.96
N ASP D 413 11.82 13.62 12.77
CA ASP D 413 11.03 12.64 11.98
C ASP D 413 11.39 12.76 10.49
N ARG D 414 12.02 11.72 9.93
CA ARG D 414 12.61 11.75 8.57
C ARG D 414 11.63 11.00 7.65
N SER D 415 10.67 10.33 8.27
CA SER D 415 9.59 9.74 7.49
C SER D 415 8.69 10.79 6.87
N ILE D 416 8.71 12.02 7.37
CA ILE D 416 7.95 13.12 6.80
C ILE D 416 8.92 14.23 6.42
N ALA D 417 10.18 13.85 6.16
CA ALA D 417 11.18 14.83 5.80
C ALA D 417 10.88 15.42 4.43
N LEU D 418 11.19 16.70 4.26
CA LEU D 418 10.77 17.43 3.07
C LEU D 418 11.74 17.10 1.92
N LEU D 419 11.52 15.98 1.25
CA LEU D 419 12.40 15.52 0.19
C LEU D 419 12.15 16.21 -1.15
N ASP D 420 11.08 16.99 -1.26
CA ASP D 420 10.77 17.67 -2.51
C ASP D 420 11.68 18.88 -2.65
N VAL D 421 12.79 18.71 -3.39
CA VAL D 421 13.79 19.75 -3.45
C VAL D 421 13.41 20.87 -4.41
N ALA D 422 12.40 20.66 -5.25
CA ALA D 422 11.83 21.77 -5.99
C ALA D 422 10.99 22.64 -5.07
N LEU D 423 10.28 22.00 -4.13
CA LEU D 423 9.51 22.73 -3.14
C LEU D 423 10.41 23.45 -2.14
N ARG D 424 11.63 22.94 -1.93
CA ARG D 424 12.60 23.61 -1.06
C ARG D 424 13.06 24.94 -1.64
N ARG D 425 12.99 25.09 -2.96
CA ARG D 425 13.43 26.32 -3.61
C ARG D 425 12.52 27.50 -3.31
N ARG D 426 11.26 27.24 -2.97
CA ARG D 426 10.34 28.33 -2.66
C ARG D 426 10.65 28.96 -1.31
N PHE D 427 11.19 28.17 -0.38
CA PHE D 427 11.31 28.56 1.01
C PHE D 427 12.75 28.87 1.35
N ALA D 428 12.93 29.84 2.25
CA ALA D 428 14.18 30.00 2.97
C ALA D 428 14.13 29.12 4.21
N PHE D 429 15.20 28.39 4.46
CA PHE D 429 15.22 27.38 5.51
C PHE D 429 16.10 27.88 6.65
N ILE D 430 15.45 28.36 7.70
CA ILE D 430 16.13 28.80 8.91
C ILE D 430 16.21 27.62 9.87
N GLU D 431 17.43 27.25 10.24
CA GLU D 431 17.60 26.21 11.25
C GLU D 431 17.52 26.84 12.63
N VAL D 432 16.58 26.36 13.43
CA VAL D 432 16.47 26.73 14.83
C VAL D 432 17.08 25.57 15.61
N GLU D 433 18.34 25.70 15.98
CA GLU D 433 19.07 24.66 16.67
C GLU D 433 18.71 24.66 18.15
N PRO D 434 19.01 23.59 18.87
CA PRO D 434 18.97 23.65 20.34
C PRO D 434 19.99 24.64 20.85
N ARG D 435 19.54 25.52 21.75
CA ARG D 435 20.40 26.53 22.37
C ARG D 435 20.49 26.21 23.84
N PRO D 436 21.51 25.45 24.27
CA PRO D 436 21.68 25.17 25.70
C PRO D 436 22.08 26.37 26.51
N GLU D 437 22.54 27.45 25.88
CA GLU D 437 22.88 28.69 26.58
C GLU D 437 21.66 29.37 27.19
N PHE D 438 20.44 28.99 26.81
CA PHE D 438 19.24 29.42 27.52
C PHE D 438 19.16 28.81 28.90
N LEU D 439 19.82 27.68 29.13
CA LEU D 439 19.76 26.96 30.39
C LEU D 439 20.85 27.38 31.37
N GLU D 440 21.67 28.37 31.02
CA GLU D 440 22.50 29.03 32.01
C GLU D 440 21.61 29.75 33.00
N LYS D 441 22.10 29.89 34.24
CA LYS D 441 21.26 30.32 35.36
C LYS D 441 20.74 31.74 35.18
N GLU D 442 21.58 32.64 34.68
CA GLU D 442 21.14 34.01 34.46
C GLU D 442 20.28 34.12 33.21
N ASN D 443 20.51 33.26 32.22
CA ASN D 443 19.65 33.23 31.04
C ASN D 443 18.31 32.56 31.36
N LEU D 444 18.33 31.50 32.17
CA LEU D 444 17.11 30.83 32.57
C LEU D 444 16.25 31.72 33.46
N LYS D 445 16.88 32.62 34.21
CA LYS D 445 16.14 33.56 35.04
C LYS D 445 15.42 34.59 34.17
N LYS D 446 16.15 35.29 33.30
CA LYS D 446 15.57 36.38 32.53
C LYS D 446 14.64 35.91 31.41
N ILE D 447 14.71 34.64 31.03
CA ILE D 447 13.69 34.10 30.13
C ILE D 447 12.36 33.97 30.86
N ARG D 448 12.39 33.46 32.09
CA ARG D 448 11.17 33.26 32.86
C ARG D 448 10.76 34.49 33.67
N GLU D 449 11.67 35.45 33.87
CA GLU D 449 11.27 36.73 34.45
C GLU D 449 10.50 37.62 33.48
N LYS D 450 10.38 37.21 32.21
CA LYS D 450 9.73 38.05 31.20
C LYS D 450 8.24 38.21 31.48
N LYS D 451 7.54 37.12 31.72
CA LYS D 451 6.10 37.17 31.96
C LYS D 451 5.79 36.59 33.35
N LEU D 452 5.89 37.43 34.37
CA LEU D 452 5.46 37.10 35.73
C LEU D 452 4.90 38.35 36.39
N LYS D 453 4.42 38.20 37.62
CA LYS D 453 3.87 39.31 38.38
C LYS D 453 5.00 40.05 39.10
N THR D 454 4.62 40.94 40.03
CA THR D 454 5.62 41.71 40.77
C THR D 454 6.34 40.82 41.79
N GLU D 455 5.59 40.23 42.72
CA GLU D 455 6.17 39.35 43.72
C GLU D 455 6.34 37.93 43.23
N ASP D 456 5.86 37.60 42.03
CA ASP D 456 6.01 36.26 41.50
C ASP D 456 7.33 36.03 40.79
N ARG D 457 8.14 37.09 40.61
CA ARG D 457 9.45 36.93 39.99
C ARG D 457 10.59 36.99 41.00
N LYS D 458 10.31 37.35 42.25
CA LYS D 458 11.31 37.24 43.31
C LYS D 458 11.23 35.92 44.04
N ARG D 459 10.29 35.05 43.67
CA ARG D 459 10.28 33.67 44.13
C ARG D 459 10.84 32.71 43.11
N LEU D 460 10.83 33.09 41.83
CA LEU D 460 11.39 32.24 40.79
C LEU D 460 12.91 32.29 40.79
N ASN D 461 13.50 33.46 41.05
CA ASN D 461 14.95 33.57 41.06
C ASN D 461 15.58 32.91 42.28
N GLU D 462 14.87 32.87 43.40
CA GLU D 462 15.37 32.14 44.56
C GLU D 462 15.07 30.66 44.47
N LYS D 463 14.04 30.26 43.72
CA LYS D 463 13.90 28.87 43.33
C LYS D 463 15.06 28.45 42.43
N LEU D 464 15.43 29.30 41.49
CA LEU D 464 16.58 29.05 40.64
C LEU D 464 17.89 29.20 41.38
N ASN D 465 17.91 29.92 42.51
CA ASN D 465 19.09 29.94 43.36
C ASN D 465 19.31 28.59 44.00
N GLU D 466 18.26 28.02 44.60
CA GLU D 466 18.39 26.73 45.28
C GLU D 466 18.54 25.57 44.32
N LEU D 467 18.08 25.72 43.07
CA LEU D 467 18.32 24.71 42.05
C LEU D 467 19.81 24.60 41.76
N PHE D 468 20.44 25.72 41.40
CA PHE D 468 21.82 25.68 40.98
C PHE D 468 22.79 25.57 42.16
N SER D 469 22.33 25.90 43.37
CA SER D 469 23.15 25.61 44.54
C SER D 469 23.21 24.11 44.83
N LYS D 470 22.13 23.39 44.53
CA LYS D 470 22.14 21.94 44.65
C LYS D 470 22.82 21.25 43.47
N LEU D 471 23.13 21.99 42.41
CA LEU D 471 23.89 21.46 41.28
C LEU D 471 25.39 21.72 41.44
N GLY D 472 25.83 22.16 42.62
CA GLY D 472 27.23 22.41 42.85
C GLY D 472 27.69 23.80 42.52
N ASN D 473 26.78 24.78 42.53
CA ASN D 473 27.02 26.20 42.18
C ASN D 473 27.55 26.38 40.76
N ASP D 474 27.30 25.41 39.88
CA ASP D 474 27.63 25.52 38.47
C ASP D 474 26.48 26.22 37.77
N ASN D 475 26.66 27.49 37.40
CA ASN D 475 25.63 28.24 36.70
C ASN D 475 25.37 27.68 35.30
N TYR D 476 26.38 27.05 34.71
CA TYR D 476 26.25 26.41 33.41
C TYR D 476 26.04 24.91 33.52
N PHE D 477 25.28 24.46 34.52
CA PHE D 477 25.06 23.03 34.70
C PHE D 477 24.18 22.47 33.59
N LEU D 478 22.96 22.98 33.48
CA LEU D 478 22.04 22.50 32.44
C LEU D 478 22.46 22.96 31.05
N LYS D 479 23.26 24.01 30.95
CA LYS D 479 23.86 24.37 29.67
C LYS D 479 24.85 23.30 29.22
N THR D 480 25.73 22.86 30.14
CA THR D 480 26.70 21.84 29.79
C THR D 480 26.05 20.46 29.73
N LEU D 481 24.99 20.25 30.50
CA LEU D 481 24.27 18.97 30.45
C LEU D 481 23.59 18.78 29.11
N LEU D 482 22.95 19.83 28.58
CA LEU D 482 22.29 19.72 27.29
C LEU D 482 23.30 19.62 26.16
N GLU D 483 24.35 20.45 26.19
CA GLU D 483 25.30 20.47 25.08
C GLU D 483 26.21 19.25 25.07
N LYS D 484 26.38 18.55 26.19
CA LYS D 484 27.13 17.29 26.16
C LYS D 484 26.25 16.15 25.65
N ILE D 485 24.96 16.18 25.98
CA ILE D 485 24.06 15.15 25.49
C ILE D 485 23.76 15.37 24.01
N ASN D 486 23.61 16.63 23.60
CA ASN D 486 23.30 16.92 22.20
C ASN D 486 24.49 16.65 21.29
N VAL D 487 25.72 16.84 21.77
CA VAL D 487 26.88 16.50 20.96
C VAL D 487 27.08 15.00 20.94
N ARG D 488 26.53 14.26 21.91
CA ARG D 488 26.63 12.81 21.91
C ARG D 488 25.53 12.18 21.07
N ILE D 489 24.33 12.76 21.07
CA ILE D 489 23.26 12.30 20.19
C ILE D 489 23.63 12.57 18.73
N THR D 490 24.31 13.69 18.46
CA THR D 490 24.77 14.02 17.12
C THR D 490 25.73 12.97 16.57
N VAL D 491 26.54 12.38 17.45
CA VAL D 491 27.55 11.42 17.01
C VAL D 491 26.92 10.07 16.67
N VAL D 492 26.12 9.51 17.57
CA VAL D 492 25.59 8.17 17.38
C VAL D 492 24.25 8.17 16.65
N LYS D 493 23.37 9.14 16.93
CA LYS D 493 22.06 9.06 16.29
C LYS D 493 22.01 9.89 15.02
N ASP D 494 22.01 11.21 15.16
CA ASP D 494 22.17 12.23 14.10
C ASP D 494 22.05 13.61 14.75
N ARG D 495 22.32 14.62 13.93
CA ARG D 495 22.25 16.01 14.36
C ARG D 495 20.83 16.46 14.64
N ASP D 496 19.85 15.89 13.95
CA ASP D 496 18.48 16.37 14.00
C ASP D 496 17.65 15.72 15.09
N HIS D 497 18.23 14.83 15.88
CA HIS D 497 17.53 14.21 17.00
C HIS D 497 18.00 14.76 18.34
N ARG D 498 18.61 15.95 18.33
CA ARG D 498 19.10 16.56 19.56
C ARG D 498 17.94 17.00 20.46
N ILE D 499 18.21 17.01 21.76
CA ILE D 499 17.21 17.45 22.73
C ILE D 499 17.09 18.96 22.67
N GLY D 500 15.88 19.45 22.45
CA GLY D 500 15.65 20.87 22.52
C GLY D 500 15.71 21.39 23.94
N HIS D 501 15.97 22.70 24.05
CA HIS D 501 16.11 23.33 25.35
C HIS D 501 14.80 23.51 26.09
N SER D 502 13.66 23.30 25.42
CA SER D 502 12.36 23.51 26.05
C SER D 502 12.02 22.41 27.05
N TYR D 503 12.71 21.27 26.98
CA TYR D 503 12.56 20.24 28.00
C TYR D 503 13.00 20.75 29.36
N PHE D 504 14.13 21.44 29.41
CA PHE D 504 14.73 21.91 30.66
C PHE D 504 14.44 23.38 30.93
N LEU D 505 13.55 23.99 30.15
CA LEU D 505 13.40 25.44 30.25
C LEU D 505 12.49 25.83 31.40
N ASN D 506 11.53 24.97 31.77
CA ASN D 506 10.66 25.20 32.90
C ASN D 506 11.16 24.53 34.18
N VAL D 507 12.45 24.17 34.22
CA VAL D 507 13.02 23.52 35.39
C VAL D 507 13.32 24.60 36.43
N GLU D 508 12.73 24.47 37.61
CA GLU D 508 12.94 25.40 38.70
C GLU D 508 13.57 24.77 39.92
N THR D 509 13.38 23.47 40.14
CA THR D 509 13.93 22.74 41.28
C THR D 509 14.70 21.54 40.76
N VAL D 510 15.32 20.81 41.69
CA VAL D 510 15.98 19.56 41.35
C VAL D 510 14.93 18.48 41.08
N GLU D 511 13.79 18.54 41.80
CA GLU D 511 12.69 17.63 41.54
C GLU D 511 12.05 17.89 40.18
N ASP D 512 12.00 19.16 39.75
CA ASP D 512 11.58 19.47 38.40
C ASP D 512 12.56 18.92 37.38
N LEU D 513 13.85 18.97 37.69
CA LEU D 513 14.87 18.40 36.81
C LEU D 513 14.81 16.88 36.83
N HIS D 514 14.42 16.29 37.97
CA HIS D 514 14.27 14.84 38.06
C HIS D 514 13.08 14.37 37.25
N HIS D 515 11.98 15.12 37.26
CA HIS D 515 10.81 14.72 36.49
C HIS D 515 11.01 14.95 35.00
N VAL D 516 11.82 15.96 34.63
CA VAL D 516 12.15 16.15 33.22
C VAL D 516 13.06 15.04 32.74
N TRP D 517 13.99 14.61 33.59
CA TRP D 517 14.92 13.56 33.21
C TRP D 517 14.21 12.21 33.07
N TYR D 518 13.41 11.82 34.06
CA TYR D 518 12.93 10.45 34.12
C TYR D 518 11.62 10.22 33.39
N TYR D 519 10.90 11.28 33.00
CA TYR D 519 9.64 11.12 32.30
C TYR D 519 9.61 11.77 30.92
N GLU D 520 10.58 12.61 30.58
CA GLU D 520 10.68 13.17 29.24
C GLU D 520 11.94 12.74 28.53
N VAL D 521 13.12 12.98 29.12
CA VAL D 521 14.37 12.86 28.39
C VAL D 521 14.77 11.40 28.23
N LEU D 522 14.85 10.68 29.34
CA LEU D 522 15.30 9.30 29.34
C LEU D 522 14.29 8.33 28.73
N PRO D 523 12.96 8.54 28.85
CA PRO D 523 12.04 7.84 27.92
C PRO D 523 12.30 8.13 26.45
N LEU D 524 12.56 9.38 26.09
CA LEU D 524 12.88 9.72 24.70
C LEU D 524 14.21 9.10 24.28
N LEU D 525 15.17 9.09 25.19
CA LEU D 525 16.47 8.51 24.91
C LEU D 525 16.41 6.99 24.80
N MET D 526 15.47 6.36 25.50
CA MET D 526 15.27 4.92 25.38
C MET D 526 14.53 4.52 24.12
N GLU D 527 13.92 5.47 23.41
CA GLU D 527 13.33 5.20 22.10
C GLU D 527 14.27 5.52 20.95
N TYR D 528 15.27 6.38 21.17
CA TYR D 528 16.32 6.58 20.18
C TYR D 528 17.13 5.31 19.99
N PHE D 529 17.46 4.65 21.10
CA PHE D 529 18.41 3.55 21.17
C PHE D 529 17.76 2.35 21.83
N TYR D 530 16.59 1.96 21.31
CA TYR D 530 15.78 0.89 21.87
C TYR D 530 16.52 -0.44 21.87
N ASN D 531 16.76 -0.97 23.08
CA ASN D 531 17.57 -2.18 23.34
C ASN D 531 18.95 -2.11 22.71
N ASP D 532 19.51 -0.91 22.64
CA ASP D 532 20.90 -0.70 22.24
C ASP D 532 21.54 -0.07 23.47
N TRP D 533 21.95 -0.92 24.41
CA TRP D 533 22.28 -0.45 25.74
C TRP D 533 23.67 0.18 25.82
N GLU D 534 24.59 -0.24 24.96
CA GLU D 534 25.92 0.34 24.98
C GLU D 534 25.96 1.74 24.38
N THR D 535 24.94 2.08 23.58
CA THR D 535 24.82 3.43 23.04
C THR D 535 24.16 4.38 24.02
N ILE D 536 23.08 3.93 24.68
CA ILE D 536 22.37 4.79 25.63
C ILE D 536 23.22 5.07 26.85
N LYS D 537 24.14 4.18 27.20
CA LYS D 537 25.07 4.46 28.28
C LYS D 537 26.30 5.22 27.80
N TRP D 538 26.52 5.29 26.50
CA TRP D 538 27.56 6.17 25.97
C TRP D 538 27.09 7.62 25.89
N VAL D 539 25.81 7.84 25.58
CA VAL D 539 25.26 9.20 25.55
C VAL D 539 25.21 9.78 26.97
N LEU D 540 25.10 8.94 27.98
CA LEU D 540 25.20 9.38 29.36
C LEU D 540 26.62 9.17 29.92
N ASN D 541 27.56 8.78 29.05
CA ASN D 541 28.95 8.36 29.33
C ASN D 541 29.09 7.55 30.62
N GLU D 542 28.22 6.56 30.75
CA GLU D 542 28.30 5.54 31.80
C GLU D 542 28.52 4.18 31.17
N LYS D 543 29.26 4.15 30.05
CA LYS D 543 29.35 2.96 29.20
C LYS D 543 30.06 1.81 29.90
N GLY D 544 31.15 2.08 30.59
CA GLY D 544 31.83 1.05 31.34
C GLY D 544 31.26 0.87 32.72
N LYS D 545 30.53 1.88 33.20
CA LYS D 545 29.93 1.86 34.53
C LYS D 545 28.69 0.97 34.49
N GLU D 546 28.82 -0.25 35.02
CA GLU D 546 27.73 -1.21 34.93
C GLU D 546 26.84 -1.22 36.17
N HIS D 547 27.35 -0.78 37.32
CA HIS D 547 26.56 -0.71 38.54
C HIS D 547 26.87 0.60 39.24
N GLY D 548 26.28 0.77 40.42
CA GLY D 548 26.50 1.97 41.21
C GLY D 548 25.45 3.04 40.94
N ASN D 549 25.87 4.30 41.00
CA ASN D 549 24.96 5.42 40.74
C ASN D 549 24.89 5.68 39.23
N VAL D 550 24.21 4.77 38.54
CA VAL D 550 24.00 4.86 37.11
C VAL D 550 22.51 4.82 36.83
N PHE D 551 22.13 5.33 35.66
CA PHE D 551 20.74 5.26 35.24
C PHE D 551 20.36 3.89 34.72
N PHE D 552 21.34 3.11 34.24
CA PHE D 552 21.09 1.78 33.71
C PHE D 552 22.04 0.80 34.39
N GLU D 553 21.58 0.14 35.45
CA GLU D 553 22.36 -0.89 36.11
C GLU D 553 22.26 -2.19 35.33
N LYS D 554 23.38 -2.92 35.25
CA LYS D 554 23.38 -4.20 34.57
C LYS D 554 22.71 -5.23 35.45
N LEU D 555 21.82 -6.03 34.84
CA LEU D 555 21.30 -7.20 35.52
C LEU D 555 22.41 -8.22 35.72
N ARG D 556 22.43 -8.85 36.89
CA ARG D 556 23.47 -9.81 37.23
C ARG D 556 23.37 -11.11 36.43
N LEU D 557 22.26 -11.33 35.75
CA LEU D 557 22.00 -12.57 35.03
C LEU D 557 22.29 -12.40 33.55
N THR D 558 23.11 -13.29 33.00
CA THR D 558 23.38 -13.34 31.57
C THR D 558 22.59 -14.47 30.94
N GLY D 559 22.40 -14.36 29.62
CA GLY D 559 21.57 -15.30 28.90
C GLY D 559 22.25 -16.63 28.69
N PRO D 560 21.51 -17.56 28.07
CA PRO D 560 22.07 -18.88 27.80
C PRO D 560 23.10 -18.88 26.69
N ASN D 561 23.15 -17.83 25.86
CA ASN D 561 24.18 -17.67 24.85
C ASN D 561 25.00 -16.41 25.08
N GLY D 562 24.95 -15.86 26.29
CA GLY D 562 25.75 -14.71 26.64
C GLY D 562 25.12 -13.36 26.44
N GLU D 563 23.83 -13.31 26.13
CA GLU D 563 23.16 -12.02 25.97
C GLU D 563 22.97 -11.35 27.34
N GLU D 564 23.07 -10.03 27.35
CA GLU D 564 23.05 -9.26 28.58
C GLU D 564 22.02 -8.15 28.47
N ALA D 565 21.39 -7.85 29.60
CA ALA D 565 20.38 -6.81 29.67
C ALA D 565 20.74 -5.80 30.75
N TYR D 566 20.07 -4.66 30.72
CA TYR D 566 20.25 -3.62 31.70
C TYR D 566 18.90 -3.28 32.31
N GLN D 567 18.93 -2.58 33.43
CA GLN D 567 17.74 -2.25 34.19
C GLN D 567 17.77 -0.76 34.49
N LEU D 568 16.64 -0.09 34.24
CA LEU D 568 16.55 1.35 34.49
C LEU D 568 16.49 1.60 35.99
N LYS D 569 17.45 2.37 36.50
CA LYS D 569 17.54 2.68 37.92
C LYS D 569 17.12 4.11 38.16
N VAL D 570 16.18 4.31 39.08
CA VAL D 570 15.65 5.63 39.37
C VAL D 570 16.47 6.21 40.53
N LEU D 571 17.41 7.08 40.19
CA LEU D 571 18.24 7.74 41.19
C LEU D 571 17.52 8.97 41.74
N GLU D 572 17.78 9.25 43.02
CA GLU D 572 17.17 10.40 43.69
C GLU D 572 18.24 11.17 44.45
N GLY D 573 17.92 12.43 44.73
CA GLY D 573 18.76 13.24 45.60
C GLY D 573 20.08 13.61 44.97
N ASP D 574 21.14 13.55 45.78
CA ASP D 574 22.48 13.84 45.27
C ASP D 574 23.04 12.71 44.43
N ALA D 575 22.49 11.49 44.55
CA ALA D 575 22.88 10.42 43.66
C ALA D 575 22.36 10.65 42.25
N PHE D 576 21.22 11.33 42.11
CA PHE D 576 20.76 11.73 40.79
C PHE D 576 21.63 12.84 40.22
N ILE D 577 22.02 13.80 41.06
CA ILE D 577 22.85 14.91 40.61
C ILE D 577 24.26 14.43 40.31
N GLY D 578 24.79 13.52 41.14
CA GLY D 578 26.13 13.00 40.93
C GLY D 578 26.26 12.16 39.67
N ALA D 579 25.20 11.46 39.29
CA ALA D 579 25.20 10.77 38.00
C ALA D 579 24.96 11.73 36.85
N LEU D 580 24.26 12.83 37.12
CA LEU D 580 24.01 13.82 36.08
C LEU D 580 25.21 14.72 35.89
N LYS D 581 25.98 14.96 36.95
CA LYS D 581 27.26 15.64 36.84
C LYS D 581 28.32 14.76 36.18
N ARG D 582 28.11 13.45 36.12
CA ARG D 582 29.03 12.57 35.41
C ARG D 582 28.94 12.77 33.91
N ILE D 583 27.72 13.04 33.39
CA ILE D 583 27.53 13.31 31.97
C ILE D 583 28.26 14.58 31.54
N ILE D 584 28.36 15.55 32.45
CA ILE D 584 29.13 16.76 32.17
C ILE D 584 30.62 16.43 32.10
N SER D 585 31.13 15.73 33.10
CA SER D 585 32.53 15.34 33.13
C SER D 585 32.76 14.06 32.36
N GLY E 191 1.63 4.07 50.23
CA GLY E 191 2.53 3.20 49.50
C GLY E 191 2.97 3.78 48.17
N HIS E 192 3.79 3.02 47.44
CA HIS E 192 4.25 3.47 46.13
C HIS E 192 3.15 3.44 45.09
N ASN E 193 2.15 2.58 45.28
CA ASN E 193 0.96 2.57 44.44
C ASN E 193 -0.28 3.09 45.13
N ILE E 194 -0.31 3.05 46.47
CA ILE E 194 -1.47 3.55 47.21
C ILE E 194 -1.52 5.07 47.13
N LYS E 195 -0.38 5.73 47.10
CA LYS E 195 -0.38 7.17 46.96
C LYS E 195 0.56 7.68 45.86
N GLU E 196 1.72 7.03 45.67
CA GLU E 196 2.78 7.67 44.91
C GLU E 196 2.61 7.51 43.40
N ASP E 197 2.13 6.35 42.94
CA ASP E 197 1.89 6.19 41.51
C ASP E 197 0.69 7.03 41.08
N TYR E 198 -0.27 7.24 41.99
CA TYR E 198 -1.27 8.28 41.83
C TYR E 198 -0.62 9.66 41.78
N PHE E 199 0.39 9.88 42.64
CA PHE E 199 1.01 11.19 42.75
C PHE E 199 1.88 11.52 41.54
N ARG E 200 2.43 10.50 40.87
CA ARG E 200 3.18 10.75 39.64
C ARG E 200 2.26 11.20 38.52
N VAL E 201 1.04 10.67 38.49
CA VAL E 201 0.08 11.09 37.47
C VAL E 201 -0.39 12.52 37.73
N ASP E 202 -0.70 12.85 38.98
CA ASP E 202 -1.24 14.18 39.30
C ASP E 202 -0.21 15.27 39.09
N MET E 203 1.04 15.01 39.46
CA MET E 203 2.09 16.00 39.32
C MET E 203 2.45 16.25 37.85
N LEU E 204 2.62 15.17 37.09
CA LEU E 204 2.99 15.32 35.70
C LEU E 204 1.84 15.74 34.79
N LEU E 205 0.59 15.66 35.27
CA LEU E 205 -0.53 16.16 34.50
C LEU E 205 -0.69 17.65 34.65
N ASN E 206 -0.29 18.21 35.79
CA ASN E 206 -0.32 19.65 35.95
C ASN E 206 0.90 20.31 35.34
N LYS E 207 2.03 19.60 35.31
CA LYS E 207 3.27 20.17 34.78
C LYS E 207 3.31 20.14 33.26
N LYS E 208 2.59 19.22 32.64
CA LYS E 208 2.77 18.96 31.22
C LYS E 208 1.44 19.07 30.48
N GLY E 209 0.34 18.85 31.18
CA GLY E 209 -0.97 18.90 30.59
C GLY E 209 -1.49 17.57 30.11
N GLN E 210 -0.59 16.64 29.77
CA GLN E 210 -0.99 15.34 29.28
C GLN E 210 0.12 14.33 29.56
N VAL E 211 -0.27 13.14 30.01
CA VAL E 211 0.68 12.06 30.28
C VAL E 211 0.30 10.85 29.46
N ILE E 212 1.29 9.99 29.25
CA ILE E 212 1.09 8.67 28.68
C ILE E 212 1.70 7.65 29.64
N LEU E 213 0.86 6.73 30.13
CA LEU E 213 1.31 5.63 30.96
C LEU E 213 1.69 4.47 30.06
N TYR E 214 2.98 4.14 30.02
CA TYR E 214 3.46 3.09 29.15
C TYR E 214 4.06 1.96 29.98
N GLY E 215 4.15 0.79 29.35
CA GLY E 215 4.70 -0.37 30.01
C GLY E 215 4.20 -1.67 29.41
N PRO E 216 4.55 -2.78 30.04
CA PRO E 216 4.09 -4.09 29.59
C PRO E 216 2.59 -4.26 29.82
N PRO E 217 1.94 -5.23 29.19
CA PRO E 217 0.50 -5.44 29.44
C PRO E 217 0.25 -5.95 30.84
N GLY E 218 -0.84 -5.44 31.44
CA GLY E 218 -1.25 -5.89 32.74
C GLY E 218 -0.51 -5.29 33.90
N THR E 219 0.08 -4.12 33.73
CA THR E 219 0.79 -3.48 34.82
C THR E 219 -0.06 -2.45 35.55
N GLY E 220 -1.26 -2.16 35.07
CA GLY E 220 -2.14 -1.23 35.71
C GLY E 220 -2.21 0.14 35.10
N LYS E 221 -1.86 0.28 33.82
CA LYS E 221 -1.90 1.58 33.16
C LYS E 221 -3.33 2.07 32.99
N THR E 222 -4.21 1.21 32.47
CA THR E 222 -5.62 1.56 32.38
C THR E 222 -6.27 1.63 33.76
N TRP E 223 -5.80 0.82 34.70
CA TRP E 223 -6.37 0.83 36.03
C TRP E 223 -6.05 2.13 36.76
N ILE E 224 -4.82 2.61 36.69
CA ILE E 224 -4.48 3.84 37.40
C ILE E 224 -4.99 5.06 36.64
N ALA E 225 -5.17 4.97 35.33
CA ALA E 225 -5.80 6.06 34.59
C ALA E 225 -7.27 6.18 34.96
N ARG E 226 -7.96 5.06 35.12
CA ARG E 226 -9.36 5.09 35.54
C ARG E 226 -9.47 5.46 37.01
N LYS E 227 -8.54 4.99 37.85
CA LYS E 227 -8.61 5.28 39.28
C LYS E 227 -8.32 6.74 39.57
N TYR E 228 -7.40 7.35 38.82
CA TYR E 228 -7.07 8.75 39.02
C TYR E 228 -8.22 9.66 38.65
N VAL E 229 -8.81 9.41 37.47
CA VAL E 229 -9.81 10.31 36.91
C VAL E 229 -11.13 10.20 37.66
N VAL E 230 -11.49 8.99 38.11
CA VAL E 230 -12.69 8.81 38.93
C VAL E 230 -12.50 9.46 40.29
N GLU E 231 -11.28 9.43 40.84
CA GLU E 231 -11.04 10.09 42.12
C GLU E 231 -10.95 11.60 41.98
N GLU E 232 -10.51 12.10 40.82
CA GLU E 232 -10.41 13.53 40.62
C GLU E 232 -11.77 14.16 40.31
N THR E 233 -12.52 13.56 39.40
CA THR E 233 -13.79 14.12 38.97
C THR E 233 -14.93 13.79 39.92
N ASN E 234 -14.75 12.81 40.82
CA ASN E 234 -15.79 12.24 41.68
C ASN E 234 -16.97 11.73 40.85
N GLU E 235 -16.66 11.12 39.71
CA GLU E 235 -17.67 10.56 38.82
C GLU E 235 -17.21 9.19 38.36
N LYS E 236 -18.02 8.17 38.64
CA LYS E 236 -17.63 6.82 38.30
C LYS E 236 -17.79 6.55 36.81
N THR E 237 -18.74 7.22 36.15
CA THR E 237 -19.02 7.00 34.74
C THR E 237 -18.60 8.21 33.91
N PRO E 238 -18.21 8.02 32.65
CA PRO E 238 -17.95 9.17 31.78
C PRO E 238 -19.21 9.85 31.29
N GLY E 239 -19.05 10.84 30.41
CA GLY E 239 -20.17 11.58 29.90
C GLY E 239 -20.18 13.01 30.40
N ASN E 240 -19.87 13.19 31.69
CA ASN E 240 -19.74 14.50 32.28
C ASN E 240 -18.37 14.58 32.96
N LYS E 241 -17.62 15.62 32.61
CA LYS E 241 -16.33 16.03 33.18
C LYS E 241 -15.17 15.06 32.90
N TRP E 242 -15.45 13.92 32.28
CA TRP E 242 -14.39 13.09 31.72
C TRP E 242 -14.96 12.14 30.68
N GLU E 243 -14.12 11.79 29.71
CA GLU E 243 -14.45 10.85 28.67
C GLU E 243 -13.41 9.75 28.62
N PHE E 244 -13.86 8.56 28.24
CA PHE E 244 -12.98 7.42 28.00
C PHE E 244 -13.12 7.01 26.54
N ILE E 245 -12.00 7.02 25.82
CA ILE E 245 -11.96 6.50 24.47
C ILE E 245 -10.80 5.54 24.34
N THR E 246 -10.86 4.72 23.31
CA THR E 246 -9.77 3.82 22.95
C THR E 246 -9.40 4.05 21.49
N PHE E 247 -8.13 4.34 21.24
CA PHE E 247 -7.69 4.49 19.86
C PHE E 247 -7.49 3.14 19.20
N HIS E 248 -7.75 3.11 17.90
CA HIS E 248 -7.50 1.94 17.07
C HIS E 248 -7.26 2.45 15.66
N GLN E 249 -7.17 1.53 14.70
CA GLN E 249 -6.78 1.91 13.36
C GLN E 249 -7.93 2.51 12.54
N SER E 250 -9.16 2.50 13.04
CA SER E 250 -10.25 3.18 12.36
C SER E 250 -10.70 4.43 13.11
N TYR E 251 -9.98 4.85 14.15
CA TYR E 251 -10.03 6.25 14.51
C TYR E 251 -9.42 7.08 13.40
N SER E 252 -9.97 8.27 13.20
CA SER E 252 -9.46 9.20 12.22
C SER E 252 -9.37 10.57 12.85
N TYR E 253 -8.83 11.53 12.07
CA TYR E 253 -8.96 12.93 12.44
C TYR E 253 -10.42 13.36 12.46
N GLU E 254 -11.24 12.75 11.60
CA GLU E 254 -12.61 13.18 11.37
C GLU E 254 -13.56 12.79 12.47
N GLU E 255 -13.23 11.76 13.25
CA GLU E 255 -14.06 11.39 14.39
C GLU E 255 -13.45 11.84 15.72
N PHE E 256 -12.24 12.39 15.68
CA PHE E 256 -11.58 12.90 16.87
C PHE E 256 -11.67 14.42 16.99
N ILE E 257 -11.38 15.15 15.92
CA ILE E 257 -11.46 16.61 15.97
C ILE E 257 -12.73 17.06 15.26
N GLU E 258 -12.77 16.88 13.94
CA GLU E 258 -13.90 17.31 13.13
C GLU E 258 -13.75 16.72 11.74
N GLY E 259 -14.89 16.57 11.07
CA GLY E 259 -14.89 16.08 9.71
C GLY E 259 -16.29 16.07 9.15
N PHE E 260 -16.36 16.01 7.82
CA PHE E 260 -17.63 15.96 7.12
C PHE E 260 -18.26 14.59 7.32
N ARG E 261 -19.27 14.52 8.17
CA ARG E 261 -19.96 13.26 8.38
C ARG E 261 -21.39 13.39 7.88
N PRO E 262 -21.89 12.37 7.16
CA PRO E 262 -23.25 12.46 6.60
C PRO E 262 -24.31 12.24 7.67
N ARG E 263 -25.30 13.13 7.70
CA ARG E 263 -26.45 12.99 8.57
C ARG E 263 -27.72 13.00 7.72
N THR E 264 -28.79 12.42 8.25
CA THR E 264 -30.05 12.29 7.53
C THR E 264 -31.16 12.95 8.32
N ASP E 265 -32.02 13.68 7.62
CA ASP E 265 -33.24 14.25 8.19
C ASP E 265 -34.44 13.69 7.44
N ASN E 266 -35.62 14.23 7.75
CA ASN E 266 -36.84 13.85 7.05
C ASN E 266 -37.14 14.73 5.85
N GLU E 267 -36.76 16.02 5.90
CA GLU E 267 -36.92 16.90 4.76
C GLU E 267 -35.79 16.79 3.76
N GLU E 268 -34.69 16.14 4.12
CA GLU E 268 -33.53 16.01 3.26
C GLU E 268 -32.90 14.64 3.47
N LYS E 269 -32.58 13.97 2.37
CA LYS E 269 -32.09 12.60 2.43
C LYS E 269 -30.66 12.52 2.95
N ILE E 270 -29.72 13.12 2.21
CA ILE E 270 -28.30 13.02 2.54
C ILE E 270 -27.76 14.43 2.75
N ARG E 271 -27.20 14.68 3.93
CA ARG E 271 -26.69 15.99 4.33
C ARG E 271 -25.31 15.80 4.92
N TYR E 272 -24.28 16.32 4.25
CA TYR E 272 -22.91 16.24 4.73
C TYR E 272 -22.65 17.43 5.65
N VAL E 273 -22.24 17.14 6.88
CA VAL E 273 -22.16 18.12 7.95
C VAL E 273 -20.83 17.93 8.66
N VAL E 274 -20.10 19.03 8.87
CA VAL E 274 -18.91 19.01 9.73
C VAL E 274 -19.35 18.79 11.16
N GLU E 275 -19.14 17.58 11.66
CA GLU E 275 -19.46 17.22 13.03
C GLU E 275 -18.17 17.22 13.84
N ASP E 276 -18.21 17.84 15.01
CA ASP E 276 -17.04 17.84 15.87
C ASP E 276 -16.82 16.47 16.48
N GLY E 277 -15.56 16.06 16.55
CA GLY E 277 -15.20 14.77 17.10
C GLY E 277 -15.25 14.78 18.61
N ILE E 278 -14.68 13.71 19.17
CA ILE E 278 -14.75 13.53 20.62
C ILE E 278 -13.81 14.50 21.33
N PHE E 279 -12.66 14.82 20.74
CA PHE E 279 -11.78 15.79 21.38
C PHE E 279 -12.33 17.20 21.32
N LYS E 280 -12.87 17.60 20.17
CA LYS E 280 -13.44 18.94 20.06
C LYS E 280 -14.67 19.09 20.91
N LYS E 281 -15.37 17.98 21.19
CA LYS E 281 -16.47 18.05 22.14
C LYS E 281 -15.96 18.19 23.57
N ILE E 282 -14.93 17.43 23.95
CA ILE E 282 -14.46 17.48 25.34
C ILE E 282 -13.64 18.74 25.59
N ALA E 283 -13.00 19.30 24.56
CA ALA E 283 -12.25 20.54 24.75
C ALA E 283 -13.18 21.74 24.82
N LEU E 284 -14.22 21.76 24.00
CA LEU E 284 -15.21 22.83 24.10
C LEU E 284 -16.02 22.72 25.38
N ARG E 285 -16.29 21.48 25.83
CA ARG E 285 -16.98 21.28 27.10
C ARG E 285 -16.15 21.78 28.27
N ALA E 286 -14.83 21.54 28.22
CA ALA E 286 -13.94 22.04 29.26
C ALA E 286 -13.85 23.56 29.22
N LEU E 287 -13.88 24.14 28.02
CA LEU E 287 -13.77 25.59 27.89
C LEU E 287 -15.05 26.28 28.32
N VAL E 288 -16.21 25.80 27.87
CA VAL E 288 -17.49 26.43 28.18
C VAL E 288 -17.80 26.32 29.67
N LYS E 289 -17.52 25.17 30.28
CA LYS E 289 -17.70 25.02 31.72
C LYS E 289 -16.69 25.86 32.49
N GLY E 290 -15.50 26.09 31.92
CA GLY E 290 -14.56 27.00 32.53
C GLY E 290 -15.00 28.45 32.49
N LEU E 291 -15.79 28.81 31.48
CA LEU E 291 -16.34 30.16 31.38
C LEU E 291 -17.65 30.32 32.15
N PHE E 292 -18.15 29.25 32.76
CA PHE E 292 -19.29 29.39 33.68
C PHE E 292 -18.90 30.17 34.93
N GLU E 293 -17.76 29.83 35.51
CA GLU E 293 -17.36 30.36 36.80
C GLU E 293 -16.40 31.54 36.70
N LEU E 294 -15.98 31.92 35.49
CA LEU E 294 -15.30 33.19 35.31
C LEU E 294 -16.28 34.33 35.57
N GLU E 295 -15.78 35.40 36.18
CA GLU E 295 -16.63 36.48 36.67
C GLU E 295 -16.62 37.69 35.74
N ASP E 296 -16.24 37.52 34.48
CA ASP E 296 -16.22 38.62 33.55
C ASP E 296 -17.63 39.03 33.14
N ALA E 297 -17.85 40.35 33.01
CA ALA E 297 -19.07 40.85 32.41
C ALA E 297 -18.99 40.84 30.88
N THR E 298 -17.81 40.62 30.32
CA THR E 298 -17.68 40.43 28.88
C THR E 298 -18.30 39.12 28.45
N ILE E 299 -18.14 38.08 29.28
CA ILE E 299 -18.68 36.75 29.00
C ILE E 299 -20.20 36.81 29.16
N GLY E 300 -20.91 36.65 28.05
CA GLY E 300 -22.36 36.52 28.10
C GLY E 300 -22.73 35.16 28.63
N LYS E 301 -23.28 35.12 29.84
CA LYS E 301 -23.51 33.84 30.51
C LYS E 301 -24.66 33.06 29.89
N ASP E 302 -25.63 33.76 29.28
CA ASP E 302 -26.76 33.07 28.66
C ASP E 302 -26.35 32.38 27.37
N LYS E 303 -25.45 32.99 26.60
CA LYS E 303 -24.96 32.34 25.39
C LYS E 303 -23.99 31.21 25.72
N ILE E 304 -23.25 31.33 26.82
CA ILE E 304 -22.32 30.29 27.22
C ILE E 304 -23.08 29.10 27.81
N HIS E 305 -24.12 29.36 28.60
CA HIS E 305 -24.93 28.29 29.15
C HIS E 305 -25.75 27.59 28.08
N ARG E 306 -26.12 28.31 27.01
CA ARG E 306 -26.81 27.67 25.89
C ARG E 306 -25.85 26.82 25.07
N LEU E 307 -24.59 27.24 24.96
CA LEU E 307 -23.60 26.42 24.27
C LEU E 307 -23.23 25.18 25.06
N TYR E 308 -23.36 25.21 26.39
CA TYR E 308 -23.11 24.01 27.18
C TYR E 308 -24.21 22.97 26.99
N ILE E 309 -25.45 23.42 26.79
CA ILE E 309 -26.55 22.49 26.54
C ILE E 309 -26.35 21.78 25.21
N LEU E 310 -25.92 22.52 24.19
CA LEU E 310 -25.72 21.91 22.87
C LEU E 310 -24.46 21.07 22.80
N LEU E 311 -23.53 21.23 23.74
CA LEU E 311 -22.36 20.36 23.83
C LEU E 311 -22.62 19.10 24.64
N THR E 312 -23.39 19.23 25.72
CA THR E 312 -23.77 18.09 26.55
C THR E 312 -25.10 17.49 26.13
N LYS E 313 -25.55 17.77 24.91
CA LYS E 313 -26.78 17.17 24.39
C LYS E 313 -26.48 15.74 23.99
N LYS E 314 -27.21 14.79 24.59
CA LYS E 314 -26.98 13.38 24.29
C LYS E 314 -27.58 13.00 22.94
N GLU E 315 -28.69 13.63 22.56
CA GLU E 315 -29.22 13.45 21.22
C GLU E 315 -28.31 14.14 20.20
N PRO E 316 -28.32 13.68 18.95
CA PRO E 316 -27.66 14.46 17.89
C PRO E 316 -28.35 15.80 17.67
N LEU E 317 -27.58 16.76 17.16
CA LEU E 317 -28.08 18.12 17.04
C LEU E 317 -29.09 18.24 15.90
N SER E 318 -30.19 18.92 16.18
CA SER E 318 -31.15 19.28 15.16
C SER E 318 -30.52 20.24 14.15
N PRO E 319 -30.96 20.22 12.89
CA PRO E 319 -30.41 21.17 11.92
C PRO E 319 -30.70 22.63 12.21
N THR E 320 -31.75 22.93 12.98
CA THR E 320 -31.93 24.29 13.49
C THR E 320 -31.14 24.54 14.76
N GLU E 321 -30.73 23.49 15.46
CA GLU E 321 -29.86 23.62 16.62
C GLU E 321 -28.38 23.54 16.25
N TYR E 322 -28.05 22.87 15.15
CA TYR E 322 -26.67 22.85 14.68
C TYR E 322 -26.24 24.22 14.16
N GLU E 323 -27.17 25.00 13.64
CA GLU E 323 -26.84 26.36 13.24
C GLU E 323 -26.77 27.29 14.43
N GLU E 324 -27.53 26.99 15.50
CA GLU E 324 -27.32 27.69 16.76
C GLU E 324 -26.01 27.27 17.41
N TYR E 325 -25.64 26.00 17.24
CA TYR E 325 -24.38 25.50 17.77
C TYR E 325 -23.18 26.10 17.03
N LEU E 326 -23.30 26.25 15.71
CA LEU E 326 -22.25 26.93 14.95
C LEU E 326 -22.20 28.41 15.27
N ARG E 327 -23.32 28.99 15.69
CA ARG E 327 -23.36 30.41 16.02
C ARG E 327 -22.77 30.69 17.40
N LEU E 328 -23.06 29.83 18.38
CA LEU E 328 -22.51 30.01 19.71
C LEU E 328 -21.04 29.64 19.78
N LYS E 329 -20.57 28.78 18.88
CA LYS E 329 -19.14 28.51 18.82
C LYS E 329 -18.37 29.70 18.26
N ARG E 330 -18.90 30.32 17.21
CA ARG E 330 -18.24 31.49 16.65
C ARG E 330 -18.40 32.72 17.55
N TYR E 331 -19.38 32.71 18.45
CA TYR E 331 -19.43 33.75 19.48
C TYR E 331 -18.34 33.52 20.52
N LEU E 332 -18.13 32.26 20.90
CA LEU E 332 -17.16 31.94 21.94
C LEU E 332 -15.73 32.20 21.48
N TRP E 333 -15.41 31.86 20.24
CA TRP E 333 -14.03 31.97 19.81
C TRP E 333 -13.60 33.40 19.52
N GLU E 334 -14.56 34.32 19.37
CA GLU E 334 -14.24 35.74 19.43
C GLU E 334 -14.37 36.30 20.84
N LEU E 335 -15.02 35.56 21.74
CA LEU E 335 -15.06 35.96 23.14
C LEU E 335 -13.74 35.64 23.84
N VAL E 336 -13.25 34.41 23.69
CA VAL E 336 -11.99 34.05 24.34
C VAL E 336 -10.78 34.63 23.61
N GLY E 337 -10.96 35.07 22.36
CA GLY E 337 -9.89 35.79 21.68
C GLY E 337 -9.67 37.18 22.24
N GLY E 338 -10.71 37.79 22.82
CA GLY E 338 -10.58 39.06 23.49
C GLY E 338 -10.55 38.98 25.00
N LEU E 339 -10.40 37.79 25.57
CA LEU E 339 -10.31 37.56 27.01
C LEU E 339 -8.87 37.71 27.47
N PRO E 340 -8.64 38.24 28.67
CA PRO E 340 -7.29 38.27 29.22
C PRO E 340 -6.80 36.88 29.56
N LYS E 341 -5.53 36.62 29.26
CA LYS E 341 -4.94 35.31 29.51
C LYS E 341 -4.73 35.03 31.00
N ASP E 342 -4.89 36.03 31.87
CA ASP E 342 -4.92 35.77 33.30
C ASP E 342 -6.24 35.13 33.72
N LYS E 343 -7.32 35.42 32.97
CA LYS E 343 -8.61 34.81 33.24
C LYS E 343 -8.70 33.41 32.63
N LEU E 344 -8.13 33.23 31.44
CA LEU E 344 -8.31 32.02 30.66
C LEU E 344 -7.53 30.83 31.20
N LYS E 345 -6.54 31.04 32.06
CA LYS E 345 -5.68 29.93 32.46
C LYS E 345 -6.13 29.24 33.74
N ASN E 346 -6.86 29.92 34.62
CA ASN E 346 -7.40 29.29 35.82
C ASN E 346 -8.86 28.90 35.63
N LEU E 347 -9.10 28.01 34.68
CA LEU E 347 -10.42 27.43 34.50
C LEU E 347 -10.61 26.33 35.52
N THR E 348 -11.66 26.44 36.33
CA THR E 348 -11.71 25.70 37.60
C THR E 348 -12.03 24.20 37.52
N PRO E 349 -13.11 23.71 36.83
CA PRO E 349 -13.37 22.26 36.91
C PRO E 349 -12.60 21.47 35.87
N LYS E 350 -11.65 20.63 36.29
CA LYS E 350 -10.78 19.95 35.36
C LYS E 350 -11.52 18.85 34.59
N PHE E 351 -11.21 18.73 33.31
CA PHE E 351 -11.76 17.71 32.43
C PHE E 351 -10.65 16.77 32.02
N TYR E 352 -11.00 15.51 31.75
CA TYR E 352 -10.01 14.48 31.54
C TYR E 352 -10.41 13.63 30.33
N LEU E 353 -9.55 13.52 29.35
CA LEU E 353 -9.75 12.57 28.27
C LEU E 353 -8.76 11.42 28.46
N ILE E 354 -9.26 10.26 28.86
CA ILE E 354 -8.43 9.07 28.90
C ILE E 354 -8.44 8.44 27.51
N ILE E 355 -7.26 8.30 26.92
CA ILE E 355 -7.14 7.61 25.65
C ILE E 355 -6.42 6.29 25.88
N ASP E 356 -7.18 5.23 26.10
CA ASP E 356 -6.60 3.91 26.23
C ASP E 356 -6.11 3.43 24.87
N GLU E 357 -5.02 2.65 24.89
CA GLU E 357 -4.38 2.09 23.70
C GLU E 357 -4.07 3.17 22.67
N ILE E 358 -3.49 4.27 23.16
CA ILE E 358 -3.31 5.48 22.36
C ILE E 358 -2.36 5.23 21.19
N ASN E 359 -1.44 4.29 21.33
CA ASN E 359 -0.52 3.95 20.27
C ASN E 359 -1.12 3.02 19.22
N ARG E 360 -2.35 2.54 19.42
CA ARG E 360 -3.00 1.70 18.42
C ARG E 360 -3.62 2.49 17.29
N GLY E 361 -3.76 3.80 17.44
CA GLY E 361 -4.13 4.67 16.36
C GLY E 361 -2.92 5.38 15.79
N ASN E 362 -3.09 5.93 14.60
CA ASN E 362 -2.06 6.76 13.96
C ASN E 362 -2.09 8.13 14.62
N ILE E 363 -1.34 8.27 15.73
CA ILE E 363 -1.56 9.35 16.71
C ILE E 363 -1.36 10.73 16.08
N SER E 364 -0.32 10.87 15.25
CA SER E 364 -0.09 12.15 14.59
C SER E 364 -1.17 12.45 13.55
N LYS E 365 -1.74 11.43 12.94
CA LYS E 365 -2.88 11.63 12.06
C LYS E 365 -4.14 11.95 12.85
N ILE E 366 -4.33 11.29 13.99
CA ILE E 366 -5.48 11.59 14.86
C ILE E 366 -5.34 12.97 15.47
N PHE E 367 -4.18 13.24 16.09
CA PHE E 367 -3.89 14.54 16.69
C PHE E 367 -3.41 15.44 15.55
N GLY E 368 -4.36 16.01 14.82
CA GLY E 368 -3.98 16.80 13.67
C GLY E 368 -3.40 18.16 14.02
N GLU E 369 -4.23 19.05 14.55
CA GLU E 369 -3.75 20.33 15.06
C GLU E 369 -3.27 20.23 16.50
N LEU E 370 -3.44 19.08 17.13
CA LEU E 370 -3.17 18.91 18.55
C LEU E 370 -1.71 18.72 18.85
N ILE E 371 -0.87 18.45 17.85
CA ILE E 371 0.57 18.44 18.09
C ILE E 371 1.03 19.86 18.45
N THR E 372 0.41 20.87 17.85
CA THR E 372 0.68 22.24 18.26
C THR E 372 -0.02 22.57 19.57
N LEU E 373 -1.31 22.28 19.66
CA LEU E 373 -2.18 22.88 20.66
C LEU E 373 -2.06 22.26 22.05
N LEU E 374 -1.60 21.01 22.15
CA LEU E 374 -1.61 20.34 23.44
C LEU E 374 -0.48 20.73 24.35
N GLU E 375 0.49 21.50 23.88
CA GLU E 375 1.56 21.99 24.75
C GLU E 375 0.99 22.91 25.81
N LYS E 376 1.58 22.85 27.01
CA LYS E 376 0.97 23.44 28.19
C LYS E 376 0.92 24.96 28.14
N ASP E 377 1.90 25.59 27.49
CA ASP E 377 1.87 27.04 27.32
C ASP E 377 1.21 27.46 26.02
N LYS E 378 0.88 26.52 25.15
CA LYS E 378 0.14 26.81 23.93
C LYS E 378 -1.35 26.60 24.09
N ARG E 379 -1.79 26.28 25.30
CA ARG E 379 -3.21 26.19 25.60
C ARG E 379 -3.74 27.58 25.91
N LEU E 380 -5.04 27.66 26.24
CA LEU E 380 -5.67 28.95 26.47
C LEU E 380 -5.18 29.54 27.80
N GLY E 381 -4.83 30.82 27.76
CA GLY E 381 -4.21 31.44 28.91
C GLY E 381 -2.76 31.07 29.11
N GLY E 382 -2.15 30.38 28.16
CA GLY E 382 -0.74 30.02 28.26
C GLY E 382 0.16 31.19 27.94
N GLU E 383 1.46 30.95 28.06
CA GLU E 383 2.45 32.00 27.79
C GLU E 383 2.51 32.32 26.31
N ASN E 384 2.32 31.30 25.47
CA ASN E 384 2.30 31.47 23.99
C ASN E 384 1.01 30.87 23.42
N GLN E 385 -0.14 31.48 23.75
CA GLN E 385 -1.43 30.84 23.52
C GLN E 385 -1.73 30.82 22.04
N LEU E 386 -2.03 29.64 21.51
CA LEU E 386 -2.25 29.46 20.09
C LEU E 386 -3.68 29.05 19.82
N ILE E 387 -4.25 29.60 18.75
CA ILE E 387 -5.59 29.29 18.29
C ILE E 387 -5.49 28.95 16.82
N VAL E 388 -5.62 27.67 16.49
CA VAL E 388 -5.47 27.23 15.10
C VAL E 388 -6.75 27.49 14.32
N ARG E 389 -6.66 27.37 13.00
CA ARG E 389 -7.83 27.36 12.13
C ARG E 389 -8.09 25.93 11.69
N LEU E 390 -9.31 25.47 11.86
CA LEU E 390 -9.64 24.09 11.53
C LEU E 390 -10.04 23.97 10.07
N PRO E 391 -9.72 22.85 9.40
CA PRO E 391 -9.91 22.78 7.95
C PRO E 391 -11.36 22.66 7.51
N TYR E 392 -12.17 21.88 8.21
CA TYR E 392 -13.49 21.55 7.67
C TYR E 392 -14.55 22.57 8.07
N SER E 393 -14.63 22.89 9.36
CA SER E 393 -15.58 23.90 9.80
C SER E 393 -15.10 25.31 9.52
N GLY E 394 -13.80 25.50 9.28
CA GLY E 394 -13.26 26.83 9.15
C GLY E 394 -13.29 27.63 10.43
N GLU E 395 -13.36 26.97 11.57
CA GLU E 395 -13.56 27.59 12.86
C GLU E 395 -12.27 27.64 13.65
N PRO E 396 -12.07 28.69 14.46
CA PRO E 396 -10.90 28.72 15.33
C PRO E 396 -11.02 27.69 16.45
N PHE E 397 -9.87 27.19 16.89
CA PHE E 397 -9.87 26.15 17.92
C PHE E 397 -8.60 26.25 18.75
N ALA E 398 -8.77 26.05 20.06
CA ALA E 398 -7.67 25.96 20.99
C ALA E 398 -8.06 25.01 22.11
N VAL E 399 -7.07 24.33 22.66
CA VAL E 399 -7.30 23.44 23.80
C VAL E 399 -7.28 24.28 25.07
N PRO E 400 -8.29 24.16 25.93
CA PRO E 400 -8.27 24.90 27.20
C PRO E 400 -7.23 24.32 28.14
N PRO E 401 -6.83 25.06 29.18
CA PRO E 401 -5.97 24.47 30.21
C PRO E 401 -6.72 23.53 31.14
N ASN E 402 -8.05 23.52 31.03
CA ASN E 402 -8.96 22.73 31.83
C ASN E 402 -8.93 21.25 31.47
N LEU E 403 -8.37 20.89 30.32
CA LEU E 403 -8.47 19.56 29.77
C LEU E 403 -7.12 18.85 29.90
N TYR E 404 -7.18 17.59 30.34
CA TYR E 404 -6.00 16.76 30.54
C TYR E 404 -6.18 15.45 29.79
N ILE E 405 -5.11 14.95 29.21
CA ILE E 405 -5.13 13.70 28.47
C ILE E 405 -4.29 12.68 29.23
N ILE E 406 -4.87 11.52 29.49
CA ILE E 406 -4.12 10.41 30.06
C ILE E 406 -4.13 9.29 29.03
N GLY E 407 -3.03 9.14 28.31
CA GLY E 407 -2.87 8.02 27.42
C GLY E 407 -2.33 6.81 28.16
N THR E 408 -2.74 5.63 27.71
CA THR E 408 -2.16 4.37 28.17
C THR E 408 -1.72 3.62 26.93
N MET E 409 -0.42 3.44 26.75
CA MET E 409 0.07 2.78 25.56
C MET E 409 0.79 1.49 25.93
N ASN E 410 0.78 0.56 24.99
CA ASN E 410 1.44 -0.73 25.16
C ASN E 410 2.81 -0.69 24.50
N THR E 411 3.80 -1.27 25.18
CA THR E 411 5.17 -1.25 24.69
C THR E 411 5.64 -2.59 24.16
N ALA E 412 4.83 -3.65 24.31
CA ALA E 412 5.23 -4.97 23.83
C ALA E 412 5.28 -5.02 22.31
N ASP E 413 4.38 -4.31 21.64
CA ASP E 413 4.38 -4.22 20.19
C ASP E 413 5.25 -3.04 19.77
N ARG E 414 6.34 -3.31 19.05
CA ARG E 414 7.24 -2.27 18.59
C ARG E 414 6.82 -1.66 17.27
N SER E 415 5.89 -2.28 16.55
CA SER E 415 5.39 -1.70 15.32
C SER E 415 4.55 -0.46 15.59
N ILE E 416 3.87 -0.41 16.74
CA ILE E 416 3.05 0.73 17.09
C ILE E 416 3.74 1.52 18.20
N ALA E 417 5.06 1.43 18.25
CA ALA E 417 5.82 2.18 19.24
C ALA E 417 5.77 3.67 18.93
N LEU E 418 5.60 4.48 19.96
CA LEU E 418 5.48 5.92 19.80
C LEU E 418 6.87 6.48 19.54
N LEU E 419 7.25 6.51 18.27
CA LEU E 419 8.57 6.93 17.85
C LEU E 419 8.59 8.33 17.26
N ASP E 420 7.44 9.00 17.31
CA ASP E 420 7.33 10.41 16.86
C ASP E 420 7.98 11.32 17.90
N VAL E 421 9.23 11.75 17.63
CA VAL E 421 10.04 12.45 18.63
C VAL E 421 9.40 13.78 19.03
N ALA E 422 8.75 14.45 18.08
CA ALA E 422 8.11 15.73 18.41
C ALA E 422 6.82 15.53 19.18
N LEU E 423 6.07 14.47 18.88
CA LEU E 423 4.85 14.17 19.61
C LEU E 423 5.14 13.70 21.03
N ARG E 424 6.30 13.05 21.24
CA ARG E 424 6.68 12.62 22.58
C ARG E 424 6.97 13.78 23.50
N ARG E 425 7.36 14.92 22.94
CA ARG E 425 7.64 16.12 23.73
C ARG E 425 6.40 16.66 24.42
N ARG E 426 5.22 16.42 23.84
CA ARG E 426 4.00 16.93 24.42
C ARG E 426 3.57 16.17 25.66
N PHE E 427 4.05 14.95 25.84
CA PHE E 427 3.59 14.07 26.90
C PHE E 427 4.68 13.85 27.94
N ALA E 428 4.25 13.64 29.18
CA ALA E 428 5.07 13.00 30.19
C ALA E 428 4.89 11.49 30.08
N PHE E 429 5.99 10.76 30.11
CA PHE E 429 5.97 9.32 29.88
C PHE E 429 6.22 8.60 31.20
N ILE E 430 5.14 8.24 31.86
CA ILE E 430 5.17 7.51 33.12
C ILE E 430 5.26 6.02 32.82
N GLU E 431 6.32 5.37 33.28
CA GLU E 431 6.47 3.94 33.09
C GLU E 431 5.74 3.21 34.20
N VAL E 432 4.80 2.35 33.83
CA VAL E 432 4.13 1.46 34.76
C VAL E 432 4.76 0.09 34.54
N GLU E 433 5.67 -0.29 35.43
CA GLU E 433 6.39 -1.54 35.35
C GLU E 433 5.56 -2.67 35.95
N PRO E 434 5.89 -3.92 35.64
CA PRO E 434 5.34 -5.03 36.43
C PRO E 434 5.87 -4.96 37.85
N ARG E 435 4.96 -5.05 38.82
CA ARG E 435 5.32 -5.02 40.23
C ARG E 435 5.10 -6.40 40.82
N PRO E 436 6.15 -7.22 40.97
CA PRO E 436 5.96 -8.52 41.61
C PRO E 436 5.66 -8.44 43.09
N GLU E 437 5.94 -7.30 43.74
CA GLU E 437 5.67 -7.14 45.16
C GLU E 437 4.19 -7.04 45.48
N PHE E 438 3.32 -6.84 44.48
CA PHE E 438 1.89 -6.99 44.71
C PHE E 438 1.49 -8.44 44.94
N LEU E 439 2.28 -9.38 44.44
CA LEU E 439 1.97 -10.79 44.54
C LEU E 439 2.52 -11.43 45.81
N GLU E 440 3.05 -10.64 46.73
CA GLU E 440 3.30 -11.14 48.07
C GLU E 440 1.98 -11.41 48.77
N LYS E 441 2.02 -12.30 49.77
CA LYS E 441 0.79 -12.75 50.43
C LYS E 441 0.12 -11.63 51.20
N GLU E 442 0.88 -10.82 51.92
CA GLU E 442 0.29 -9.70 52.65
C GLU E 442 -0.12 -8.57 51.72
N ASN E 443 0.48 -8.47 50.55
CA ASN E 443 0.07 -7.49 49.55
C ASN E 443 -1.05 -7.98 48.66
N LEU E 444 -1.20 -9.30 48.50
CA LEU E 444 -2.30 -9.82 47.70
C LEU E 444 -3.63 -9.60 48.39
N LYS E 445 -3.69 -9.82 49.71
CA LYS E 445 -4.97 -9.69 50.40
C LYS E 445 -5.39 -8.24 50.53
N LYS E 446 -4.46 -7.34 50.84
CA LYS E 446 -4.83 -5.94 51.01
C LYS E 446 -5.10 -5.24 49.69
N ILE E 447 -4.76 -5.85 48.55
CA ILE E 447 -5.27 -5.40 47.27
C ILE E 447 -6.66 -5.97 47.02
N ARG E 448 -6.83 -7.27 47.25
CA ARG E 448 -8.07 -7.96 46.88
C ARG E 448 -9.20 -7.76 47.87
N GLU E 449 -8.95 -7.25 49.07
CA GLU E 449 -10.02 -7.07 50.06
C GLU E 449 -10.56 -5.65 50.10
N LYS E 450 -10.03 -4.73 49.28
CA LYS E 450 -10.57 -3.38 49.24
C LYS E 450 -11.94 -3.33 48.57
N LYS E 451 -12.31 -4.35 47.81
CA LYS E 451 -13.65 -4.47 47.24
C LYS E 451 -14.54 -5.41 48.04
N LEU E 452 -13.99 -6.16 48.99
CA LEU E 452 -14.73 -7.15 49.76
C LEU E 452 -15.11 -6.55 51.11
N LYS E 453 -16.33 -6.84 51.57
CA LYS E 453 -16.91 -6.05 52.65
C LYS E 453 -16.74 -6.60 54.06
N THR E 454 -17.37 -7.73 54.39
CA THR E 454 -17.44 -8.15 55.79
C THR E 454 -16.89 -9.54 56.07
N GLU E 455 -17.29 -10.57 55.31
CA GLU E 455 -16.82 -11.92 55.55
C GLU E 455 -16.24 -12.58 54.31
N ASP E 456 -16.47 -12.02 53.13
CA ASP E 456 -15.72 -12.40 51.95
C ASP E 456 -14.25 -12.02 52.05
N ARG E 457 -13.92 -11.05 52.92
CA ARG E 457 -12.53 -10.83 53.30
C ARG E 457 -11.98 -12.02 54.07
N LYS E 458 -12.77 -12.56 55.01
CA LYS E 458 -12.39 -13.77 55.72
C LYS E 458 -12.37 -14.98 54.80
N ARG E 459 -13.25 -14.99 53.78
CA ARG E 459 -13.21 -16.04 52.77
C ARG E 459 -11.96 -15.90 51.90
N LEU E 460 -11.53 -14.67 51.62
CA LEU E 460 -10.32 -14.44 50.87
C LEU E 460 -9.07 -14.74 51.69
N ASN E 461 -9.13 -14.48 52.99
CA ASN E 461 -7.95 -14.62 53.85
C ASN E 461 -7.53 -16.08 53.98
N GLU E 462 -8.47 -16.96 54.30
CA GLU E 462 -8.13 -18.37 54.42
C GLU E 462 -8.00 -19.08 53.07
N LYS E 463 -8.40 -18.43 51.97
CA LYS E 463 -8.04 -18.96 50.66
C LYS E 463 -6.59 -18.63 50.31
N LEU E 464 -6.13 -17.44 50.67
CA LEU E 464 -4.72 -17.10 50.46
C LEU E 464 -3.84 -17.80 51.48
N ASN E 465 -4.37 -18.07 52.67
CA ASN E 465 -3.66 -18.92 53.63
C ASN E 465 -3.51 -20.33 53.08
N GLU E 466 -4.57 -20.85 52.46
CA GLU E 466 -4.50 -22.19 51.86
C GLU E 466 -3.61 -22.20 50.63
N LEU E 467 -3.61 -21.10 49.86
CA LEU E 467 -2.78 -21.01 48.65
C LEU E 467 -1.30 -21.01 49.00
N PHE E 468 -0.89 -20.14 49.93
CA PHE E 468 0.53 -20.00 50.22
C PHE E 468 1.06 -21.09 51.15
N SER E 469 0.19 -21.80 51.86
CA SER E 469 0.63 -23.00 52.56
C SER E 469 1.01 -24.11 51.59
N LYS E 470 0.33 -24.16 50.43
CA LYS E 470 0.65 -25.14 49.41
C LYS E 470 1.84 -24.73 48.55
N LEU E 471 2.35 -23.51 48.71
CA LEU E 471 3.55 -23.06 48.03
C LEU E 471 4.78 -23.11 48.94
N GLY E 472 4.74 -23.95 49.98
CA GLY E 472 5.87 -24.10 50.87
C GLY E 472 6.01 -23.02 51.92
N ASN E 473 4.90 -22.35 52.28
CA ASN E 473 4.86 -21.24 53.23
C ASN E 473 5.80 -20.10 52.85
N ASP E 474 5.97 -19.89 51.55
CA ASP E 474 6.74 -18.77 51.04
C ASP E 474 5.73 -17.69 50.66
N ASN E 475 5.65 -16.63 51.48
CA ASN E 475 4.74 -15.53 51.19
C ASN E 475 5.16 -14.73 49.97
N TYR E 476 6.45 -14.78 49.61
CA TYR E 476 6.98 -14.13 48.43
C TYR E 476 7.21 -15.11 47.28
N PHE E 477 6.41 -16.17 47.21
CA PHE E 477 6.57 -17.16 46.15
C PHE E 477 6.18 -16.58 44.79
N LEU E 478 4.96 -16.05 44.70
CA LEU E 478 4.50 -15.44 43.46
C LEU E 478 5.23 -14.13 43.16
N LYS E 479 5.78 -13.47 44.19
CA LYS E 479 6.67 -12.35 43.95
C LYS E 479 7.97 -12.83 43.30
N THR E 480 8.55 -13.91 43.83
CA THR E 480 9.77 -14.45 43.25
C THR E 480 9.50 -15.12 41.91
N LEU E 481 8.29 -15.65 41.71
CA LEU E 481 7.96 -16.26 40.43
C LEU E 481 7.88 -15.21 39.33
N LEU E 482 7.30 -14.04 39.63
CA LEU E 482 7.20 -13.00 38.62
C LEU E 482 8.55 -12.32 38.38
N GLU E 483 9.31 -12.07 39.45
CA GLU E 483 10.55 -11.32 39.27
C GLU E 483 11.66 -12.16 38.65
N LYS E 484 11.66 -13.47 38.85
CA LYS E 484 12.67 -14.31 38.20
C LYS E 484 12.32 -14.56 36.74
N ILE E 485 11.03 -14.64 36.42
CA ILE E 485 10.61 -14.82 35.03
C ILE E 485 10.85 -13.53 34.24
N ASN E 486 10.53 -12.38 34.85
CA ASN E 486 10.62 -11.11 34.14
C ASN E 486 12.06 -10.69 33.88
N VAL E 487 12.98 -10.95 34.82
CA VAL E 487 14.38 -10.65 34.52
C VAL E 487 14.96 -11.67 33.55
N ARG E 488 14.37 -12.85 33.43
CA ARG E 488 14.80 -13.78 32.39
C ARG E 488 14.21 -13.41 31.04
N ILE E 489 13.02 -12.82 31.03
CA ILE E 489 12.44 -12.28 29.81
C ILE E 489 13.21 -11.05 29.36
N THR E 490 13.61 -10.20 30.31
CA THR E 490 14.37 -8.98 30.02
C THR E 490 15.71 -9.26 29.36
N VAL E 491 16.29 -10.43 29.61
CA VAL E 491 17.59 -10.74 29.04
C VAL E 491 17.45 -11.20 27.58
N VAL E 492 16.61 -12.21 27.34
CA VAL E 492 16.56 -12.81 26.01
C VAL E 492 15.58 -12.10 25.07
N LYS E 493 14.55 -11.45 25.61
CA LYS E 493 13.65 -10.59 24.86
C LYS E 493 13.76 -9.20 25.51
N ASP E 494 12.90 -8.28 25.12
CA ASP E 494 13.00 -6.92 25.64
C ASP E 494 12.42 -6.84 27.06
N ARG E 495 12.64 -5.68 27.69
CA ARG E 495 12.04 -5.40 28.99
C ARG E 495 10.55 -5.09 28.86
N ASP E 496 10.09 -4.73 27.67
CA ASP E 496 8.70 -4.43 27.40
C ASP E 496 7.83 -5.67 27.25
N HIS E 497 8.44 -6.85 27.26
CA HIS E 497 7.73 -8.11 27.14
C HIS E 497 7.60 -8.82 28.48
N ARG E 498 7.83 -8.11 29.59
CA ARG E 498 7.70 -8.70 30.90
C ARG E 498 6.24 -9.02 31.21
N ILE E 499 6.04 -10.09 31.98
CA ILE E 499 4.70 -10.45 32.41
C ILE E 499 4.22 -9.44 33.44
N GLY E 500 3.09 -8.80 33.17
CA GLY E 500 2.48 -7.95 34.16
C GLY E 500 1.94 -8.77 35.33
N HIS E 501 1.79 -8.09 36.46
CA HIS E 501 1.35 -8.76 37.68
C HIS E 501 -0.14 -9.07 37.70
N SER E 502 -0.91 -8.55 36.73
CA SER E 502 -2.35 -8.79 36.69
C SER E 502 -2.69 -10.20 36.25
N TYR E 503 -1.74 -10.93 35.67
CA TYR E 503 -1.94 -12.35 35.39
C TYR E 503 -2.13 -13.13 36.70
N PHE E 504 -1.34 -12.80 37.71
CA PHE E 504 -1.32 -13.54 38.96
C PHE E 504 -2.04 -12.80 40.08
N LEU E 505 -2.66 -11.66 39.79
CA LEU E 505 -3.22 -10.85 40.85
C LEU E 505 -4.56 -11.37 41.34
N ASN E 506 -5.21 -12.24 40.56
CA ASN E 506 -6.52 -12.76 40.91
C ASN E 506 -6.50 -14.24 41.30
N VAL E 507 -5.33 -14.81 41.55
CA VAL E 507 -5.26 -16.20 41.97
C VAL E 507 -5.60 -16.28 43.45
N GLU E 508 -6.29 -17.35 43.83
CA GLU E 508 -6.62 -17.61 45.21
C GLU E 508 -6.34 -19.05 45.64
N THR E 509 -6.16 -19.96 44.70
CA THR E 509 -5.82 -21.35 44.95
C THR E 509 -4.65 -21.74 44.08
N VAL E 510 -4.13 -22.96 44.28
CA VAL E 510 -3.11 -23.47 43.38
C VAL E 510 -3.72 -24.01 42.08
N GLU E 511 -5.04 -24.11 42.01
CA GLU E 511 -5.69 -24.41 40.75
C GLU E 511 -5.95 -23.14 39.94
N ASP E 512 -6.12 -22.00 40.62
CA ASP E 512 -6.14 -20.73 39.93
C ASP E 512 -4.77 -20.40 39.36
N LEU E 513 -3.72 -20.75 40.11
CA LEU E 513 -2.36 -20.58 39.61
C LEU E 513 -2.07 -21.53 38.46
N HIS E 514 -2.67 -22.73 38.49
CA HIS E 514 -2.48 -23.70 37.42
C HIS E 514 -3.18 -23.26 36.13
N HIS E 515 -4.38 -22.67 36.24
CA HIS E 515 -5.06 -22.18 35.07
C HIS E 515 -4.46 -20.90 34.52
N VAL E 516 -3.92 -20.05 35.40
CA VAL E 516 -3.19 -18.87 34.95
C VAL E 516 -1.90 -19.29 34.24
N TRP E 517 -1.24 -20.33 34.75
CA TRP E 517 -0.02 -20.81 34.13
C TRP E 517 -0.28 -21.44 32.77
N TYR E 518 -1.11 -22.48 32.74
CA TYR E 518 -1.20 -23.31 31.54
C TYR E 518 -2.11 -22.74 30.46
N TYR E 519 -2.96 -21.77 30.79
CA TYR E 519 -3.84 -21.18 29.79
C TYR E 519 -3.58 -19.71 29.51
N GLU E 520 -2.84 -19.02 30.37
CA GLU E 520 -2.50 -17.62 30.11
C GLU E 520 -1.00 -17.40 30.00
N VAL E 521 -0.23 -17.85 30.98
CA VAL E 521 1.18 -17.46 31.07
C VAL E 521 2.04 -18.30 30.12
N LEU E 522 1.91 -19.61 30.19
CA LEU E 522 2.71 -20.50 29.33
C LEU E 522 2.34 -20.45 27.84
N PRO E 523 1.08 -20.30 27.42
CA PRO E 523 0.85 -19.98 26.00
C PRO E 523 1.39 -18.64 25.56
N LEU E 524 1.53 -17.68 26.49
CA LEU E 524 2.14 -16.41 26.16
C LEU E 524 3.65 -16.54 25.97
N LEU E 525 4.30 -17.33 26.83
CA LEU E 525 5.73 -17.59 26.67
C LEU E 525 6.02 -18.41 25.42
N MET E 526 5.09 -19.26 25.00
CA MET E 526 5.24 -20.00 23.75
C MET E 526 4.99 -19.12 22.53
N GLU E 527 4.36 -17.96 22.72
CA GLU E 527 4.31 -16.96 21.64
C GLU E 527 5.58 -16.13 21.64
N TYR E 528 6.12 -15.83 22.82
CA TYR E 528 7.40 -15.15 22.95
C TYR E 528 8.51 -15.95 22.30
N PHE E 529 8.78 -17.12 22.85
CA PHE E 529 9.83 -18.00 22.36
C PHE E 529 9.20 -19.10 21.52
N TYR E 530 8.78 -18.71 20.33
CA TYR E 530 7.99 -19.56 19.45
C TYR E 530 8.92 -20.51 18.70
N ASN E 531 8.76 -21.81 18.95
CA ASN E 531 9.63 -22.89 18.45
C ASN E 531 11.10 -22.65 18.83
N ASP E 532 11.32 -22.00 19.97
CA ASP E 532 12.64 -21.69 20.47
C ASP E 532 12.66 -22.31 21.86
N TRP E 533 12.97 -23.60 21.91
CA TRP E 533 12.74 -24.38 23.12
C TRP E 533 13.86 -24.20 24.13
N GLU E 534 15.08 -23.96 23.66
CA GLU E 534 16.22 -23.84 24.55
C GLU E 534 16.19 -22.53 25.34
N THR E 535 15.44 -21.53 24.84
CA THR E 535 15.30 -20.25 25.51
C THR E 535 14.13 -20.23 26.47
N ILE E 536 12.99 -20.82 26.10
CA ILE E 536 11.86 -20.89 27.01
C ILE E 536 12.13 -21.86 28.16
N LYS E 537 13.03 -22.82 27.97
CA LYS E 537 13.45 -23.64 29.09
C LYS E 537 14.44 -22.90 29.99
N TRP E 538 15.17 -21.93 29.42
CA TRP E 538 16.03 -21.10 30.25
C TRP E 538 15.21 -20.09 31.04
N VAL E 539 14.10 -19.60 30.48
CA VAL E 539 13.21 -18.70 31.21
C VAL E 539 12.53 -19.43 32.36
N LEU E 540 12.18 -20.70 32.15
CA LEU E 540 11.58 -21.51 33.20
C LEU E 540 12.62 -22.25 34.05
N ASN E 541 13.90 -21.91 33.88
CA ASN E 541 15.02 -22.42 34.70
C ASN E 541 15.13 -23.95 34.63
N GLU E 542 14.83 -24.50 33.46
CA GLU E 542 14.87 -25.94 33.22
C GLU E 542 15.71 -26.26 32.00
N LYS E 543 16.67 -25.39 31.69
CA LYS E 543 17.56 -25.58 30.56
C LYS E 543 18.46 -26.79 30.81
N GLY E 544 18.41 -27.76 29.90
CA GLY E 544 19.17 -28.98 30.02
C GLY E 544 18.42 -30.12 30.68
N LYS E 545 17.33 -29.84 31.40
CA LYS E 545 16.52 -30.87 32.02
C LYS E 545 15.46 -31.30 31.00
N GLU E 546 15.72 -32.41 30.32
CA GLU E 546 14.89 -32.81 29.19
C GLU E 546 13.63 -33.56 29.63
N HIS E 547 13.68 -34.27 30.75
CA HIS E 547 12.58 -35.09 31.20
C HIS E 547 12.31 -34.82 32.68
N GLY E 548 11.35 -35.56 33.24
CA GLY E 548 11.02 -35.43 34.64
C GLY E 548 9.80 -34.56 34.88
N ASN E 549 9.76 -33.89 36.03
CA ASN E 549 8.69 -32.95 36.34
C ASN E 549 9.02 -31.59 35.73
N VAL E 550 8.98 -31.55 34.40
CA VAL E 550 9.45 -30.42 33.62
C VAL E 550 8.28 -29.92 32.77
N PHE E 551 8.28 -28.61 32.48
CA PHE E 551 7.16 -28.05 31.72
C PHE E 551 7.23 -28.42 30.25
N PHE E 552 8.42 -28.68 29.72
CA PHE E 552 8.60 -29.06 28.32
C PHE E 552 9.44 -30.32 28.26
N GLU E 553 8.80 -31.45 28.00
CA GLU E 553 9.50 -32.72 27.88
C GLU E 553 10.05 -32.87 26.47
N LYS E 554 11.29 -33.33 26.38
CA LYS E 554 11.93 -33.53 25.09
C LYS E 554 11.32 -34.74 24.39
N LEU E 555 10.91 -34.55 23.13
CA LEU E 555 10.49 -35.68 22.31
C LEU E 555 11.69 -36.53 21.97
N ARG E 556 11.51 -37.85 22.05
CA ARG E 556 12.62 -38.79 21.86
C ARG E 556 13.10 -38.85 20.42
N LEU E 557 12.31 -38.35 19.48
CA LEU E 557 12.64 -38.40 18.07
C LEU E 557 13.46 -37.17 17.67
N THR E 558 14.50 -37.41 16.88
CA THR E 558 15.29 -36.35 16.28
C THR E 558 15.10 -36.35 14.77
N GLY E 559 15.24 -35.16 14.17
CA GLY E 559 14.97 -35.00 12.77
C GLY E 559 16.07 -35.55 11.90
N PRO E 560 15.88 -35.39 10.59
CA PRO E 560 16.94 -35.82 9.66
C PRO E 560 18.15 -34.92 9.68
N ASN E 561 17.95 -33.63 9.91
CA ASN E 561 19.04 -32.67 10.06
C ASN E 561 19.45 -32.48 11.51
N GLY E 562 19.04 -33.40 12.38
CA GLY E 562 19.37 -33.32 13.79
C GLY E 562 18.49 -32.41 14.61
N GLU E 563 17.49 -31.78 14.01
CA GLU E 563 16.63 -30.86 14.74
C GLU E 563 15.75 -31.60 15.74
N GLU E 564 15.29 -30.86 16.74
CA GLU E 564 14.75 -31.46 17.95
C GLU E 564 13.54 -30.65 18.39
N ALA E 565 12.59 -31.33 19.03
CA ALA E 565 11.37 -30.68 19.50
C ALA E 565 11.13 -31.03 20.95
N TYR E 566 10.32 -30.20 21.60
CA TYR E 566 9.92 -30.41 22.98
C TYR E 566 8.41 -30.42 23.06
N GLN E 567 7.89 -31.30 23.89
CA GLN E 567 6.45 -31.48 24.07
C GLN E 567 6.04 -30.82 25.38
N LEU E 568 4.95 -30.05 25.34
CA LEU E 568 4.43 -29.41 26.54
C LEU E 568 3.81 -30.46 27.46
N LYS E 569 4.42 -30.65 28.62
CA LYS E 569 3.87 -31.55 29.64
C LYS E 569 3.02 -30.74 30.61
N VAL E 570 1.78 -31.19 30.84
CA VAL E 570 0.86 -30.51 31.74
C VAL E 570 1.02 -31.15 33.11
N LEU E 571 1.70 -30.45 34.01
CA LEU E 571 1.93 -30.91 35.37
C LEU E 571 0.77 -30.52 36.28
N GLU E 572 0.63 -31.25 37.38
CA GLU E 572 -0.47 -31.03 38.31
C GLU E 572 -0.03 -31.43 39.71
N GLY E 573 -0.57 -30.73 40.70
CA GLY E 573 -0.28 -31.03 42.08
C GLY E 573 1.04 -30.49 42.55
N ASP E 574 1.75 -31.24 43.39
CA ASP E 574 3.07 -30.81 43.84
C ASP E 574 4.12 -30.94 42.75
N ALA E 575 3.85 -31.75 41.71
CA ALA E 575 4.71 -31.74 40.53
C ALA E 575 4.66 -30.40 39.82
N PHE E 576 3.50 -29.74 39.84
CA PHE E 576 3.39 -28.41 39.26
C PHE E 576 4.03 -27.36 40.17
N ILE E 577 3.80 -27.47 41.49
CA ILE E 577 4.41 -26.56 42.43
C ILE E 577 5.91 -26.79 42.52
N GLY E 578 6.35 -28.03 42.37
CA GLY E 578 7.79 -28.31 42.38
C GLY E 578 8.48 -27.83 41.11
N ALA E 579 7.78 -27.83 39.98
CA ALA E 579 8.32 -27.24 38.77
C ALA E 579 8.28 -25.72 38.81
N LEU E 580 7.41 -25.15 39.65
CA LEU E 580 7.40 -23.70 39.85
C LEU E 580 8.50 -23.27 40.82
N LYS E 581 8.87 -24.13 41.77
CA LYS E 581 9.98 -23.84 42.65
C LYS E 581 11.33 -23.93 41.93
N ARG E 582 11.39 -24.66 40.83
CA ARG E 582 12.61 -24.69 40.02
C ARG E 582 12.84 -23.35 39.33
N ILE E 583 11.76 -22.65 38.97
CA ILE E 583 11.90 -21.37 38.29
C ILE E 583 12.44 -20.30 39.23
N ILE E 584 11.89 -20.24 40.45
CA ILE E 584 12.24 -19.15 41.37
C ILE E 584 13.60 -19.34 42.03
N SER E 585 14.21 -20.52 41.91
CA SER E 585 15.49 -20.79 42.55
C SER E 585 16.27 -21.87 41.82
N GLY F 191 -18.44 -40.37 26.81
CA GLY F 191 -18.57 -38.92 26.87
C GLY F 191 -17.83 -38.29 28.03
N HIS F 192 -16.80 -38.98 28.53
CA HIS F 192 -16.02 -38.44 29.63
C HIS F 192 -15.05 -37.36 29.14
N ASN F 193 -14.58 -37.48 27.89
CA ASN F 193 -13.60 -36.53 27.38
C ASN F 193 -14.26 -35.27 26.83
N ILE F 194 -15.56 -35.32 26.56
CA ILE F 194 -16.24 -34.13 26.07
C ILE F 194 -16.74 -33.27 27.23
N LYS F 195 -16.99 -33.89 28.40
CA LYS F 195 -17.46 -33.12 29.54
C LYS F 195 -16.32 -32.51 30.34
N GLU F 196 -15.07 -32.76 29.95
CA GLU F 196 -13.93 -32.06 30.51
C GLU F 196 -13.41 -30.96 29.58
N ASP F 197 -13.58 -31.13 28.27
CA ASP F 197 -13.27 -30.03 27.35
C ASP F 197 -14.38 -28.99 27.38
N TYR F 198 -15.60 -29.41 27.73
CA TYR F 198 -16.63 -28.45 28.13
C TYR F 198 -16.21 -27.73 29.40
N PHE F 199 -15.55 -28.44 30.31
CA PHE F 199 -15.24 -27.89 31.62
C PHE F 199 -14.09 -26.89 31.55
N ARG F 200 -13.16 -27.08 30.61
CA ARG F 200 -12.10 -26.09 30.41
C ARG F 200 -12.67 -24.79 29.85
N VAL F 201 -13.61 -24.91 28.91
CA VAL F 201 -14.23 -23.72 28.32
C VAL F 201 -15.13 -23.03 29.33
N ASP F 202 -15.86 -23.80 30.14
CA ASP F 202 -16.82 -23.19 31.07
C ASP F 202 -16.12 -22.51 32.23
N MET F 203 -15.05 -23.11 32.74
CA MET F 203 -14.34 -22.53 33.88
C MET F 203 -13.57 -21.29 33.47
N LEU F 204 -12.93 -21.31 32.31
CA LEU F 204 -12.11 -20.18 31.89
C LEU F 204 -12.95 -19.03 31.33
N LEU F 205 -14.15 -19.31 30.83
CA LEU F 205 -15.05 -18.23 30.44
C LEU F 205 -15.57 -17.47 31.66
N ASN F 206 -15.72 -18.15 32.79
CA ASN F 206 -16.10 -17.46 34.01
C ASN F 206 -14.94 -16.64 34.57
N LYS F 207 -13.70 -17.05 34.28
CA LYS F 207 -12.55 -16.32 34.81
C LYS F 207 -12.19 -15.13 33.93
N LYS F 208 -12.00 -15.36 32.64
CA LYS F 208 -11.48 -14.32 31.76
C LYS F 208 -12.57 -13.59 30.99
N GLY F 209 -13.78 -14.15 30.92
CA GLY F 209 -14.84 -13.59 30.10
C GLY F 209 -14.83 -14.01 28.65
N GLN F 210 -13.66 -14.37 28.13
CA GLN F 210 -13.49 -14.73 26.74
C GLN F 210 -12.33 -15.70 26.61
N VAL F 211 -12.51 -16.72 25.78
CA VAL F 211 -11.50 -17.75 25.58
C VAL F 211 -11.20 -17.89 24.10
N ILE F 212 -10.05 -18.46 23.80
CA ILE F 212 -9.68 -18.82 22.44
C ILE F 212 -9.28 -20.29 22.43
N LEU F 213 -9.97 -21.08 21.61
CA LEU F 213 -9.59 -22.46 21.34
C LEU F 213 -8.61 -22.45 20.19
N TYR F 214 -7.35 -22.79 20.45
CA TYR F 214 -6.36 -22.77 19.39
C TYR F 214 -5.79 -24.17 19.20
N GLY F 215 -5.19 -24.38 18.03
CA GLY F 215 -4.71 -25.66 17.63
C GLY F 215 -4.69 -25.76 16.12
N PRO F 216 -4.21 -26.88 15.59
CA PRO F 216 -4.17 -27.04 14.13
C PRO F 216 -5.57 -27.26 13.57
N PRO F 217 -5.77 -27.05 12.27
CA PRO F 217 -7.09 -27.28 11.69
C PRO F 217 -7.44 -28.76 11.65
N GLY F 218 -8.65 -29.07 12.06
CA GLY F 218 -9.12 -30.43 12.13
C GLY F 218 -9.13 -31.05 13.51
N THR F 219 -9.09 -30.25 14.57
CA THR F 219 -9.10 -30.76 15.93
C THR F 219 -10.45 -30.56 16.60
N GLY F 220 -11.44 -30.07 15.88
CA GLY F 220 -12.76 -29.90 16.43
C GLY F 220 -12.98 -28.62 17.21
N LYS F 221 -12.24 -27.55 16.89
CA LYS F 221 -12.33 -26.32 17.66
C LYS F 221 -13.64 -25.59 17.42
N THR F 222 -14.04 -25.48 16.14
CA THR F 222 -15.34 -24.91 15.83
C THR F 222 -16.47 -25.80 16.35
N TRP F 223 -16.26 -27.11 16.33
CA TRP F 223 -17.26 -28.04 16.82
C TRP F 223 -17.41 -27.98 18.34
N ILE F 224 -16.28 -27.86 19.06
CA ILE F 224 -16.32 -27.74 20.52
C ILE F 224 -16.98 -26.42 20.93
N ALA F 225 -16.63 -25.33 20.23
CA ALA F 225 -17.19 -24.02 20.54
C ALA F 225 -18.69 -23.96 20.24
N ARG F 226 -19.12 -24.60 19.15
CA ARG F 226 -20.53 -24.61 18.83
C ARG F 226 -21.31 -25.53 19.77
N LYS F 227 -20.74 -26.70 20.08
CA LYS F 227 -21.48 -27.65 20.93
C LYS F 227 -21.52 -27.21 22.38
N TYR F 228 -20.53 -26.45 22.85
CA TYR F 228 -20.58 -25.92 24.20
C TYR F 228 -21.69 -24.89 24.34
N VAL F 229 -21.88 -24.07 23.31
CA VAL F 229 -22.82 -22.97 23.37
C VAL F 229 -24.25 -23.48 23.20
N VAL F 230 -24.47 -24.43 22.31
CA VAL F 230 -25.78 -25.08 22.19
C VAL F 230 -26.10 -25.90 23.45
N GLU F 231 -25.08 -26.35 24.18
CA GLU F 231 -25.35 -26.98 25.47
C GLU F 231 -25.70 -25.96 26.53
N GLU F 232 -24.95 -24.86 26.60
CA GLU F 232 -25.20 -23.83 27.62
C GLU F 232 -26.45 -23.04 27.30
N THR F 233 -26.44 -22.34 26.17
CA THR F 233 -27.66 -21.74 25.62
C THR F 233 -28.44 -22.82 24.90
N ASN F 234 -29.61 -23.18 25.41
CA ASN F 234 -30.39 -24.28 24.84
C ASN F 234 -31.11 -23.85 23.56
N GLU F 235 -30.31 -23.49 22.56
CA GLU F 235 -30.79 -22.95 21.29
C GLU F 235 -29.89 -23.47 20.19
N LYS F 236 -30.46 -24.19 19.22
CA LYS F 236 -29.64 -24.79 18.17
C LYS F 236 -29.19 -23.77 17.15
N THR F 237 -29.95 -22.70 16.96
CA THR F 237 -29.71 -21.71 15.93
C THR F 237 -29.14 -20.42 16.52
N PRO F 238 -28.27 -19.73 15.79
CA PRO F 238 -27.78 -18.43 16.27
C PRO F 238 -28.83 -17.34 16.10
N GLY F 239 -28.69 -16.30 16.91
CA GLY F 239 -29.51 -15.12 16.73
C GLY F 239 -30.15 -14.57 17.99
N ASN F 240 -30.57 -15.44 18.91
CA ASN F 240 -31.24 -14.94 20.11
C ASN F 240 -30.29 -14.72 21.27
N LYS F 241 -29.67 -15.80 21.75
CA LYS F 241 -28.74 -15.71 22.87
C LYS F 241 -27.33 -16.08 22.47
N TRP F 242 -27.08 -16.38 21.20
CA TRP F 242 -25.72 -16.48 20.72
C TRP F 242 -25.65 -16.15 19.24
N GLU F 243 -24.46 -15.76 18.81
CA GLU F 243 -24.20 -15.44 17.42
C GLU F 243 -22.92 -16.14 16.99
N PHE F 244 -22.83 -16.38 15.69
CA PHE F 244 -21.67 -16.99 15.07
C PHE F 244 -21.13 -16.00 14.06
N ILE F 245 -19.86 -15.65 14.19
CA ILE F 245 -19.19 -14.77 13.24
C ILE F 245 -17.88 -15.44 12.85
N THR F 246 -17.44 -15.18 11.62
CA THR F 246 -16.14 -15.65 11.16
C THR F 246 -15.32 -14.45 10.70
N PHE F 247 -14.12 -14.32 11.26
CA PHE F 247 -13.23 -13.26 10.85
C PHE F 247 -12.48 -13.67 9.57
N HIS F 248 -12.39 -12.75 8.64
CA HIS F 248 -11.60 -12.92 7.44
C HIS F 248 -10.74 -11.68 7.27
N GLN F 249 -9.92 -11.66 6.20
CA GLN F 249 -8.98 -10.57 6.00
C GLN F 249 -9.68 -9.25 5.72
N SER F 250 -10.83 -9.29 5.06
CA SER F 250 -11.60 -8.09 4.75
C SER F 250 -12.55 -7.68 5.87
N TYR F 251 -12.61 -8.44 6.96
CA TYR F 251 -13.51 -8.11 8.06
C TYR F 251 -12.96 -6.92 8.83
N SER F 252 -13.86 -6.05 9.29
CA SER F 252 -13.47 -4.74 9.78
C SER F 252 -14.15 -4.44 11.10
N TYR F 253 -13.68 -3.33 11.71
CA TYR F 253 -14.34 -2.74 12.87
C TYR F 253 -15.77 -2.33 12.56
N GLU F 254 -16.02 -1.89 11.33
CA GLU F 254 -17.29 -1.30 10.96
C GLU F 254 -18.40 -2.33 10.85
N GLU F 255 -18.06 -3.56 10.44
CA GLU F 255 -19.03 -4.64 10.44
C GLU F 255 -19.18 -5.26 11.82
N PHE F 256 -18.24 -5.05 12.72
CA PHE F 256 -18.22 -5.69 14.03
C PHE F 256 -18.78 -4.81 15.13
N ILE F 257 -18.43 -3.53 15.14
CA ILE F 257 -18.86 -2.65 16.23
C ILE F 257 -19.90 -1.67 15.72
N GLU F 258 -19.49 -0.78 14.82
CA GLU F 258 -20.38 0.20 14.21
C GLU F 258 -19.67 0.89 13.05
N GLY F 259 -20.46 1.40 12.13
CA GLY F 259 -19.92 2.18 11.03
C GLY F 259 -21.03 2.88 10.30
N PHE F 260 -20.66 3.96 9.60
CA PHE F 260 -21.60 4.64 8.73
C PHE F 260 -21.89 3.77 7.52
N ARG F 261 -23.16 3.49 7.27
CA ARG F 261 -23.55 2.47 6.33
C ARG F 261 -24.71 2.98 5.48
N PRO F 262 -24.64 2.85 4.16
CA PRO F 262 -25.78 3.23 3.32
C PRO F 262 -26.97 2.30 3.48
N ARG F 263 -28.03 2.79 4.10
CA ARG F 263 -29.31 2.08 4.20
C ARG F 263 -30.31 2.75 3.28
N THR F 264 -31.45 2.09 3.10
CA THR F 264 -32.53 2.65 2.31
C THR F 264 -33.77 2.85 3.17
N ASP F 265 -34.65 3.72 2.68
CA ASP F 265 -35.91 4.03 3.36
C ASP F 265 -36.95 2.95 3.09
N ASN F 266 -38.15 3.18 3.58
CA ASN F 266 -39.32 2.42 3.14
C ASN F 266 -39.78 2.84 1.75
N GLU F 267 -39.34 4.01 1.28
CA GLU F 267 -39.51 4.44 -0.10
C GLU F 267 -38.22 4.22 -0.89
N GLU F 268 -37.33 3.38 -0.35
CA GLU F 268 -36.01 2.96 -0.86
C GLU F 268 -35.20 4.09 -1.50
N LYS F 269 -35.09 5.20 -0.78
CA LYS F 269 -34.10 6.22 -1.05
C LYS F 269 -32.92 5.98 -0.12
N ILE F 270 -31.70 6.17 -0.65
CA ILE F 270 -30.50 5.84 0.09
C ILE F 270 -30.29 6.85 1.21
N ARG F 271 -29.83 6.36 2.36
CA ARG F 271 -29.53 7.20 3.50
C ARG F 271 -28.31 6.64 4.21
N TYR F 272 -27.54 7.51 4.85
CA TYR F 272 -26.31 7.13 5.54
C TYR F 272 -26.56 7.18 7.03
N VAL F 273 -26.63 6.01 7.67
CA VAL F 273 -26.84 5.91 9.10
C VAL F 273 -25.70 5.09 9.70
N VAL F 274 -25.58 5.17 11.02
CA VAL F 274 -24.60 4.38 11.78
C VAL F 274 -25.28 3.07 12.14
N GLU F 275 -24.91 2.00 11.44
CA GLU F 275 -25.41 0.66 11.76
C GLU F 275 -24.51 0.02 12.80
N ASP F 276 -25.11 -0.53 13.85
CA ASP F 276 -24.36 -1.27 14.84
C ASP F 276 -23.88 -2.59 14.24
N GLY F 277 -22.67 -2.98 14.58
CA GLY F 277 -22.10 -4.22 14.13
C GLY F 277 -22.66 -5.42 14.87
N ILE F 278 -22.06 -6.58 14.61
CA ILE F 278 -22.61 -7.81 15.17
C ILE F 278 -22.21 -7.96 16.64
N PHE F 279 -21.05 -7.44 17.07
CA PHE F 279 -20.72 -7.48 18.49
C PHE F 279 -21.58 -6.51 19.27
N LYS F 280 -21.76 -5.30 18.75
CA LYS F 280 -22.54 -4.30 19.47
C LYS F 280 -24.00 -4.70 19.55
N LYS F 281 -24.52 -5.37 18.53
CA LYS F 281 -25.91 -5.82 18.56
C LYS F 281 -26.12 -6.92 19.59
N ILE F 282 -25.12 -7.78 19.82
CA ILE F 282 -25.26 -8.84 20.82
C ILE F 282 -24.82 -8.38 22.21
N ALA F 283 -23.92 -7.38 22.30
CA ALA F 283 -23.58 -6.83 23.60
C ALA F 283 -24.71 -6.00 24.16
N LEU F 284 -25.37 -5.22 23.31
CA LEU F 284 -26.57 -4.52 23.74
C LEU F 284 -27.71 -5.49 24.00
N ARG F 285 -27.75 -6.61 23.28
CA ARG F 285 -28.77 -7.62 23.53
C ARG F 285 -28.53 -8.31 24.87
N ALA F 286 -27.28 -8.60 25.19
CA ALA F 286 -26.95 -9.25 26.46
C ALA F 286 -27.22 -8.31 27.64
N LEU F 287 -26.97 -7.02 27.46
CA LEU F 287 -27.23 -6.06 28.53
C LEU F 287 -28.72 -5.84 28.72
N VAL F 288 -29.47 -5.70 27.62
CA VAL F 288 -30.89 -5.38 27.72
C VAL F 288 -31.69 -6.59 28.21
N LYS F 289 -31.34 -7.79 27.74
CA LYS F 289 -31.97 -9.00 28.27
C LYS F 289 -31.54 -9.25 29.71
N GLY F 290 -30.34 -8.82 30.09
CA GLY F 290 -29.94 -8.89 31.48
C GLY F 290 -30.66 -7.88 32.36
N LEU F 291 -31.11 -6.77 31.77
CA LEU F 291 -31.89 -5.79 32.51
C LEU F 291 -33.37 -6.13 32.57
N PHE F 292 -33.81 -7.18 31.88
CA PHE F 292 -35.15 -7.72 32.04
C PHE F 292 -35.35 -8.26 33.45
N GLU F 293 -34.53 -9.23 33.83
CA GLU F 293 -34.72 -9.99 35.06
C GLU F 293 -34.29 -9.23 36.32
N LEU F 294 -33.60 -8.09 36.17
CA LEU F 294 -33.26 -7.28 37.32
C LEU F 294 -34.51 -6.66 37.92
N GLU F 295 -34.85 -7.06 39.14
CA GLU F 295 -36.06 -6.58 39.81
C GLU F 295 -35.76 -5.27 40.53
N ASP F 296 -35.49 -4.25 39.73
CA ASP F 296 -35.20 -2.91 40.22
C ASP F 296 -36.37 -1.98 39.93
N ALA F 297 -36.50 -0.95 40.78
CA ALA F 297 -37.56 0.04 40.62
C ALA F 297 -37.12 1.25 39.83
N THR F 298 -35.96 1.18 39.18
CA THR F 298 -35.44 2.27 38.37
C THR F 298 -35.28 1.90 36.91
N ILE F 299 -35.50 0.65 36.53
CA ILE F 299 -35.36 0.20 35.15
C ILE F 299 -36.72 0.30 34.47
N GLY F 300 -36.77 1.07 33.39
CA GLY F 300 -37.98 1.29 32.62
C GLY F 300 -38.25 0.14 31.67
N LYS F 301 -38.86 -0.93 32.21
CA LYS F 301 -39.00 -2.21 31.50
C LYS F 301 -39.74 -2.10 30.18
N ASP F 302 -40.65 -1.12 30.05
CA ASP F 302 -41.31 -0.90 28.78
C ASP F 302 -40.35 -0.33 27.74
N LYS F 303 -39.46 0.56 28.17
CA LYS F 303 -38.42 1.05 27.26
C LYS F 303 -37.35 0.00 27.03
N ILE F 304 -37.12 -0.88 28.01
CA ILE F 304 -36.10 -1.91 27.87
C ILE F 304 -36.60 -3.04 26.98
N HIS F 305 -37.88 -3.42 27.12
CA HIS F 305 -38.43 -4.46 26.25
C HIS F 305 -38.57 -3.98 24.82
N ARG F 306 -38.88 -2.70 24.61
CA ARG F 306 -38.93 -2.15 23.27
C ARG F 306 -37.55 -2.09 22.64
N LEU F 307 -36.52 -1.83 23.44
CA LEU F 307 -35.15 -1.88 22.93
C LEU F 307 -34.73 -3.32 22.61
N TYR F 308 -35.28 -4.29 23.32
CA TYR F 308 -34.96 -5.69 23.03
C TYR F 308 -35.57 -6.14 21.71
N ILE F 309 -36.78 -5.65 21.39
CA ILE F 309 -37.42 -6.03 20.13
C ILE F 309 -36.66 -5.45 18.94
N LEU F 310 -36.21 -4.20 19.05
CA LEU F 310 -35.41 -3.60 18.00
C LEU F 310 -34.02 -4.20 17.91
N LEU F 311 -33.52 -4.81 18.99
CA LEU F 311 -32.24 -5.49 18.93
C LEU F 311 -32.38 -6.91 18.39
N THR F 312 -33.55 -7.53 18.59
CA THR F 312 -33.83 -8.86 18.04
C THR F 312 -34.58 -8.81 16.73
N LYS F 313 -34.96 -7.62 16.25
CA LYS F 313 -35.47 -7.49 14.89
C LYS F 313 -34.36 -7.80 13.91
N LYS F 314 -34.66 -8.67 12.94
CA LYS F 314 -33.64 -9.19 12.05
C LYS F 314 -33.65 -8.54 10.68
N GLU F 315 -34.79 -8.01 10.24
CA GLU F 315 -34.82 -7.12 9.11
C GLU F 315 -34.18 -5.79 9.50
N PRO F 316 -33.64 -5.03 8.53
CA PRO F 316 -33.09 -3.73 8.86
C PRO F 316 -34.17 -2.76 9.28
N LEU F 317 -33.82 -1.87 10.20
CA LEU F 317 -34.79 -1.04 10.88
C LEU F 317 -35.30 0.08 9.98
N SER F 318 -36.61 0.32 10.06
CA SER F 318 -37.22 1.47 9.44
C SER F 318 -36.64 2.76 10.04
N PRO F 319 -36.58 3.85 9.26
CA PRO F 319 -36.06 5.11 9.81
C PRO F 319 -36.90 5.69 10.93
N THR F 320 -38.19 5.34 11.02
CA THR F 320 -38.99 5.74 12.17
C THR F 320 -38.75 4.88 13.39
N GLU F 321 -38.16 3.69 13.22
CA GLU F 321 -37.78 2.85 14.35
C GLU F 321 -36.27 2.78 14.52
N TYR F 322 -35.49 3.31 13.58
CA TYR F 322 -34.07 3.53 13.82
C TYR F 322 -33.85 4.71 14.76
N GLU F 323 -34.70 5.73 14.67
CA GLU F 323 -34.62 6.84 15.61
C GLU F 323 -35.16 6.47 16.97
N GLU F 324 -36.10 5.54 17.03
CA GLU F 324 -36.50 4.96 18.31
C GLU F 324 -35.40 4.10 18.89
N TYR F 325 -34.64 3.41 18.03
CA TYR F 325 -33.54 2.57 18.48
C TYR F 325 -32.39 3.40 19.04
N LEU F 326 -32.12 4.55 18.41
CA LEU F 326 -31.12 5.46 18.96
C LEU F 326 -31.60 6.11 20.24
N ARG F 327 -32.91 6.35 20.37
CA ARG F 327 -33.45 6.98 21.56
C ARG F 327 -33.44 6.03 22.75
N LEU F 328 -33.69 4.74 22.52
CA LEU F 328 -33.69 3.78 23.61
C LEU F 328 -32.29 3.39 24.03
N LYS F 329 -31.34 3.39 23.10
CA LYS F 329 -29.94 3.23 23.48
C LYS F 329 -29.44 4.42 24.25
N ARG F 330 -29.96 5.61 23.95
CA ARG F 330 -29.63 6.81 24.70
C ARG F 330 -30.23 6.74 26.10
N TYR F 331 -31.41 6.12 26.24
CA TYR F 331 -31.98 5.90 27.56
C TYR F 331 -31.23 4.81 28.30
N LEU F 332 -30.73 3.80 27.58
CA LEU F 332 -30.09 2.64 28.19
C LEU F 332 -28.81 3.02 28.92
N TRP F 333 -27.93 3.78 28.25
CA TRP F 333 -26.69 4.17 28.87
C TRP F 333 -26.88 5.27 29.90
N GLU F 334 -28.00 5.99 29.85
CA GLU F 334 -28.37 6.88 30.94
C GLU F 334 -28.77 6.08 32.17
N LEU F 335 -29.44 4.94 31.98
CA LEU F 335 -29.85 4.10 33.10
C LEU F 335 -28.69 3.25 33.62
N VAL F 336 -27.86 2.73 32.71
CA VAL F 336 -26.75 1.86 33.09
C VAL F 336 -25.68 2.65 33.83
N GLY F 337 -25.42 3.90 33.41
CA GLY F 337 -24.41 4.71 34.06
C GLY F 337 -24.74 5.11 35.48
N GLY F 338 -26.03 5.16 35.81
CA GLY F 338 -26.44 5.46 37.17
C GLY F 338 -26.95 4.23 37.90
N LEU F 339 -26.40 3.06 37.57
CA LEU F 339 -26.84 1.80 38.13
C LEU F 339 -25.65 1.12 38.80
N PRO F 340 -25.80 0.63 40.03
CA PRO F 340 -24.65 0.15 40.80
C PRO F 340 -24.12 -1.19 40.32
N LYS F 341 -22.90 -1.49 40.75
CA LYS F 341 -22.22 -2.73 40.35
C LYS F 341 -22.79 -3.96 41.04
N ASP F 342 -23.60 -3.79 42.09
CA ASP F 342 -24.22 -4.92 42.76
C ASP F 342 -25.23 -5.63 41.85
N LYS F 343 -25.94 -4.87 41.03
CA LYS F 343 -26.93 -5.43 40.12
C LYS F 343 -26.40 -5.63 38.70
N LEU F 344 -25.43 -4.82 38.27
CA LEU F 344 -24.90 -4.94 36.92
C LEU F 344 -23.99 -6.14 36.73
N LYS F 345 -23.36 -6.64 37.79
CA LYS F 345 -22.47 -7.79 37.65
C LYS F 345 -23.23 -9.12 37.67
N ASN F 346 -24.49 -9.11 38.08
CA ASN F 346 -25.30 -10.32 38.18
C ASN F 346 -26.32 -10.42 37.06
N LEU F 347 -25.98 -9.97 35.86
CA LEU F 347 -26.82 -10.13 34.68
C LEU F 347 -26.92 -11.61 34.34
N THR F 348 -28.10 -12.19 34.52
CA THR F 348 -28.23 -13.65 34.55
C THR F 348 -28.20 -14.42 33.23
N PRO F 349 -28.84 -14.02 32.12
CA PRO F 349 -28.76 -14.90 30.94
C PRO F 349 -27.43 -14.70 30.22
N LYS F 350 -26.67 -15.79 30.12
CA LYS F 350 -25.37 -15.71 29.45
C LYS F 350 -25.54 -15.69 27.94
N PHE F 351 -24.79 -14.82 27.29
CA PHE F 351 -24.79 -14.68 25.85
C PHE F 351 -23.41 -15.06 25.34
N TYR F 352 -23.35 -15.55 24.11
CA TYR F 352 -22.13 -16.13 23.59
C TYR F 352 -21.85 -15.61 22.19
N LEU F 353 -20.58 -15.41 21.88
CA LEU F 353 -20.17 -15.01 20.53
C LEU F 353 -19.07 -15.96 20.08
N ILE F 354 -19.40 -16.86 19.15
CA ILE F 354 -18.37 -17.68 18.53
C ILE F 354 -17.71 -16.85 17.44
N ILE F 355 -16.41 -16.64 17.57
CA ILE F 355 -15.63 -16.00 16.51
C ILE F 355 -14.76 -17.10 15.90
N ASP F 356 -15.25 -17.69 14.82
CA ASP F 356 -14.47 -18.69 14.12
C ASP F 356 -13.40 -18.01 13.28
N GLU F 357 -12.23 -18.66 13.21
CA GLU F 357 -11.06 -18.19 12.44
C GLU F 357 -10.68 -16.77 12.84
N ILE F 358 -10.57 -16.52 14.15
CA ILE F 358 -10.42 -15.16 14.66
C ILE F 358 -9.05 -14.59 14.27
N ASN F 359 -8.03 -15.44 14.16
CA ASN F 359 -6.73 -14.99 13.69
C ASN F 359 -6.68 -14.74 12.18
N ARG F 360 -7.74 -15.08 11.43
CA ARG F 360 -7.77 -14.74 10.01
C ARG F 360 -8.11 -13.28 9.78
N GLY F 361 -8.63 -12.58 10.77
CA GLY F 361 -8.83 -11.15 10.69
C GLY F 361 -7.76 -10.40 11.48
N ASN F 362 -7.65 -9.10 11.18
CA ASN F 362 -6.83 -8.19 11.97
C ASN F 362 -7.61 -7.88 13.24
N ILE F 363 -7.29 -8.61 14.30
CA ILE F 363 -8.16 -8.65 15.47
C ILE F 363 -8.12 -7.32 16.23
N SER F 364 -6.96 -6.68 16.31
CA SER F 364 -6.87 -5.40 17.01
C SER F 364 -7.59 -4.30 16.26
N LYS F 365 -7.62 -4.36 14.93
CA LYS F 365 -8.38 -3.39 14.17
C LYS F 365 -9.88 -3.65 14.30
N ILE F 366 -10.27 -4.93 14.32
CA ILE F 366 -11.68 -5.28 14.45
C ILE F 366 -12.17 -5.04 15.87
N PHE F 367 -11.39 -5.47 16.87
CA PHE F 367 -11.69 -5.16 18.27
C PHE F 367 -11.17 -3.75 18.52
N GLY F 368 -11.96 -2.75 18.15
CA GLY F 368 -11.48 -1.39 18.30
C GLY F 368 -11.40 -0.92 19.73
N GLU F 369 -12.55 -0.74 20.37
CA GLU F 369 -12.60 -0.44 21.79
C GLU F 369 -12.62 -1.69 22.64
N LEU F 370 -12.73 -2.86 22.01
CA LEU F 370 -12.87 -4.12 22.71
C LEU F 370 -11.56 -4.64 23.29
N ILE F 371 -10.42 -4.02 22.96
CA ILE F 371 -9.19 -4.32 23.68
C ILE F 371 -9.35 -3.96 25.15
N THR F 372 -9.89 -2.77 25.41
CA THR F 372 -10.10 -2.33 26.79
C THR F 372 -11.31 -3.00 27.41
N LEU F 373 -12.42 -3.06 26.66
CA LEU F 373 -13.72 -3.34 27.24
C LEU F 373 -13.93 -4.81 27.58
N LEU F 374 -13.25 -5.72 26.89
CA LEU F 374 -13.54 -7.14 27.03
C LEU F 374 -13.03 -7.74 28.34
N GLU F 375 -12.08 -7.09 29.00
CA GLU F 375 -11.51 -7.64 30.23
C GLU F 375 -12.55 -7.68 31.33
N LYS F 376 -12.46 -8.71 32.19
CA LYS F 376 -13.49 -9.03 33.15
C LYS F 376 -13.66 -7.93 34.21
N ASP F 377 -12.58 -7.22 34.53
CA ASP F 377 -12.69 -6.08 35.43
C ASP F 377 -13.36 -4.90 34.76
N LYS F 378 -13.18 -4.75 33.45
CA LYS F 378 -13.61 -3.58 32.71
C LYS F 378 -15.03 -3.69 32.19
N ARG F 379 -15.73 -4.80 32.46
CA ARG F 379 -17.09 -4.96 32.01
C ARG F 379 -18.05 -4.30 32.98
N LEU F 380 -19.33 -4.31 32.63
CA LEU F 380 -20.36 -3.71 33.46
C LEU F 380 -20.52 -4.48 34.76
N GLY F 381 -20.60 -3.75 35.88
CA GLY F 381 -20.56 -4.35 37.19
C GLY F 381 -19.17 -4.77 37.66
N GLY F 382 -18.16 -4.65 36.81
CA GLY F 382 -16.81 -4.99 37.20
C GLY F 382 -16.23 -3.98 38.18
N GLU F 383 -15.09 -4.37 38.75
CA GLU F 383 -14.43 -3.52 39.74
C GLU F 383 -13.85 -2.27 39.11
N ASN F 384 -13.42 -2.36 37.85
CA ASN F 384 -12.89 -1.23 37.10
C ASN F 384 -13.74 -1.01 35.86
N GLN F 385 -15.07 -0.97 36.06
CA GLN F 385 -16.04 -0.89 34.97
C GLN F 385 -15.83 0.34 34.11
N LEU F 386 -15.65 0.12 32.81
CA LEU F 386 -15.35 1.17 31.86
C LEU F 386 -16.45 1.26 30.82
N ILE F 387 -17.01 2.45 30.67
CA ILE F 387 -17.92 2.77 29.58
C ILE F 387 -17.15 3.64 28.62
N VAL F 388 -17.04 3.21 27.38
CA VAL F 388 -16.24 3.91 26.40
C VAL F 388 -17.19 4.75 25.55
N ARG F 389 -16.62 5.69 24.81
CA ARG F 389 -17.37 6.41 23.79
C ARG F 389 -16.89 5.96 22.42
N LEU F 390 -17.81 5.56 21.59
CA LEU F 390 -17.50 5.09 20.26
C LEU F 390 -17.39 6.27 19.30
N PRO F 391 -16.48 6.22 18.32
CA PRO F 391 -16.26 7.39 17.46
C PRO F 391 -17.39 7.70 16.50
N TYR F 392 -17.93 6.69 15.82
CA TYR F 392 -18.86 6.93 14.72
C TYR F 392 -20.22 7.39 15.22
N SER F 393 -20.78 6.69 16.21
CA SER F 393 -22.08 7.10 16.72
C SER F 393 -21.97 8.20 17.76
N GLY F 394 -20.86 8.28 18.48
CA GLY F 394 -20.75 9.20 19.58
C GLY F 394 -21.44 8.73 20.84
N GLU F 395 -21.81 7.49 20.91
CA GLU F 395 -22.63 6.80 21.90
C GLU F 395 -21.77 6.13 22.96
N PRO F 396 -22.28 5.98 24.18
CA PRO F 396 -21.57 5.19 25.17
C PRO F 396 -21.63 3.71 24.84
N PHE F 397 -20.60 2.98 25.27
CA PHE F 397 -20.57 1.54 25.03
C PHE F 397 -19.74 0.85 26.10
N ALA F 398 -20.22 -0.32 26.52
CA ALA F 398 -19.50 -1.18 27.44
C ALA F 398 -19.97 -2.61 27.20
N VAL F 399 -19.08 -3.56 27.46
CA VAL F 399 -19.45 -4.97 27.34
C VAL F 399 -20.13 -5.42 28.62
N PRO F 400 -21.30 -6.04 28.55
CA PRO F 400 -21.93 -6.58 29.76
C PRO F 400 -21.20 -7.81 30.23
N PRO F 401 -21.34 -8.19 31.51
CA PRO F 401 -20.59 -9.36 32.01
C PRO F 401 -21.14 -10.69 31.55
N ASN F 402 -22.41 -10.76 31.13
CA ASN F 402 -23.01 -12.00 30.68
C ASN F 402 -22.79 -12.27 29.19
N LEU F 403 -21.84 -11.59 28.58
CA LEU F 403 -21.45 -11.86 27.20
C LEU F 403 -20.10 -12.53 27.18
N TYR F 404 -20.00 -13.64 26.46
CA TYR F 404 -18.79 -14.44 26.42
C TYR F 404 -18.38 -14.64 24.98
N ILE F 405 -17.09 -14.69 24.72
CA ILE F 405 -16.57 -14.77 23.36
C ILE F 405 -15.64 -15.97 23.27
N ILE F 406 -16.01 -16.94 22.45
CA ILE F 406 -15.19 -18.12 22.22
C ILE F 406 -14.60 -18.01 20.83
N GLY F 407 -13.30 -17.80 20.76
CA GLY F 407 -12.62 -17.73 19.48
C GLY F 407 -11.99 -19.07 19.13
N THR F 408 -11.92 -19.33 17.83
CA THR F 408 -11.20 -20.50 17.33
C THR F 408 -10.06 -20.03 16.44
N MET F 409 -8.87 -20.56 16.70
CA MET F 409 -7.67 -20.22 15.94
C MET F 409 -7.08 -21.48 15.33
N ASN F 410 -7.16 -21.59 14.01
CA ASN F 410 -6.29 -22.54 13.32
C ASN F 410 -4.89 -21.96 13.35
N THR F 411 -3.99 -22.63 14.07
CA THR F 411 -2.65 -22.12 14.29
C THR F 411 -1.68 -22.50 13.18
N ALA F 412 -2.15 -23.19 12.15
CA ALA F 412 -1.36 -23.44 10.96
C ALA F 412 -1.78 -22.57 9.79
N ASP F 413 -2.85 -21.79 9.96
CA ASP F 413 -3.33 -20.89 8.93
C ASP F 413 -2.91 -19.45 9.19
N ARG F 414 -2.42 -19.16 10.39
CA ARG F 414 -1.85 -17.82 10.69
C ARG F 414 -0.86 -17.95 11.84
N SER F 415 0.27 -17.24 11.73
CA SER F 415 1.35 -17.36 12.69
C SER F 415 0.89 -16.85 14.05
N ILE F 416 0.97 -17.71 15.07
CA ILE F 416 0.52 -17.34 16.41
C ILE F 416 1.48 -16.39 17.10
N ALA F 417 2.70 -16.23 16.59
CA ALA F 417 3.63 -15.22 17.08
C ALA F 417 3.42 -13.85 16.42
N LEU F 418 2.27 -13.65 15.79
CA LEU F 418 1.87 -12.36 15.26
C LEU F 418 0.66 -11.79 16.01
N LEU F 419 0.21 -12.45 17.06
CA LEU F 419 -0.83 -11.89 17.91
C LEU F 419 -0.25 -10.78 18.78
N ASP F 420 -1.10 -9.84 19.15
CA ASP F 420 -0.73 -8.81 20.10
C ASP F 420 -0.68 -9.42 21.50
N VAL F 421 0.41 -9.13 22.21
CA VAL F 421 0.61 -9.60 23.57
C VAL F 421 -0.43 -9.00 24.52
N ALA F 422 -0.80 -7.73 24.29
CA ALA F 422 -1.81 -7.09 25.14
C ALA F 422 -3.20 -7.65 24.86
N LEU F 423 -3.48 -7.99 23.60
CA LEU F 423 -4.75 -8.63 23.28
C LEU F 423 -4.77 -10.07 23.78
N ARG F 424 -3.61 -10.72 23.83
CA ARG F 424 -3.50 -12.07 24.37
C ARG F 424 -3.84 -12.12 25.85
N ARG F 425 -3.67 -11.00 26.56
CA ARG F 425 -4.00 -10.92 27.98
C ARG F 425 -5.49 -11.00 28.25
N ARG F 426 -6.33 -10.68 27.28
CA ARG F 426 -7.77 -10.70 27.50
C ARG F 426 -8.34 -12.10 27.44
N PHE F 427 -7.72 -13.01 26.70
CA PHE F 427 -8.27 -14.33 26.44
C PHE F 427 -7.53 -15.38 27.24
N ALA F 428 -8.26 -16.38 27.71
CA ALA F 428 -7.66 -17.65 28.11
C ALA F 428 -7.47 -18.48 26.85
N PHE F 429 -6.30 -19.11 26.75
CA PHE F 429 -5.95 -19.86 25.54
C PHE F 429 -5.97 -21.35 25.84
N ILE F 430 -6.93 -22.04 25.23
CA ILE F 430 -7.12 -23.47 25.39
C ILE F 430 -6.59 -24.15 24.14
N GLU F 431 -5.53 -24.95 24.30
CA GLU F 431 -4.99 -25.73 23.20
C GLU F 431 -5.90 -26.91 22.93
N VAL F 432 -6.41 -27.01 21.71
CA VAL F 432 -7.12 -28.18 21.24
C VAL F 432 -6.22 -28.89 20.26
N GLU F 433 -5.56 -29.93 20.72
CA GLU F 433 -4.56 -30.66 19.97
C GLU F 433 -5.19 -31.82 19.23
N PRO F 434 -4.52 -32.37 18.20
CA PRO F 434 -5.04 -33.58 17.56
C PRO F 434 -5.11 -34.73 18.54
N ARG F 435 -6.23 -35.43 18.52
CA ARG F 435 -6.44 -36.55 19.42
C ARG F 435 -6.60 -37.82 18.60
N PRO F 436 -5.49 -38.50 18.26
CA PRO F 436 -5.61 -39.73 17.48
C PRO F 436 -6.20 -40.90 18.25
N GLU F 437 -6.40 -40.76 19.58
CA GLU F 437 -7.10 -41.78 20.34
C GLU F 437 -8.57 -41.86 19.93
N PHE F 438 -9.11 -40.83 19.29
CA PHE F 438 -10.43 -40.90 18.69
C PHE F 438 -10.45 -41.76 17.43
N LEU F 439 -9.30 -42.08 16.86
CA LEU F 439 -9.20 -42.80 15.60
C LEU F 439 -9.03 -44.30 15.78
N GLU F 440 -9.18 -44.81 17.01
CA GLU F 440 -9.23 -46.26 17.18
C GLU F 440 -10.59 -46.77 16.73
N LYS F 441 -10.68 -48.09 16.55
CA LYS F 441 -11.88 -48.70 15.98
C LYS F 441 -13.07 -48.58 16.92
N GLU F 442 -12.84 -48.77 18.23
CA GLU F 442 -13.92 -48.61 19.19
C GLU F 442 -14.26 -47.14 19.38
N ASN F 443 -13.27 -46.26 19.27
CA ASN F 443 -13.54 -44.83 19.39
C ASN F 443 -14.15 -44.26 18.12
N LEU F 444 -13.86 -44.85 16.96
CA LEU F 444 -14.58 -44.46 15.74
C LEU F 444 -16.03 -44.90 15.81
N LYS F 445 -16.30 -46.04 16.43
CA LYS F 445 -17.68 -46.48 16.61
C LYS F 445 -18.40 -45.64 17.66
N LYS F 446 -17.69 -45.25 18.72
CA LYS F 446 -18.34 -44.50 19.80
C LYS F 446 -18.69 -43.07 19.39
N ILE F 447 -18.09 -42.55 18.33
CA ILE F 447 -18.44 -41.22 17.83
C ILE F 447 -19.52 -41.30 16.75
N ARG F 448 -19.43 -42.26 15.83
CA ARG F 448 -20.35 -42.25 14.70
C ARG F 448 -21.71 -42.87 15.00
N GLU F 449 -21.92 -43.42 16.20
CA GLU F 449 -23.21 -43.97 16.57
C GLU F 449 -24.00 -43.07 17.51
N LYS F 450 -23.62 -41.81 17.66
CA LYS F 450 -24.41 -40.90 18.49
C LYS F 450 -25.45 -40.13 17.70
N LYS F 451 -25.54 -40.31 16.39
CA LYS F 451 -26.49 -39.55 15.59
C LYS F 451 -27.24 -40.35 14.53
N LEU F 452 -27.05 -41.67 14.46
CA LEU F 452 -27.74 -42.48 13.46
C LEU F 452 -28.38 -43.72 14.09
N LYS F 453 -29.23 -44.37 13.30
CA LYS F 453 -30.11 -45.41 13.80
C LYS F 453 -29.33 -46.71 14.06
N THR F 454 -30.03 -47.67 14.66
CA THR F 454 -29.38 -48.92 15.05
C THR F 454 -29.23 -49.87 13.87
N GLU F 455 -30.16 -49.83 12.92
CA GLU F 455 -30.03 -50.66 11.73
C GLU F 455 -28.93 -50.14 10.81
N ASP F 456 -28.65 -48.84 10.87
CA ASP F 456 -27.50 -48.28 10.18
C ASP F 456 -26.23 -48.38 11.01
N ARG F 457 -26.35 -48.73 12.30
CA ARG F 457 -25.18 -48.79 13.17
C ARG F 457 -24.31 -49.99 12.87
N LYS F 458 -24.90 -51.19 12.86
CA LYS F 458 -24.10 -52.39 12.62
C LYS F 458 -23.76 -52.59 11.14
N ARG F 459 -24.51 -51.95 10.23
CA ARG F 459 -24.05 -51.88 8.85
C ARG F 459 -22.82 -50.98 8.74
N LEU F 460 -22.76 -49.93 9.56
CA LEU F 460 -21.54 -49.13 9.66
C LEU F 460 -20.44 -49.87 10.40
N ASN F 461 -20.81 -50.75 11.34
CA ASN F 461 -19.82 -51.49 12.11
C ASN F 461 -19.17 -52.59 11.27
N GLU F 462 -19.91 -53.19 10.34
CA GLU F 462 -19.33 -54.21 9.49
C GLU F 462 -18.39 -53.60 8.46
N LYS F 463 -18.62 -52.33 8.09
CA LYS F 463 -17.68 -51.66 7.21
C LYS F 463 -16.43 -51.20 7.95
N LEU F 464 -16.58 -50.80 9.22
CA LEU F 464 -15.42 -50.46 10.04
C LEU F 464 -14.60 -51.71 10.37
N ASN F 465 -15.27 -52.85 10.54
CA ASN F 465 -14.54 -54.10 10.72
C ASN F 465 -13.90 -54.55 9.42
N GLU F 466 -14.49 -54.20 8.28
CA GLU F 466 -13.89 -54.52 6.99
C GLU F 466 -12.70 -53.61 6.69
N LEU F 467 -12.80 -52.34 7.09
CA LEU F 467 -11.70 -51.41 6.90
C LEU F 467 -10.50 -51.78 7.77
N PHE F 468 -10.73 -52.06 9.05
CA PHE F 468 -9.62 -52.33 9.95
C PHE F 468 -9.04 -53.72 9.74
N SER F 469 -9.77 -54.63 9.08
CA SER F 469 -9.19 -55.92 8.72
C SER F 469 -8.14 -55.78 7.64
N LYS F 470 -8.37 -54.87 6.69
CA LYS F 470 -7.40 -54.64 5.62
C LYS F 470 -6.16 -53.88 6.11
N LEU F 471 -6.23 -53.27 7.30
CA LEU F 471 -5.08 -52.61 7.91
C LEU F 471 -4.33 -53.52 8.86
N GLY F 472 -4.33 -54.82 8.63
CA GLY F 472 -3.59 -55.76 9.45
C GLY F 472 -4.28 -56.18 10.73
N ASN F 473 -5.60 -55.96 10.83
CA ASN F 473 -6.40 -56.18 12.05
C ASN F 473 -5.80 -55.43 13.23
N ASP F 474 -5.39 -54.18 12.98
CA ASP F 474 -4.81 -53.30 13.99
C ASP F 474 -5.89 -52.27 14.30
N ASN F 475 -6.52 -52.41 15.46
CA ASN F 475 -7.56 -51.47 15.85
C ASN F 475 -7.00 -50.09 16.20
N TYR F 476 -5.71 -50.00 16.50
CA TYR F 476 -5.03 -48.75 16.76
C TYR F 476 -4.22 -48.26 15.56
N PHE F 477 -4.67 -48.56 14.34
CA PHE F 477 -3.91 -48.22 13.15
C PHE F 477 -3.91 -46.72 12.89
N LEU F 478 -5.11 -46.13 12.79
CA LEU F 478 -5.21 -44.70 12.53
C LEU F 478 -4.81 -43.88 13.75
N LYS F 479 -4.84 -44.47 14.94
CA LYS F 479 -4.25 -43.81 16.11
C LYS F 479 -2.74 -43.73 15.97
N THR F 480 -2.10 -44.85 15.61
CA THR F 480 -0.65 -44.88 15.47
C THR F 480 -0.20 -44.10 14.25
N LEU F 481 -1.00 -44.12 13.16
CA LEU F 481 -0.63 -43.40 11.95
C LEU F 481 -0.65 -41.89 12.16
N LEU F 482 -1.65 -41.39 12.90
CA LEU F 482 -1.70 -39.95 13.13
C LEU F 482 -0.68 -39.52 14.19
N GLU F 483 -0.46 -40.35 15.22
CA GLU F 483 0.56 -40.03 16.22
C GLU F 483 1.95 -40.01 15.63
N LYS F 484 2.24 -40.94 14.71
CA LYS F 484 3.59 -41.03 14.16
C LYS F 484 3.88 -39.88 13.21
N ILE F 485 2.89 -39.45 12.43
CA ILE F 485 3.15 -38.32 11.53
C ILE F 485 3.10 -36.99 12.28
N ASN F 486 2.39 -36.90 13.40
CA ASN F 486 2.31 -35.62 14.12
C ASN F 486 3.53 -35.38 14.98
N VAL F 487 4.11 -36.45 15.54
CA VAL F 487 5.41 -36.32 16.20
C VAL F 487 6.48 -36.00 15.18
N ARG F 488 6.40 -36.60 13.99
CA ARG F 488 7.35 -36.31 12.94
C ARG F 488 7.16 -34.91 12.38
N ILE F 489 5.93 -34.39 12.41
CA ILE F 489 5.71 -33.00 12.02
C ILE F 489 6.25 -32.07 13.08
N THR F 490 5.99 -32.37 14.37
CA THR F 490 6.42 -31.52 15.48
C THR F 490 7.93 -31.38 15.55
N VAL F 491 8.68 -32.39 15.10
CA VAL F 491 10.13 -32.31 15.15
C VAL F 491 10.68 -31.38 14.07
N VAL F 492 10.15 -31.44 12.86
CA VAL F 492 10.67 -30.65 11.75
C VAL F 492 9.79 -29.45 11.41
N LYS F 493 8.74 -29.20 12.17
CA LYS F 493 7.84 -28.07 11.97
C LYS F 493 7.32 -27.71 13.35
N ASP F 494 6.21 -27.00 13.41
CA ASP F 494 5.60 -26.65 14.68
C ASP F 494 4.74 -27.80 15.19
N ARG F 495 4.33 -27.70 16.46
CA ARG F 495 3.19 -28.48 16.92
C ARG F 495 1.89 -27.92 16.37
N ASP F 496 1.91 -26.67 15.91
CA ASP F 496 0.75 -26.01 15.33
C ASP F 496 0.42 -26.52 13.94
N HIS F 497 1.37 -27.19 13.28
CA HIS F 497 1.17 -27.71 11.94
C HIS F 497 0.91 -29.20 11.94
N ARG F 498 0.47 -29.76 13.07
CA ARG F 498 0.08 -31.16 13.14
C ARG F 498 -1.20 -31.39 12.34
N ILE F 499 -1.46 -32.65 12.03
CA ILE F 499 -2.66 -33.02 11.28
C ILE F 499 -3.75 -33.38 12.27
N GLY F 500 -4.91 -32.75 12.10
CA GLY F 500 -6.03 -33.01 12.98
C GLY F 500 -6.65 -34.37 12.77
N HIS F 501 -7.46 -34.77 13.74
CA HIS F 501 -8.08 -36.09 13.74
C HIS F 501 -9.42 -36.12 13.02
N SER F 502 -10.00 -34.97 12.69
CA SER F 502 -11.35 -34.94 12.15
C SER F 502 -11.42 -35.41 10.70
N TYR F 503 -10.30 -35.47 10.00
CA TYR F 503 -10.31 -35.94 8.62
C TYR F 503 -10.59 -37.44 8.57
N PHE F 504 -9.92 -38.22 9.42
CA PHE F 504 -10.08 -39.66 9.48
C PHE F 504 -11.30 -40.09 10.28
N LEU F 505 -12.07 -39.14 10.80
CA LEU F 505 -13.15 -39.47 11.72
C LEU F 505 -14.36 -40.06 11.03
N ASN F 506 -14.58 -39.73 9.76
CA ASN F 506 -15.66 -40.31 8.96
C ASN F 506 -15.15 -41.33 7.96
N VAL F 507 -13.99 -41.91 8.22
CA VAL F 507 -13.43 -42.95 7.36
C VAL F 507 -14.03 -44.28 7.78
N GLU F 508 -14.66 -44.98 6.85
CA GLU F 508 -15.18 -46.31 7.10
C GLU F 508 -14.80 -47.33 6.04
N THR F 509 -14.22 -46.90 4.92
CA THR F 509 -13.67 -47.81 3.92
C THR F 509 -12.22 -47.44 3.65
N VAL F 510 -11.55 -48.29 2.88
CA VAL F 510 -10.17 -48.01 2.48
C VAL F 510 -10.14 -46.84 1.50
N GLU F 511 -11.14 -46.77 0.62
CA GLU F 511 -11.26 -45.65 -0.31
C GLU F 511 -11.65 -44.36 0.41
N ASP F 512 -12.26 -44.45 1.60
CA ASP F 512 -12.43 -43.27 2.43
C ASP F 512 -11.10 -42.83 3.02
N LEU F 513 -10.26 -43.79 3.41
CA LEU F 513 -8.91 -43.48 3.84
C LEU F 513 -8.03 -43.04 2.68
N HIS F 514 -8.28 -43.58 1.48
CA HIS F 514 -7.54 -43.15 0.31
C HIS F 514 -7.88 -41.72 -0.08
N HIS F 515 -9.14 -41.33 0.10
CA HIS F 515 -9.55 -39.95 -0.13
C HIS F 515 -8.93 -39.00 0.86
N VAL F 516 -8.97 -39.36 2.16
CA VAL F 516 -8.53 -38.47 3.21
C VAL F 516 -7.02 -38.26 3.16
N TRP F 517 -6.29 -39.31 2.78
CA TRP F 517 -4.84 -39.18 2.68
C TRP F 517 -4.43 -38.30 1.51
N TYR F 518 -5.08 -38.46 0.36
CA TYR F 518 -4.64 -37.79 -0.86
C TYR F 518 -5.30 -36.43 -1.08
N TYR F 519 -6.34 -36.09 -0.33
CA TYR F 519 -7.02 -34.81 -0.50
C TYR F 519 -7.16 -34.01 0.77
N GLU F 520 -6.84 -34.57 1.94
CA GLU F 520 -6.83 -33.81 3.18
C GLU F 520 -5.51 -33.87 3.93
N VAL F 521 -4.66 -34.87 3.68
CA VAL F 521 -3.40 -35.01 4.40
C VAL F 521 -2.23 -34.58 3.54
N LEU F 522 -2.06 -35.23 2.38
CA LEU F 522 -0.94 -34.94 1.49
C LEU F 522 -0.94 -33.55 0.87
N PRO F 523 -2.07 -32.93 0.47
CA PRO F 523 -2.01 -31.50 0.13
C PRO F 523 -1.74 -30.63 1.35
N LEU F 524 -2.15 -31.07 2.53
CA LEU F 524 -1.90 -30.31 3.74
C LEU F 524 -0.45 -30.43 4.20
N LEU F 525 0.18 -31.59 3.95
CA LEU F 525 1.61 -31.71 4.22
C LEU F 525 2.44 -30.93 3.21
N MET F 526 2.01 -30.88 1.95
CA MET F 526 2.73 -30.11 0.96
C MET F 526 2.59 -28.61 1.18
N GLU F 527 1.45 -28.19 1.76
CA GLU F 527 1.27 -26.78 2.07
C GLU F 527 2.12 -26.37 3.27
N TYR F 528 2.17 -27.22 4.31
CA TYR F 528 2.90 -26.88 5.52
C TYR F 528 4.40 -26.85 5.31
N PHE F 529 4.92 -27.69 4.42
CA PHE F 529 6.36 -27.80 4.24
C PHE F 529 6.85 -27.12 2.97
N TYR F 530 5.95 -26.42 2.25
CA TYR F 530 6.28 -25.59 1.08
C TYR F 530 6.96 -26.41 -0.02
N ASN F 531 6.42 -27.60 -0.26
CA ASN F 531 6.89 -28.55 -1.28
C ASN F 531 8.34 -28.97 -1.07
N ASP F 532 8.77 -29.06 0.19
CA ASP F 532 10.05 -29.66 0.54
C ASP F 532 9.86 -31.17 0.54
N TRP F 533 10.24 -31.83 -0.56
CA TRP F 533 9.97 -33.24 -0.72
C TRP F 533 10.80 -34.10 0.21
N GLU F 534 12.01 -33.66 0.56
CA GLU F 534 12.86 -34.45 1.46
C GLU F 534 12.35 -34.41 2.89
N THR F 535 11.73 -33.31 3.30
CA THR F 535 11.20 -33.19 4.65
C THR F 535 9.89 -33.95 4.80
N ILE F 536 9.05 -33.92 3.75
CA ILE F 536 7.78 -34.64 3.78
C ILE F 536 8.02 -36.15 3.76
N LYS F 537 8.98 -36.61 2.95
CA LYS F 537 9.27 -38.03 2.89
C LYS F 537 9.90 -38.57 4.18
N TRP F 538 10.54 -37.70 4.97
CA TRP F 538 10.94 -38.11 6.31
C TRP F 538 9.75 -38.18 7.25
N VAL F 539 8.77 -37.27 7.08
CA VAL F 539 7.53 -37.34 7.85
C VAL F 539 6.74 -38.58 7.46
N LEU F 540 6.74 -38.92 6.17
CA LEU F 540 6.05 -40.10 5.67
C LEU F 540 6.90 -41.36 5.75
N ASN F 541 8.06 -41.29 6.40
CA ASN F 541 8.96 -42.44 6.66
C ASN F 541 9.42 -43.11 5.37
N GLU F 542 9.70 -42.29 4.35
CA GLU F 542 10.12 -42.79 3.05
C GLU F 542 11.25 -41.92 2.49
N LYS F 543 12.18 -41.52 3.36
CA LYS F 543 13.16 -40.50 2.99
C LYS F 543 14.19 -41.04 2.01
N GLY F 544 14.80 -42.19 2.31
CA GLY F 544 15.74 -42.79 1.40
C GLY F 544 15.09 -43.82 0.51
N LYS F 545 13.87 -43.55 0.07
CA LYS F 545 13.08 -44.52 -0.69
C LYS F 545 12.30 -43.77 -1.76
N GLU F 546 12.73 -43.93 -3.01
CA GLU F 546 12.03 -43.37 -4.16
C GLU F 546 11.83 -44.46 -5.19
N HIS F 547 11.09 -44.12 -6.25
CA HIS F 547 10.77 -44.96 -7.41
C HIS F 547 10.03 -46.24 -7.06
N GLY F 548 9.38 -46.30 -5.90
CA GLY F 548 8.70 -47.51 -5.49
C GLY F 548 7.24 -47.29 -5.13
N ASN F 549 6.80 -47.92 -4.04
CA ASN F 549 5.44 -47.76 -3.54
C ASN F 549 5.39 -46.62 -2.52
N VAL F 550 5.73 -45.43 -3.00
CA VAL F 550 5.86 -44.26 -2.15
C VAL F 550 4.78 -43.25 -2.51
N PHE F 551 4.63 -42.23 -1.67
CA PHE F 551 3.69 -41.16 -1.94
C PHE F 551 4.30 -40.04 -2.75
N PHE F 552 5.62 -40.04 -2.94
CA PHE F 552 6.31 -38.98 -3.69
C PHE F 552 7.45 -39.64 -4.45
N GLU F 553 7.19 -40.01 -5.70
CA GLU F 553 8.22 -40.57 -6.56
C GLU F 553 9.11 -39.47 -7.11
N LYS F 554 10.40 -39.76 -7.17
CA LYS F 554 11.35 -38.85 -7.79
C LYS F 554 11.26 -38.96 -9.30
N LEU F 555 11.30 -37.82 -9.98
CA LEU F 555 11.41 -37.85 -11.43
C LEU F 555 12.81 -38.27 -11.83
N ARG F 556 12.89 -39.15 -12.84
CA ARG F 556 14.17 -39.69 -13.26
C ARG F 556 15.04 -38.66 -13.96
N LEU F 557 14.44 -37.59 -14.47
CA LEU F 557 15.21 -36.51 -15.09
C LEU F 557 15.75 -35.56 -14.05
N THR F 558 16.95 -35.06 -14.28
CA THR F 558 17.55 -34.01 -13.48
C THR F 558 17.76 -32.78 -14.34
N GLY F 559 17.69 -31.61 -13.69
CA GLY F 559 17.79 -30.37 -14.40
C GLY F 559 19.22 -30.03 -14.82
N PRO F 560 19.39 -28.88 -15.47
CA PRO F 560 20.75 -28.45 -15.83
C PRO F 560 21.55 -28.00 -14.63
N ASN F 561 20.88 -27.48 -13.60
CA ASN F 561 21.51 -27.09 -12.35
C ASN F 561 21.52 -28.23 -11.33
N GLY F 562 21.28 -29.46 -11.77
CA GLY F 562 21.22 -30.58 -10.86
C GLY F 562 19.96 -30.65 -10.02
N GLU F 563 18.90 -29.93 -10.43
CA GLU F 563 17.66 -29.95 -9.68
C GLU F 563 16.95 -31.29 -9.84
N GLU F 564 16.43 -31.80 -8.73
CA GLU F 564 15.62 -33.00 -8.72
C GLU F 564 14.19 -32.64 -8.35
N ALA F 565 13.23 -33.22 -9.07
CA ALA F 565 11.82 -32.99 -8.82
C ALA F 565 11.17 -34.26 -8.33
N TYR F 566 10.23 -34.11 -7.39
CA TYR F 566 9.43 -35.22 -6.91
C TYR F 566 7.99 -35.04 -7.35
N GLN F 567 7.30 -36.16 -7.50
CA GLN F 567 5.95 -36.17 -8.02
C GLN F 567 5.10 -37.06 -7.14
N LEU F 568 3.93 -36.55 -6.75
CA LEU F 568 3.00 -37.33 -5.94
C LEU F 568 2.52 -38.56 -6.70
N LYS F 569 2.68 -39.72 -6.07
CA LYS F 569 2.30 -40.99 -6.66
C LYS F 569 1.03 -41.48 -5.98
N VAL F 570 -0.01 -41.73 -6.77
CA VAL F 570 -1.27 -42.24 -6.25
C VAL F 570 -1.18 -43.76 -6.21
N LEU F 571 -1.15 -44.32 -5.00
CA LEU F 571 -1.11 -45.75 -4.80
C LEU F 571 -2.50 -46.24 -4.44
N GLU F 572 -2.91 -47.36 -5.03
CA GLU F 572 -4.22 -47.93 -4.77
C GLU F 572 -4.09 -49.36 -4.31
N GLY F 573 -5.05 -49.80 -3.50
CA GLY F 573 -5.10 -51.20 -3.10
C GLY F 573 -4.09 -51.51 -2.01
N ASP F 574 -3.31 -52.57 -2.22
CA ASP F 574 -2.32 -53.01 -1.25
C ASP F 574 -1.11 -52.10 -1.23
N ALA F 575 -0.88 -51.33 -2.30
CA ALA F 575 0.22 -50.39 -2.32
C ALA F 575 -0.02 -49.22 -1.38
N PHE F 576 -1.28 -48.79 -1.25
CA PHE F 576 -1.61 -47.69 -0.36
C PHE F 576 -1.55 -48.12 1.10
N ILE F 577 -2.04 -49.32 1.41
CA ILE F 577 -2.02 -49.81 2.78
C ILE F 577 -0.60 -50.19 3.19
N GLY F 578 0.18 -50.75 2.25
CA GLY F 578 1.56 -51.08 2.53
C GLY F 578 2.46 -49.86 2.68
N ALA F 579 2.06 -48.72 2.13
CA ALA F 579 2.80 -47.49 2.35
C ALA F 579 2.37 -46.76 3.61
N LEU F 580 1.14 -46.98 4.07
CA LEU F 580 0.74 -46.46 5.36
C LEU F 580 1.30 -47.29 6.51
N LYS F 581 1.50 -48.59 6.28
CA LYS F 581 2.15 -49.42 7.28
C LYS F 581 3.64 -49.14 7.36
N ARG F 582 4.22 -48.59 6.30
CA ARG F 582 5.63 -48.19 6.32
C ARG F 582 5.85 -46.99 7.23
N ILE F 583 4.83 -46.12 7.38
CA ILE F 583 4.96 -44.97 8.26
C ILE F 583 4.95 -45.40 9.71
N ILE F 584 4.12 -46.37 10.05
CA ILE F 584 4.05 -46.88 11.43
C ILE F 584 5.31 -47.66 11.76
N SER F 585 5.72 -48.57 10.87
CA SER F 585 6.95 -49.32 11.06
C SER F 585 8.17 -48.44 10.78
N THR G 5 27.54 -30.84 -3.07
CA THR G 5 28.87 -31.06 -2.51
C THR G 5 29.39 -29.78 -1.87
N THR G 6 29.57 -29.82 -0.55
CA THR G 6 30.08 -28.67 0.18
C THR G 6 31.60 -28.65 0.16
N ILE G 7 32.16 -27.57 -0.37
CA ILE G 7 33.61 -27.37 -0.41
C ILE G 7 33.97 -26.37 0.68
N THR G 8 34.88 -26.77 1.58
CA THR G 8 35.38 -25.90 2.62
C THR G 8 36.86 -25.67 2.34
N LEU G 9 37.20 -24.44 1.98
CA LEU G 9 38.55 -24.11 1.56
C LEU G 9 39.08 -22.94 2.38
N TYR G 10 40.40 -22.89 2.51
CA TYR G 10 41.11 -21.68 2.86
C TYR G 10 41.78 -21.15 1.62
N GLU G 11 42.33 -19.95 1.70
CA GLU G 11 42.99 -19.37 0.55
C GLU G 11 44.29 -20.13 0.24
N HIS G 12 44.51 -20.39 -1.05
CA HIS G 12 45.65 -21.14 -1.57
C HIS G 12 45.75 -22.56 -1.03
N ASP G 13 44.62 -23.19 -0.73
CA ASP G 13 44.58 -24.62 -0.48
C ASP G 13 44.07 -25.34 -1.71
N GLU G 14 44.63 -26.53 -1.97
CA GLU G 14 44.31 -27.31 -3.16
C GLU G 14 43.78 -28.67 -2.72
N LYS G 15 42.52 -28.95 -3.04
CA LYS G 15 41.92 -30.26 -2.86
C LYS G 15 41.44 -30.77 -4.22
N ARG G 16 41.87 -31.97 -4.57
CA ARG G 16 41.52 -32.54 -5.86
C ARG G 16 40.08 -33.04 -5.86
N TYR G 17 39.60 -33.40 -7.06
CA TYR G 17 38.23 -33.91 -7.18
C TYR G 17 38.11 -35.31 -6.60
N ARG G 18 39.21 -36.07 -6.57
CA ARG G 18 39.19 -37.37 -5.91
C ARG G 18 39.18 -37.25 -4.39
N ASP G 19 39.56 -36.08 -3.85
CA ASP G 19 39.54 -35.90 -2.41
C ASP G 19 38.13 -35.61 -1.89
N ILE G 20 37.35 -34.85 -2.65
CA ILE G 20 35.99 -34.50 -2.24
C ILE G 20 35.02 -35.55 -2.77
N ALA G 21 34.19 -36.09 -1.88
CA ALA G 21 33.22 -37.14 -2.23
C ALA G 21 32.06 -36.50 -2.98
N GLY G 22 32.18 -36.44 -4.29
CA GLY G 22 31.14 -35.90 -5.13
C GLY G 22 31.23 -36.49 -6.52
N ASP G 23 31.05 -35.64 -7.51
CA ASP G 23 31.21 -36.05 -8.90
C ASP G 23 32.47 -35.43 -9.50
N LYS G 24 32.97 -36.06 -10.56
CA LYS G 24 34.22 -35.63 -11.16
C LYS G 24 34.08 -34.41 -12.04
N LYS G 25 32.85 -34.04 -12.44
CA LYS G 25 32.68 -32.93 -13.37
C LYS G 25 31.63 -31.96 -12.83
N ALA G 26 30.68 -32.46 -12.03
CA ALA G 26 29.63 -31.60 -11.48
C ALA G 26 30.18 -30.62 -10.45
N ILE G 27 31.27 -30.98 -9.78
CA ILE G 27 31.97 -30.00 -8.93
C ILE G 27 32.74 -29.01 -9.79
N GLN G 28 33.22 -29.42 -10.96
CA GLN G 28 33.99 -28.54 -11.83
C GLN G 28 33.14 -27.44 -12.45
N ASP G 29 32.18 -27.81 -13.29
CA ASP G 29 31.47 -26.85 -14.12
C ASP G 29 30.39 -26.09 -13.38
N ALA G 30 30.16 -26.40 -12.11
CA ALA G 30 29.28 -25.58 -11.29
C ALA G 30 29.94 -24.24 -10.96
N LEU G 31 31.12 -24.30 -10.34
CA LEU G 31 31.84 -23.08 -9.99
C LEU G 31 32.56 -22.46 -11.18
N ILE G 32 32.71 -23.18 -12.30
CA ILE G 32 33.11 -22.55 -13.55
C ILE G 32 32.08 -21.50 -13.97
N LYS G 33 30.80 -21.82 -13.80
CA LYS G 33 29.75 -20.83 -14.03
C LYS G 33 29.65 -19.78 -12.93
N LEU G 34 30.49 -19.86 -11.89
CA LEU G 34 30.55 -18.83 -10.86
C LEU G 34 31.76 -17.91 -11.00
N ASN G 35 32.94 -18.45 -11.32
CA ASN G 35 34.09 -17.57 -11.48
C ASN G 35 34.09 -16.85 -12.83
N LYS G 36 33.23 -17.28 -13.77
CA LYS G 36 32.91 -16.44 -14.91
C LYS G 36 31.79 -15.46 -14.56
N GLN G 37 30.88 -15.86 -13.67
CA GLN G 37 29.96 -14.89 -13.08
C GLN G 37 30.69 -13.92 -12.16
N PHE G 38 31.76 -14.36 -11.52
CA PHE G 38 32.61 -13.44 -10.77
C PHE G 38 33.41 -12.55 -11.71
N LYS G 39 33.73 -13.05 -12.91
CA LYS G 39 34.36 -12.21 -13.92
C LYS G 39 33.39 -11.16 -14.45
N LYS G 40 32.08 -11.48 -14.46
CA LYS G 40 31.09 -10.51 -14.90
C LYS G 40 30.87 -9.43 -13.84
N ASP G 41 30.92 -9.80 -12.57
CA ASP G 41 30.74 -8.87 -11.46
C ASP G 41 32.05 -8.41 -10.85
N PHE G 42 33.13 -8.44 -11.64
CA PHE G 42 34.45 -8.12 -11.11
C PHE G 42 34.66 -6.61 -10.97
N LYS G 43 34.02 -5.81 -11.81
CA LYS G 43 34.26 -4.37 -11.79
C LYS G 43 33.63 -3.70 -10.56
N LYS G 44 32.53 -4.24 -10.05
CA LYS G 44 31.93 -3.71 -8.85
C LYS G 44 32.61 -4.25 -7.59
N LEU G 45 33.30 -5.38 -7.68
CA LEU G 45 34.03 -5.91 -6.55
C LEU G 45 35.27 -5.04 -6.28
N ASP G 46 35.43 -4.65 -5.02
CA ASP G 46 36.47 -3.70 -4.64
C ASP G 46 37.79 -4.42 -4.36
N ARG G 47 38.88 -3.80 -4.80
CA ARG G 47 40.22 -4.32 -4.59
C ARG G 47 41.13 -3.20 -4.11
N SER G 48 42.11 -3.56 -3.29
CA SER G 48 43.10 -2.62 -2.77
C SER G 48 44.48 -3.24 -2.98
N GLU G 49 45.07 -2.99 -4.16
CA GLU G 49 46.38 -3.51 -4.58
C GLU G 49 46.41 -5.04 -4.51
N ASP G 50 45.32 -5.68 -4.90
CA ASP G 50 45.26 -7.14 -4.94
C ASP G 50 45.97 -7.71 -6.15
N ASN G 51 46.26 -6.87 -7.16
CA ASN G 51 46.99 -7.23 -8.38
C ASN G 51 46.28 -8.36 -9.14
N SER G 52 45.05 -8.07 -9.55
CA SER G 52 44.26 -9.01 -10.35
C SER G 52 44.15 -8.55 -11.80
N ASP G 53 43.59 -7.36 -12.03
CA ASP G 53 43.41 -6.74 -13.36
C ASP G 53 42.65 -7.67 -14.30
N THR G 54 41.57 -8.26 -13.79
CA THR G 54 40.88 -9.34 -14.49
C THR G 54 39.87 -8.81 -15.51
N GLU G 55 40.42 -8.20 -16.57
CA GLU G 55 39.62 -7.98 -17.76
C GLU G 55 39.53 -9.24 -18.59
N ASP G 56 40.64 -9.98 -18.68
CA ASP G 56 40.64 -11.30 -19.29
C ASP G 56 41.42 -12.31 -18.45
N THR G 57 41.87 -11.93 -17.25
CA THR G 57 42.63 -12.84 -16.40
C THR G 57 41.72 -13.87 -15.75
N ILE G 58 40.57 -13.44 -15.23
CA ILE G 58 39.62 -14.37 -14.61
C ILE G 58 38.87 -15.22 -15.62
N ASP G 59 38.91 -14.86 -16.91
CA ASP G 59 38.26 -15.66 -17.94
C ASP G 59 39.00 -16.97 -18.20
N GLU G 60 40.28 -17.04 -17.88
CA GLU G 60 41.05 -18.27 -18.01
C GLU G 60 41.09 -19.07 -16.70
N SER G 61 39.90 -19.28 -16.12
CA SER G 61 39.67 -20.08 -14.90
C SER G 61 40.50 -19.57 -13.72
N LYS G 62 40.51 -18.24 -13.55
CA LYS G 62 41.29 -17.61 -12.49
C LYS G 62 40.42 -16.56 -11.81
N GLY G 63 39.22 -16.97 -11.38
CA GLY G 63 38.31 -16.06 -10.73
C GLY G 63 38.48 -16.11 -9.22
N VAL G 64 37.51 -16.67 -8.51
CA VAL G 64 37.71 -16.86 -7.07
C VAL G 64 38.52 -18.12 -6.79
N VAL G 65 38.50 -19.08 -7.72
CA VAL G 65 39.27 -20.32 -7.61
C VAL G 65 39.94 -20.61 -8.94
N GLU G 66 40.99 -21.41 -8.90
CA GLU G 66 41.63 -21.94 -10.10
C GLU G 66 41.02 -23.30 -10.41
N VAL G 67 40.47 -23.44 -11.62
CA VAL G 67 39.83 -24.69 -12.02
C VAL G 67 40.89 -25.49 -12.80
N TYR G 68 41.64 -26.31 -12.08
CA TYR G 68 42.59 -27.19 -12.75
C TYR G 68 41.91 -28.50 -13.10
N ALA G 69 42.55 -29.25 -14.02
CA ALA G 69 42.07 -30.57 -14.37
C ALA G 69 42.24 -31.57 -13.24
N ASN G 70 43.18 -31.33 -12.33
CA ASN G 70 43.41 -32.20 -11.18
C ASN G 70 42.83 -31.64 -9.89
N LYS G 71 43.11 -30.39 -9.56
CA LYS G 71 42.76 -29.84 -8.25
C LYS G 71 41.96 -28.54 -8.37
N ILE G 72 41.67 -27.92 -7.22
CA ILE G 72 41.07 -26.60 -7.16
C ILE G 72 41.91 -25.76 -6.21
N LYS G 73 42.65 -24.80 -6.75
CA LYS G 73 43.41 -23.87 -5.93
C LYS G 73 42.60 -22.60 -5.73
N ALA G 74 42.50 -22.17 -4.48
CA ALA G 74 41.71 -21.01 -4.11
C ALA G 74 42.57 -19.75 -4.09
N ARG G 75 41.91 -18.61 -4.19
CA ARG G 75 42.58 -17.32 -4.29
C ARG G 75 42.24 -16.48 -3.06
N HIS G 76 42.63 -15.19 -3.10
CA HIS G 76 42.45 -14.29 -1.97
C HIS G 76 41.01 -13.86 -1.76
N TYR G 77 40.09 -14.23 -2.63
CA TYR G 77 38.68 -13.87 -2.46
C TYR G 77 38.05 -14.83 -1.46
N VAL G 78 37.55 -14.30 -0.35
CA VAL G 78 37.00 -15.08 0.73
C VAL G 78 35.51 -14.83 0.85
N GLY G 79 34.78 -15.89 1.16
CA GLY G 79 33.33 -15.83 1.21
C GLY G 79 32.75 -17.15 0.75
N PHE G 80 31.43 -17.18 0.61
CA PHE G 80 30.70 -18.39 0.28
C PHE G 80 30.23 -18.37 -1.17
N ALA G 81 29.81 -19.54 -1.63
CA ALA G 81 29.44 -19.75 -3.03
C ALA G 81 28.55 -20.97 -3.12
N ALA G 82 27.35 -20.81 -3.69
CA ALA G 82 26.41 -21.90 -3.83
C ALA G 82 25.92 -21.92 -5.27
N VAL G 83 26.31 -22.95 -6.03
CA VAL G 83 25.88 -23.07 -7.41
C VAL G 83 25.85 -24.56 -7.80
N ASP G 84 24.68 -24.99 -8.32
CA ASP G 84 24.47 -26.26 -9.02
C ASP G 84 24.84 -27.47 -8.16
N ASN G 85 24.18 -27.57 -6.99
CA ASN G 85 24.37 -28.58 -5.96
C ASN G 85 25.78 -28.61 -5.37
N VAL G 86 26.57 -27.56 -5.58
CA VAL G 86 27.96 -27.50 -5.14
C VAL G 86 28.12 -26.24 -4.30
N PHE G 87 28.25 -26.41 -2.99
CA PHE G 87 28.55 -25.30 -2.11
C PHE G 87 30.06 -25.13 -2.00
N LEU G 88 30.51 -23.87 -2.01
CA LEU G 88 31.91 -23.54 -1.88
C LEU G 88 32.06 -22.41 -0.87
N GLN G 89 33.04 -22.53 0.02
CA GLN G 89 33.40 -21.42 0.89
C GLN G 89 34.91 -21.30 0.96
N ILE G 90 35.40 -20.07 0.89
CA ILE G 90 36.82 -19.77 1.01
C ILE G 90 37.01 -18.92 2.25
N LEU G 91 37.93 -19.33 3.11
CA LEU G 91 38.19 -18.72 4.40
C LEU G 91 39.60 -18.15 4.41
N PRO G 92 39.90 -17.21 5.32
CA PRO G 92 41.29 -16.76 5.45
C PRO G 92 42.16 -17.84 6.07
N LYS G 93 43.34 -18.05 5.49
CA LYS G 93 44.29 -19.03 6.02
C LYS G 93 45.00 -18.55 7.27
N VAL G 94 44.79 -17.29 7.67
CA VAL G 94 45.20 -16.83 8.99
C VAL G 94 44.49 -17.64 10.07
N PHE G 95 43.18 -17.84 9.90
CA PHE G 95 42.36 -18.57 10.86
C PHE G 95 42.41 -20.08 10.65
N LYS G 96 43.27 -20.57 9.76
CA LYS G 96 43.35 -22.00 9.51
C LYS G 96 44.02 -22.70 10.69
N PRO G 97 43.44 -23.78 11.20
CA PRO G 97 44.02 -24.43 12.39
C PRO G 97 45.23 -25.29 12.07
N LYS G 98 45.76 -25.96 13.08
CA LYS G 98 46.92 -26.83 12.91
C LYS G 98 46.54 -28.11 12.18
N THR G 109 36.05 -27.27 14.65
CA THR G 109 35.89 -27.04 13.22
C THR G 109 35.01 -25.82 12.97
N TRP G 110 34.51 -25.24 14.06
CA TRP G 110 33.70 -24.04 13.99
C TRP G 110 34.47 -22.78 14.32
N GLU G 111 35.62 -22.92 15.00
CA GLU G 111 36.44 -21.78 15.36
C GLU G 111 37.00 -20.95 14.18
N PRO G 112 37.42 -21.51 13.03
CA PRO G 112 37.84 -20.63 11.94
C PRO G 112 36.71 -19.82 11.30
N ILE G 113 35.50 -20.36 11.24
CA ILE G 113 34.41 -19.67 10.54
C ILE G 113 33.93 -18.48 11.35
N LEU G 114 33.73 -18.64 12.67
CA LEU G 114 33.27 -17.53 13.49
C LEU G 114 34.31 -16.44 13.66
N ALA G 115 35.60 -16.75 13.49
CA ALA G 115 36.60 -15.71 13.38
C ALA G 115 36.40 -14.90 12.10
N PHE G 116 36.04 -15.58 11.01
CA PHE G 116 35.76 -14.90 9.76
C PHE G 116 34.46 -14.12 9.82
N ILE G 117 33.50 -14.57 10.63
CA ILE G 117 32.28 -13.80 10.85
C ILE G 117 32.60 -12.53 11.64
N ARG G 118 33.33 -12.68 12.75
CA ARG G 118 33.67 -11.54 13.58
C ARG G 118 34.73 -10.64 12.94
N MET G 119 35.45 -11.14 11.94
CA MET G 119 36.32 -10.25 11.16
C MET G 119 35.49 -9.24 10.38
N LEU G 120 34.59 -9.73 9.52
CA LEU G 120 33.73 -8.84 8.74
C LEU G 120 32.50 -8.36 9.51
N ASP G 121 32.44 -8.60 10.83
CA ASP G 121 31.44 -7.93 11.65
C ASP G 121 31.96 -6.58 12.14
N MET G 122 33.21 -6.54 12.58
CA MET G 122 33.81 -5.33 13.12
C MET G 122 34.60 -4.54 12.08
N ALA G 123 34.78 -5.06 10.88
CA ALA G 123 35.44 -4.35 9.79
C ALA G 123 34.48 -3.90 8.70
N TYR G 124 33.61 -4.79 8.23
CA TYR G 124 32.66 -4.45 7.18
C TYR G 124 31.45 -3.71 7.70
N GLY G 125 31.34 -3.49 9.00
CA GLY G 125 30.32 -2.62 9.55
C GLY G 125 28.99 -3.24 9.86
N LEU G 126 28.90 -4.57 9.92
CA LEU G 126 27.64 -5.18 10.27
C LEU G 126 27.47 -5.21 11.78
N LYS G 127 26.26 -5.55 12.21
CA LYS G 127 25.90 -5.61 13.63
C LYS G 127 25.55 -7.04 14.03
N ILE G 128 26.39 -7.99 13.60
CA ILE G 128 26.20 -9.41 13.91
C ILE G 128 26.42 -9.60 15.41
N LYS G 129 25.38 -10.04 16.10
CA LYS G 129 25.45 -10.21 17.55
C LYS G 129 26.28 -11.44 17.91
N ASP G 130 26.97 -11.36 19.04
CA ASP G 130 27.81 -12.47 19.47
C ASP G 130 27.00 -13.60 20.07
N HIS G 131 25.85 -13.29 20.68
CA HIS G 131 25.01 -14.35 21.23
C HIS G 131 24.28 -15.13 20.16
N ASP G 132 24.17 -14.59 18.95
CA ASP G 132 23.66 -15.38 17.83
C ASP G 132 24.72 -16.30 17.27
N LEU G 133 25.99 -15.88 17.32
CA LEU G 133 27.08 -16.77 16.95
C LEU G 133 27.36 -17.80 18.04
N ALA G 134 27.11 -17.45 19.30
CA ALA G 134 27.28 -18.40 20.39
C ALA G 134 26.16 -19.43 20.41
N TYR G 135 25.00 -19.10 19.84
CA TYR G 135 23.92 -20.07 19.75
C TYR G 135 24.26 -21.18 18.75
N LEU G 136 24.94 -20.83 17.66
CA LEU G 136 25.27 -21.82 16.64
C LEU G 136 26.33 -22.80 17.13
N GLN G 137 27.20 -22.38 18.04
CA GLN G 137 28.13 -23.30 18.67
C GLN G 137 27.38 -24.23 19.61
N GLY G 138 27.75 -25.51 19.59
CA GLY G 138 27.08 -26.51 20.39
C GLY G 138 25.83 -27.08 19.76
N ARG G 139 25.42 -26.59 18.59
CA ARG G 139 24.28 -27.12 17.87
C ARG G 139 24.62 -28.31 16.99
N ASN G 140 25.88 -28.78 17.05
CA ASN G 140 26.45 -29.93 16.32
C ASN G 140 26.14 -29.89 14.82
N LEU G 141 26.16 -28.68 14.25
CA LEU G 141 25.83 -28.47 12.86
C LEU G 141 27.09 -28.55 12.00
N ARG G 142 26.90 -28.44 10.70
CA ARG G 142 28.06 -28.43 9.82
C ARG G 142 28.54 -27.00 9.62
N PRO G 143 29.86 -26.77 9.66
CA PRO G 143 30.39 -25.42 9.46
C PRO G 143 30.17 -24.93 8.03
N ASN G 144 29.38 -23.87 7.90
CA ASN G 144 28.91 -23.41 6.59
C ASN G 144 28.71 -21.91 6.64
N LEU G 145 29.41 -21.17 5.77
CA LEU G 145 29.27 -19.72 5.72
C LEU G 145 27.87 -19.29 5.31
N TYR G 146 27.27 -20.00 4.35
CA TYR G 146 25.96 -19.61 3.84
C TYR G 146 24.88 -19.82 4.89
N GLU G 147 24.90 -20.98 5.55
CA GLU G 147 23.89 -21.28 6.56
C GLU G 147 24.04 -20.44 7.82
N VAL G 148 25.24 -19.92 8.08
CA VAL G 148 25.41 -18.95 9.17
C VAL G 148 24.73 -17.64 8.82
N PHE G 149 24.96 -17.15 7.60
CA PHE G 149 24.36 -15.89 7.18
C PHE G 149 22.88 -16.04 6.89
N ILE G 150 22.44 -17.24 6.46
CA ILE G 150 21.01 -17.52 6.37
C ILE G 150 20.38 -17.47 7.76
N TYR G 151 21.08 -18.02 8.77
CA TYR G 151 20.59 -17.98 10.14
C TYR G 151 20.57 -16.55 10.68
N LEU G 152 21.65 -15.79 10.45
CA LEU G 152 21.72 -14.43 10.98
C LEU G 152 20.69 -13.52 10.34
N PHE G 153 20.36 -13.75 9.07
CA PHE G 153 19.25 -13.03 8.45
C PHE G 153 17.92 -13.48 9.02
N ALA G 154 17.72 -14.79 9.16
CA ALA G 154 16.43 -15.31 9.57
C ALA G 154 16.17 -15.12 11.06
N LYS G 155 17.21 -15.12 11.89
CA LYS G 155 17.00 -14.87 13.32
C LYS G 155 16.73 -13.39 13.58
N SER G 156 17.46 -12.50 12.91
CA SER G 156 17.23 -11.07 13.07
C SER G 156 15.89 -10.66 12.50
N LEU G 157 15.43 -11.32 11.43
CA LEU G 157 14.12 -11.02 10.89
C LEU G 157 13.02 -11.57 11.77
N TRP G 158 13.21 -12.78 12.31
CA TRP G 158 12.17 -13.36 13.16
C TRP G 158 12.11 -12.67 14.52
N SER G 159 13.24 -12.16 15.01
CA SER G 159 13.21 -11.39 16.25
C SER G 159 12.49 -10.06 16.05
N GLU G 160 12.61 -9.47 14.86
CA GLU G 160 11.95 -8.19 14.60
C GLU G 160 10.47 -8.35 14.34
N VAL G 161 10.08 -9.36 13.56
CA VAL G 161 8.67 -9.61 13.26
C VAL G 161 7.92 -10.03 14.52
N GLN G 162 8.57 -10.77 15.42
CA GLN G 162 7.98 -11.06 16.72
C GLN G 162 7.84 -9.81 17.57
N ARG G 163 8.85 -8.92 17.52
CA ARG G 163 8.79 -7.67 18.26
C ARG G 163 7.74 -6.74 17.68
N GLY G 164 7.49 -6.83 16.38
CA GLY G 164 6.41 -6.10 15.74
C GLY G 164 6.41 -6.32 14.24
N TYR G 165 5.25 -6.65 13.69
CA TYR G 165 5.13 -6.87 12.25
C TYR G 165 5.22 -5.53 11.53
N HIS G 166 6.09 -5.45 10.52
CA HIS G 166 6.29 -4.20 9.79
C HIS G 166 5.05 -3.83 8.98
N ARG G 167 4.41 -2.72 9.36
CA ARG G 167 3.26 -2.21 8.64
C ARG G 167 3.48 -0.73 8.35
N GLU G 168 3.16 -0.32 7.13
CA GLU G 168 3.31 1.05 6.69
C GLU G 168 1.94 1.69 6.52
N TYR G 169 1.91 3.02 6.59
CA TYR G 169 0.73 3.80 6.29
C TYR G 169 0.81 4.24 4.84
N VAL G 170 -0.21 3.90 4.05
CA VAL G 170 -0.32 4.35 2.68
C VAL G 170 -1.64 5.08 2.51
N GLU G 171 -1.63 6.15 1.74
CA GLU G 171 -2.83 6.93 1.48
C GLU G 171 -3.55 6.32 0.28
N VAL G 172 -4.75 5.82 0.50
CA VAL G 172 -5.52 5.12 -0.52
C VAL G 172 -6.84 5.85 -0.72
N HIS G 173 -7.20 6.06 -1.98
CA HIS G 173 -8.50 6.62 -2.34
C HIS G 173 -9.38 5.48 -2.80
N ARG G 174 -10.37 5.12 -1.99
CA ARG G 174 -11.19 3.96 -2.23
C ARG G 174 -12.67 4.34 -2.27
N GLU G 175 -13.41 3.58 -3.07
CA GLU G 175 -14.86 3.52 -2.93
C GLU G 175 -15.17 2.47 -1.86
N GLU G 176 -15.75 2.91 -0.75
CA GLU G 176 -15.96 2.03 0.38
C GLU G 176 -17.43 2.00 0.76
N LYS G 177 -17.85 0.85 1.29
CA LYS G 177 -19.22 0.64 1.71
C LYS G 177 -19.43 1.01 3.17
N PHE G 178 -18.36 1.29 3.90
CA PHE G 178 -18.42 1.91 5.20
C PHE G 178 -17.56 3.16 5.16
N LEU G 179 -18.02 4.22 5.79
CA LEU G 179 -17.24 5.46 5.83
C LEU G 179 -16.07 5.27 6.78
N ARG G 180 -14.88 5.08 6.20
CA ARG G 180 -13.65 4.96 6.95
C ARG G 180 -12.74 6.13 6.59
N GLY G 181 -12.13 6.74 7.60
CA GLY G 181 -11.19 7.80 7.34
C GLY G 181 -11.88 9.09 6.93
N LYS G 182 -11.31 9.76 5.93
CA LYS G 182 -11.75 11.09 5.52
C LYS G 182 -12.60 10.97 4.28
N LEU G 183 -13.83 11.49 4.36
CA LEU G 183 -14.74 11.52 3.21
C LEU G 183 -14.20 12.52 2.19
N LEU G 184 -13.80 12.01 1.02
CA LEU G 184 -13.36 12.87 -0.08
C LEU G 184 -14.57 13.63 -0.62
N MET G 185 -14.65 14.92 -0.28
CA MET G 185 -15.89 15.65 -0.48
C MET G 185 -16.13 16.00 -1.94
N SER G 186 -15.09 16.42 -2.66
CA SER G 186 -15.27 16.78 -4.07
C SER G 186 -15.54 15.58 -4.95
N ARG G 187 -15.17 14.37 -4.52
CA ARG G 187 -15.55 13.18 -5.25
C ARG G 187 -16.93 12.68 -4.84
N GLN G 188 -17.34 12.95 -3.60
CA GLN G 188 -18.63 12.49 -3.11
C GLN G 188 -19.75 13.44 -3.52
N ILE G 189 -19.46 14.74 -3.60
CA ILE G 189 -20.46 15.72 -4.05
C ILE G 189 -20.76 15.52 -5.54
N ARG G 190 -19.73 15.23 -6.34
CA ARG G 190 -19.88 15.08 -7.78
C ARG G 190 -20.31 13.67 -8.19
N LYS G 191 -20.95 12.92 -7.28
CA LYS G 191 -21.53 11.63 -7.60
C LYS G 191 -22.97 11.82 -8.05
N LEU G 192 -23.33 11.17 -9.15
CA LEU G 192 -24.71 11.12 -9.58
C LEU G 192 -25.52 10.30 -8.58
N PRO G 193 -26.82 10.59 -8.42
CA PRO G 193 -27.59 9.98 -7.33
C PRO G 193 -27.85 8.49 -7.47
N HIS G 194 -27.44 7.85 -8.57
CA HIS G 194 -27.39 6.40 -8.67
C HIS G 194 -26.04 5.84 -8.24
N GLN G 195 -25.15 6.67 -7.70
CA GLN G 195 -23.82 6.23 -7.28
C GLN G 195 -23.62 6.47 -5.79
N LEU G 196 -24.69 6.59 -5.01
CA LEU G 196 -24.63 6.98 -3.62
C LEU G 196 -24.65 5.78 -2.67
N ASN G 197 -24.39 4.58 -3.17
CA ASN G 197 -24.32 3.41 -2.30
C ASN G 197 -22.92 3.13 -1.78
N THR G 198 -21.95 3.97 -2.12
CA THR G 198 -20.60 3.88 -1.59
C THR G 198 -20.14 5.28 -1.16
N PHE G 199 -19.05 5.32 -0.41
CA PHE G 199 -18.40 6.55 -0.01
C PHE G 199 -17.08 6.68 -0.73
N SER G 200 -16.79 7.87 -1.24
CA SER G 200 -15.46 8.20 -1.74
C SER G 200 -14.64 8.68 -0.56
N VAL G 201 -13.70 7.85 -0.11
CA VAL G 201 -12.93 8.15 1.09
C VAL G 201 -11.45 8.20 0.76
N GLU G 202 -10.72 8.93 1.60
CA GLU G 202 -9.27 8.85 1.67
C GLU G 202 -8.92 8.18 2.99
N VAL G 203 -8.19 7.07 2.92
CA VAL G 203 -7.84 6.30 4.10
C VAL G 203 -6.32 6.21 4.20
N HIS G 204 -5.83 6.26 5.43
CA HIS G 204 -4.44 5.96 5.75
C HIS G 204 -4.48 4.68 6.58
N GLU G 205 -4.22 3.56 5.92
CA GLU G 205 -4.38 2.24 6.52
C GLU G 205 -3.03 1.61 6.78
N LEU G 206 -2.94 0.85 7.87
CA LEU G 206 -1.77 0.03 8.16
C LEU G 206 -1.84 -1.21 7.29
N ILE G 207 -1.10 -1.22 6.20
CA ILE G 207 -1.06 -2.38 5.32
C ILE G 207 0.19 -3.18 5.62
N GLU G 208 0.11 -4.48 5.39
CA GLU G 208 1.25 -5.36 5.59
C GLU G 208 2.05 -5.63 4.33
N ASP G 209 1.43 -5.46 3.16
CA ASP G 209 2.07 -5.77 1.88
C ASP G 209 2.95 -4.62 1.38
N ASN G 210 3.90 -4.24 2.23
CA ASN G 210 4.83 -3.17 1.92
C ASN G 210 5.92 -3.67 0.99
N LEU G 211 6.72 -2.73 0.49
CA LEU G 211 7.87 -3.10 -0.32
C LEU G 211 8.97 -3.70 0.53
N LEU G 212 9.04 -3.33 1.81
CA LEU G 212 10.01 -3.94 2.71
C LEU G 212 9.59 -5.36 3.07
N ASN G 213 8.29 -5.59 3.26
CA ASN G 213 7.81 -6.94 3.56
C ASN G 213 7.85 -7.83 2.32
N ARG G 214 7.72 -7.24 1.13
CA ARG G 214 7.85 -8.01 -0.10
C ARG G 214 9.29 -8.44 -0.34
N ILE G 215 10.25 -7.61 0.07
CA ILE G 215 11.65 -7.99 -0.02
C ILE G 215 11.95 -9.10 0.98
N PHE G 216 11.43 -8.96 2.20
CA PHE G 216 11.64 -9.97 3.24
C PHE G 216 10.95 -11.28 2.91
N TYR G 217 9.78 -11.23 2.26
CA TYR G 217 9.11 -12.46 1.85
C TYR G 217 9.87 -13.17 0.74
N ALA G 218 10.33 -12.43 -0.26
CA ALA G 218 11.07 -13.05 -1.36
C ALA G 218 12.48 -13.44 -0.95
N SER G 219 12.99 -12.92 0.16
CA SER G 219 14.28 -13.36 0.68
C SER G 219 14.14 -14.65 1.49
N VAL G 220 13.02 -14.82 2.20
CA VAL G 220 12.76 -16.07 2.90
C VAL G 220 12.45 -17.18 1.92
N ARG G 221 11.76 -16.86 0.82
CA ARG G 221 11.47 -17.85 -0.22
C ARG G 221 12.74 -18.34 -0.90
N GLU G 222 13.67 -17.43 -1.18
CA GLU G 222 14.94 -17.84 -1.78
C GLU G 222 15.85 -18.53 -0.78
N ALA G 223 15.64 -18.29 0.51
CA ALA G 223 16.51 -18.91 1.52
C ALA G 223 16.13 -20.37 1.74
N LEU G 224 14.83 -20.69 1.77
CA LEU G 224 14.43 -22.10 1.87
C LEU G 224 14.70 -22.88 0.60
N ARG G 225 14.92 -22.19 -0.54
CA ARG G 225 15.28 -22.88 -1.76
C ARG G 225 16.69 -23.44 -1.72
N ARG G 226 17.55 -22.96 -0.80
CA ARG G 226 18.94 -23.38 -0.78
C ARG G 226 19.47 -23.77 0.60
N THR G 227 18.70 -23.57 1.67
CA THR G 227 19.22 -23.91 2.99
C THR G 227 19.17 -25.42 3.21
N THR G 228 20.07 -25.91 4.08
CA THR G 228 20.15 -27.32 4.39
C THR G 228 20.09 -27.61 5.87
N TRP G 229 20.26 -26.62 6.73
CA TRP G 229 20.09 -26.81 8.16
C TRP G 229 18.61 -26.98 8.50
N GLY G 230 18.32 -27.91 9.41
CA GLY G 230 17.00 -27.95 9.99
C GLY G 230 16.74 -26.81 10.95
N LEU G 231 17.80 -26.19 11.47
CA LEU G 231 17.65 -25.04 12.35
C LEU G 231 17.21 -23.80 11.58
N ASN G 232 17.76 -23.59 10.39
CA ASN G 232 17.37 -22.46 9.57
C ASN G 232 16.02 -22.71 8.90
N ARG G 233 15.76 -23.95 8.51
CA ARG G 233 14.52 -24.29 7.83
C ARG G 233 13.31 -24.13 8.73
N LYS G 234 13.46 -24.48 10.01
CA LYS G 234 12.41 -24.25 10.98
C LYS G 234 12.26 -22.76 11.28
N LEU G 235 13.37 -22.03 11.28
CA LEU G 235 13.33 -20.59 11.50
C LEU G 235 12.73 -19.86 10.31
N LEU G 236 13.03 -20.31 9.09
CA LEU G 236 12.48 -19.67 7.90
C LEU G 236 11.05 -20.10 7.61
N GLY G 237 10.66 -21.30 8.05
CA GLY G 237 9.29 -21.75 7.85
C GLY G 237 8.29 -20.96 8.65
N GLU G 238 8.66 -20.55 9.87
CA GLU G 238 7.77 -19.70 10.64
C GLU G 238 7.83 -18.26 10.15
N LEU G 239 8.92 -17.86 9.49
CA LEU G 239 8.94 -16.60 8.77
C LEU G 239 8.09 -16.66 7.51
N MET G 240 7.94 -17.84 6.92
CA MET G 240 7.12 -17.98 5.73
C MET G 240 5.64 -17.88 6.07
N LEU G 241 5.24 -18.42 7.22
CA LEU G 241 3.86 -18.28 7.67
C LEU G 241 3.57 -16.87 8.17
N ALA G 242 4.60 -16.13 8.61
CA ALA G 242 4.41 -14.74 9.01
C ALA G 242 4.13 -13.85 7.80
N PHE G 243 4.90 -14.04 6.73
CA PHE G 243 4.69 -13.30 5.49
C PHE G 243 3.72 -14.02 4.56
N ASP G 244 2.54 -14.39 5.06
CA ASP G 244 1.65 -15.22 4.27
C ASP G 244 0.85 -14.40 3.25
N GLY G 245 0.22 -13.31 3.69
CA GLY G 245 -0.56 -12.47 2.82
C GLY G 245 0.22 -11.48 1.98
N ILE G 246 1.53 -11.63 1.89
CA ILE G 246 2.39 -10.69 1.18
C ILE G 246 2.48 -11.13 -0.28
N THR G 247 2.51 -10.16 -1.18
CA THR G 247 2.62 -10.46 -2.60
C THR G 247 4.03 -10.95 -2.93
N PRO G 248 4.17 -12.09 -3.61
CA PRO G 248 5.51 -12.55 -3.99
C PRO G 248 6.07 -11.72 -5.13
N ILE G 249 7.31 -11.26 -4.97
CA ILE G 249 8.00 -10.46 -5.97
C ILE G 249 9.28 -11.17 -6.38
N HIS G 250 9.94 -10.61 -7.39
CA HIS G 250 11.25 -11.06 -7.82
C HIS G 250 12.28 -10.02 -7.42
N LEU G 251 13.28 -10.43 -6.65
CA LEU G 251 14.19 -9.48 -6.01
C LEU G 251 15.17 -8.89 -7.01
N ARG G 252 14.79 -7.76 -7.59
CA ARG G 252 15.72 -7.00 -8.41
C ARG G 252 16.58 -6.11 -7.53
N THR G 253 17.66 -5.58 -8.12
CA THR G 253 18.42 -4.53 -7.47
C THR G 253 17.62 -3.24 -7.37
N GLU G 254 16.66 -3.07 -8.30
CA GLU G 254 15.71 -1.96 -8.25
C GLU G 254 14.84 -2.00 -7.00
N HIS G 255 14.59 -3.20 -6.45
CA HIS G 255 13.75 -3.32 -5.26
C HIS G 255 14.50 -2.86 -4.01
N PHE G 256 15.80 -3.18 -3.91
CA PHE G 256 16.54 -2.94 -2.67
C PHE G 256 16.93 -1.49 -2.46
N GLU G 257 16.72 -0.61 -3.44
CA GLU G 257 17.04 0.80 -3.27
C GLU G 257 15.80 1.65 -2.99
N ARG G 258 14.61 1.10 -3.16
CA ARG G 258 13.39 1.83 -2.83
C ARG G 258 13.06 1.80 -1.35
N VAL G 259 13.82 1.07 -0.54
CA VAL G 259 13.64 1.08 0.91
C VAL G 259 14.49 2.22 1.48
N HIS G 260 13.84 3.14 2.17
CA HIS G 260 14.51 4.24 2.85
C HIS G 260 14.23 4.13 4.33
N PHE G 261 15.28 4.17 5.13
CA PHE G 261 15.19 3.82 6.54
C PHE G 261 15.01 5.07 7.39
N THR G 262 13.84 5.17 8.01
CA THR G 262 13.45 6.24 8.93
C THR G 262 13.10 5.58 10.25
N ARG G 263 12.45 6.34 11.14
CA ARG G 263 12.03 5.83 12.46
C ARG G 263 11.01 4.69 12.29
N LEU G 264 10.28 4.67 11.16
CA LEU G 264 9.24 3.67 10.99
C LEU G 264 9.81 2.27 10.84
N ASN G 265 10.97 2.14 10.18
CA ASN G 265 11.46 0.80 9.85
C ASN G 265 12.97 0.61 10.04
N GLU G 266 13.63 1.44 10.85
CA GLU G 266 15.08 1.26 11.02
C GLU G 266 15.43 0.07 11.90
N ARG G 267 14.46 -0.46 12.64
CA ARG G 267 14.69 -1.71 13.35
C ARG G 267 14.76 -2.91 12.41
N PHE G 268 14.24 -2.78 11.20
CA PHE G 268 14.37 -3.79 10.16
C PHE G 268 15.58 -3.57 9.26
N ARG G 269 16.58 -2.81 9.71
CA ARG G 269 17.75 -2.55 8.88
C ARG G 269 18.76 -3.68 8.97
N ARG G 270 18.94 -4.25 10.17
CA ARG G 270 19.81 -5.42 10.31
C ARG G 270 19.34 -6.66 9.54
N PRO G 271 18.04 -7.01 9.46
CA PRO G 271 17.67 -8.05 8.48
C PRO G 271 17.82 -7.61 7.04
N PHE G 272 17.71 -6.32 6.75
CA PHE G 272 17.73 -5.86 5.36
C PHE G 272 19.15 -5.84 4.80
N GLU G 273 20.13 -5.43 5.61
CA GLU G 273 21.52 -5.47 5.15
C GLU G 273 22.04 -6.90 5.06
N LEU G 274 21.44 -7.84 5.78
CA LEU G 274 21.75 -9.24 5.58
C LEU G 274 21.01 -9.82 4.38
N ALA G 275 19.79 -9.35 4.12
CA ALA G 275 19.07 -9.79 2.94
C ALA G 275 19.69 -9.24 1.66
N LYS G 276 20.28 -8.04 1.73
CA LYS G 276 20.97 -7.49 0.57
C LYS G 276 22.32 -8.14 0.34
N LEU G 277 22.96 -8.63 1.41
CA LEU G 277 24.24 -9.30 1.27
C LEU G 277 24.08 -10.66 0.61
N LEU G 278 22.97 -11.34 0.84
CA LEU G 278 22.73 -12.66 0.26
C LEU G 278 22.03 -12.56 -1.11
N PHE G 279 21.00 -11.74 -1.21
CA PHE G 279 20.16 -11.69 -2.39
C PHE G 279 20.26 -10.32 -3.05
N MET G 280 20.04 -10.28 -4.36
CA MET G 280 20.11 -9.05 -5.13
C MET G 280 19.27 -9.14 -6.40
N VAL G 291 23.13 -18.87 -9.59
CA VAL G 291 24.49 -18.68 -9.11
C VAL G 291 24.61 -17.37 -8.29
N SER G 292 24.97 -17.54 -7.01
CA SER G 292 25.02 -16.41 -6.08
C SER G 292 25.90 -16.77 -4.90
N GLY G 293 26.49 -15.75 -4.29
CA GLY G 293 27.35 -15.92 -3.14
C GLY G 293 28.27 -14.74 -2.93
N PHE G 294 28.44 -14.34 -1.68
CA PHE G 294 29.23 -13.16 -1.35
C PHE G 294 30.73 -13.49 -1.40
N PHE G 295 31.51 -12.56 -1.94
CA PHE G 295 32.96 -12.68 -1.99
C PHE G 295 33.59 -11.31 -1.79
N VAL G 296 34.48 -11.22 -0.81
CA VAL G 296 35.34 -10.05 -0.66
C VAL G 296 36.79 -10.53 -0.76
N ASP G 297 37.65 -9.68 -1.28
CA ASP G 297 39.08 -9.98 -1.31
C ASP G 297 39.65 -9.82 0.08
N MET G 298 40.45 -10.81 0.51
CA MET G 298 41.05 -10.75 1.83
C MET G 298 42.18 -9.74 1.92
N ASN G 299 42.68 -9.26 0.77
CA ASN G 299 43.64 -8.16 0.78
C ASN G 299 42.99 -6.87 1.28
N LYS G 300 41.79 -6.56 0.78
CA LYS G 300 41.08 -5.36 1.18
C LYS G 300 40.22 -5.58 2.42
N LEU G 301 39.89 -6.84 2.74
CA LEU G 301 39.26 -7.16 4.01
C LEU G 301 40.19 -6.85 5.18
N PHE G 302 41.50 -6.99 4.97
CA PHE G 302 42.49 -6.55 5.93
C PHE G 302 42.75 -5.04 5.87
N GLU G 303 42.50 -4.41 4.72
CA GLU G 303 42.63 -2.95 4.63
C GLU G 303 41.56 -2.26 5.46
N ARG G 304 40.30 -2.68 5.31
CA ARG G 304 39.23 -2.14 6.13
C ARG G 304 39.23 -2.67 7.55
N PHE G 305 40.08 -3.66 7.86
CA PHE G 305 40.15 -4.17 9.22
C PHE G 305 40.92 -3.23 10.12
N ILE G 306 42.20 -2.99 9.80
CA ILE G 306 43.11 -2.33 10.73
C ILE G 306 42.81 -0.85 10.92
N GLU G 307 42.14 -0.20 9.95
CA GLU G 307 41.75 1.19 10.12
C GLU G 307 40.64 1.34 11.15
N ARG G 308 39.88 0.28 11.43
CA ARG G 308 38.97 0.23 12.55
C ARG G 308 39.62 -0.39 13.79
N VAL G 309 40.92 -0.70 13.72
CA VAL G 309 41.65 -1.27 14.84
C VAL G 309 42.63 -0.28 15.44
N LEU G 310 43.29 0.52 14.59
CA LEU G 310 44.27 1.50 15.07
C LEU G 310 43.63 2.67 15.79
N VAL G 311 42.32 2.87 15.66
CA VAL G 311 41.67 4.09 16.12
C VAL G 311 41.02 3.94 17.49
N ARG G 312 41.03 2.75 18.08
CA ARG G 312 40.49 2.56 19.42
C ARG G 312 41.47 1.95 20.41
N ASN G 313 42.56 1.34 19.96
CA ASN G 313 43.59 0.87 20.88
C ASN G 313 44.51 1.97 21.37
N LEU G 314 44.49 3.15 20.73
CA LEU G 314 45.33 4.28 21.13
C LEU G 314 44.78 4.89 22.42
N ALA G 355 49.31 -2.26 4.30
CA ALA G 355 48.82 -3.49 4.89
C ALA G 355 48.95 -4.66 3.92
N LYS G 356 49.95 -5.51 4.15
CA LYS G 356 50.19 -6.67 3.31
C LYS G 356 49.71 -7.92 4.02
N TYR G 357 49.04 -8.79 3.27
CA TYR G 357 48.37 -9.96 3.81
C TYR G 357 49.23 -11.22 3.79
N ARG G 358 50.47 -11.13 3.32
CA ARG G 358 51.30 -12.32 3.24
C ARG G 358 51.94 -12.63 4.59
N GLU G 359 52.70 -13.72 4.61
CA GLU G 359 53.22 -14.27 5.86
C GLU G 359 54.29 -13.39 6.50
N LEU G 360 55.22 -12.88 5.68
CA LEU G 360 56.43 -12.15 6.09
C LEU G 360 57.28 -12.99 7.06
N PRO G 399 51.53 -3.33 8.51
CA PRO G 399 50.82 -4.24 9.42
C PRO G 399 50.42 -5.55 8.75
N SER G 400 50.67 -6.66 9.43
CA SER G 400 50.35 -7.99 8.91
C SER G 400 49.63 -8.78 9.99
N SER G 401 49.00 -9.87 9.56
CA SER G 401 48.21 -10.70 10.46
C SER G 401 49.07 -11.78 11.10
N SER G 402 48.78 -12.09 12.37
CA SER G 402 49.51 -13.08 13.13
C SER G 402 48.53 -13.98 13.86
N THR G 403 48.64 -15.29 13.64
CA THR G 403 47.82 -16.26 14.36
C THR G 403 48.68 -17.47 14.66
N TYR G 404 48.03 -18.55 15.10
CA TYR G 404 48.75 -19.78 15.44
C TYR G 404 49.34 -20.47 14.21
N ASN G 405 48.75 -20.25 13.03
CA ASN G 405 49.32 -20.75 11.80
C ASN G 405 50.20 -19.72 11.10
N GLN G 406 49.90 -18.44 11.27
CA GLN G 406 50.71 -17.38 10.69
C GLN G 406 51.60 -16.73 11.76
N ALA G 427 57.27 -3.63 10.76
CA ALA G 427 56.24 -4.66 10.66
C ALA G 427 55.57 -4.88 12.01
N TYR G 428 54.31 -4.49 12.12
CA TYR G 428 53.52 -4.68 13.33
C TYR G 428 52.61 -5.89 13.15
N ASN G 429 52.81 -6.92 13.97
CA ASN G 429 52.02 -8.13 13.90
C ASN G 429 50.75 -7.99 14.73
N MET G 430 49.64 -8.45 14.18
CA MET G 430 48.33 -8.34 14.81
C MET G 430 47.91 -9.74 15.25
N ASP G 431 47.87 -9.96 16.56
CA ASP G 431 47.46 -11.25 17.09
C ASP G 431 45.97 -11.47 16.92
N TYR G 432 45.54 -12.71 17.08
CA TYR G 432 44.14 -13.08 16.83
C TYR G 432 43.60 -13.92 17.99
N VAL G 433 43.04 -13.24 18.99
CA VAL G 433 42.23 -13.89 20.01
C VAL G 433 40.76 -13.87 19.61
N LYS G 434 40.45 -13.32 18.42
CA LYS G 434 39.08 -13.21 17.91
C LYS G 434 38.52 -14.54 17.40
N THR G 435 39.29 -15.62 17.43
CA THR G 435 38.78 -16.94 17.06
C THR G 435 37.73 -17.45 18.03
N GLY G 436 37.77 -17.00 19.28
CA GLY G 436 36.76 -17.35 20.26
C GLY G 436 36.30 -16.17 21.08
N PHE G 439 38.62 -8.99 23.55
CA PHE G 439 39.19 -7.75 23.02
C PHE G 439 40.59 -7.51 23.58
N LYS G 440 41.15 -8.53 24.22
CA LYS G 440 42.48 -8.44 24.80
C LYS G 440 43.60 -8.66 23.79
N ALA G 441 43.29 -8.80 22.50
CA ALA G 441 44.33 -8.88 21.49
C ALA G 441 44.97 -7.52 21.26
N ASP G 442 44.18 -6.44 21.35
CA ASP G 442 44.71 -5.11 21.14
C ASP G 442 45.52 -4.61 22.34
N LYS G 443 45.38 -5.24 23.51
CA LYS G 443 46.18 -4.86 24.66
C LYS G 443 47.63 -5.30 24.50
N ASN G 444 47.87 -6.37 23.74
CA ASN G 444 49.23 -6.76 23.41
C ASN G 444 49.85 -5.86 22.35
N PHE G 445 49.04 -5.10 21.63
CA PHE G 445 49.56 -4.12 20.67
C PHE G 445 50.01 -2.84 21.34
N ARG G 446 49.78 -2.68 22.66
CA ARG G 446 50.30 -1.55 23.39
C ARG G 446 51.82 -1.60 23.51
N ARG G 447 52.40 -2.81 23.50
CA ARG G 447 53.85 -2.93 23.45
C ARG G 447 54.40 -2.51 22.09
N SER G 448 53.61 -2.63 21.04
CA SER G 448 53.96 -2.09 19.74
C SER G 448 53.59 -0.62 19.62
N LEU G 449 52.52 -0.19 20.30
CA LEU G 449 52.13 1.21 20.31
C LEU G 449 53.03 2.06 21.19
N ASN G 450 53.80 1.44 22.09
CA ASN G 450 54.73 2.20 22.92
C ASN G 450 55.93 2.67 22.10
N ASN G 451 56.32 1.90 21.08
CA ASN G 451 57.38 2.32 20.17
C ASN G 451 56.87 3.16 19.02
N ILE G 452 55.66 2.87 18.53
CA ILE G 452 55.11 3.65 17.43
C ILE G 452 54.63 5.02 17.87
N ILE G 453 54.33 5.20 19.15
CA ILE G 453 53.90 6.49 19.68
C ILE G 453 54.73 6.87 20.88
PG GSP H . -7.42 -21.67 -19.19
O3B GSP H . -7.65 -23.07 -19.93
S1G GSP H . -6.45 -20.73 -20.21
O2G GSP H . -6.75 -21.87 -17.83
O3G GSP H . -8.78 -20.97 -18.99
PB GSP H . -8.57 -24.20 -19.29
O1B GSP H . -7.77 -25.07 -18.40
O2B GSP H . -9.72 -23.60 -18.60
PA GSP H . -10.31 -24.68 -21.42
O1A GSP H . -11.50 -25.29 -20.80
O2A GSP H . -10.47 -23.22 -21.59
O3A GSP H . -9.00 -25.05 -20.58
O5' GSP H . -10.00 -25.41 -22.80
C5' GSP H . -9.67 -24.64 -23.94
C4' GSP H . -10.37 -25.26 -25.13
O4' GSP H . -9.77 -26.52 -25.40
C3' GSP H . -11.85 -25.49 -24.85
O3' GSP H . -12.63 -24.78 -25.79
C2' GSP H . -12.06 -26.98 -25.00
O2' GSP H . -13.10 -27.22 -25.92
C1' GSP H . -10.76 -27.52 -25.56
N9 GSP H . -10.38 -28.75 -24.85
C8 GSP H . -9.56 -28.85 -23.76
N7 GSP H . -9.47 -30.15 -23.41
C5 GSP H . -10.22 -30.88 -24.26
C6 GSP H . -10.47 -32.25 -24.35
O6 GSP H . -9.96 -33.02 -23.55
N1 GSP H . -11.30 -32.72 -25.35
C2 GSP H . -11.87 -31.84 -26.24
N2 GSP H . -12.67 -32.29 -27.20
N3 GSP H . -11.61 -30.49 -26.14
C4 GSP H . -10.80 -30.02 -25.16
MG MG I . -10.63 -21.37 -17.36
PG GSP J . 1.89 4.51 -29.12
O3B GSP J . 2.60 4.31 -30.55
S1G GSP J . 2.78 5.66 -28.28
O2G GSP J . 0.46 5.03 -29.34
O3G GSP J . 1.86 3.19 -28.32
PB GSP J . 1.86 3.59 -31.77
O1B GSP J . 0.41 3.62 -31.55
O2B GSP J . 2.36 2.22 -31.98
PA GSP J . 1.19 5.25 -33.93
O1A GSP J . 0.20 4.30 -34.47
O2A GSP J . 0.54 6.36 -33.24
O3A GSP J . 2.27 4.49 -33.02
O5' GSP J . 2.14 5.75 -35.12
C5' GSP J . 2.78 7.00 -35.01
C4' GSP J . 2.61 7.74 -36.32
O4' GSP J . 3.68 7.37 -37.17
C3' GSP J . 1.33 7.34 -37.02
O3' GSP J . 0.32 8.33 -36.89
C2' GSP J . 1.72 7.17 -38.47
O2' GSP J . 1.41 8.32 -39.21
C1' GSP J . 3.21 6.97 -38.44
N9 GSP J . 3.48 5.55 -38.66
C8 GSP J . 3.76 4.61 -37.69
N7 GSP J . 3.93 3.42 -38.31
C5 GSP J . 3.76 3.59 -39.63
C6 GSP J . 3.82 2.70 -40.69
O6 GSP J . 4.07 1.52 -40.49
N1 GSP J . 3.59 3.16 -41.97
C2 GSP J . 3.31 4.49 -42.18
N2 GSP J . 3.09 4.93 -43.41
N3 GSP J . 3.25 5.36 -41.12
C4 GSP J . 3.47 4.92 -39.87
MG MG K . -1.44 4.14 -29.55
PG GSP L . 11.19 24.72 -10.64
O3B GSP L . 12.28 25.74 -11.25
S1G GSP L . 11.46 24.60 -8.97
O2G GSP L . 9.79 25.32 -10.86
O3G GSP L . 11.31 23.33 -11.27
PB GSP L . 12.08 26.39 -12.69
O1B GSP L . 12.94 25.72 -13.68
O2B GSP L . 10.66 26.38 -13.07
PA GSP L . 11.75 29.18 -12.77
O1A GSP L . 11.27 29.23 -14.15
O2A GSP L . 10.64 29.30 -11.81
O3A GSP L . 12.64 27.87 -12.51
O5' GSP L . 12.85 30.31 -12.54
C5' GSP L . 13.05 30.86 -11.25
C4' GSP L . 13.26 32.35 -11.41
O4' GSP L . 14.55 32.58 -11.92
C3' GSP L . 12.27 32.91 -12.43
O3' GSP L . 11.29 33.67 -11.79
C2' GSP L . 13.08 33.80 -13.33
O2' GSP L . 12.79 35.14 -13.05
C1' GSP L . 14.52 33.52 -12.97
N9 GSP L . 15.20 32.99 -14.16
C8 GSP L . 15.42 31.67 -14.43
N7 GSP L . 16.05 31.58 -15.62
C5 GSP L . 16.21 32.82 -16.12
C6 GSP L . 16.79 33.29 -17.29
O6 GSP L . 17.27 32.50 -18.10
N1 GSP L . 16.81 34.64 -17.54
C2 GSP L . 16.27 35.52 -16.62
N2 GSP L . 16.28 36.82 -16.86
N3 GSP L . 15.71 35.04 -15.46
C4 GSP L . 15.67 33.72 -15.21
MG MG M . 8.03 25.81 -11.87
PG GSP N . 8.07 21.06 18.12
O3B GSP N . 8.87 22.12 19.02
S1G GSP N . 8.85 20.77 16.64
O2G GSP N . 6.66 21.60 17.84
O3G GSP N . 7.96 19.74 18.90
PB GSP N . 9.18 23.62 18.54
O1B GSP N . 8.08 24.16 17.71
O2B GSP N . 10.48 23.68 17.84
PA GSP N . 8.19 25.44 20.42
O1A GSP N . 8.13 26.63 19.55
O2A GSP N . 6.87 24.80 20.56
O3A GSP N . 9.31 24.43 19.91
O5' GSP N . 8.80 25.84 21.85
C5' GSP N . 8.53 25.03 22.96
C4' GSP N . 8.23 25.94 24.14
O4' GSP N . 9.45 26.30 24.74
C3' GSP N . 7.57 27.22 23.69
O3' GSP N . 6.19 27.20 23.98
C2' GSP N . 8.25 28.32 24.47
O2' GSP N . 7.47 28.69 25.58
C1' GSP N . 9.54 27.70 24.95
N9 GSP N . 10.66 28.21 24.17
C8 GSP N . 11.30 27.55 23.16
N7 GSP N . 12.27 28.35 22.68
C5 GSP N . 12.24 29.52 23.35
C6 GSP N . 13.01 30.66 23.26
O6 GSP N . 13.91 30.72 22.42
N1 GSP N . 12.76 31.72 24.09
C2 GSP N . 11.75 31.64 25.02
N2 GSP N . 11.51 32.67 25.82
N3 GSP N . 10.99 30.50 25.12
C4 GSP N . 11.23 29.45 24.30
MG MG O . 6.44 23.27 16.58
PG GSP P . -2.90 -3.70 28.83
O3B GSP P . -2.47 -3.68 30.37
S1G GSP P . -1.75 -2.92 27.88
O2G GSP P . -3.07 -5.16 28.39
O3G GSP P . -4.26 -2.99 28.68
PB GSP P . -3.01 -2.57 31.39
O1B GSP P . -4.03 -1.74 30.73
O2B GSP P . -1.88 -1.76 31.88
PA GSP P . -4.94 -2.91 33.41
O1A GSP P . -6.16 -3.19 32.65
O2A GSP P . -4.86 -1.49 33.79
O3A GSP P . -3.63 -3.39 32.62
O5' GSP P . -4.84 -3.85 34.70
C5' GSP P . -5.37 -5.15 34.65
C4' GSP P . -6.15 -5.40 35.93
O4' GSP P . -5.23 -5.67 36.97
C3' GSP P . -6.94 -4.17 36.32
O3' GSP P . -8.31 -4.35 36.09
C2' GSP P . -6.68 -4.00 37.80
O2' GSP P . -7.83 -4.37 38.51
C1' GSP P . -5.55 -4.94 38.13
N9 GSP P . -4.40 -4.14 38.55
C8 GSP P . -3.31 -3.83 37.80
N7 GSP P . -2.48 -3.06 38.54
C5 GSP P . -3.03 -2.88 39.75
C6 GSP P . -2.61 -2.19 40.88
O6 GSP P . -1.53 -1.60 40.87
N1 GSP P . -3.40 -2.17 42.00
C2 GSP P . -4.60 -2.84 42.00
N2 GSP P . -5.37 -2.81 43.09
N3 GSP P . -5.01 -3.52 40.89
C4 GSP P . -4.25 -3.54 39.78
MG MG Q . -5.41 -1.35 29.14
PB GDP R . -11.56 -27.25 13.34
O1B GDP R . -12.51 -26.10 13.45
O2B GDP R . -10.42 -26.88 12.42
O3B GDP R . -11.02 -27.58 14.70
O3A GDP R . -12.30 -28.53 12.75
PA GDP R . -13.89 -28.68 12.73
O1A GDP R . -14.49 -28.33 14.07
O2A GDP R . -14.50 -27.84 11.65
O5' GDP R . -14.09 -30.24 12.43
C5' GDP R . -14.69 -30.65 11.21
C4' GDP R . -15.72 -31.73 11.51
O4' GDP R . -15.17 -32.69 12.41
C3' GDP R . -16.94 -31.13 12.19
O3' GDP R . -18.08 -31.25 11.36
C2' GDP R . -17.14 -31.93 13.46
O2' GDP R . -18.47 -32.43 13.51
C1' GDP R . -16.15 -33.07 13.37
N9 GDP R . -15.51 -33.33 14.69
C8 GDP R . -14.30 -32.90 15.07
N7 GDP R . -14.02 -33.31 16.34
C5 GDP R . -15.07 -34.03 16.76
C6 GDP R . -15.43 -34.74 18.00
O6 GDP R . -14.65 -34.79 18.97
N1 GDP R . -16.62 -35.36 18.05
C2 GDP R . -17.48 -35.34 17.02
N2 GDP R . -18.66 -35.98 17.15
N3 GDP R . -17.22 -34.70 15.85
C4 GDP R . -16.05 -34.03 15.67
MG MG S . -12.72 -24.32 12.36
#